data_7TXV
#
_entry.id   7TXV
#
loop_
_entity.id
_entity.type
_entity.pdbx_description
1 polymer 'Cyanophycin synthase'
2 polymer 16x(Asp-Arg)
3 non-polymer 'MAGNESIUM ION'
4 non-polymer 'ZINC ION'
5 non-polymer "ADENOSINE-5'-TRIPHOSPHATE"
#
loop_
_entity_poly.entity_id
_entity_poly.type
_entity_poly.pdbx_seq_one_letter_code
_entity_poly.pdbx_strand_id
1 'polypeptide(L)'
;MKILKTLTLRGPNYWSIRRKKLIVMRLDLEDLAERPSNSIPGFYEGLIKVLPSLVEHFCSPGYQGGFLERVKEGTYMGHI
VQHVALELQELVGMTAGFGRTRETSTPGVYNVVYEYVDEQAGRYAGRAAVRLCRSLVDTGDYPRLELEKDLEDLRDLGAN
SALGPSTETIVTEAEARKIPWMLLSARAMVQLGYGVYQQRIQATLSSHSGILGVELACDKEGTKTILQDAGIPVPRGTTI
QYFDDLEEAINDVGGYPVVIKPLDGNHGRGITINVRHWQEAIAAYDLAAEESKSRAIIVERYYEGSDHRVLVVNGKLVAV
AERIPAHVTGDGSSTISELIEKTNQDPNRGDGHDNILTKIVVNKTAIDVMERQGYNLDSVLPKDEVVYLRATANLSTGGI
AIDRTDDIHPENIWLMERVAKVIGLDIAGIDVVTSDISKPLRETNGVIVEVNAAPGFRMHVAPSQGLPRNVAAPVLDMLF
PPGTPSRIPILAVTGTNGKTTTTRLLAHIYRQTGKTVGYTSTDAIYINEYCVEKGDNTGPQSAGVILRDPTVEVAVLETA
RGGILRAGLAFDSCDVGVVLNVAADHLGLGDIDTIEQMAKVKSVIAEVVDPSGYAVLNADDPLVAAMADKVKAKVAYFSM
NPDNPIIQAHVRRNGIAAVYESGYLSILEGSWTLRVEQAKLIPMTMGGMAPFMIANALAACLAAFVNGLDVEVIRQGVRT
FTTSAEQTPGRMNLFNLGQHHALVDYAHNPAGYRAVGDFVKNWQGQRFGVVGGPGDRRDSDLIELGQIAAQVFDRIIVKE
DDDKRGRSEGETADLIVKGILQENPGASYEVILDETIALNKALDQVEEKGLVVVFPESVTRAIDLIKVRNPIGENLYFQ
;
A,B,C,D
2 'polypeptide(L)' (7ID)(7ID)(7ID)(7ID)(7ID)(7ID)(7ID)(7ID)(7ID)(7ID)(7ID)(7ID)(7ID)(7ID)(7ID)(7ID) E,F,G,H,I,J,K,L
#
# COMPACT_ATOMS: atom_id res chain seq x y z
N MET A 1 -9.07 -2.19 -67.60
CA MET A 1 -9.35 -1.85 -66.22
C MET A 1 -8.18 -1.10 -65.60
N LYS A 2 -8.43 0.11 -65.13
CA LYS A 2 -7.37 0.89 -64.49
C LYS A 2 -7.60 1.09 -63.01
N ILE A 3 -6.54 1.05 -62.21
CA ILE A 3 -6.69 1.34 -60.79
C ILE A 3 -6.30 2.78 -60.58
N LEU A 4 -7.24 3.56 -60.06
CA LEU A 4 -7.06 4.99 -59.90
C LEU A 4 -6.47 5.33 -58.56
N LYS A 5 -6.91 4.61 -57.54
CA LYS A 5 -6.45 4.89 -56.18
C LYS A 5 -6.55 3.67 -55.27
N THR A 6 -5.58 3.51 -54.36
CA THR A 6 -5.67 2.42 -53.38
C THR A 6 -5.49 2.91 -51.95
N LEU A 7 -6.38 2.48 -51.06
CA LEU A 7 -6.27 2.78 -49.63
C LEU A 7 -6.04 1.53 -48.82
N THR A 8 -5.21 1.64 -47.81
CA THR A 8 -5.02 0.51 -46.91
C THR A 8 -5.57 0.91 -45.55
N LEU A 9 -6.51 0.16 -45.04
CA LEU A 9 -7.13 0.50 -43.78
C LEU A 9 -6.60 -0.39 -42.70
N ARG A 10 -6.28 0.20 -41.57
CA ARG A 10 -5.76 -0.51 -40.42
C ARG A 10 -6.45 -0.13 -39.13
N GLY A 11 -7.64 -0.61 -38.92
CA GLY A 11 -8.40 -0.27 -37.74
C GLY A 11 -9.85 -0.16 -38.12
N PRO A 12 -10.78 0.00 -37.16
CA PRO A 12 -12.20 0.11 -37.35
C PRO A 12 -12.45 1.18 -38.36
N ASN A 13 -13.37 0.93 -39.24
CA ASN A 13 -13.62 1.83 -40.33
C ASN A 13 -15.04 1.79 -40.81
N TYR A 14 -15.28 2.56 -41.84
CA TYR A 14 -16.56 2.69 -42.51
C TYR A 14 -17.15 1.37 -43.00
N TRP A 15 -16.32 0.50 -43.58
CA TRP A 15 -16.81 -0.73 -44.17
C TRP A 15 -17.10 -1.79 -43.13
N SER A 16 -16.29 -1.82 -42.09
CA SER A 16 -16.46 -2.77 -41.01
C SER A 16 -15.75 -2.37 -39.73
N ILE A 17 -16.36 -2.67 -38.59
CA ILE A 17 -15.69 -2.41 -37.32
C ILE A 17 -14.70 -3.51 -37.00
N ARG A 18 -15.13 -4.76 -37.19
CA ARG A 18 -14.30 -5.93 -36.93
C ARG A 18 -13.26 -6.21 -38.01
N ARG A 19 -13.56 -5.91 -39.27
CA ARG A 19 -12.59 -6.21 -40.30
C ARG A 19 -11.68 -5.02 -40.42
N LYS A 20 -10.67 -5.05 -39.58
CA LYS A 20 -9.71 -3.99 -39.43
C LYS A 20 -8.75 -3.87 -40.59
N LYS A 21 -8.40 -4.99 -41.20
CA LYS A 21 -7.45 -5.05 -42.30
C LYS A 21 -8.05 -5.16 -43.66
N LEU A 22 -8.24 -4.02 -44.32
CA LEU A 22 -8.90 -3.99 -45.62
C LEU A 22 -8.18 -3.16 -46.65
N ILE A 23 -8.29 -3.55 -47.89
CA ILE A 23 -7.79 -2.75 -49.01
C ILE A 23 -8.94 -2.31 -49.85
N VAL A 24 -8.98 -1.01 -50.09
CA VAL A 24 -10.03 -0.43 -50.89
C VAL A 24 -9.42 0.06 -52.17
N MET A 25 -9.83 -0.54 -53.25
CA MET A 25 -9.30 -0.23 -54.56
C MET A 25 -10.33 0.48 -55.39
N ARG A 26 -9.96 1.64 -55.92
CA ARG A 26 -10.86 2.42 -56.77
C ARG A 26 -10.55 2.07 -58.20
N LEU A 27 -11.42 1.26 -58.79
CA LEU A 27 -11.21 0.63 -60.08
C LEU A 27 -12.10 1.20 -61.17
N ASP A 28 -11.48 1.62 -62.26
CA ASP A 28 -12.13 2.22 -63.42
C ASP A 28 -12.41 1.23 -64.55
N LEU A 29 -13.65 0.78 -64.68
CA LEU A 29 -13.99 -0.22 -65.69
C LEU A 29 -14.30 0.49 -67.00
N GLU A 30 -13.25 0.90 -67.72
CA GLU A 30 -13.42 1.67 -68.97
C GLU A 30 -14.20 0.84 -70.00
N ASP A 31 -13.87 -0.43 -70.03
CA ASP A 31 -14.49 -1.50 -70.79
C ASP A 31 -15.21 -2.28 -69.74
N LEU A 32 -15.90 -3.33 -70.08
CA LEU A 32 -16.49 -4.28 -69.11
C LEU A 32 -17.66 -3.77 -68.27
N ALA A 33 -17.72 -2.47 -67.99
CA ALA A 33 -18.83 -1.83 -67.28
C ALA A 33 -20.12 -1.97 -68.06
N GLU A 34 -19.97 -2.18 -69.36
CA GLU A 34 -21.05 -2.36 -70.29
C GLU A 34 -21.21 -3.84 -70.72
N ARG A 35 -20.44 -4.76 -70.12
CA ARG A 35 -20.43 -6.16 -70.53
C ARG A 35 -20.56 -7.18 -69.37
N PRO A 36 -21.77 -7.46 -68.88
CA PRO A 36 -22.07 -8.28 -67.72
C PRO A 36 -21.95 -9.78 -67.96
N SER A 37 -20.73 -10.27 -68.11
CA SER A 37 -20.34 -11.70 -68.31
C SER A 37 -20.71 -12.32 -69.64
N ASN A 38 -21.99 -12.26 -69.98
CA ASN A 38 -22.51 -12.94 -71.15
C ASN A 38 -22.21 -12.19 -72.43
N SER A 39 -21.66 -11.02 -72.27
CA SER A 39 -21.24 -10.17 -73.36
C SER A 39 -19.73 -10.35 -73.59
N ILE A 40 -19.12 -11.27 -72.83
CA ILE A 40 -17.72 -11.57 -72.93
C ILE A 40 -17.53 -13.06 -73.18
N PRO A 41 -17.57 -13.54 -74.42
CA PRO A 41 -17.47 -14.96 -74.72
C PRO A 41 -16.17 -15.48 -74.15
N GLY A 42 -16.21 -16.64 -73.51
CA GLY A 42 -15.04 -17.25 -72.93
C GLY A 42 -14.86 -16.91 -71.45
N PHE A 43 -15.59 -15.92 -70.93
CA PHE A 43 -15.40 -15.55 -69.54
C PHE A 43 -16.27 -16.34 -68.58
N TYR A 44 -15.98 -17.61 -68.54
CA TYR A 44 -16.56 -18.55 -67.62
C TYR A 44 -15.61 -19.69 -67.62
N GLU A 45 -15.37 -20.24 -68.80
CA GLU A 45 -14.46 -21.34 -68.91
C GLU A 45 -13.04 -20.90 -68.59
N GLY A 46 -12.62 -19.73 -69.09
CA GLY A 46 -11.29 -19.27 -68.76
C GLY A 46 -11.19 -19.00 -67.26
N LEU A 47 -12.23 -18.43 -66.68
CA LEU A 47 -12.15 -18.11 -65.26
C LEU A 47 -12.08 -19.36 -64.39
N ILE A 48 -12.92 -20.35 -64.68
CA ILE A 48 -12.96 -21.55 -63.87
C ILE A 48 -11.75 -22.45 -64.08
N LYS A 49 -11.15 -22.48 -65.28
CA LYS A 49 -10.00 -23.35 -65.43
C LYS A 49 -8.73 -22.71 -64.87
N VAL A 50 -8.62 -21.38 -64.89
CA VAL A 50 -7.44 -20.73 -64.34
C VAL A 50 -7.51 -20.80 -62.81
N LEU A 51 -8.68 -20.51 -62.24
CA LEU A 51 -8.85 -20.50 -60.81
C LEU A 51 -10.01 -21.41 -60.37
N PRO A 52 -9.90 -22.74 -60.44
CA PRO A 52 -10.96 -23.71 -60.16
C PRO A 52 -11.45 -23.66 -58.73
N SER A 53 -10.66 -23.08 -57.85
CA SER A 53 -10.97 -22.97 -56.45
C SER A 53 -12.09 -21.98 -56.15
N LEU A 54 -12.51 -21.21 -57.18
CA LEU A 54 -13.57 -20.22 -57.03
C LEU A 54 -14.90 -20.88 -56.73
N VAL A 55 -14.97 -22.19 -56.86
CA VAL A 55 -16.17 -22.95 -56.54
C VAL A 55 -16.43 -22.94 -55.04
N GLU A 56 -15.48 -22.48 -54.23
CA GLU A 56 -15.65 -22.40 -52.78
C GLU A 56 -16.22 -21.05 -52.31
N HIS A 57 -16.50 -20.14 -53.24
CA HIS A 57 -17.01 -18.83 -52.91
C HIS A 57 -18.52 -18.79 -53.00
N PHE A 58 -19.17 -18.31 -51.94
CA PHE A 58 -20.63 -18.27 -51.92
C PHE A 58 -21.20 -17.04 -52.60
N CYS A 59 -20.83 -15.83 -52.20
CA CYS A 59 -21.43 -14.58 -52.73
C CYS A 59 -22.83 -14.55 -52.14
N SER A 60 -23.73 -13.71 -52.66
CA SER A 60 -25.04 -13.59 -51.99
C SER A 60 -25.97 -14.76 -52.23
N PRO A 61 -25.80 -15.60 -53.27
CA PRO A 61 -26.57 -16.81 -53.42
C PRO A 61 -25.90 -17.55 -52.27
N GLY A 62 -26.43 -17.45 -51.06
CA GLY A 62 -25.73 -17.97 -49.87
C GLY A 62 -25.67 -19.46 -49.80
N TYR A 63 -25.02 -20.07 -50.77
CA TYR A 63 -24.87 -21.52 -50.82
C TYR A 63 -23.56 -21.81 -51.53
N GLN A 64 -23.10 -23.04 -51.44
CA GLN A 64 -21.79 -23.41 -51.98
C GLN A 64 -21.56 -23.13 -53.45
N GLY A 65 -22.60 -23.14 -54.27
CA GLY A 65 -22.43 -22.89 -55.69
C GLY A 65 -22.73 -21.45 -56.09
N GLY A 66 -22.90 -20.55 -55.12
CA GLY A 66 -23.31 -19.18 -55.43
C GLY A 66 -22.40 -18.42 -56.38
N PHE A 67 -21.14 -18.25 -56.04
CA PHE A 67 -20.32 -17.63 -57.10
C PHE A 67 -20.29 -18.79 -58.10
N LEU A 68 -20.23 -18.52 -59.40
CA LEU A 68 -20.16 -19.60 -60.42
C LEU A 68 -21.60 -20.01 -60.72
N GLU A 69 -22.57 -19.38 -60.07
CA GLU A 69 -24.00 -19.58 -60.40
C GLU A 69 -24.49 -18.17 -60.70
N ARG A 70 -23.81 -17.17 -60.16
CA ARG A 70 -24.15 -15.76 -60.43
C ARG A 70 -23.17 -15.25 -61.49
N VAL A 71 -22.38 -16.16 -62.05
CA VAL A 71 -21.33 -15.72 -63.01
C VAL A 71 -21.89 -16.01 -64.39
N LYS A 72 -22.86 -16.93 -64.47
CA LYS A 72 -23.58 -17.16 -65.75
C LYS A 72 -24.57 -16.02 -65.86
N GLU A 73 -25.53 -15.95 -64.94
CA GLU A 73 -26.38 -14.74 -64.89
C GLU A 73 -25.36 -13.61 -64.91
N GLY A 74 -25.58 -12.56 -65.68
CA GLY A 74 -24.56 -11.55 -65.90
C GLY A 74 -24.06 -10.81 -64.66
N THR A 75 -22.72 -10.69 -64.58
CA THR A 75 -21.99 -9.98 -63.52
C THR A 75 -20.97 -8.99 -64.11
N TYR A 76 -20.90 -7.79 -63.55
CA TYR A 76 -19.93 -6.81 -63.99
C TYR A 76 -18.58 -7.08 -63.36
N MET A 77 -17.51 -6.73 -64.04
CA MET A 77 -16.16 -7.09 -63.61
C MET A 77 -15.67 -6.59 -62.27
N GLY A 78 -16.02 -5.34 -61.93
CA GLY A 78 -15.55 -4.75 -60.66
C GLY A 78 -15.95 -5.60 -59.48
N HIS A 79 -16.80 -6.60 -59.71
CA HIS A 79 -17.29 -7.48 -58.62
C HIS A 79 -16.48 -8.78 -58.66
N ILE A 80 -15.99 -9.17 -59.84
CA ILE A 80 -15.24 -10.45 -59.99
C ILE A 80 -13.82 -10.29 -59.42
N VAL A 81 -13.14 -9.19 -59.75
CA VAL A 81 -11.77 -8.98 -59.30
C VAL A 81 -11.70 -9.11 -57.78
N GLN A 82 -12.83 -8.89 -57.10
CA GLN A 82 -12.91 -9.04 -55.62
C GLN A 82 -12.91 -10.52 -55.19
N HIS A 83 -13.22 -11.42 -56.09
CA HIS A 83 -13.26 -12.80 -55.66
C HIS A 83 -11.95 -13.42 -56.13
N VAL A 84 -11.28 -12.80 -57.11
CA VAL A 84 -9.99 -13.24 -57.55
C VAL A 84 -8.94 -12.78 -56.57
N ALA A 85 -8.99 -11.53 -56.10
CA ALA A 85 -8.00 -11.11 -55.13
C ALA A 85 -8.10 -11.93 -53.86
N LEU A 86 -9.32 -12.24 -53.42
CA LEU A 86 -9.40 -13.04 -52.21
C LEU A 86 -8.84 -14.43 -52.41
N GLU A 87 -9.12 -15.05 -53.56
CA GLU A 87 -8.64 -16.40 -53.82
C GLU A 87 -7.13 -16.45 -54.06
N LEU A 88 -6.56 -15.44 -54.71
CA LEU A 88 -5.13 -15.48 -54.92
C LEU A 88 -4.41 -15.50 -53.58
N GLN A 89 -4.95 -14.84 -52.57
CA GLN A 89 -4.31 -14.88 -51.26
C GLN A 89 -4.53 -16.26 -50.59
N GLU A 90 -5.71 -16.85 -50.77
CA GLU A 90 -6.01 -18.16 -50.17
C GLU A 90 -5.11 -19.25 -50.75
N LEU A 91 -4.79 -19.13 -52.04
CA LEU A 91 -3.95 -20.09 -52.76
C LEU A 91 -2.52 -20.16 -52.22
N VAL A 92 -2.09 -19.16 -51.46
CA VAL A 92 -0.76 -19.15 -50.93
C VAL A 92 -0.77 -19.24 -49.41
N GLY A 93 -1.92 -19.60 -48.83
CA GLY A 93 -2.03 -19.79 -47.38
C GLY A 93 -2.46 -18.59 -46.53
N MET A 94 -2.83 -17.46 -47.13
CA MET A 94 -3.25 -16.32 -46.35
C MET A 94 -4.75 -16.30 -46.38
N THR A 95 -5.39 -16.40 -45.24
CA THR A 95 -6.84 -16.49 -45.27
C THR A 95 -7.50 -15.15 -45.19
N ALA A 96 -8.35 -14.90 -46.17
CA ALA A 96 -9.14 -13.69 -46.29
C ALA A 96 -10.47 -14.08 -46.91
N GLY A 97 -11.57 -13.49 -46.47
CA GLY A 97 -12.86 -13.84 -47.04
C GLY A 97 -13.84 -12.69 -47.21
N PHE A 98 -13.69 -11.65 -46.44
CA PHE A 98 -14.57 -10.51 -46.54
C PHE A 98 -14.30 -9.69 -47.77
N GLY A 99 -15.36 -9.25 -48.40
CA GLY A 99 -15.23 -8.30 -49.48
C GLY A 99 -16.57 -7.75 -49.87
N ARG A 100 -16.53 -6.57 -50.49
CA ARG A 100 -17.70 -5.82 -50.94
C ARG A 100 -17.45 -4.98 -52.17
N THR A 101 -18.50 -4.67 -52.92
CA THR A 101 -18.37 -3.70 -54.02
C THR A 101 -19.47 -2.65 -54.01
N ARG A 102 -19.10 -1.44 -54.42
CA ARG A 102 -20.04 -0.31 -54.58
C ARG A 102 -19.70 0.56 -55.78
N GLU A 103 -20.70 1.03 -56.50
CA GLU A 103 -20.39 1.94 -57.61
C GLU A 103 -20.34 3.38 -57.09
N THR A 104 -19.35 4.11 -57.54
CA THR A 104 -19.13 5.51 -57.20
C THR A 104 -18.90 6.39 -58.40
N SER A 105 -18.67 7.68 -58.15
CA SER A 105 -18.36 8.66 -59.19
C SER A 105 -19.24 8.57 -60.41
N THR A 106 -18.58 8.64 -61.56
CA THR A 106 -19.25 8.48 -62.81
C THR A 106 -19.44 6.99 -63.01
N PRO A 107 -20.36 6.55 -63.88
CA PRO A 107 -20.59 5.15 -64.13
C PRO A 107 -19.30 4.48 -64.51
N GLY A 108 -19.12 3.28 -64.00
CA GLY A 108 -17.93 2.48 -64.29
C GLY A 108 -16.87 2.53 -63.22
N VAL A 109 -16.93 3.48 -62.27
CA VAL A 109 -15.90 3.46 -61.24
C VAL A 109 -16.40 2.80 -59.99
N TYR A 110 -15.71 1.76 -59.55
CA TYR A 110 -16.14 1.00 -58.40
C TYR A 110 -15.15 0.95 -57.26
N ASN A 111 -15.69 0.86 -56.06
CA ASN A 111 -14.88 0.61 -54.90
C ASN A 111 -14.91 -0.86 -54.58
N VAL A 112 -13.75 -1.48 -54.74
CA VAL A 112 -13.60 -2.90 -54.51
C VAL A 112 -12.91 -3.06 -53.18
N VAL A 113 -13.56 -3.73 -52.26
CA VAL A 113 -13.01 -3.84 -50.92
C VAL A 113 -12.73 -5.29 -50.60
N TYR A 114 -11.51 -5.58 -50.18
CA TYR A 114 -11.21 -6.95 -49.80
C TYR A 114 -10.29 -7.02 -48.60
N GLU A 115 -10.41 -8.10 -47.87
CA GLU A 115 -9.61 -8.41 -46.70
C GLU A 115 -8.19 -8.85 -46.99
N TYR A 116 -7.24 -8.45 -46.15
CA TYR A 116 -5.84 -8.86 -46.28
C TYR A 116 -5.26 -9.39 -45.00
N VAL A 117 -4.18 -10.16 -45.11
CA VAL A 117 -3.46 -10.64 -43.93
C VAL A 117 -2.16 -9.83 -43.81
N ASP A 118 -1.38 -9.82 -44.88
CA ASP A 118 -0.17 -9.01 -45.01
C ASP A 118 -0.46 -7.86 -45.92
N GLU A 119 -0.04 -6.69 -45.53
CA GLU A 119 -0.28 -5.47 -46.28
C GLU A 119 0.24 -5.43 -47.70
N GLN A 120 1.45 -5.92 -47.96
CA GLN A 120 1.96 -5.80 -49.32
C GLN A 120 1.47 -6.92 -50.15
N ALA A 121 1.27 -8.06 -49.52
CA ALA A 121 0.76 -9.19 -50.24
C ALA A 121 -0.67 -8.91 -50.70
N GLY A 122 -1.44 -8.21 -49.86
CA GLY A 122 -2.80 -7.83 -50.17
C GLY A 122 -2.83 -6.89 -51.35
N ARG A 123 -2.01 -5.84 -51.35
CA ARG A 123 -2.03 -4.93 -52.47
C ARG A 123 -1.58 -5.62 -53.76
N TYR A 124 -0.60 -6.52 -53.66
CA TYR A 124 -0.11 -7.26 -54.80
C TYR A 124 -1.23 -8.09 -55.41
N ALA A 125 -1.97 -8.83 -54.56
CA ALA A 125 -3.04 -9.71 -55.01
C ALA A 125 -4.11 -8.94 -55.73
N GLY A 126 -4.38 -7.73 -55.31
CA GLY A 126 -5.36 -6.88 -55.96
C GLY A 126 -4.93 -6.57 -57.38
N ARG A 127 -3.69 -6.12 -57.54
CA ARG A 127 -3.21 -5.77 -58.86
C ARG A 127 -3.19 -7.00 -59.76
N ALA A 128 -2.80 -8.15 -59.19
CA ALA A 128 -2.77 -9.39 -59.92
C ALA A 128 -4.15 -9.83 -60.36
N ALA A 129 -5.17 -9.63 -59.53
CA ALA A 129 -6.53 -9.99 -59.88
C ALA A 129 -7.01 -9.22 -61.08
N VAL A 130 -6.59 -7.97 -61.17
CA VAL A 130 -6.98 -7.16 -62.29
C VAL A 130 -6.30 -7.67 -63.56
N ARG A 131 -5.00 -8.01 -63.50
CA ARG A 131 -4.33 -8.54 -64.70
C ARG A 131 -4.91 -9.87 -65.17
N LEU A 132 -5.22 -10.75 -64.24
CA LEU A 132 -5.76 -12.04 -64.58
C LEU A 132 -7.09 -11.85 -65.25
N CYS A 133 -7.93 -11.03 -64.63
CA CYS A 133 -9.25 -10.77 -65.15
C CYS A 133 -9.23 -10.02 -66.46
N ARG A 134 -8.28 -9.12 -66.67
CA ARG A 134 -8.27 -8.43 -67.92
C ARG A 134 -7.86 -9.37 -69.05
N SER A 135 -6.88 -10.26 -68.82
CA SER A 135 -6.49 -11.15 -69.90
C SER A 135 -7.64 -12.05 -70.32
N LEU A 136 -8.43 -12.52 -69.38
CA LEU A 136 -9.52 -13.42 -69.68
C LEU A 136 -10.73 -12.79 -70.38
N VAL A 137 -10.74 -11.47 -70.54
CA VAL A 137 -11.86 -10.83 -71.22
C VAL A 137 -11.36 -10.26 -72.56
N ASP A 138 -10.07 -10.53 -72.83
CA ASP A 138 -9.36 -10.15 -74.04
C ASP A 138 -9.23 -11.42 -74.88
N THR A 139 -8.74 -12.47 -74.24
CA THR A 139 -8.59 -13.82 -74.77
C THR A 139 -9.35 -14.77 -73.88
N GLY A 140 -9.28 -16.06 -74.14
CA GLY A 140 -10.07 -17.01 -73.35
C GLY A 140 -9.35 -17.75 -72.22
N ASP A 141 -8.09 -17.42 -71.96
CA ASP A 141 -7.29 -18.15 -70.99
C ASP A 141 -6.21 -17.26 -70.35
N TYR A 142 -5.42 -17.83 -69.44
CA TYR A 142 -4.37 -17.10 -68.75
C TYR A 142 -3.15 -18.05 -68.64
N PRO A 143 -1.94 -17.66 -69.11
CA PRO A 143 -0.78 -18.52 -69.13
C PRO A 143 -0.50 -19.08 -67.77
N ARG A 144 -0.16 -20.36 -67.70
CA ARG A 144 0.10 -20.94 -66.40
C ARG A 144 1.26 -20.30 -65.70
N LEU A 145 2.28 -19.93 -66.44
CA LEU A 145 3.47 -19.38 -65.82
C LEU A 145 3.25 -17.97 -65.29
N GLU A 146 2.17 -17.32 -65.72
CA GLU A 146 1.89 -15.97 -65.29
C GLU A 146 1.02 -16.03 -64.05
N LEU A 147 0.64 -17.24 -63.65
CA LEU A 147 -0.12 -17.45 -62.44
C LEU A 147 0.86 -17.98 -61.43
N GLU A 148 1.72 -18.91 -61.84
CA GLU A 148 2.66 -19.49 -60.90
C GLU A 148 3.64 -18.46 -60.38
N LYS A 149 4.11 -17.54 -61.23
CA LYS A 149 5.05 -16.58 -60.70
C LYS A 149 4.39 -15.62 -59.70
N ASP A 150 3.09 -15.36 -59.87
CA ASP A 150 2.42 -14.43 -58.98
C ASP A 150 2.20 -15.10 -57.66
N LEU A 151 1.90 -16.38 -57.69
CA LEU A 151 1.70 -17.08 -56.44
C LEU A 151 3.05 -17.15 -55.71
N GLU A 152 4.16 -17.31 -56.44
CA GLU A 152 5.45 -17.29 -55.77
C GLU A 152 5.74 -15.94 -55.11
N ASP A 153 5.39 -14.83 -55.79
CA ASP A 153 5.63 -13.53 -55.17
C ASP A 153 4.77 -13.33 -53.94
N LEU A 154 3.53 -13.80 -53.95
CA LEU A 154 2.74 -13.65 -52.76
C LEU A 154 3.29 -14.49 -51.61
N ARG A 155 3.80 -15.70 -51.90
CA ARG A 155 4.38 -16.51 -50.84
C ARG A 155 5.59 -15.82 -50.22
N ASP A 156 6.42 -15.17 -51.03
CA ASP A 156 7.56 -14.50 -50.45
C ASP A 156 7.16 -13.25 -49.67
N LEU A 157 6.19 -12.48 -50.17
CA LEU A 157 5.79 -11.27 -49.47
C LEU A 157 5.24 -11.58 -48.11
N GLY A 158 4.51 -12.67 -47.98
CA GLY A 158 3.94 -13.04 -46.71
C GLY A 158 4.94 -13.71 -45.77
N ALA A 159 6.15 -14.01 -46.25
CA ALA A 159 7.15 -14.66 -45.43
C ALA A 159 8.06 -13.61 -44.83
N ASN A 160 8.34 -12.60 -45.62
CA ASN A 160 9.26 -11.55 -45.25
C ASN A 160 8.79 -10.71 -44.08
N SER A 161 7.49 -10.61 -43.90
CA SER A 161 6.91 -9.83 -42.83
C SER A 161 6.46 -10.67 -41.63
N ALA A 162 6.74 -11.96 -41.63
CA ALA A 162 6.30 -12.80 -40.55
C ALA A 162 7.06 -12.53 -39.26
N LEU A 163 6.39 -12.72 -38.12
CA LEU A 163 7.04 -12.63 -36.82
C LEU A 163 7.66 -13.97 -36.52
N GLY A 164 8.76 -14.01 -35.79
CA GLY A 164 9.29 -15.32 -35.45
C GLY A 164 8.36 -15.97 -34.45
N PRO A 165 8.45 -17.28 -34.24
CA PRO A 165 7.59 -18.07 -33.38
C PRO A 165 7.60 -17.72 -31.90
N SER A 166 8.67 -17.10 -31.40
CA SER A 166 8.66 -16.74 -30.00
C SER A 166 7.89 -15.46 -29.80
N THR A 167 7.76 -14.65 -30.85
CA THR A 167 7.05 -13.41 -30.74
C THR A 167 5.61 -13.70 -31.03
N GLU A 168 5.34 -14.67 -31.90
CA GLU A 168 3.97 -15.01 -32.19
C GLU A 168 3.30 -15.55 -30.96
N THR A 169 4.06 -16.32 -30.19
CA THR A 169 3.59 -16.93 -28.97
C THR A 169 3.20 -15.88 -27.94
N ILE A 170 4.03 -14.85 -27.74
CA ILE A 170 3.71 -13.83 -26.77
C ILE A 170 2.56 -12.97 -27.25
N VAL A 171 2.58 -12.59 -28.51
CA VAL A 171 1.54 -11.77 -29.08
C VAL A 171 0.19 -12.44 -29.04
N THR A 172 0.11 -13.71 -29.34
CA THR A 172 -1.15 -14.42 -29.31
C THR A 172 -1.77 -14.42 -27.90
N GLU A 173 -0.97 -14.67 -26.87
CA GLU A 173 -1.51 -14.65 -25.53
C GLU A 173 -1.90 -13.21 -25.15
N ALA A 174 -1.13 -12.22 -25.58
CA ALA A 174 -1.46 -10.84 -25.28
C ALA A 174 -2.82 -10.48 -25.85
N GLU A 175 -3.15 -10.96 -27.04
CA GLU A 175 -4.46 -10.69 -27.63
C GLU A 175 -5.59 -11.36 -26.84
N ALA A 176 -5.35 -12.58 -26.36
CA ALA A 176 -6.34 -13.28 -25.56
C ALA A 176 -6.71 -12.51 -24.29
N ARG A 177 -5.74 -11.81 -23.74
CA ARG A 177 -5.83 -11.00 -22.53
C ARG A 177 -6.22 -9.54 -22.77
N LYS A 178 -6.50 -9.19 -24.01
CA LYS A 178 -6.85 -7.86 -24.46
C LYS A 178 -5.78 -6.80 -24.24
N ILE A 179 -4.52 -7.15 -24.46
CA ILE A 179 -3.42 -6.20 -24.35
C ILE A 179 -3.12 -5.72 -25.77
N PRO A 180 -3.19 -4.43 -26.08
CA PRO A 180 -2.96 -3.92 -27.41
C PRO A 180 -1.50 -4.08 -27.78
N TRP A 181 -1.19 -4.25 -29.06
CA TRP A 181 0.21 -4.32 -29.44
C TRP A 181 0.49 -3.63 -30.76
N MET A 182 1.72 -3.17 -30.90
CA MET A 182 2.22 -2.45 -32.07
C MET A 182 3.61 -2.84 -32.47
N LEU A 183 3.92 -2.80 -33.75
CA LEU A 183 5.31 -2.99 -34.10
C LEU A 183 5.96 -1.65 -34.05
N LEU A 184 7.20 -1.60 -33.64
CA LEU A 184 7.94 -0.37 -33.64
C LEU A 184 8.85 -0.38 -34.83
N SER A 185 9.22 0.81 -35.28
CA SER A 185 10.09 0.98 -36.42
C SER A 185 11.54 0.55 -36.25
N ALA A 186 12.01 0.39 -35.02
CA ALA A 186 13.38 0.02 -34.82
C ALA A 186 13.55 -1.34 -34.18
N ARG A 187 14.58 -2.03 -34.64
CA ARG A 187 15.14 -3.28 -34.13
C ARG A 187 14.16 -4.40 -33.92
N ALA A 188 13.15 -4.50 -34.74
CA ALA A 188 12.15 -5.54 -34.61
C ALA A 188 11.51 -5.61 -33.22
N MET A 189 11.28 -4.48 -32.59
CA MET A 189 10.64 -4.48 -31.28
C MET A 189 9.14 -4.36 -31.38
N VAL A 190 8.48 -4.91 -30.37
CA VAL A 190 7.03 -4.85 -30.25
C VAL A 190 6.63 -4.17 -28.97
N GLN A 191 5.74 -3.20 -29.07
CA GLN A 191 5.22 -2.52 -27.90
C GLN A 191 3.93 -3.15 -27.44
N LEU A 192 3.81 -3.40 -26.16
CA LEU A 192 2.60 -3.94 -25.56
C LEU A 192 2.02 -2.94 -24.58
N GLY A 193 0.76 -2.59 -24.75
CA GLY A 193 0.12 -1.61 -23.85
C GLY A 193 0.26 -0.17 -24.35
N TYR A 194 -0.48 0.77 -23.73
CA TYR A 194 -0.46 2.19 -24.10
C TYR A 194 0.08 3.14 -23.04
N GLY A 195 0.69 4.25 -23.48
CA GLY A 195 1.11 5.35 -22.61
C GLY A 195 2.07 4.90 -21.55
N VAL A 196 1.80 5.31 -20.32
CA VAL A 196 2.62 4.94 -19.17
C VAL A 196 2.61 3.46 -18.82
N TYR A 197 1.76 2.65 -19.43
CA TYR A 197 1.75 1.23 -19.10
C TYR A 197 2.40 0.36 -20.13
N GLN A 198 3.06 0.97 -21.08
CA GLN A 198 3.69 0.21 -22.12
C GLN A 198 4.88 -0.60 -21.66
N GLN A 199 5.08 -1.73 -22.33
CA GLN A 199 6.22 -2.62 -22.18
C GLN A 199 6.76 -2.94 -23.55
N ARG A 200 8.02 -3.30 -23.66
CA ARG A 200 8.55 -3.71 -24.95
C ARG A 200 9.16 -5.09 -24.89
N ILE A 201 9.04 -5.81 -26.00
CA ILE A 201 9.70 -7.09 -26.14
C ILE A 201 10.47 -7.18 -27.44
N GLN A 202 11.44 -8.06 -27.46
CA GLN A 202 12.17 -8.39 -28.67
C GLN A 202 12.41 -9.88 -28.60
N ALA A 203 11.61 -10.65 -29.29
CA ALA A 203 11.69 -12.10 -29.16
C ALA A 203 11.54 -12.49 -27.69
N THR A 204 12.58 -13.07 -27.10
CA THR A 204 12.59 -13.57 -25.73
C THR A 204 13.28 -12.65 -24.70
N LEU A 205 13.62 -11.44 -25.12
CA LEU A 205 14.15 -10.39 -24.25
C LEU A 205 13.05 -9.40 -23.99
N SER A 206 13.06 -8.79 -22.83
CA SER A 206 12.03 -7.80 -22.54
C SER A 206 12.58 -6.60 -21.85
N SER A 207 11.70 -5.66 -21.60
CA SER A 207 11.98 -4.44 -20.88
C SER A 207 12.44 -4.67 -19.43
N HIS A 208 12.30 -5.90 -18.91
CA HIS A 208 12.75 -6.24 -17.57
C HIS A 208 14.07 -7.02 -17.58
N SER A 209 14.67 -7.24 -18.74
CA SER A 209 15.90 -8.00 -18.79
C SER A 209 17.06 -7.06 -18.62
N GLY A 210 17.88 -7.29 -17.60
CA GLY A 210 18.98 -6.40 -17.34
C GLY A 210 20.17 -6.72 -18.19
N ILE A 211 20.97 -5.73 -18.45
CA ILE A 211 22.15 -5.94 -19.24
C ILE A 211 23.23 -6.71 -18.52
N LEU A 212 23.35 -6.54 -17.22
CA LEU A 212 24.44 -7.22 -16.56
C LEU A 212 24.21 -8.70 -16.51
N GLY A 213 22.96 -9.14 -16.30
CA GLY A 213 22.63 -10.55 -16.25
C GLY A 213 22.82 -11.20 -17.60
N VAL A 214 22.45 -10.48 -18.66
CA VAL A 214 22.57 -10.98 -20.00
C VAL A 214 24.01 -11.11 -20.40
N GLU A 215 24.84 -10.11 -20.12
CA GLU A 215 26.25 -10.23 -20.46
C GLU A 215 26.95 -11.30 -19.65
N LEU A 216 26.62 -11.46 -18.38
CA LEU A 216 27.23 -12.49 -17.56
C LEU A 216 26.92 -13.88 -18.09
N ALA A 217 25.70 -14.12 -18.52
CA ALA A 217 25.24 -15.40 -19.05
C ALA A 217 25.96 -15.82 -20.33
N CYS A 218 26.61 -14.87 -21.00
CA CYS A 218 27.28 -15.05 -22.27
C CYS A 218 28.77 -15.22 -22.07
N ASP A 219 29.21 -15.10 -20.83
CA ASP A 219 30.58 -15.21 -20.42
C ASP A 219 30.74 -16.52 -19.69
N LYS A 220 31.26 -17.54 -20.35
CA LYS A 220 31.30 -18.84 -19.72
C LYS A 220 32.13 -18.91 -18.46
N GLU A 221 33.25 -18.20 -18.39
CA GLU A 221 34.04 -18.23 -17.17
C GLU A 221 33.37 -17.46 -16.07
N GLY A 222 32.76 -16.34 -16.41
CA GLY A 222 32.10 -15.54 -15.43
C GLY A 222 30.96 -16.31 -14.82
N THR A 223 30.21 -17.03 -15.65
CA THR A 223 29.08 -17.80 -15.18
C THR A 223 29.57 -18.91 -14.28
N LYS A 224 30.60 -19.61 -14.68
CA LYS A 224 31.08 -20.70 -13.87
C LYS A 224 31.62 -20.22 -12.54
N THR A 225 32.35 -19.12 -12.54
CA THR A 225 32.94 -18.59 -11.34
C THR A 225 31.89 -18.13 -10.36
N ILE A 226 30.89 -17.39 -10.83
CA ILE A 226 29.90 -16.88 -9.93
C ILE A 226 29.04 -18.00 -9.38
N LEU A 227 28.77 -19.04 -10.16
CA LEU A 227 27.98 -20.12 -9.63
C LEU A 227 28.74 -21.00 -8.68
N GLN A 228 30.01 -21.30 -8.92
CA GLN A 228 30.66 -22.18 -7.97
C GLN A 228 30.89 -21.48 -6.64
N ASP A 229 30.96 -20.16 -6.63
CA ASP A 229 31.10 -19.38 -5.40
C ASP A 229 29.82 -19.41 -4.57
N ALA A 230 28.71 -19.77 -5.19
CA ALA A 230 27.40 -19.82 -4.58
C ALA A 230 27.07 -21.22 -4.11
N GLY A 231 27.99 -22.17 -4.31
CA GLY A 231 27.75 -23.54 -3.95
C GLY A 231 26.92 -24.34 -4.96
N ILE A 232 26.89 -23.92 -6.23
CA ILE A 232 26.12 -24.58 -7.26
C ILE A 232 27.01 -25.54 -8.07
N PRO A 233 26.64 -26.83 -8.29
CA PRO A 233 27.45 -27.81 -9.02
C PRO A 233 27.64 -27.49 -10.49
N VAL A 234 28.89 -27.42 -10.91
CA VAL A 234 29.29 -27.10 -12.27
C VAL A 234 30.36 -28.11 -12.63
N PRO A 235 30.66 -28.37 -13.90
CA PRO A 235 31.71 -29.27 -14.30
C PRO A 235 33.10 -28.77 -13.96
N ARG A 236 34.01 -29.71 -13.65
CA ARG A 236 35.42 -29.43 -13.38
C ARG A 236 36.23 -29.24 -14.67
N GLY A 237 37.06 -28.20 -14.77
CA GLY A 237 37.82 -27.97 -16.00
C GLY A 237 38.83 -26.82 -15.91
N THR A 238 39.56 -26.56 -17.01
CA THR A 238 40.62 -25.56 -17.04
C THR A 238 40.80 -24.82 -18.38
N THR A 239 41.94 -24.13 -18.53
CA THR A 239 42.20 -23.35 -19.75
C THR A 239 43.55 -23.61 -20.39
N ILE A 240 43.55 -23.71 -21.72
CA ILE A 240 44.77 -23.76 -22.50
C ILE A 240 44.67 -22.75 -23.62
N GLN A 241 45.58 -21.78 -23.72
CA GLN A 241 45.44 -20.81 -24.82
C GLN A 241 46.13 -21.23 -26.11
N TYR A 242 45.64 -22.32 -26.67
CA TYR A 242 46.13 -22.96 -27.88
C TYR A 242 47.63 -23.31 -27.88
N PHE A 243 48.05 -23.94 -26.79
CA PHE A 243 49.38 -24.47 -26.58
C PHE A 243 49.22 -25.96 -26.35
N ASP A 244 50.22 -26.78 -26.65
CA ASP A 244 49.98 -28.19 -26.34
C ASP A 244 50.28 -28.50 -24.88
N ASP A 245 49.33 -28.11 -24.05
CA ASP A 245 49.32 -28.29 -22.60
C ASP A 245 48.22 -29.30 -22.27
N LEU A 246 47.73 -30.00 -23.29
CA LEU A 246 46.61 -30.91 -23.14
C LEU A 246 46.93 -32.02 -22.20
N GLU A 247 48.16 -32.50 -22.26
CA GLU A 247 48.62 -33.60 -21.44
C GLU A 247 48.63 -33.24 -19.97
N GLU A 248 48.67 -31.95 -19.64
CA GLU A 248 48.70 -31.56 -18.26
C GLU A 248 47.29 -31.30 -17.78
N ALA A 249 46.47 -30.68 -18.63
CA ALA A 249 45.12 -30.35 -18.21
C ALA A 249 44.33 -31.58 -17.83
N ILE A 250 44.53 -32.64 -18.57
CA ILE A 250 43.82 -33.87 -18.36
C ILE A 250 44.06 -34.41 -16.95
N ASN A 251 45.27 -34.25 -16.42
CA ASN A 251 45.61 -34.74 -15.12
C ASN A 251 44.96 -33.95 -13.97
N ASP A 252 44.61 -32.67 -14.17
CA ASP A 252 44.00 -31.91 -13.09
C ASP A 252 42.52 -32.17 -13.06
N VAL A 253 41.98 -32.43 -14.24
CA VAL A 253 40.59 -32.71 -14.46
C VAL A 253 40.25 -34.10 -13.92
N GLY A 254 41.17 -35.07 -14.06
CA GLY A 254 40.94 -36.38 -13.49
C GLY A 254 40.97 -37.58 -14.42
N GLY A 255 41.43 -37.42 -15.64
CA GLY A 255 41.49 -38.58 -16.53
C GLY A 255 41.03 -38.24 -17.92
N TYR A 256 41.12 -39.22 -18.82
CA TYR A 256 40.76 -39.00 -20.22
C TYR A 256 39.34 -38.73 -20.64
N PRO A 257 38.28 -39.16 -19.95
CA PRO A 257 36.91 -38.89 -20.35
C PRO A 257 36.67 -37.40 -20.19
N VAL A 258 37.05 -36.65 -21.21
CA VAL A 258 36.98 -35.19 -21.16
C VAL A 258 36.26 -34.57 -22.35
N VAL A 259 35.88 -33.32 -22.16
CA VAL A 259 35.21 -32.52 -23.16
C VAL A 259 36.07 -31.34 -23.57
N ILE A 260 36.26 -31.13 -24.86
CA ILE A 260 37.06 -29.99 -25.33
C ILE A 260 36.24 -29.05 -26.22
N LYS A 261 36.08 -27.81 -25.77
CA LYS A 261 35.27 -26.82 -26.48
C LYS A 261 36.18 -25.78 -27.11
N PRO A 262 35.74 -25.04 -28.14
CA PRO A 262 36.50 -23.98 -28.77
C PRO A 262 36.67 -22.93 -27.75
N LEU A 263 37.75 -22.17 -27.79
CA LEU A 263 37.88 -21.14 -26.76
C LEU A 263 36.81 -20.04 -26.87
N ASP A 264 36.41 -19.66 -28.08
CA ASP A 264 35.35 -18.65 -28.19
C ASP A 264 34.09 -19.38 -28.63
N GLY A 265 32.98 -18.68 -28.78
CA GLY A 265 31.76 -19.35 -29.21
C GLY A 265 31.48 -19.26 -30.70
N ASN A 266 30.86 -20.30 -31.23
CA ASN A 266 30.39 -20.35 -32.61
C ASN A 266 29.27 -21.35 -32.66
N HIS A 267 28.25 -21.12 -31.85
CA HIS A 267 27.14 -22.04 -31.72
C HIS A 267 27.66 -23.43 -31.34
N GLY A 268 27.06 -24.49 -31.90
CA GLY A 268 27.42 -25.87 -31.60
C GLY A 268 28.55 -26.37 -32.49
N ARG A 269 29.67 -25.69 -32.48
CA ARG A 269 30.75 -26.00 -33.42
C ARG A 269 32.09 -26.11 -32.76
N GLY A 270 32.90 -27.06 -33.26
CA GLY A 270 34.26 -27.25 -32.78
C GLY A 270 34.32 -27.97 -31.45
N ILE A 271 33.27 -28.74 -31.13
CA ILE A 271 33.19 -29.41 -29.84
C ILE A 271 33.30 -30.92 -29.85
N THR A 272 34.22 -31.44 -29.05
CA THR A 272 34.36 -32.88 -28.91
C THR A 272 33.82 -33.26 -27.55
N ILE A 273 32.83 -34.15 -27.54
CA ILE A 273 32.16 -34.54 -26.31
C ILE A 273 32.82 -35.62 -25.50
N ASN A 274 33.33 -36.66 -26.08
CA ASN A 274 33.90 -37.65 -25.18
C ASN A 274 35.21 -38.16 -25.70
N VAL A 275 36.27 -37.50 -25.25
CA VAL A 275 37.61 -37.85 -25.60
C VAL A 275 37.95 -39.01 -24.72
N ARG A 276 38.44 -40.07 -25.29
CA ARG A 276 38.83 -41.25 -24.55
C ARG A 276 40.33 -41.52 -24.66
N HIS A 277 40.95 -41.04 -25.75
CA HIS A 277 42.36 -41.34 -26.00
C HIS A 277 43.21 -40.11 -26.38
N TRP A 278 44.51 -40.20 -26.19
CA TRP A 278 45.37 -39.08 -26.54
C TRP A 278 45.22 -38.58 -27.97
N GLN A 279 45.15 -39.46 -28.95
CA GLN A 279 45.06 -38.98 -30.33
C GLN A 279 43.74 -38.26 -30.59
N GLU A 280 42.73 -38.50 -29.74
CA GLU A 280 41.46 -37.86 -29.88
C GLU A 280 41.58 -36.48 -29.28
N ALA A 281 42.42 -36.35 -28.23
CA ALA A 281 42.65 -35.07 -27.59
C ALA A 281 43.26 -34.14 -28.60
N ILE A 282 44.11 -34.71 -29.46
CA ILE A 282 44.76 -33.91 -30.49
C ILE A 282 43.76 -33.52 -31.55
N ALA A 283 42.95 -34.45 -32.02
CA ALA A 283 41.96 -34.07 -33.02
C ALA A 283 41.00 -33.02 -32.47
N ALA A 284 40.61 -33.18 -31.21
CA ALA A 284 39.68 -32.25 -30.59
C ALA A 284 40.28 -30.87 -30.51
N TYR A 285 41.56 -30.82 -30.18
CA TYR A 285 42.30 -29.59 -30.09
C TYR A 285 42.32 -28.88 -31.42
N ASP A 286 42.62 -29.62 -32.48
CA ASP A 286 42.69 -29.03 -33.81
C ASP A 286 41.36 -28.37 -34.19
N LEU A 287 40.23 -28.94 -33.77
CA LEU A 287 38.96 -28.29 -34.08
C LEU A 287 38.75 -27.09 -33.17
N ALA A 288 39.11 -27.19 -31.89
CA ALA A 288 38.92 -26.09 -30.97
C ALA A 288 39.68 -24.86 -31.45
N ALA A 289 40.85 -25.13 -32.03
CA ALA A 289 41.84 -24.19 -32.54
C ALA A 289 41.31 -23.31 -33.66
N GLU A 290 40.19 -23.68 -34.26
CA GLU A 290 39.61 -22.90 -35.32
C GLU A 290 39.06 -21.54 -34.82
N GLU A 291 38.63 -21.45 -33.56
CA GLU A 291 38.04 -20.19 -33.07
C GLU A 291 39.06 -19.33 -32.33
N SER A 292 38.65 -18.12 -31.90
CA SER A 292 39.49 -17.17 -31.17
C SER A 292 39.88 -17.73 -29.80
N LYS A 293 40.95 -17.20 -29.19
CA LYS A 293 41.48 -17.74 -27.92
C LYS A 293 41.00 -17.12 -26.58
N ALA A 296 38.55 -20.71 -19.81
CA ALA A 296 38.65 -22.05 -19.22
C ALA A 296 37.44 -22.90 -19.55
N ILE A 297 37.44 -23.37 -20.78
CA ILE A 297 36.43 -24.26 -21.32
C ILE A 297 37.13 -25.40 -22.05
N ILE A 298 38.36 -25.65 -21.64
CA ILE A 298 39.21 -26.68 -22.19
C ILE A 298 39.43 -27.79 -21.20
N VAL A 299 39.19 -28.97 -21.68
CA VAL A 299 39.32 -30.17 -20.92
C VAL A 299 38.49 -30.31 -19.67
N GLU A 300 37.19 -30.19 -19.82
CA GLU A 300 36.31 -30.49 -18.73
C GLU A 300 36.11 -31.93 -18.47
N ARG A 301 35.80 -32.29 -17.27
CA ARG A 301 35.46 -33.66 -17.03
C ARG A 301 34.15 -33.94 -17.77
N TYR A 302 34.06 -35.13 -18.35
CA TYR A 302 32.84 -35.57 -19.00
C TYR A 302 31.89 -36.16 -17.98
N TYR A 303 30.65 -35.71 -17.97
CA TYR A 303 29.65 -36.21 -17.05
C TYR A 303 28.64 -37.03 -17.81
N GLU A 304 28.15 -38.09 -17.22
CA GLU A 304 27.16 -38.91 -17.88
C GLU A 304 25.75 -38.48 -17.52
N GLY A 305 24.84 -38.61 -18.47
CA GLY A 305 23.45 -38.30 -18.23
C GLY A 305 22.81 -37.72 -19.47
N SER A 306 21.55 -37.35 -19.34
CA SER A 306 20.81 -36.79 -20.45
C SER A 306 20.88 -35.29 -20.38
N ASP A 307 20.61 -34.66 -21.51
CA ASP A 307 20.60 -33.22 -21.63
C ASP A 307 19.20 -32.62 -21.39
N HIS A 308 19.03 -31.92 -20.28
CA HIS A 308 17.74 -31.35 -19.92
C HIS A 308 17.75 -29.85 -19.99
N ARG A 309 16.68 -29.28 -20.50
CA ARG A 309 16.51 -27.84 -20.52
C ARG A 309 15.43 -27.38 -19.59
N VAL A 310 15.79 -26.50 -18.69
CA VAL A 310 14.87 -25.98 -17.70
C VAL A 310 14.56 -24.52 -17.96
N LEU A 311 13.30 -24.17 -18.06
CA LEU A 311 12.89 -22.79 -18.28
C LEU A 311 12.33 -22.15 -17.01
N VAL A 312 12.95 -21.06 -16.59
CA VAL A 312 12.60 -20.28 -15.40
C VAL A 312 12.20 -18.87 -15.86
N VAL A 313 11.03 -18.35 -15.46
CA VAL A 313 10.58 -17.02 -15.95
C VAL A 313 10.67 -15.83 -15.00
N ASN A 314 10.25 -15.94 -13.78
CA ASN A 314 10.37 -14.77 -12.92
C ASN A 314 10.86 -15.23 -11.60
N GLY A 315 11.93 -16.01 -11.63
CA GLY A 315 12.45 -16.62 -10.43
C GLY A 315 11.62 -17.83 -10.06
N LYS A 316 10.85 -18.32 -11.02
CA LYS A 316 9.95 -19.46 -10.87
C LYS A 316 10.00 -20.39 -12.06
N LEU A 317 10.04 -21.69 -11.79
CA LEU A 317 10.07 -22.70 -12.83
C LEU A 317 8.79 -22.81 -13.65
N VAL A 318 8.94 -22.82 -14.98
CA VAL A 318 7.84 -22.97 -15.91
C VAL A 318 7.79 -24.30 -16.62
N ALA A 319 8.92 -24.76 -17.17
CA ALA A 319 8.90 -26.01 -17.94
C ALA A 319 10.24 -26.74 -17.92
N VAL A 320 10.19 -28.07 -18.06
CA VAL A 320 11.40 -28.88 -18.18
C VAL A 320 11.28 -29.85 -19.37
N ALA A 321 12.29 -29.96 -20.21
CA ALA A 321 12.24 -30.95 -21.29
C ALA A 321 13.56 -31.63 -21.52
N GLU A 322 13.48 -32.91 -21.81
CA GLU A 322 14.64 -33.74 -22.10
C GLU A 322 14.92 -33.81 -23.57
N ARG A 323 16.14 -33.50 -23.94
CA ARG A 323 16.52 -33.47 -25.33
C ARG A 323 17.38 -34.65 -25.72
N ILE A 324 17.01 -35.30 -26.82
CA ILE A 324 17.69 -36.47 -27.34
C ILE A 324 18.11 -36.25 -28.81
N PRO A 325 19.38 -36.52 -29.21
CA PRO A 325 19.91 -36.36 -30.57
C PRO A 325 19.22 -37.26 -31.55
N ALA A 326 19.23 -36.87 -32.83
CA ALA A 326 18.67 -37.71 -33.89
C ALA A 326 19.26 -39.09 -33.80
N HIS A 327 18.42 -40.11 -33.88
CA HIS A 327 18.87 -41.47 -33.75
C HIS A 327 17.94 -42.47 -34.38
N VAL A 328 18.46 -43.67 -34.57
CA VAL A 328 17.68 -44.81 -35.02
C VAL A 328 17.95 -45.98 -34.12
N THR A 329 17.02 -46.94 -34.10
CA THR A 329 17.24 -48.11 -33.30
C THR A 329 17.05 -49.39 -34.09
N GLY A 330 17.51 -50.49 -33.50
CA GLY A 330 17.44 -51.82 -34.08
C GLY A 330 16.02 -52.37 -34.14
N ASP A 331 15.22 -51.73 -34.98
CA ASP A 331 13.82 -52.04 -35.25
C ASP A 331 13.81 -53.12 -36.33
N GLY A 332 14.28 -54.29 -35.92
CA GLY A 332 14.43 -55.44 -36.81
C GLY A 332 15.84 -55.44 -37.41
N SER A 333 16.15 -56.50 -38.16
CA SER A 333 17.48 -56.66 -38.74
C SER A 333 17.69 -55.88 -40.02
N SER A 334 17.68 -54.57 -39.88
CA SER A 334 17.82 -53.61 -40.97
C SER A 334 19.07 -52.79 -40.77
N THR A 335 19.58 -52.21 -41.87
CA THR A 335 20.76 -51.37 -41.77
C THR A 335 20.40 -50.01 -41.32
N ILE A 336 21.39 -49.22 -40.94
CA ILE A 336 21.10 -47.88 -40.55
C ILE A 336 20.50 -47.07 -41.68
N SER A 337 21.03 -47.13 -42.90
CA SER A 337 20.40 -46.33 -43.95
C SER A 337 18.96 -46.75 -44.20
N GLU A 338 18.64 -48.04 -44.00
CA GLU A 338 17.27 -48.53 -44.15
C GLU A 338 16.37 -48.03 -43.03
N LEU A 339 16.90 -48.03 -41.80
CA LEU A 339 16.17 -47.56 -40.63
C LEU A 339 15.89 -46.08 -40.75
N ILE A 340 16.83 -45.33 -41.30
CA ILE A 340 16.60 -43.91 -41.45
C ILE A 340 15.49 -43.69 -42.44
N GLU A 341 15.48 -44.37 -43.57
CA GLU A 341 14.39 -44.10 -44.49
C GLU A 341 13.07 -44.52 -43.88
N LYS A 342 13.05 -45.58 -43.09
CA LYS A 342 11.81 -46.01 -42.47
C LYS A 342 11.23 -44.96 -41.51
N THR A 343 12.07 -44.35 -40.67
CA THR A 343 11.55 -43.40 -39.68
C THR A 343 11.49 -41.97 -40.21
N ASN A 344 12.20 -41.67 -41.28
CA ASN A 344 12.22 -40.32 -41.79
C ASN A 344 10.97 -40.03 -42.64
N GLN A 345 10.12 -41.06 -42.75
CA GLN A 345 8.83 -40.98 -43.44
C GLN A 345 7.69 -40.75 -42.45
N ASP A 346 8.03 -40.65 -41.16
CA ASP A 346 7.05 -40.41 -40.12
C ASP A 346 6.30 -39.12 -40.45
N PRO A 347 4.95 -39.10 -40.40
CA PRO A 347 4.09 -37.98 -40.76
C PRO A 347 4.32 -36.73 -39.92
N ASN A 348 5.04 -36.86 -38.80
CA ASN A 348 5.30 -35.74 -37.94
C ASN A 348 6.61 -35.06 -38.29
N ARG A 349 7.28 -35.54 -39.35
CA ARG A 349 8.55 -34.95 -39.75
C ARG A 349 8.54 -34.22 -41.08
N GLY A 350 9.22 -33.08 -41.11
CA GLY A 350 9.44 -32.35 -42.34
C GLY A 350 9.69 -30.87 -42.22
N ASP A 351 10.40 -30.34 -43.21
CA ASP A 351 10.72 -28.92 -43.38
C ASP A 351 11.18 -28.23 -42.09
N GLY A 352 10.46 -27.17 -41.65
CA GLY A 352 10.89 -26.47 -40.43
C GLY A 352 9.89 -25.41 -39.98
N HIS A 353 9.36 -25.64 -38.77
CA HIS A 353 8.25 -24.90 -38.13
C HIS A 353 6.93 -25.16 -38.85
N ASP A 354 6.96 -26.17 -39.70
CA ASP A 354 5.83 -26.70 -40.46
C ASP A 354 5.19 -27.88 -39.75
N ASN A 355 5.99 -28.56 -38.96
CA ASN A 355 5.59 -29.77 -38.27
C ASN A 355 6.35 -29.83 -36.95
N ILE A 356 6.13 -30.87 -36.17
CA ILE A 356 6.80 -30.96 -34.88
C ILE A 356 8.28 -31.30 -35.03
N LEU A 357 8.60 -32.26 -35.88
CA LEU A 357 9.96 -32.71 -36.09
C LEU A 357 10.46 -32.40 -37.47
N THR A 358 11.78 -32.31 -37.64
CA THR A 358 12.32 -32.17 -39.00
C THR A 358 12.90 -33.50 -39.43
N LYS A 359 13.48 -33.51 -40.61
CA LYS A 359 14.06 -34.69 -41.23
C LYS A 359 15.46 -35.04 -40.73
N ILE A 360 15.74 -36.33 -40.73
CA ILE A 360 17.06 -36.85 -40.44
C ILE A 360 17.86 -36.85 -41.72
N VAL A 361 19.02 -36.24 -41.68
CA VAL A 361 19.86 -36.18 -42.85
C VAL A 361 21.17 -36.89 -42.64
N VAL A 362 21.48 -37.78 -43.56
CA VAL A 362 22.75 -38.49 -43.53
C VAL A 362 23.73 -37.66 -44.32
N ASN A 363 24.83 -37.37 -43.69
CA ASN A 363 25.89 -36.56 -44.21
C ASN A 363 27.20 -37.08 -43.64
N LYS A 364 28.30 -36.45 -44.00
CA LYS A 364 29.61 -36.85 -43.53
C LYS A 364 29.72 -36.76 -42.01
N THR A 365 28.89 -35.92 -41.39
CA THR A 365 28.92 -35.74 -39.97
C THR A 365 28.11 -36.81 -39.27
N ALA A 366 27.16 -37.44 -39.98
CA ALA A 366 26.41 -38.52 -39.37
C ALA A 366 27.31 -39.69 -39.36
N ILE A 367 28.13 -39.78 -40.40
CA ILE A 367 29.05 -40.88 -40.52
C ILE A 367 30.13 -40.71 -39.48
N ASP A 368 30.69 -39.52 -39.34
CA ASP A 368 31.72 -39.33 -38.34
C ASP A 368 31.19 -39.74 -36.94
N VAL A 369 29.94 -39.36 -36.62
CA VAL A 369 29.38 -39.73 -35.33
C VAL A 369 29.17 -41.26 -35.25
N MET A 370 28.65 -41.89 -36.30
CA MET A 370 28.45 -43.34 -36.29
C MET A 370 29.75 -44.13 -36.19
N GLU A 371 30.82 -43.65 -36.83
CA GLU A 371 32.08 -44.37 -36.80
C GLU A 371 32.61 -44.49 -35.37
N ARG A 372 32.44 -43.45 -34.57
CA ARG A 372 32.91 -43.46 -33.19
C ARG A 372 32.17 -44.47 -32.31
N GLN A 373 31.01 -44.93 -32.77
CA GLN A 373 30.15 -45.88 -32.06
C GLN A 373 30.39 -47.30 -32.58
N GLY A 374 31.25 -47.44 -33.61
CA GLY A 374 31.49 -48.73 -34.24
C GLY A 374 30.49 -49.09 -35.35
N TYR A 375 29.81 -48.10 -35.94
CA TYR A 375 28.82 -48.36 -36.98
C TYR A 375 28.98 -47.46 -38.18
N ASN A 376 28.34 -47.83 -39.27
CA ASN A 376 28.26 -46.97 -40.44
C ASN A 376 26.89 -47.22 -41.08
N LEU A 377 26.58 -46.52 -42.15
CA LEU A 377 25.25 -46.58 -42.73
C LEU A 377 24.83 -47.93 -43.32
N ASP A 378 25.76 -48.80 -43.68
CA ASP A 378 25.37 -50.08 -44.23
C ASP A 378 25.41 -51.23 -43.25
N SER A 379 25.58 -50.94 -41.96
CA SER A 379 25.64 -51.98 -40.94
C SER A 379 24.27 -52.21 -40.31
N VAL A 380 24.01 -53.46 -39.94
CA VAL A 380 22.77 -53.90 -39.29
C VAL A 380 22.83 -53.81 -37.79
N LEU A 381 21.82 -53.21 -37.19
CA LEU A 381 21.85 -53.11 -35.74
C LEU A 381 21.20 -54.32 -35.05
N PRO A 382 21.73 -54.77 -33.89
CA PRO A 382 21.15 -55.76 -33.02
C PRO A 382 19.82 -55.24 -32.54
N LYS A 383 18.88 -56.13 -32.27
CA LYS A 383 17.59 -55.67 -31.83
C LYS A 383 17.70 -54.75 -30.62
N ASP A 384 17.02 -53.61 -30.76
CA ASP A 384 16.88 -52.52 -29.79
C ASP A 384 18.17 -51.73 -29.47
N GLU A 385 19.21 -51.91 -30.27
CA GLU A 385 20.45 -51.15 -30.15
C GLU A 385 20.19 -49.75 -30.66
N VAL A 386 20.74 -48.72 -30.00
CA VAL A 386 20.54 -47.35 -30.49
C VAL A 386 21.82 -46.70 -30.95
N VAL A 387 21.73 -46.10 -32.13
CA VAL A 387 22.83 -45.38 -32.74
C VAL A 387 22.45 -43.94 -32.98
N TYR A 388 23.33 -43.05 -32.54
CA TYR A 388 23.08 -41.63 -32.69
C TYR A 388 23.70 -41.12 -33.96
N LEU A 389 22.99 -40.24 -34.65
CA LEU A 389 23.46 -39.67 -35.89
C LEU A 389 24.00 -38.25 -35.74
N ARG A 390 23.94 -37.74 -34.52
CA ARG A 390 24.38 -36.40 -34.17
C ARG A 390 25.05 -36.39 -32.81
N ALA A 391 26.01 -35.49 -32.65
CA ALA A 391 26.70 -35.33 -31.37
C ALA A 391 25.83 -34.69 -30.30
N THR A 392 24.95 -33.78 -30.68
CA THR A 392 24.12 -33.05 -29.75
C THR A 392 22.66 -33.09 -30.13
N ALA A 393 21.79 -32.72 -29.18
CA ALA A 393 20.36 -32.69 -29.42
C ALA A 393 19.84 -31.35 -29.83
N ASN A 394 19.09 -31.33 -30.91
CA ASN A 394 18.47 -30.13 -31.44
C ASN A 394 17.27 -30.54 -32.27
N LEU A 395 16.11 -29.95 -32.04
CA LEU A 395 14.93 -30.32 -32.82
C LEU A 395 15.12 -30.01 -34.29
N SER A 396 15.87 -28.96 -34.60
CA SER A 396 16.10 -28.53 -35.98
C SER A 396 17.02 -29.46 -36.76
N THR A 397 17.66 -30.41 -36.07
CA THR A 397 18.55 -31.34 -36.74
C THR A 397 17.94 -32.74 -36.74
N GLY A 398 16.70 -32.88 -36.30
CA GLY A 398 16.04 -34.17 -36.29
C GLY A 398 15.94 -34.87 -34.93
N GLY A 399 16.27 -34.19 -33.82
CA GLY A 399 16.16 -34.82 -32.52
C GLY A 399 14.76 -34.69 -31.96
N ILE A 400 14.59 -35.08 -30.71
CA ILE A 400 13.29 -35.05 -30.06
C ILE A 400 13.33 -34.33 -28.72
N ALA A 401 12.16 -33.92 -28.23
CA ALA A 401 12.04 -33.26 -26.92
C ALA A 401 10.89 -33.85 -26.15
N ILE A 402 11.19 -34.30 -24.94
CA ILE A 402 10.22 -34.94 -24.09
C ILE A 402 9.87 -34.11 -22.87
N ASP A 403 8.60 -33.78 -22.69
CA ASP A 403 8.23 -33.00 -21.51
C ASP A 403 8.44 -33.80 -20.25
N ARG A 404 9.17 -33.24 -19.28
CA ARG A 404 9.44 -33.87 -18.00
C ARG A 404 9.12 -32.89 -16.89
N THR A 405 8.18 -32.00 -17.12
CA THR A 405 7.93 -30.92 -16.18
C THR A 405 7.45 -31.38 -14.84
N ASP A 406 6.66 -32.43 -14.81
CA ASP A 406 6.09 -32.89 -13.57
C ASP A 406 6.94 -33.93 -12.87
N ASP A 407 8.10 -34.26 -13.42
CA ASP A 407 8.95 -35.29 -12.85
C ASP A 407 10.16 -34.74 -12.13
N ILE A 408 10.22 -33.43 -11.96
CA ILE A 408 11.39 -32.83 -11.35
C ILE A 408 11.26 -32.72 -9.84
N HIS A 409 12.28 -33.18 -9.16
CA HIS A 409 12.37 -33.21 -7.71
C HIS A 409 12.36 -31.79 -7.09
N PRO A 410 11.63 -31.51 -5.99
CA PRO A 410 11.57 -30.24 -5.28
C PRO A 410 12.90 -29.58 -4.93
N GLU A 411 13.94 -30.37 -4.68
CA GLU A 411 15.20 -29.77 -4.38
C GLU A 411 15.81 -29.23 -5.64
N ASN A 412 15.58 -29.89 -6.77
CA ASN A 412 16.13 -29.47 -8.02
C ASN A 412 15.38 -28.23 -8.47
N ILE A 413 14.10 -28.12 -8.11
CA ILE A 413 13.35 -26.94 -8.49
C ILE A 413 13.96 -25.74 -7.77
N TRP A 414 14.24 -25.89 -6.48
CA TRP A 414 14.86 -24.85 -5.69
C TRP A 414 16.20 -24.43 -6.26
N LEU A 415 17.04 -25.39 -6.63
CA LEU A 415 18.33 -25.06 -7.17
C LEU A 415 18.24 -24.30 -8.49
N MET A 416 17.35 -24.69 -9.39
CA MET A 416 17.26 -23.99 -10.67
C MET A 416 16.83 -22.53 -10.52
N GLU A 417 15.92 -22.28 -9.60
CA GLU A 417 15.47 -20.93 -9.37
C GLU A 417 16.58 -20.09 -8.77
N ARG A 418 17.40 -20.70 -7.90
CA ARG A 418 18.51 -20.01 -7.28
C ARG A 418 19.55 -19.64 -8.35
N VAL A 419 19.78 -20.50 -9.34
CA VAL A 419 20.73 -20.20 -10.41
C VAL A 419 20.32 -18.99 -11.21
N ALA A 420 19.04 -18.89 -11.57
CA ALA A 420 18.58 -17.75 -12.33
C ALA A 420 18.76 -16.44 -11.57
N LYS A 421 18.52 -16.46 -10.26
CA LYS A 421 18.66 -15.28 -9.41
C LYS A 421 20.11 -14.86 -9.20
N VAL A 422 21.03 -15.82 -9.09
CA VAL A 422 22.45 -15.53 -8.94
C VAL A 422 22.99 -14.86 -10.19
N ILE A 423 22.61 -15.34 -11.37
CA ILE A 423 23.06 -14.73 -12.62
C ILE A 423 22.37 -13.39 -12.83
N GLY A 424 21.08 -13.30 -12.53
CA GLY A 424 20.39 -12.04 -12.70
C GLY A 424 19.51 -11.99 -13.92
N LEU A 425 19.02 -13.13 -14.40
CA LEU A 425 18.15 -13.15 -15.57
C LEU A 425 16.70 -13.28 -15.19
N ASP A 426 15.78 -12.64 -15.94
CA ASP A 426 14.38 -12.87 -15.68
C ASP A 426 13.95 -14.13 -16.41
N ILE A 427 14.12 -14.15 -17.72
CA ILE A 427 13.77 -15.33 -18.46
C ILE A 427 15.05 -16.06 -18.77
N ALA A 428 15.18 -17.28 -18.30
CA ALA A 428 16.42 -18.02 -18.49
C ALA A 428 16.26 -19.47 -18.79
N GLY A 429 17.12 -19.96 -19.66
CA GLY A 429 17.17 -21.38 -19.92
C GLY A 429 18.36 -21.95 -19.21
N ILE A 430 18.20 -23.07 -18.55
CA ILE A 430 19.32 -23.67 -17.86
C ILE A 430 19.58 -25.05 -18.43
N ASP A 431 20.81 -25.28 -18.84
CA ASP A 431 21.27 -26.54 -19.44
C ASP A 431 21.83 -27.45 -18.34
N VAL A 432 21.16 -28.56 -18.09
CA VAL A 432 21.50 -29.51 -17.02
C VAL A 432 21.82 -30.91 -17.52
N VAL A 433 22.89 -31.51 -17.02
CA VAL A 433 23.20 -32.89 -17.37
C VAL A 433 23.00 -33.79 -16.18
N THR A 434 22.11 -34.75 -16.35
CA THR A 434 21.79 -35.69 -15.27
C THR A 434 21.21 -36.97 -15.79
N SER A 435 21.46 -38.04 -15.07
CA SER A 435 20.88 -39.33 -15.41
C SER A 435 19.44 -39.47 -14.95
N ASP A 436 19.03 -38.67 -13.95
CA ASP A 436 17.69 -38.76 -13.43
C ASP A 436 17.22 -37.44 -12.81
N ILE A 437 16.35 -36.73 -13.51
CA ILE A 437 15.87 -35.40 -13.08
C ILE A 437 14.94 -35.50 -11.86
N SER A 438 14.53 -36.73 -11.52
CA SER A 438 13.63 -37.00 -10.42
C SER A 438 14.37 -37.24 -9.11
N LYS A 439 15.69 -37.19 -9.13
CA LYS A 439 16.51 -37.33 -7.94
C LYS A 439 17.32 -36.06 -7.83
N PRO A 440 17.78 -35.64 -6.66
CA PRO A 440 18.63 -34.50 -6.47
C PRO A 440 19.91 -34.60 -7.29
N LEU A 441 20.38 -33.48 -7.81
CA LEU A 441 21.59 -33.54 -8.61
C LEU A 441 22.77 -34.08 -7.82
N ARG A 442 22.79 -33.89 -6.50
CA ARG A 442 23.94 -34.40 -5.75
C ARG A 442 23.97 -35.93 -5.65
N GLU A 443 22.85 -36.61 -5.90
CA GLU A 443 22.81 -38.06 -5.78
C GLU A 443 23.22 -38.71 -7.08
N THR A 444 22.92 -38.04 -8.17
CA THR A 444 23.19 -38.55 -9.49
C THR A 444 24.48 -38.00 -10.08
N ASN A 445 25.15 -37.15 -9.32
CA ASN A 445 26.34 -36.42 -9.73
C ASN A 445 26.12 -35.61 -11.00
N GLY A 446 25.01 -34.90 -11.05
CA GLY A 446 24.69 -34.10 -12.20
C GLY A 446 25.33 -32.74 -12.08
N VAL A 447 25.39 -32.04 -13.19
CA VAL A 447 25.95 -30.70 -13.22
C VAL A 447 25.14 -29.71 -14.02
N ILE A 448 25.37 -28.43 -13.76
CA ILE A 448 24.78 -27.39 -14.56
C ILE A 448 25.83 -26.95 -15.54
N VAL A 449 25.52 -27.07 -16.80
CA VAL A 449 26.47 -26.79 -17.85
C VAL A 449 26.41 -25.35 -18.30
N GLU A 450 25.21 -24.82 -18.50
CA GLU A 450 25.13 -23.44 -18.95
C GLU A 450 23.83 -22.69 -18.65
N VAL A 451 23.96 -21.39 -18.41
CA VAL A 451 22.80 -20.52 -18.33
C VAL A 451 22.71 -19.72 -19.67
N ASN A 452 21.52 -19.76 -20.28
CA ASN A 452 21.24 -19.16 -21.57
C ASN A 452 20.25 -17.98 -21.48
N ALA A 453 20.68 -16.81 -21.86
CA ALA A 453 19.78 -15.66 -21.85
C ALA A 453 18.94 -15.76 -23.11
N ALA A 454 17.74 -15.23 -23.08
CA ALA A 454 16.84 -15.22 -24.23
C ALA A 454 16.62 -16.58 -24.89
N PRO A 455 16.21 -17.63 -24.17
CA PRO A 455 16.03 -18.97 -24.64
C PRO A 455 14.85 -19.05 -25.58
N GLY A 456 14.80 -20.03 -26.49
CA GLY A 456 13.61 -20.16 -27.31
C GLY A 456 12.53 -20.98 -26.61
N PHE A 457 11.33 -21.00 -27.19
CA PHE A 457 10.22 -21.72 -26.57
C PHE A 457 9.69 -22.96 -27.28
N ARG A 458 10.08 -23.20 -28.53
CA ARG A 458 9.53 -24.29 -29.35
C ARG A 458 9.45 -25.63 -28.69
N MET A 459 10.47 -26.00 -27.99
CA MET A 459 10.54 -27.30 -27.38
C MET A 459 9.61 -27.48 -26.20
N HIS A 460 9.07 -26.38 -25.69
CA HIS A 460 8.20 -26.43 -24.54
C HIS A 460 6.76 -26.24 -24.98
N VAL A 461 6.55 -25.54 -26.09
CA VAL A 461 5.19 -25.29 -26.54
C VAL A 461 4.79 -26.28 -27.62
N ALA A 462 5.76 -26.98 -28.19
CA ALA A 462 5.52 -27.99 -29.19
C ALA A 462 6.47 -29.17 -29.03
N PRO A 463 6.40 -29.92 -27.93
CA PRO A 463 7.24 -31.04 -27.60
C PRO A 463 6.87 -32.18 -28.51
N SER A 464 7.76 -33.14 -28.70
CA SER A 464 7.38 -34.29 -29.50
C SER A 464 6.72 -35.37 -28.67
N GLN A 465 7.01 -35.38 -27.38
CA GLN A 465 6.36 -36.31 -26.48
C GLN A 465 5.94 -35.52 -25.26
N GLY A 466 4.81 -35.90 -24.69
CA GLY A 466 4.35 -35.23 -23.50
C GLY A 466 3.40 -34.12 -23.86
N LEU A 467 3.00 -33.36 -22.86
CA LEU A 467 2.00 -32.33 -23.02
C LEU A 467 2.62 -30.94 -23.26
N PRO A 468 2.13 -30.11 -24.20
CA PRO A 468 2.53 -28.72 -24.46
C PRO A 468 2.28 -27.79 -23.27
N ARG A 469 3.12 -26.77 -23.08
CA ARG A 469 2.93 -25.83 -21.98
C ARG A 469 2.69 -24.41 -22.41
N ASN A 470 1.84 -23.69 -21.70
CA ASN A 470 1.63 -22.29 -22.06
C ASN A 470 2.67 -21.43 -21.39
N VAL A 471 3.75 -21.27 -22.12
CA VAL A 471 4.93 -20.54 -21.73
C VAL A 471 4.72 -19.04 -21.70
N ALA A 472 3.95 -18.51 -22.64
CA ALA A 472 3.69 -17.07 -22.68
C ALA A 472 2.95 -16.55 -21.48
N ALA A 473 2.04 -17.34 -20.93
CA ALA A 473 1.24 -16.81 -19.84
C ALA A 473 2.10 -16.29 -18.67
N PRO A 474 3.12 -16.98 -18.12
CA PRO A 474 4.03 -16.50 -17.12
C PRO A 474 4.85 -15.28 -17.52
N VAL A 475 4.98 -15.01 -18.81
CA VAL A 475 5.76 -13.87 -19.25
C VAL A 475 4.88 -12.65 -19.14
N LEU A 476 3.67 -12.76 -19.64
CA LEU A 476 2.75 -11.64 -19.58
C LEU A 476 2.35 -11.31 -18.18
N ASP A 477 2.34 -12.29 -17.29
CA ASP A 477 2.05 -12.02 -15.91
C ASP A 477 3.15 -11.21 -15.23
N MET A 478 4.40 -11.21 -15.70
CA MET A 478 5.37 -10.39 -14.99
C MET A 478 5.34 -9.00 -15.58
N LEU A 479 5.05 -8.92 -16.88
CA LEU A 479 5.03 -7.63 -17.54
C LEU A 479 3.81 -6.83 -17.17
N PHE A 480 2.67 -7.49 -17.03
CA PHE A 480 1.41 -6.88 -16.66
C PHE A 480 0.79 -7.66 -15.53
N PRO A 481 1.26 -7.50 -14.28
CA PRO A 481 0.86 -8.26 -13.14
C PRO A 481 -0.64 -8.18 -12.94
N PRO A 482 -1.28 -9.21 -12.37
CA PRO A 482 -2.70 -9.25 -12.14
C PRO A 482 -3.11 -8.04 -11.35
N GLY A 483 -4.21 -7.44 -11.77
CA GLY A 483 -4.71 -6.26 -11.10
C GLY A 483 -4.23 -4.94 -11.70
N THR A 484 -3.26 -4.99 -12.61
CA THR A 484 -2.79 -3.73 -13.17
C THR A 484 -3.36 -3.54 -14.58
N PRO A 485 -3.55 -2.29 -15.04
CA PRO A 485 -3.95 -1.92 -16.38
C PRO A 485 -2.85 -2.03 -17.40
N SER A 486 -3.24 -2.21 -18.66
CA SER A 486 -2.34 -2.19 -19.80
C SER A 486 -2.66 -1.02 -20.73
N ARG A 487 -3.74 -0.30 -20.44
CA ARG A 487 -4.25 0.80 -21.22
C ARG A 487 -4.47 2.05 -20.41
N ILE A 488 -4.47 3.17 -21.10
CA ILE A 488 -4.77 4.44 -20.50
C ILE A 488 -6.12 4.83 -21.04
N PRO A 489 -6.92 5.69 -20.38
CA PRO A 489 -8.18 6.16 -20.89
C PRO A 489 -8.07 6.90 -22.19
N ILE A 490 -8.99 6.60 -23.09
CA ILE A 490 -9.08 7.29 -24.37
C ILE A 490 -10.43 7.91 -24.51
N LEU A 491 -10.45 9.19 -24.79
CA LEU A 491 -11.67 9.94 -25.01
C LEU A 491 -11.64 10.45 -26.42
N ALA A 492 -12.52 9.92 -27.27
CA ALA A 492 -12.52 10.25 -28.69
C ALA A 492 -13.67 11.16 -29.03
N VAL A 493 -13.39 12.28 -29.67
CA VAL A 493 -14.44 13.26 -29.98
C VAL A 493 -14.65 13.45 -31.47
N THR A 494 -15.86 13.25 -31.94
CA THR A 494 -16.12 13.48 -33.34
C THR A 494 -17.43 14.25 -33.56
N GLY A 495 -17.74 14.54 -34.81
CA GLY A 495 -18.94 15.26 -35.21
C GLY A 495 -18.61 16.26 -36.28
N THR A 496 -19.58 16.75 -37.01
CA THR A 496 -19.30 17.70 -38.08
C THR A 496 -18.70 19.02 -37.61
N ASN A 497 -19.23 19.61 -36.55
CA ASN A 497 -18.71 20.89 -36.02
C ASN A 497 -18.48 20.86 -34.53
N GLY A 498 -17.45 21.57 -34.06
CA GLY A 498 -17.17 21.74 -32.63
C GLY A 498 -16.17 20.81 -31.97
N LYS A 499 -15.55 19.95 -32.76
CA LYS A 499 -14.57 18.99 -32.26
C LYS A 499 -13.37 19.60 -31.59
N THR A 500 -12.79 20.63 -32.18
CA THR A 500 -11.57 21.24 -31.64
C THR A 500 -11.85 21.93 -30.33
N THR A 501 -12.96 22.63 -30.24
CA THR A 501 -13.32 23.34 -29.04
C THR A 501 -13.61 22.39 -27.89
N THR A 502 -14.35 21.31 -28.17
CA THR A 502 -14.71 20.32 -27.19
C THR A 502 -13.47 19.59 -26.69
N THR A 503 -12.55 19.27 -27.60
CA THR A 503 -11.31 18.59 -27.32
C THR A 503 -10.41 19.41 -26.40
N ARG A 504 -10.27 20.72 -26.67
CA ARG A 504 -9.42 21.53 -25.80
C ARG A 504 -10.01 21.71 -24.42
N LEU A 505 -11.32 21.83 -24.31
CA LEU A 505 -11.94 21.97 -23.01
C LEU A 505 -11.83 20.71 -22.21
N LEU A 506 -12.06 19.57 -22.84
CA LEU A 506 -12.01 18.32 -22.13
C LEU A 506 -10.59 18.04 -21.66
N ALA A 507 -9.58 18.32 -22.48
CA ALA A 507 -8.21 18.15 -22.07
C ALA A 507 -7.85 19.05 -20.90
N HIS A 508 -8.38 20.27 -20.89
CA HIS A 508 -8.18 21.23 -19.82
C HIS A 508 -8.77 20.75 -18.51
N ILE A 509 -9.98 20.18 -18.55
CA ILE A 509 -10.61 19.66 -17.34
C ILE A 509 -9.78 18.51 -16.77
N TYR A 510 -9.31 17.57 -17.59
CA TYR A 510 -8.52 16.45 -17.07
C TYR A 510 -7.24 16.89 -16.45
N ARG A 511 -6.65 17.89 -17.02
CA ARG A 511 -5.42 18.46 -16.57
C ARG A 511 -5.50 19.02 -15.16
N GLN A 512 -6.70 19.32 -14.67
CA GLN A 512 -6.85 19.94 -13.35
C GLN A 512 -6.72 18.88 -12.28
N THR A 513 -6.59 17.62 -12.68
CA THR A 513 -6.42 16.52 -11.74
C THR A 513 -4.93 16.24 -11.55
N GLY A 514 -4.06 16.96 -12.28
CA GLY A 514 -2.62 16.80 -12.14
C GLY A 514 -1.96 15.72 -12.99
N LYS A 515 -2.71 15.11 -13.88
CA LYS A 515 -2.20 14.05 -14.74
C LYS A 515 -1.60 14.57 -16.01
N THR A 516 -0.78 13.74 -16.65
CA THR A 516 -0.25 14.12 -17.95
C THR A 516 -1.26 13.79 -19.01
N VAL A 517 -1.65 14.82 -19.72
CA VAL A 517 -2.69 14.69 -20.71
C VAL A 517 -2.15 15.02 -22.06
N GLY A 518 -2.35 14.10 -22.98
CA GLY A 518 -1.93 14.33 -24.33
C GLY A 518 -3.15 14.51 -25.20
N TYR A 519 -3.06 15.35 -26.21
CA TYR A 519 -4.19 15.49 -27.09
C TYR A 519 -3.82 15.91 -28.48
N THR A 520 -4.70 15.59 -29.40
CA THR A 520 -4.45 15.97 -30.78
C THR A 520 -5.60 16.74 -31.32
N SER A 521 -5.27 17.71 -32.15
CA SER A 521 -6.25 18.55 -32.80
C SER A 521 -5.83 18.95 -34.19
N THR A 522 -6.68 19.72 -34.84
CA THR A 522 -6.37 20.29 -36.14
C THR A 522 -5.36 21.44 -36.08
N ASP A 523 -4.99 21.89 -34.88
CA ASP A 523 -3.98 22.94 -34.79
C ASP A 523 -2.57 22.37 -34.54
N ALA A 524 -2.47 21.35 -33.64
CA ALA A 524 -1.21 20.75 -33.17
C ALA A 524 -1.39 19.50 -32.28
N ILE A 525 -0.27 18.85 -31.93
CA ILE A 525 -0.23 17.76 -30.93
C ILE A 525 0.41 18.30 -29.67
N TYR A 526 -0.28 18.17 -28.53
CA TYR A 526 0.21 18.67 -27.25
C TYR A 526 0.31 17.67 -26.14
N ILE A 527 1.29 17.87 -25.27
CA ILE A 527 1.35 17.13 -24.01
C ILE A 527 1.52 18.13 -22.87
N ASN A 528 0.55 18.22 -21.96
CA ASN A 528 0.65 19.14 -20.83
C ASN A 528 1.06 20.54 -21.20
N GLU A 529 0.44 21.10 -22.19
CA GLU A 529 0.71 22.46 -22.67
C GLU A 529 2.03 22.69 -23.41
N TYR A 530 2.74 21.63 -23.77
CA TYR A 530 3.90 21.79 -24.62
C TYR A 530 3.53 21.29 -25.99
N CYS A 531 3.96 21.98 -27.00
CA CYS A 531 3.62 21.55 -28.33
C CYS A 531 4.65 20.61 -28.85
N VAL A 532 4.21 19.44 -29.31
CA VAL A 532 5.06 18.40 -29.80
C VAL A 532 5.23 18.55 -31.31
N GLU A 533 4.12 18.74 -32.00
CA GLU A 533 4.11 18.93 -33.45
C GLU A 533 3.07 19.96 -33.79
N LYS A 534 3.23 20.70 -34.89
CA LYS A 534 2.20 21.65 -35.32
C LYS A 534 1.59 21.26 -36.65
N GLY A 535 0.38 21.75 -36.93
CA GLY A 535 -0.29 21.48 -38.19
C GLY A 535 -1.50 20.58 -37.96
N ASP A 536 -2.16 20.17 -39.03
CA ASP A 536 -3.35 19.36 -38.84
C ASP A 536 -2.90 18.02 -38.44
N ASN A 537 -3.14 17.70 -37.19
CA ASN A 537 -2.68 16.50 -36.61
C ASN A 537 -3.77 15.56 -36.25
N THR A 538 -4.86 15.63 -36.95
CA THR A 538 -5.88 14.64 -36.70
C THR A 538 -5.53 13.38 -37.48
N GLY A 539 -6.16 12.27 -37.15
CA GLY A 539 -5.93 11.02 -37.86
C GLY A 539 -4.98 10.08 -37.10
N PRO A 540 -4.87 8.82 -37.55
CA PRO A 540 -4.12 7.74 -36.93
C PRO A 540 -2.63 7.92 -36.75
N GLN A 541 -2.02 8.78 -37.53
CA GLN A 541 -0.60 8.96 -37.39
C GLN A 541 -0.30 9.79 -36.17
N SER A 542 -1.23 10.64 -35.77
CA SER A 542 -0.99 11.48 -34.63
C SER A 542 -1.44 10.79 -33.39
N ALA A 543 -2.50 10.01 -33.50
CA ALA A 543 -2.99 9.30 -32.36
C ALA A 543 -1.91 8.38 -31.85
N GLY A 544 -1.12 7.83 -32.77
CA GLY A 544 -0.03 6.94 -32.44
C GLY A 544 1.13 7.63 -31.72
N VAL A 545 1.27 8.94 -31.84
CA VAL A 545 2.34 9.65 -31.17
C VAL A 545 1.99 9.69 -29.72
N ILE A 546 0.74 9.99 -29.44
CA ILE A 546 0.27 10.05 -28.08
C ILE A 546 0.21 8.68 -27.43
N LEU A 547 -0.30 7.67 -28.12
CA LEU A 547 -0.41 6.36 -27.54
C LEU A 547 0.93 5.69 -27.28
N ARG A 548 1.94 5.99 -28.06
CA ARG A 548 3.25 5.43 -27.81
C ARG A 548 4.09 6.23 -26.83
N ASP A 549 3.61 7.37 -26.36
CA ASP A 549 4.37 8.24 -25.50
C ASP A 549 4.37 7.74 -24.06
N PRO A 550 5.53 7.39 -23.47
CA PRO A 550 5.71 6.78 -22.18
C PRO A 550 5.30 7.61 -21.00
N THR A 551 4.99 8.88 -21.22
CA THR A 551 4.60 9.73 -20.11
C THR A 551 3.09 9.98 -20.02
N VAL A 552 2.33 9.65 -21.06
CA VAL A 552 0.92 10.02 -21.09
C VAL A 552 0.00 9.13 -20.27
N GLU A 553 -0.85 9.77 -19.48
CA GLU A 553 -1.80 9.10 -18.62
C GLU A 553 -3.22 9.13 -19.16
N VAL A 554 -3.58 10.20 -19.88
CA VAL A 554 -4.90 10.35 -20.50
C VAL A 554 -4.76 10.82 -21.94
N ALA A 555 -5.49 10.22 -22.87
CA ALA A 555 -5.47 10.70 -24.25
C ALA A 555 -6.82 11.25 -24.69
N VAL A 556 -6.83 12.47 -25.20
CA VAL A 556 -8.05 13.09 -25.70
C VAL A 556 -7.82 13.36 -27.21
N LEU A 557 -8.59 12.72 -28.07
CA LEU A 557 -8.28 12.81 -29.51
C LEU A 557 -9.39 13.34 -30.41
N GLU A 558 -9.20 14.47 -31.13
CA GLU A 558 -10.33 14.86 -32.01
C GLU A 558 -10.21 13.94 -33.21
N THR A 559 -11.33 13.40 -33.68
CA THR A 559 -11.34 12.48 -34.81
C THR A 559 -12.16 12.98 -35.98
N ALA A 560 -11.50 13.08 -37.11
CA ALA A 560 -12.09 13.55 -38.33
C ALA A 560 -12.42 12.43 -39.28
N ARG A 561 -13.36 12.70 -40.18
CA ARG A 561 -13.75 11.79 -41.25
C ARG A 561 -12.64 11.50 -42.21
N GLY A 562 -11.71 12.43 -42.39
CA GLY A 562 -10.63 12.21 -43.31
C GLY A 562 -9.85 11.00 -42.86
N GLY A 563 -9.45 10.99 -41.60
CA GLY A 563 -8.68 9.89 -41.08
C GLY A 563 -9.46 8.59 -41.11
N ILE A 564 -10.75 8.62 -40.79
CA ILE A 564 -11.49 7.38 -40.78
C ILE A 564 -11.61 6.78 -42.14
N LEU A 565 -11.95 7.59 -43.13
CA LEU A 565 -12.11 7.12 -44.48
C LEU A 565 -10.82 6.72 -45.16
N ARG A 566 -9.72 7.37 -44.81
CA ARG A 566 -8.44 7.06 -45.41
C ARG A 566 -7.71 5.90 -44.77
N ALA A 567 -7.76 5.74 -43.44
CA ALA A 567 -6.99 4.65 -42.84
C ALA A 567 -7.57 3.98 -41.59
N GLY A 568 -8.84 4.22 -41.21
CA GLY A 568 -9.40 3.61 -39.98
C GLY A 568 -9.00 4.35 -38.70
N LEU A 569 -9.43 3.84 -37.54
CA LEU A 569 -9.06 4.45 -36.26
C LEU A 569 -7.76 3.83 -35.75
N ALA A 570 -6.94 4.59 -35.02
CA ALA A 570 -5.70 4.05 -34.47
C ALA A 570 -5.79 3.23 -33.20
N PHE A 571 -6.91 3.27 -32.52
CA PHE A 571 -6.98 2.65 -31.21
C PHE A 571 -7.85 1.42 -30.95
N ASP A 572 -8.63 0.94 -31.90
CA ASP A 572 -9.54 -0.22 -31.70
C ASP A 572 -10.71 -0.06 -30.72
N SER A 573 -10.46 0.38 -29.50
CA SER A 573 -11.55 0.63 -28.55
C SER A 573 -11.22 1.79 -27.63
N CYS A 574 -12.25 2.38 -27.06
CA CYS A 574 -12.08 3.53 -26.16
C CYS A 574 -13.07 3.57 -25.02
N ASP A 575 -12.84 4.49 -24.06
CA ASP A 575 -13.68 4.59 -22.88
C ASP A 575 -14.85 5.51 -23.05
N VAL A 576 -14.61 6.62 -23.73
CA VAL A 576 -15.69 7.55 -24.00
C VAL A 576 -15.68 7.90 -25.46
N GLY A 577 -16.83 7.85 -26.07
CA GLY A 577 -16.96 8.28 -27.46
C GLY A 577 -17.99 9.36 -27.53
N VAL A 578 -17.62 10.52 -28.01
CA VAL A 578 -18.53 11.65 -28.07
C VAL A 578 -18.88 12.00 -29.48
N VAL A 579 -20.17 12.05 -29.82
CA VAL A 579 -20.58 12.46 -31.16
C VAL A 579 -21.39 13.72 -31.01
N LEU A 580 -20.91 14.81 -31.55
CA LEU A 580 -21.54 16.09 -31.34
C LEU A 580 -22.67 16.45 -32.28
N ASN A 581 -22.58 16.07 -33.54
CA ASN A 581 -23.59 16.43 -34.55
C ASN A 581 -23.29 15.80 -35.89
N VAL A 582 -24.29 15.75 -36.76
CA VAL A 582 -24.09 15.34 -38.15
C VAL A 582 -24.66 16.43 -39.06
N ALA A 583 -23.92 16.88 -40.05
CA ALA A 583 -24.46 17.93 -40.91
C ALA A 583 -23.98 17.81 -42.33
N ALA A 584 -24.73 18.40 -43.25
CA ALA A 584 -24.43 18.35 -44.67
C ALA A 584 -23.36 19.31 -45.07
N ASP A 585 -22.17 18.96 -44.67
CA ASP A 585 -20.93 19.69 -44.84
C ASP A 585 -19.88 18.68 -45.24
N HIS A 586 -19.27 18.88 -46.40
CA HIS A 586 -18.32 17.95 -47.01
C HIS A 586 -19.00 16.73 -47.62
N LEU A 587 -20.24 16.88 -48.03
CA LEU A 587 -20.86 15.79 -48.77
C LEU A 587 -20.32 15.89 -50.16
N GLY A 588 -20.15 14.74 -50.77
CA GLY A 588 -19.65 14.59 -52.12
C GLY A 588 -18.18 14.23 -52.10
N LEU A 589 -17.52 14.37 -50.95
CA LEU A 589 -16.11 14.04 -50.88
C LEU A 589 -15.92 12.68 -50.26
N GLY A 590 -14.91 11.95 -50.73
CA GLY A 590 -14.58 10.67 -50.11
C GLY A 590 -15.62 9.60 -50.37
N ASP A 591 -16.38 9.76 -51.44
CA ASP A 591 -17.47 8.88 -51.80
C ASP A 591 -18.66 8.91 -50.83
N ILE A 592 -18.73 9.92 -49.96
CA ILE A 592 -19.90 10.07 -49.10
C ILE A 592 -20.77 11.14 -49.68
N ASP A 593 -21.86 10.75 -50.29
CA ASP A 593 -22.74 11.67 -50.98
C ASP A 593 -23.96 12.11 -50.18
N THR A 594 -24.42 11.29 -49.25
CA THR A 594 -25.64 11.63 -48.53
C THR A 594 -25.41 11.80 -47.04
N ILE A 595 -26.40 12.38 -46.37
CA ILE A 595 -26.31 12.61 -44.95
C ILE A 595 -26.40 11.31 -44.18
N GLU A 596 -27.18 10.34 -44.69
CA GLU A 596 -27.31 9.05 -44.06
C GLU A 596 -25.98 8.31 -44.10
N GLN A 597 -25.19 8.50 -45.16
CA GLN A 597 -23.87 7.90 -45.23
C GLN A 597 -22.91 8.60 -44.26
N MET A 598 -23.02 9.92 -44.15
CA MET A 598 -22.12 10.65 -43.26
C MET A 598 -22.34 10.20 -41.83
N ALA A 599 -23.57 9.87 -41.50
CA ALA A 599 -23.89 9.38 -40.18
C ALA A 599 -23.20 8.05 -39.89
N LYS A 600 -22.95 7.22 -40.92
CA LYS A 600 -22.28 5.92 -40.74
C LYS A 600 -20.80 6.12 -40.54
N VAL A 601 -20.27 7.21 -41.05
CA VAL A 601 -18.88 7.51 -40.83
C VAL A 601 -18.74 7.94 -39.38
N LYS A 602 -19.64 8.81 -38.89
CA LYS A 602 -19.52 9.30 -37.52
C LYS A 602 -19.84 8.25 -36.48
N SER A 603 -20.72 7.31 -36.80
CA SER A 603 -21.11 6.28 -35.88
C SER A 603 -19.99 5.30 -35.58
N VAL A 604 -18.87 5.36 -36.31
CA VAL A 604 -17.77 4.47 -36.07
C VAL A 604 -17.28 4.69 -34.64
N ILE A 605 -17.26 5.94 -34.17
CA ILE A 605 -16.80 6.19 -32.81
C ILE A 605 -17.72 5.59 -31.78
N ALA A 606 -19.01 5.74 -31.94
CA ALA A 606 -19.96 5.21 -31.00
C ALA A 606 -19.87 3.69 -30.88
N GLU A 607 -19.58 3.03 -31.99
CA GLU A 607 -19.52 1.57 -32.04
C GLU A 607 -18.20 0.96 -31.58
N VAL A 608 -17.22 1.77 -31.21
CA VAL A 608 -15.96 1.22 -30.74
C VAL A 608 -15.79 1.51 -29.27
N VAL A 609 -16.82 2.00 -28.63
CA VAL A 609 -16.69 2.24 -27.22
C VAL A 609 -16.83 0.90 -26.51
N ASP A 610 -15.90 0.61 -25.62
CA ASP A 610 -15.88 -0.60 -24.84
C ASP A 610 -17.19 -0.75 -24.09
N PRO A 611 -17.80 -1.94 -23.93
CA PRO A 611 -19.05 -2.15 -23.21
C PRO A 611 -19.08 -1.56 -21.80
N SER A 612 -17.93 -1.41 -21.15
CA SER A 612 -17.90 -0.85 -19.81
C SER A 612 -17.89 0.68 -19.82
N GLY A 613 -17.74 1.27 -21.00
CA GLY A 613 -17.65 2.69 -21.22
C GLY A 613 -18.97 3.31 -21.65
N TYR A 614 -18.87 4.56 -22.11
CA TYR A 614 -20.00 5.37 -22.54
C TYR A 614 -19.92 6.04 -23.87
N ALA A 615 -21.07 6.17 -24.49
CA ALA A 615 -21.22 6.97 -25.67
C ALA A 615 -21.99 8.20 -25.26
N VAL A 616 -21.54 9.36 -25.69
CA VAL A 616 -22.20 10.60 -25.37
C VAL A 616 -22.82 11.15 -26.62
N LEU A 617 -24.15 11.17 -26.65
CA LEU A 617 -24.90 11.56 -27.83
C LEU A 617 -25.68 12.83 -27.66
N ASN A 618 -25.88 13.52 -28.76
CA ASN A 618 -26.65 14.75 -28.83
C ASN A 618 -28.13 14.46 -29.07
N ALA A 619 -28.98 14.65 -28.06
CA ALA A 619 -30.39 14.30 -28.14
C ALA A 619 -31.18 15.29 -28.98
N ASP A 620 -30.58 16.39 -29.34
CA ASP A 620 -31.24 17.40 -30.13
C ASP A 620 -30.95 17.21 -31.63
N ASP A 621 -30.21 16.15 -31.95
CA ASP A 621 -29.83 15.83 -33.33
C ASP A 621 -30.40 14.46 -33.72
N PRO A 622 -31.43 14.41 -34.60
CA PRO A 622 -32.13 13.20 -35.01
C PRO A 622 -31.25 12.07 -35.53
N LEU A 623 -30.10 12.38 -36.14
CA LEU A 623 -29.28 11.30 -36.67
C LEU A 623 -28.35 10.80 -35.61
N VAL A 624 -27.95 11.68 -34.71
CA VAL A 624 -27.03 11.27 -33.66
C VAL A 624 -27.73 10.47 -32.58
N ALA A 625 -28.90 10.91 -32.15
CA ALA A 625 -29.63 10.20 -31.11
C ALA A 625 -29.93 8.77 -31.53
N ALA A 626 -30.19 8.57 -32.81
CA ALA A 626 -30.51 7.29 -33.43
C ALA A 626 -29.37 6.29 -33.39
N MET A 627 -28.14 6.74 -33.12
CA MET A 627 -26.98 5.88 -33.09
C MET A 627 -27.02 5.06 -31.82
N ALA A 628 -27.85 5.47 -30.87
CA ALA A 628 -27.95 4.84 -29.58
C ALA A 628 -28.38 3.40 -29.68
N ASP A 629 -29.00 3.04 -30.80
CA ASP A 629 -29.51 1.71 -30.99
C ASP A 629 -28.48 0.77 -31.60
N LYS A 630 -27.29 1.29 -31.91
CA LYS A 630 -26.19 0.51 -32.46
C LYS A 630 -25.13 0.28 -31.39
N VAL A 631 -25.08 1.19 -30.44
CA VAL A 631 -24.12 1.19 -29.36
C VAL A 631 -24.27 0.05 -28.37
N LYS A 632 -23.16 -0.64 -28.11
CA LYS A 632 -23.06 -1.75 -27.15
C LYS A 632 -22.67 -1.27 -25.75
N ALA A 633 -22.26 -0.03 -25.70
CA ALA A 633 -21.81 0.73 -24.55
C ALA A 633 -22.99 1.40 -23.87
N LYS A 634 -22.75 2.03 -22.74
CA LYS A 634 -23.79 2.74 -22.05
C LYS A 634 -24.01 4.03 -22.78
N VAL A 635 -25.19 4.61 -22.70
CA VAL A 635 -25.42 5.86 -23.39
C VAL A 635 -25.80 6.99 -22.46
N ALA A 636 -25.16 8.13 -22.65
CA ALA A 636 -25.46 9.34 -21.93
C ALA A 636 -25.91 10.36 -22.96
N TYR A 637 -26.79 11.26 -22.60
CA TYR A 637 -27.27 12.26 -23.56
C TYR A 637 -27.12 13.69 -23.14
N PHE A 638 -26.96 14.57 -24.07
CA PHE A 638 -27.00 15.97 -23.70
C PHE A 638 -27.97 16.75 -24.58
N SER A 639 -28.49 17.85 -24.05
CA SER A 639 -29.40 18.72 -24.81
C SER A 639 -29.49 20.14 -24.32
N MET A 640 -30.03 21.00 -25.15
CA MET A 640 -30.29 22.41 -24.84
C MET A 640 -31.72 22.65 -24.43
N ASN A 641 -32.45 21.58 -24.29
CA ASN A 641 -33.84 21.59 -23.96
C ASN A 641 -34.16 20.48 -22.96
N PRO A 642 -34.32 20.79 -21.67
CA PRO A 642 -34.58 19.86 -20.59
C PRO A 642 -35.84 19.03 -20.80
N ASP A 643 -36.73 19.50 -21.67
CA ASP A 643 -37.98 18.82 -21.92
C ASP A 643 -37.95 17.91 -23.13
N ASN A 644 -36.78 17.71 -23.71
CA ASN A 644 -36.62 16.81 -24.83
C ASN A 644 -37.06 15.43 -24.36
N PRO A 645 -38.07 14.79 -24.98
CA PRO A 645 -38.64 13.51 -24.61
C PRO A 645 -37.62 12.40 -24.46
N ILE A 646 -36.50 12.48 -25.18
CA ILE A 646 -35.47 11.48 -25.11
C ILE A 646 -34.82 11.51 -23.75
N ILE A 647 -34.57 12.73 -23.28
CA ILE A 647 -33.90 12.94 -22.04
C ILE A 647 -34.78 12.50 -20.92
N GLN A 648 -36.06 12.85 -21.01
CA GLN A 648 -36.96 12.49 -19.94
C GLN A 648 -37.15 10.99 -19.82
N ALA A 649 -37.28 10.31 -20.95
CA ALA A 649 -37.45 8.88 -20.89
C ALA A 649 -36.22 8.21 -20.30
N HIS A 650 -35.05 8.75 -20.62
CA HIS A 650 -33.76 8.26 -20.18
C HIS A 650 -33.50 8.45 -18.69
N VAL A 651 -33.74 9.64 -18.16
CA VAL A 651 -33.46 9.84 -16.74
C VAL A 651 -34.45 9.08 -15.87
N ARG A 652 -35.66 8.82 -16.37
CA ARG A 652 -36.66 8.05 -15.66
C ARG A 652 -36.27 6.57 -15.52
N ARG A 653 -35.24 6.13 -16.23
CA ARG A 653 -34.71 4.78 -16.16
C ARG A 653 -33.34 4.81 -15.51
N ASN A 654 -33.06 5.92 -14.81
CA ASN A 654 -31.82 6.24 -14.12
C ASN A 654 -30.58 6.39 -14.99
N GLY A 655 -30.75 6.95 -16.18
CA GLY A 655 -29.62 7.25 -17.00
C GLY A 655 -29.07 8.60 -16.59
N ILE A 656 -28.05 9.04 -17.31
CA ILE A 656 -27.33 10.28 -17.06
C ILE A 656 -27.49 11.20 -18.25
N ALA A 657 -27.75 12.46 -17.98
CA ALA A 657 -27.87 13.41 -19.04
C ALA A 657 -27.39 14.78 -18.64
N ALA A 658 -27.01 15.58 -19.59
CA ALA A 658 -26.63 16.94 -19.26
C ALA A 658 -27.51 17.91 -19.99
N VAL A 659 -28.10 18.82 -19.26
CA VAL A 659 -29.01 19.76 -19.89
C VAL A 659 -28.73 21.19 -19.51
N TYR A 660 -29.17 22.07 -20.36
CA TYR A 660 -29.12 23.48 -20.03
C TYR A 660 -30.47 23.93 -19.47
N GLU A 661 -30.47 24.35 -18.22
CA GLU A 661 -31.72 24.75 -17.58
C GLU A 661 -31.52 25.88 -16.60
N SER A 662 -32.48 26.79 -16.54
CA SER A 662 -32.48 27.88 -15.58
C SER A 662 -31.18 28.69 -15.57
N GLY A 663 -30.51 28.81 -16.71
CA GLY A 663 -29.27 29.56 -16.80
C GLY A 663 -28.04 28.73 -16.40
N TYR A 664 -28.26 27.49 -16.00
CA TYR A 664 -27.22 26.59 -15.55
C TYR A 664 -26.95 25.41 -16.41
N LEU A 665 -25.71 24.99 -16.36
CA LEU A 665 -25.31 23.77 -16.98
C LEU A 665 -25.38 22.77 -15.87
N SER A 666 -26.19 21.72 -16.04
CA SER A 666 -26.38 20.76 -14.99
C SER A 666 -26.44 19.32 -15.46
N ILE A 667 -26.12 18.43 -14.54
CA ILE A 667 -26.14 17.01 -14.79
C ILE A 667 -27.28 16.31 -14.08
N LEU A 668 -28.04 15.59 -14.83
CA LEU A 668 -29.17 14.85 -14.34
C LEU A 668 -28.73 13.45 -14.16
N GLU A 669 -28.79 12.98 -12.94
CA GLU A 669 -28.37 11.64 -12.64
C GLU A 669 -29.54 10.96 -11.99
N GLY A 670 -30.35 10.30 -12.79
CA GLY A 670 -31.60 9.79 -12.29
C GLY A 670 -32.46 10.97 -11.84
N SER A 671 -32.96 10.89 -10.61
CA SER A 671 -33.81 11.93 -10.05
C SER A 671 -33.07 13.14 -9.49
N TRP A 672 -31.75 13.05 -9.38
CA TRP A 672 -30.99 14.10 -8.76
C TRP A 672 -30.40 15.09 -9.75
N THR A 673 -30.37 16.37 -9.41
CA THR A 673 -29.77 17.36 -10.30
C THR A 673 -28.54 17.99 -9.71
N LEU A 674 -27.45 17.94 -10.45
CA LEU A 674 -26.19 18.53 -10.07
C LEU A 674 -25.87 19.76 -10.86
N ARG A 675 -25.86 20.91 -10.27
CA ARG A 675 -25.54 22.08 -11.07
C ARG A 675 -24.05 22.28 -11.12
N VAL A 676 -23.51 22.55 -12.31
CA VAL A 676 -22.09 22.76 -12.43
C VAL A 676 -21.81 24.24 -12.33
N GLU A 677 -22.36 25.02 -13.25
CA GLU A 677 -22.13 26.46 -13.22
C GLU A 677 -23.17 27.20 -14.05
N GLN A 678 -23.14 28.52 -14.04
CA GLN A 678 -24.02 29.33 -14.87
C GLN A 678 -23.41 29.57 -16.22
N ALA A 679 -24.20 29.54 -17.27
CA ALA A 679 -23.62 29.75 -18.60
C ALA A 679 -22.95 31.09 -18.71
N LYS A 680 -23.49 32.11 -18.09
CA LYS A 680 -22.94 33.44 -18.19
C LYS A 680 -21.60 33.60 -17.49
N LEU A 681 -21.25 32.68 -16.61
CA LEU A 681 -20.01 32.78 -15.87
C LEU A 681 -18.93 31.87 -16.42
N ILE A 682 -19.18 31.24 -17.56
CA ILE A 682 -18.18 30.39 -18.17
C ILE A 682 -17.67 31.16 -19.37
N PRO A 683 -16.41 31.64 -19.38
CA PRO A 683 -15.81 32.51 -20.39
C PRO A 683 -15.88 32.06 -21.84
N MET A 684 -15.96 30.76 -22.12
CA MET A 684 -16.03 30.31 -23.50
C MET A 684 -17.39 30.60 -24.10
N THR A 685 -18.37 30.79 -23.25
CA THR A 685 -19.71 31.02 -23.70
C THR A 685 -19.79 32.52 -23.82
N MET A 686 -20.28 33.01 -24.93
CA MET A 686 -20.30 34.45 -25.20
C MET A 686 -21.33 35.20 -24.37
N GLY A 687 -21.21 35.18 -23.05
CA GLY A 687 -22.11 35.86 -22.13
C GLY A 687 -23.42 35.10 -21.97
N GLY A 688 -23.47 33.92 -22.56
CA GLY A 688 -24.66 33.10 -22.60
C GLY A 688 -25.44 33.27 -23.93
N MET A 689 -24.92 34.01 -24.92
CA MET A 689 -25.65 34.23 -26.19
C MET A 689 -25.20 33.44 -27.41
N ALA A 690 -24.43 32.38 -27.20
CA ALA A 690 -23.92 31.54 -28.28
C ALA A 690 -24.22 30.08 -27.96
N PRO A 691 -25.42 29.58 -28.30
CA PRO A 691 -25.94 28.27 -27.99
C PRO A 691 -25.03 27.12 -28.34
N PHE A 692 -24.21 27.25 -29.37
CA PHE A 692 -23.35 26.14 -29.68
C PHE A 692 -22.16 26.06 -28.74
N MET A 693 -21.84 27.15 -28.03
CA MET A 693 -20.73 27.12 -27.12
C MET A 693 -21.22 26.46 -25.85
N ILE A 694 -22.52 26.62 -25.60
CA ILE A 694 -23.13 26.01 -24.43
C ILE A 694 -23.19 24.52 -24.70
N ALA A 695 -23.61 24.13 -25.89
CA ALA A 695 -23.69 22.72 -26.23
C ALA A 695 -22.33 22.03 -26.16
N ASN A 696 -21.25 22.71 -26.54
CA ASN A 696 -19.93 22.11 -26.45
C ASN A 696 -19.48 21.97 -25.02
N ALA A 697 -19.82 22.94 -24.18
CA ALA A 697 -19.49 22.84 -22.77
C ALA A 697 -20.24 21.69 -22.13
N LEU A 698 -21.49 21.45 -22.54
CA LEU A 698 -22.24 20.35 -21.96
C LEU A 698 -21.65 19.03 -22.33
N ALA A 699 -21.21 18.87 -23.58
CA ALA A 699 -20.61 17.63 -24.02
C ALA A 699 -19.32 17.30 -23.27
N ALA A 700 -18.47 18.32 -23.04
CA ALA A 700 -17.22 18.11 -22.32
C ALA A 700 -17.45 17.81 -20.85
N CYS A 701 -18.44 18.46 -20.23
CA CYS A 701 -18.74 18.21 -18.82
C CYS A 701 -19.30 16.83 -18.63
N LEU A 702 -20.15 16.40 -19.53
CA LEU A 702 -20.75 15.09 -19.41
C LEU A 702 -19.72 14.02 -19.63
N ALA A 703 -18.81 14.17 -20.60
CA ALA A 703 -17.79 13.17 -20.83
C ALA A 703 -16.86 13.02 -19.61
N ALA A 704 -16.49 14.13 -18.98
CA ALA A 704 -15.64 14.09 -17.80
C ALA A 704 -16.34 13.40 -16.63
N PHE A 705 -17.64 13.67 -16.47
CA PHE A 705 -18.45 13.12 -15.41
C PHE A 705 -18.62 11.61 -15.53
N VAL A 706 -18.97 11.13 -16.72
CA VAL A 706 -19.23 9.71 -16.88
C VAL A 706 -17.96 8.90 -16.78
N ASN A 707 -16.80 9.52 -17.00
CA ASN A 707 -15.55 8.84 -16.87
C ASN A 707 -14.97 8.96 -15.46
N GLY A 708 -15.77 9.42 -14.49
CA GLY A 708 -15.35 9.46 -13.11
C GLY A 708 -14.81 10.75 -12.49
N LEU A 709 -14.83 11.89 -13.16
CA LEU A 709 -14.32 13.07 -12.49
C LEU A 709 -15.38 13.68 -11.60
N ASP A 710 -14.93 14.28 -10.51
CA ASP A 710 -15.84 14.95 -9.59
C ASP A 710 -16.29 16.28 -10.15
N VAL A 711 -17.42 16.76 -9.68
CA VAL A 711 -18.02 17.99 -10.13
C VAL A 711 -17.18 19.20 -9.82
N GLU A 712 -16.54 19.20 -8.67
CA GLU A 712 -15.74 20.36 -8.31
C GLU A 712 -14.58 20.55 -9.30
N VAL A 713 -14.01 19.44 -9.78
CA VAL A 713 -12.93 19.49 -10.74
C VAL A 713 -13.45 20.04 -12.06
N ILE A 714 -14.64 19.59 -12.44
CA ILE A 714 -15.26 20.06 -13.66
C ILE A 714 -15.51 21.56 -13.58
N ARG A 715 -16.01 22.06 -12.43
CA ARG A 715 -16.24 23.50 -12.26
C ARG A 715 -14.98 24.30 -12.41
N GLN A 716 -13.90 23.84 -11.82
CA GLN A 716 -12.66 24.55 -11.94
C GLN A 716 -12.21 24.64 -13.37
N GLY A 717 -12.34 23.53 -14.10
CA GLY A 717 -11.95 23.48 -15.49
C GLY A 717 -12.80 24.36 -16.40
N VAL A 718 -14.12 24.43 -16.21
CA VAL A 718 -14.87 25.27 -17.13
C VAL A 718 -14.64 26.75 -16.87
N ARG A 719 -14.43 27.13 -15.61
CA ARG A 719 -14.17 28.51 -15.23
C ARG A 719 -12.84 29.08 -15.68
N THR A 720 -11.79 28.28 -15.72
CA THR A 720 -10.47 28.80 -16.05
C THR A 720 -10.02 28.57 -17.49
N PHE A 721 -10.87 27.98 -18.31
CA PHE A 721 -10.55 27.69 -19.69
C PHE A 721 -10.58 28.91 -20.58
N THR A 722 -9.56 29.10 -21.41
CA THR A 722 -9.59 30.25 -22.31
C THR A 722 -9.20 29.98 -23.77
N THR A 723 -9.71 30.89 -24.59
CA THR A 723 -9.48 31.13 -26.02
C THR A 723 -9.52 32.64 -26.13
N SER A 724 -8.63 33.32 -25.45
CA SER A 724 -8.71 34.77 -25.33
C SER A 724 -8.33 35.57 -26.59
N ALA A 725 -8.85 36.80 -26.69
CA ALA A 725 -8.38 37.61 -27.79
C ALA A 725 -6.90 37.81 -27.57
N GLU A 726 -6.14 37.73 -28.64
CA GLU A 726 -4.66 37.84 -28.66
C GLU A 726 -3.96 36.63 -28.02
N GLN A 727 -4.74 35.57 -27.73
CA GLN A 727 -4.22 34.26 -27.30
C GLN A 727 -4.51 33.33 -28.44
N THR A 728 -5.76 33.37 -28.89
CA THR A 728 -6.22 32.62 -30.03
C THR A 728 -7.01 33.60 -30.90
N PRO A 729 -6.37 34.68 -31.41
CA PRO A 729 -7.03 35.74 -32.11
C PRO A 729 -7.53 35.16 -33.40
N GLY A 730 -8.63 35.66 -33.89
CA GLY A 730 -9.14 35.20 -35.16
C GLY A 730 -10.37 34.33 -35.01
N ARG A 731 -10.63 33.83 -33.80
CA ARG A 731 -11.84 33.03 -33.59
C ARG A 731 -12.79 33.61 -32.52
N MET A 732 -13.87 34.27 -32.93
CA MET A 732 -14.88 34.83 -32.02
C MET A 732 -14.36 35.72 -30.88
N ASN A 733 -13.78 36.85 -31.20
CA ASN A 733 -13.23 37.67 -30.13
C ASN A 733 -14.30 38.66 -29.67
N LEU A 734 -14.90 38.41 -28.49
CA LEU A 734 -16.04 39.24 -28.03
C LEU A 734 -15.65 40.41 -27.14
N PHE A 735 -16.17 41.58 -27.48
CA PHE A 735 -15.90 42.77 -26.74
C PHE A 735 -17.12 43.26 -25.97
N ASN A 736 -16.99 43.25 -24.65
CA ASN A 736 -18.01 43.73 -23.71
C ASN A 736 -17.52 45.07 -23.27
N LEU A 737 -18.23 46.12 -23.62
CA LEU A 737 -17.76 47.47 -23.36
C LEU A 737 -18.77 48.17 -22.46
N GLY A 738 -19.33 47.42 -21.52
CA GLY A 738 -20.37 47.96 -20.67
C GLY A 738 -21.59 47.66 -21.49
N GLN A 739 -22.65 48.43 -21.43
CA GLN A 739 -23.78 48.01 -22.24
C GLN A 739 -23.67 48.55 -23.68
N HIS A 740 -22.61 48.08 -24.32
CA HIS A 740 -22.15 48.28 -25.68
C HIS A 740 -21.44 46.97 -26.08
N HIS A 741 -21.64 46.49 -27.30
CA HIS A 741 -21.02 45.22 -27.67
C HIS A 741 -20.44 45.20 -29.07
N ALA A 742 -19.39 44.43 -29.25
CA ALA A 742 -18.87 44.18 -30.59
C ALA A 742 -18.27 42.79 -30.67
N LEU A 743 -18.43 42.11 -31.78
CA LEU A 743 -17.82 40.78 -31.89
C LEU A 743 -17.05 40.66 -33.18
N VAL A 744 -15.74 40.39 -33.03
CA VAL A 744 -14.84 40.36 -34.16
C VAL A 744 -14.48 38.95 -34.55
N ASP A 745 -14.76 38.62 -35.78
CA ASP A 745 -14.50 37.29 -36.29
C ASP A 745 -14.18 37.44 -37.76
N TYR A 746 -13.89 36.37 -38.45
CA TYR A 746 -13.58 36.54 -39.87
C TYR A 746 -14.66 35.92 -40.74
N ALA A 747 -15.00 36.59 -41.83
CA ALA A 747 -15.96 36.00 -42.71
C ALA A 747 -15.60 36.22 -44.15
N HIS A 748 -16.01 35.25 -44.95
CA HIS A 748 -15.82 35.21 -46.37
C HIS A 748 -17.15 34.83 -47.00
N ASN A 749 -17.54 33.57 -46.81
CA ASN A 749 -18.80 33.05 -47.31
C ASN A 749 -19.84 33.16 -46.15
N PRO A 750 -21.14 32.80 -46.38
CA PRO A 750 -22.26 32.83 -45.42
C PRO A 750 -21.98 32.17 -44.08
N ALA A 751 -21.13 31.14 -44.03
CA ALA A 751 -20.87 30.48 -42.76
C ALA A 751 -20.16 31.41 -41.78
N GLY A 752 -19.29 32.27 -42.32
CA GLY A 752 -18.52 33.16 -41.46
C GLY A 752 -19.40 34.28 -40.99
N TYR A 753 -20.38 34.64 -41.80
CA TYR A 753 -21.22 35.74 -41.38
C TYR A 753 -22.17 35.23 -40.29
N ARG A 754 -22.63 33.99 -40.49
CA ARG A 754 -23.52 33.26 -39.59
C ARG A 754 -22.88 33.14 -38.22
N ALA A 755 -21.55 32.99 -38.21
CA ALA A 755 -20.83 32.82 -36.98
C ALA A 755 -21.14 33.93 -35.98
N VAL A 756 -21.38 35.15 -36.43
CA VAL A 756 -21.70 36.16 -35.44
C VAL A 756 -23.18 36.52 -35.55
N GLY A 757 -23.82 36.13 -36.66
CA GLY A 757 -25.25 36.33 -36.85
C GLY A 757 -26.01 35.66 -35.71
N ASP A 758 -25.45 34.56 -35.18
CA ASP A 758 -26.04 33.86 -34.03
C ASP A 758 -26.14 34.72 -32.75
N PHE A 759 -25.17 35.61 -32.51
CA PHE A 759 -25.19 36.45 -31.32
C PHE A 759 -26.27 37.49 -31.53
N VAL A 760 -26.35 37.97 -32.78
CA VAL A 760 -27.29 39.05 -33.12
C VAL A 760 -28.70 38.58 -32.87
N LYS A 761 -29.02 37.37 -33.32
CA LYS A 761 -30.33 36.81 -33.11
C LYS A 761 -30.67 36.70 -31.61
N ASN A 762 -29.65 36.38 -30.79
CA ASN A 762 -29.84 36.24 -29.37
C ASN A 762 -29.47 37.47 -28.52
N TRP A 763 -29.20 38.64 -29.12
CA TRP A 763 -28.80 39.76 -28.28
C TRP A 763 -29.94 40.53 -27.62
N GLN A 764 -29.82 40.62 -26.31
CA GLN A 764 -30.79 41.21 -25.43
C GLN A 764 -30.61 42.71 -25.35
N GLY A 765 -30.95 43.38 -26.44
CA GLY A 765 -30.70 44.81 -26.50
C GLY A 765 -31.51 45.60 -27.49
N GLN A 766 -30.95 46.73 -27.90
CA GLN A 766 -31.64 47.72 -28.70
C GLN A 766 -31.23 47.89 -30.16
N ARG A 767 -29.94 47.70 -30.49
CA ARG A 767 -29.49 47.99 -31.87
C ARG A 767 -28.60 46.87 -32.41
N PHE A 768 -28.73 46.55 -33.69
CA PHE A 768 -27.91 45.48 -34.27
C PHE A 768 -27.16 45.94 -35.51
N GLY A 769 -25.87 46.16 -35.39
CA GLY A 769 -25.10 46.62 -36.52
C GLY A 769 -24.03 45.69 -37.00
N VAL A 770 -23.35 46.14 -38.04
CA VAL A 770 -22.29 45.38 -38.67
C VAL A 770 -21.25 46.26 -39.38
N VAL A 771 -20.02 45.80 -39.35
CA VAL A 771 -18.88 46.37 -40.04
C VAL A 771 -18.49 45.49 -41.21
N GLY A 772 -18.91 45.97 -42.39
CA GLY A 772 -18.70 45.34 -43.69
C GLY A 772 -19.14 43.90 -43.79
N GLY A 773 -18.21 43.09 -44.30
CA GLY A 773 -18.41 41.67 -44.43
C GLY A 773 -17.36 40.98 -45.28
N PRO A 774 -17.54 40.93 -46.61
CA PRO A 774 -16.64 40.33 -47.57
C PRO A 774 -15.49 41.24 -47.92
N GLY A 775 -14.39 40.63 -48.35
CA GLY A 775 -13.28 41.35 -48.91
C GLY A 775 -13.30 41.10 -50.41
N ASP A 776 -12.16 41.21 -51.06
CA ASP A 776 -12.10 41.03 -52.52
C ASP A 776 -11.91 39.57 -52.91
N ARG A 777 -11.98 38.71 -51.90
CA ARG A 777 -11.87 37.29 -52.06
C ARG A 777 -13.18 36.66 -52.56
N ARG A 778 -14.27 37.44 -52.60
CA ARG A 778 -15.54 36.90 -53.11
C ARG A 778 -15.83 37.26 -54.57
N ASP A 779 -16.66 36.40 -55.18
CA ASP A 779 -17.19 36.53 -56.53
C ASP A 779 -18.32 37.54 -56.43
N SER A 780 -19.01 37.86 -57.52
CA SER A 780 -20.02 38.91 -57.45
C SER A 780 -21.34 38.48 -56.81
N ASP A 781 -21.27 38.19 -55.50
CA ASP A 781 -22.36 37.78 -54.64
C ASP A 781 -22.50 38.83 -53.57
N LEU A 782 -21.87 39.98 -53.85
CA LEU A 782 -21.82 41.11 -52.96
C LEU A 782 -23.21 41.68 -52.78
N ILE A 783 -24.02 41.68 -53.83
CA ILE A 783 -25.35 42.19 -53.68
C ILE A 783 -26.10 41.26 -52.74
N GLU A 784 -25.95 39.95 -52.92
CA GLU A 784 -26.63 38.98 -52.07
C GLU A 784 -26.16 39.10 -50.61
N LEU A 785 -24.87 39.33 -50.38
CA LEU A 785 -24.37 39.47 -49.02
C LEU A 785 -24.93 40.74 -48.42
N GLY A 786 -25.05 41.79 -49.25
CA GLY A 786 -25.64 43.03 -48.82
C GLY A 786 -27.11 42.81 -48.43
N GLN A 787 -27.83 42.00 -49.23
CA GLN A 787 -29.24 41.70 -48.93
C GLN A 787 -29.34 40.94 -47.61
N ILE A 788 -28.39 40.03 -47.36
CA ILE A 788 -28.41 39.30 -46.11
C ILE A 788 -28.19 40.25 -44.97
N ALA A 789 -27.22 41.17 -45.07
CA ALA A 789 -27.00 42.10 -43.96
C ALA A 789 -28.24 42.93 -43.70
N ALA A 790 -28.93 43.35 -44.76
CA ALA A 790 -30.14 44.17 -44.62
C ALA A 790 -31.22 43.48 -43.80
N GLN A 791 -31.30 42.17 -43.94
CA GLN A 791 -32.32 41.37 -43.28
C GLN A 791 -31.94 40.97 -41.84
N VAL A 792 -30.71 41.31 -41.43
CA VAL A 792 -30.18 40.95 -40.11
C VAL A 792 -29.96 42.17 -39.23
N PHE A 793 -29.39 43.22 -39.80
CA PHE A 793 -28.95 44.39 -39.05
C PHE A 793 -29.72 45.69 -39.34
N ASP A 794 -29.76 46.59 -38.35
CA ASP A 794 -30.32 47.91 -38.55
C ASP A 794 -29.28 49.03 -38.35
N ARG A 795 -28.00 48.67 -38.25
CA ARG A 795 -26.91 49.64 -38.17
C ARG A 795 -25.70 49.12 -39.01
N ILE A 796 -25.84 49.20 -40.34
CA ILE A 796 -24.90 48.60 -41.28
C ILE A 796 -23.94 49.62 -41.86
N ILE A 797 -22.65 49.48 -41.59
CA ILE A 797 -21.72 50.47 -42.06
C ILE A 797 -20.76 49.81 -43.05
N VAL A 798 -20.57 50.47 -44.19
CA VAL A 798 -19.75 49.96 -45.28
C VAL A 798 -18.25 50.38 -45.27
N LYS A 799 -17.39 49.36 -45.40
CA LYS A 799 -15.94 49.46 -45.42
C LYS A 799 -15.29 48.76 -46.59
N GLU A 800 -16.05 48.37 -47.59
CA GLU A 800 -15.51 47.55 -48.66
C GLU A 800 -14.66 48.23 -49.73
N ASP A 801 -13.46 48.58 -49.26
CA ASP A 801 -12.30 49.15 -49.94
C ASP A 801 -11.13 48.74 -49.05
N ASP A 802 -10.67 47.50 -49.18
CA ASP A 802 -9.69 46.96 -48.24
C ASP A 802 -8.25 47.23 -48.69
N ASP A 803 -7.26 46.70 -47.94
CA ASP A 803 -5.86 46.90 -48.28
C ASP A 803 -5.42 46.05 -49.47
N LYS A 804 -6.02 44.86 -49.60
CA LYS A 804 -5.66 43.93 -50.65
C LYS A 804 -6.00 44.46 -52.04
N ARG A 805 -7.16 45.10 -52.18
CA ARG A 805 -7.61 45.71 -53.44
C ARG A 805 -7.57 44.77 -54.64
N GLY A 806 -8.16 43.60 -54.49
CA GLY A 806 -8.23 42.60 -55.55
C GLY A 806 -9.28 43.00 -56.57
N ARG A 807 -10.12 43.96 -56.19
CA ARG A 807 -11.17 44.49 -57.03
C ARG A 807 -11.12 46.00 -57.12
N SER A 808 -10.11 46.58 -57.76
CA SER A 808 -9.99 48.04 -57.87
C SER A 808 -9.99 48.76 -56.50
N GLU A 809 -11.02 49.58 -56.21
CA GLU A 809 -11.09 50.33 -54.96
C GLU A 809 -12.43 50.10 -54.25
N GLY A 810 -13.38 51.04 -54.44
CA GLY A 810 -14.67 51.00 -53.75
C GLY A 810 -15.80 50.24 -54.47
N GLU A 811 -15.51 49.61 -55.61
CA GLU A 811 -16.53 48.89 -56.37
C GLU A 811 -17.16 47.74 -55.54
N THR A 812 -16.37 47.12 -54.66
CA THR A 812 -16.88 46.03 -53.84
C THR A 812 -18.00 46.59 -52.96
N ALA A 813 -17.73 47.75 -52.33
CA ALA A 813 -18.71 48.45 -51.54
C ALA A 813 -19.90 48.85 -52.36
N ASP A 814 -19.68 49.24 -53.60
CA ASP A 814 -20.82 49.69 -54.40
C ASP A 814 -21.85 48.56 -54.57
N LEU A 815 -21.39 47.30 -54.70
CA LEU A 815 -22.36 46.22 -54.83
C LEU A 815 -23.02 45.93 -53.49
N ILE A 816 -22.26 46.08 -52.40
CA ILE A 816 -22.84 45.87 -51.09
C ILE A 816 -23.91 46.93 -50.86
N VAL A 817 -23.64 48.18 -51.23
CA VAL A 817 -24.58 49.28 -51.05
C VAL A 817 -25.86 49.00 -51.81
N LYS A 818 -25.77 48.51 -53.04
CA LYS A 818 -27.01 48.21 -53.74
C LYS A 818 -27.83 47.14 -53.01
N GLY A 819 -27.18 46.06 -52.52
CA GLY A 819 -27.89 44.98 -51.82
C GLY A 819 -28.50 45.39 -50.47
N ILE A 820 -27.78 46.22 -49.73
CA ILE A 820 -28.25 46.60 -48.41
C ILE A 820 -29.41 47.59 -48.52
N LEU A 821 -29.36 48.48 -49.51
CA LEU A 821 -30.44 49.43 -49.71
C LEU A 821 -31.63 48.75 -50.36
N GLN A 822 -31.38 47.75 -51.20
CA GLN A 822 -32.46 47.04 -51.85
C GLN A 822 -33.42 46.39 -50.86
N GLU A 823 -32.88 45.72 -49.84
CA GLU A 823 -33.76 45.06 -48.86
C GLU A 823 -34.15 45.90 -47.62
N ASN A 824 -33.29 46.80 -47.13
CA ASN A 824 -33.65 47.56 -45.93
C ASN A 824 -33.02 48.94 -45.91
N PRO A 825 -33.51 49.92 -46.70
CA PRO A 825 -32.93 51.24 -46.89
C PRO A 825 -33.23 52.17 -45.72
N GLY A 826 -32.74 51.80 -44.54
CA GLY A 826 -32.95 52.56 -43.32
C GLY A 826 -32.22 51.93 -42.13
N ALA A 827 -30.91 51.65 -42.33
CA ALA A 827 -30.07 51.01 -41.31
C ALA A 827 -28.80 51.80 -41.03
N SER A 828 -28.92 53.13 -40.93
CA SER A 828 -27.73 53.97 -40.67
C SER A 828 -26.60 53.62 -41.61
N TYR A 829 -26.88 53.68 -42.90
CA TYR A 829 -25.90 53.27 -43.88
C TYR A 829 -24.84 54.29 -44.14
N GLU A 830 -23.95 54.40 -43.19
CA GLU A 830 -22.86 55.32 -43.34
C GLU A 830 -21.85 54.57 -44.19
N VAL A 831 -21.07 55.29 -44.98
CA VAL A 831 -20.04 54.65 -45.75
C VAL A 831 -18.71 55.30 -45.41
N ILE A 832 -17.77 54.49 -44.94
CA ILE A 832 -16.47 54.99 -44.53
C ILE A 832 -15.34 54.54 -45.46
N LEU A 833 -15.34 53.26 -45.83
CA LEU A 833 -14.26 52.68 -46.65
C LEU A 833 -12.87 52.80 -46.04
N ASP A 834 -12.79 52.60 -44.71
CA ASP A 834 -11.52 52.62 -43.99
C ASP A 834 -11.57 51.77 -42.71
N GLU A 835 -11.04 50.55 -42.80
CA GLU A 835 -11.08 49.58 -41.70
C GLU A 835 -9.88 49.67 -40.74
N THR A 836 -8.93 50.57 -41.04
CA THR A 836 -7.69 50.66 -40.25
C THR A 836 -7.74 51.75 -39.20
N ILE A 837 -8.33 52.91 -39.52
CA ILE A 837 -8.42 53.97 -38.52
C ILE A 837 -9.80 54.56 -38.31
N ALA A 838 -10.85 53.97 -38.88
CA ALA A 838 -12.15 54.60 -38.78
C ALA A 838 -13.31 53.66 -38.50
N LEU A 839 -13.65 52.73 -39.38
CA LEU A 839 -14.87 51.99 -39.04
C LEU A 839 -14.73 51.05 -37.85
N ASN A 840 -13.54 50.60 -37.55
CA ASN A 840 -13.40 49.75 -36.38
C ASN A 840 -13.08 50.65 -35.17
N LYS A 841 -13.21 51.98 -35.32
CA LYS A 841 -13.00 52.94 -34.25
C LYS A 841 -14.34 53.64 -33.92
N ALA A 842 -15.10 53.98 -34.97
CA ALA A 842 -16.34 54.74 -34.90
C ALA A 842 -17.54 53.89 -34.49
N LEU A 843 -17.48 53.39 -33.27
CA LEU A 843 -18.52 52.53 -32.72
C LEU A 843 -19.46 53.34 -31.83
N ASP A 844 -19.17 54.63 -31.71
CA ASP A 844 -19.93 55.56 -30.88
C ASP A 844 -21.10 56.15 -31.66
N GLN A 845 -21.29 55.63 -32.86
CA GLN A 845 -22.36 56.01 -33.75
C GLN A 845 -23.56 55.11 -33.49
N VAL A 846 -23.37 54.11 -32.63
CA VAL A 846 -24.42 53.14 -32.31
C VAL A 846 -24.84 53.33 -30.84
N GLU A 847 -26.15 53.40 -30.64
CA GLU A 847 -26.76 53.67 -29.34
C GLU A 847 -26.56 52.58 -28.30
N GLU A 848 -27.10 52.82 -27.10
CA GLU A 848 -26.95 51.94 -25.93
C GLU A 848 -27.55 50.56 -26.17
N LYS A 849 -26.83 49.53 -25.68
CA LYS A 849 -27.14 48.12 -25.87
C LYS A 849 -27.19 47.79 -27.34
N GLY A 850 -26.25 48.38 -28.08
CA GLY A 850 -26.12 48.10 -29.46
C GLY A 850 -24.96 47.15 -29.64
N LEU A 851 -25.12 46.23 -30.56
CA LEU A 851 -24.13 45.23 -30.91
C LEU A 851 -23.62 45.45 -32.28
N VAL A 852 -22.31 45.51 -32.45
CA VAL A 852 -21.78 45.64 -33.80
C VAL A 852 -20.95 44.44 -34.19
N VAL A 853 -21.38 43.82 -35.27
CA VAL A 853 -20.72 42.65 -35.80
C VAL A 853 -19.56 43.01 -36.69
N VAL A 854 -18.38 42.49 -36.42
CA VAL A 854 -17.24 42.92 -37.20
C VAL A 854 -16.56 41.81 -37.98
N PHE A 855 -16.45 42.00 -39.30
CA PHE A 855 -15.76 41.04 -40.15
C PHE A 855 -14.70 41.75 -41.00
N PRO A 856 -13.54 42.08 -40.40
CA PRO A 856 -12.45 42.89 -40.92
C PRO A 856 -11.70 42.01 -41.88
N GLU A 857 -10.92 42.57 -42.78
CA GLU A 857 -10.08 41.65 -43.54
C GLU A 857 -9.02 41.09 -42.56
N SER A 858 -8.59 41.90 -41.60
CA SER A 858 -7.63 41.50 -40.59
C SER A 858 -8.18 41.59 -39.17
N VAL A 859 -8.33 40.42 -38.55
CA VAL A 859 -8.88 40.34 -37.20
C VAL A 859 -7.96 40.90 -36.18
N THR A 860 -6.67 40.56 -36.25
CA THR A 860 -5.70 41.03 -35.29
C THR A 860 -5.74 42.54 -35.24
N ARG A 861 -5.82 43.19 -36.41
CA ARG A 861 -5.92 44.63 -36.40
C ARG A 861 -7.24 45.15 -35.81
N ALA A 862 -8.39 44.57 -36.21
CA ALA A 862 -9.67 45.07 -35.69
C ALA A 862 -9.78 44.90 -34.20
N ILE A 863 -9.26 43.81 -33.65
CA ILE A 863 -9.39 43.61 -32.22
C ILE A 863 -8.61 44.65 -31.43
N ASP A 864 -7.67 45.34 -32.08
CA ASP A 864 -6.90 46.37 -31.45
C ASP A 864 -7.62 47.72 -31.60
N LEU A 865 -8.15 48.02 -32.79
CA LEU A 865 -8.78 49.35 -32.97
C LEU A 865 -10.05 49.51 -32.10
N ILE A 866 -10.78 48.41 -31.87
CA ILE A 866 -12.02 48.42 -31.07
C ILE A 866 -11.75 48.91 -29.64
N LYS A 867 -10.48 48.85 -29.19
CA LYS A 867 -10.05 49.25 -27.84
C LYS A 867 -10.37 50.72 -27.53
N VAL A 868 -10.63 51.51 -28.56
CA VAL A 868 -10.95 52.93 -28.41
C VAL A 868 -12.19 53.15 -27.53
N ARG A 869 -13.06 52.13 -27.44
CA ARG A 869 -14.27 52.23 -26.66
C ARG A 869 -14.16 51.58 -25.26
N ASN A 870 -12.94 51.21 -24.86
CA ASN A 870 -12.62 50.62 -23.56
C ASN A 870 -13.32 49.28 -23.19
N PRO A 871 -13.13 48.20 -23.99
CA PRO A 871 -13.66 46.86 -23.79
C PRO A 871 -12.95 46.13 -22.67
N ILE A 872 -13.63 45.13 -22.12
CA ILE A 872 -13.08 44.23 -21.14
C ILE A 872 -12.14 43.23 -21.77
N MET B 1 66.57 -11.90 9.92
CA MET B 1 65.16 -11.83 10.23
C MET B 1 64.34 -12.66 9.26
N LYS B 2 63.60 -13.62 9.78
CA LYS B 2 62.76 -14.45 8.92
C LYS B 2 61.28 -14.23 9.15
N ILE B 3 60.49 -14.26 8.09
CA ILE B 3 59.04 -14.16 8.28
C ILE B 3 58.48 -15.55 8.23
N LEU B 4 57.82 -15.94 9.32
CA LEU B 4 57.32 -17.28 9.47
C LEU B 4 55.91 -17.43 8.94
N LYS B 5 55.11 -16.40 9.18
CA LYS B 5 53.71 -16.44 8.77
C LYS B 5 53.12 -15.06 8.54
N THR B 6 52.24 -14.92 7.55
CA THR B 6 51.56 -13.64 7.34
C THR B 6 50.04 -13.80 7.26
N LEU B 7 49.31 -12.97 8.00
CA LEU B 7 47.86 -12.94 7.93
C LEU B 7 47.36 -11.63 7.39
N THR B 8 46.31 -11.67 6.58
CA THR B 8 45.70 -10.44 6.10
C THR B 8 44.31 -10.36 6.70
N LEU B 9 44.03 -9.30 7.42
CA LEU B 9 42.74 -9.19 8.07
C LEU B 9 41.89 -8.21 7.31
N ARG B 10 40.64 -8.57 7.11
CA ARG B 10 39.68 -7.75 6.42
C ARG B 10 38.36 -7.63 7.14
N GLY B 11 38.31 -6.84 8.18
CA GLY B 11 37.11 -6.71 8.97
C GLY B 11 37.50 -6.56 10.41
N PRO B 12 36.56 -6.26 11.33
CA PRO B 12 36.78 -6.07 12.74
C PRO B 12 37.49 -7.26 13.26
N ASN B 13 38.44 -7.02 14.12
CA ASN B 13 39.30 -8.07 14.60
C ASN B 13 39.82 -7.81 15.99
N TYR B 14 40.65 -8.72 16.43
CA TYR B 14 41.30 -8.70 17.72
C TYR B 14 42.11 -7.45 17.98
N TRP B 15 42.85 -6.95 16.99
CA TRP B 15 43.74 -5.82 17.18
C TRP B 15 42.99 -4.51 17.19
N SER B 16 41.97 -4.42 16.37
CA SER B 16 41.15 -3.23 16.28
C SER B 16 39.78 -3.47 15.66
N ILE B 17 38.78 -2.77 16.15
CA ILE B 17 37.45 -2.87 15.54
C ILE B 17 37.38 -1.98 14.30
N ARG B 18 37.88 -0.77 14.42
CA ARG B 18 37.88 0.20 13.34
C ARG B 18 38.95 -0.04 12.28
N ARG B 19 40.11 -0.54 12.68
CA ARG B 19 41.15 -0.73 11.69
C ARG B 19 40.96 -2.10 11.09
N LYS B 20 40.11 -2.11 10.09
CA LYS B 20 39.67 -3.30 9.40
C LYS B 20 40.75 -3.92 8.54
N LYS B 21 41.59 -3.08 7.94
CA LYS B 21 42.64 -3.52 7.02
C LYS B 21 44.02 -3.60 7.62
N LEU B 22 44.39 -4.79 8.09
CA LEU B 22 45.66 -4.98 8.77
C LEU B 22 46.44 -6.17 8.29
N ILE B 23 47.75 -6.08 8.33
CA ILE B 23 48.63 -7.21 8.08
C ILE B 23 49.37 -7.57 9.31
N VAL B 24 49.29 -8.84 9.66
CA VAL B 24 49.96 -9.32 10.85
C VAL B 24 51.07 -10.24 10.40
N MET B 25 52.27 -9.84 10.69
CA MET B 25 53.44 -10.56 10.26
C MET B 25 54.13 -11.19 11.47
N ARG B 26 54.35 -12.49 11.41
CA ARG B 26 55.01 -13.22 12.48
C ARG B 26 56.48 -13.31 12.12
N LEU B 27 57.27 -12.48 12.79
CA LEU B 27 58.67 -12.24 12.47
C LEU B 27 59.62 -12.83 13.50
N ASP B 28 60.56 -13.64 13.03
CA ASP B 28 61.56 -14.32 13.83
C ASP B 28 62.91 -13.60 13.89
N LEU B 29 63.18 -12.91 14.99
CA LEU B 29 64.41 -12.13 15.11
C LEU B 29 65.53 -13.04 15.62
N GLU B 30 66.09 -13.84 14.72
CA GLU B 30 67.13 -14.83 15.10
C GLU B 30 68.34 -14.11 15.67
N ASP B 31 68.66 -13.00 15.06
CA ASP B 31 69.68 -12.03 15.42
C ASP B 31 68.87 -10.87 15.91
N LEU B 32 69.49 -9.80 16.34
CA LEU B 32 68.79 -8.55 16.65
C LEU B 32 67.89 -8.55 17.91
N ALA B 33 67.31 -9.67 18.26
CA ALA B 33 66.50 -9.86 19.47
C ALA B 33 67.33 -9.60 20.71
N GLU B 34 68.63 -9.75 20.55
CA GLU B 34 69.62 -9.55 21.57
C GLU B 34 70.40 -8.22 21.39
N ARG B 35 70.01 -7.39 20.40
CA ARG B 35 70.75 -6.17 20.07
C ARG B 35 69.86 -4.90 19.94
N PRO B 36 69.49 -4.24 21.03
CA PRO B 36 68.57 -3.12 21.09
C PRO B 36 69.17 -1.79 20.63
N SER B 37 69.39 -1.65 19.32
CA SER B 37 69.91 -0.45 18.62
C SER B 37 71.37 -0.10 18.87
N ASN B 38 71.71 0.08 20.13
CA ASN B 38 73.04 0.55 20.50
C ASN B 38 74.09 -0.53 20.42
N SER B 39 73.63 -1.73 20.16
CA SER B 39 74.47 -2.89 19.98
C SER B 39 74.69 -3.13 18.48
N ILE B 40 74.15 -2.23 17.65
CA ILE B 40 74.27 -2.31 16.22
C ILE B 40 74.86 -1.00 15.69
N PRO B 41 76.18 -0.83 15.64
CA PRO B 41 76.81 0.40 15.21
C PRO B 41 76.33 0.72 13.81
N GLY B 42 76.00 1.98 13.57
CA GLY B 42 75.54 2.42 12.26
C GLY B 42 74.02 2.41 12.13
N PHE B 43 73.30 1.77 13.07
CA PHE B 43 71.85 1.72 12.94
C PHE B 43 71.14 2.90 13.56
N TYR B 44 71.40 4.03 12.99
CA TYR B 44 70.75 5.27 13.30
C TYR B 44 70.98 6.12 12.11
N GLU B 45 72.26 6.30 11.78
CA GLU B 45 72.60 7.10 10.63
C GLU B 45 72.13 6.42 9.35
N GLY B 46 72.32 5.11 9.23
CA GLY B 46 71.85 4.43 8.04
C GLY B 46 70.33 4.50 7.97
N LEU B 47 69.66 4.37 9.10
CA LEU B 47 68.21 4.38 9.07
C LEU B 47 67.66 5.75 8.67
N ILE B 48 68.20 6.81 9.25
CA ILE B 48 67.71 8.15 8.99
C ILE B 48 68.09 8.65 7.61
N LYS B 49 69.23 8.26 7.06
CA LYS B 49 69.56 8.76 5.72
C LYS B 49 68.81 8.00 4.64
N VAL B 50 68.51 6.72 4.85
CA VAL B 50 67.78 5.95 3.85
C VAL B 50 66.31 6.40 3.86
N LEU B 51 65.73 6.54 5.05
CA LEU B 51 64.34 6.93 5.18
C LEU B 51 64.17 8.15 6.08
N PRO B 52 64.56 9.36 5.66
CA PRO B 52 64.55 10.58 6.45
C PRO B 52 63.17 11.00 6.91
N SER B 53 62.15 10.49 6.25
CA SER B 53 60.78 10.79 6.55
C SER B 53 60.29 10.19 7.86
N LEU B 54 61.11 9.33 8.48
CA LEU B 54 60.78 8.68 9.74
C LEU B 54 60.68 9.68 10.87
N VAL B 55 61.12 10.91 10.62
CA VAL B 55 61.03 11.98 11.60
C VAL B 55 59.58 12.39 11.82
N GLU B 56 58.66 11.93 10.98
CA GLU B 56 57.25 12.25 11.13
C GLU B 56 56.48 11.22 11.99
N HIS B 57 57.17 10.21 12.50
CA HIS B 57 56.55 9.17 13.30
C HIS B 57 56.68 9.47 14.78
N PHE B 58 55.56 9.42 15.50
CA PHE B 58 55.57 9.74 16.93
C PHE B 58 55.96 8.55 17.79
N CYS B 59 55.27 7.42 17.70
CA CYS B 59 55.50 6.26 18.60
C CYS B 59 54.98 6.69 19.95
N SER B 60 55.30 5.99 21.03
CA SER B 60 54.67 6.36 22.32
C SER B 60 55.22 7.62 22.96
N PRO B 61 56.43 8.12 22.62
CA PRO B 61 56.89 9.41 23.08
C PRO B 61 55.92 10.23 22.23
N GLY B 62 54.74 10.54 22.73
CA GLY B 62 53.68 11.14 21.90
C GLY B 62 53.98 12.56 21.48
N TYR B 63 55.04 12.75 20.73
CA TYR B 63 55.43 14.06 20.25
C TYR B 63 56.14 13.85 18.92
N GLN B 64 56.33 14.93 18.17
CA GLN B 64 56.91 14.84 16.84
C GLN B 64 58.26 14.17 16.72
N GLY B 65 59.08 14.23 17.73
CA GLY B 65 60.40 13.61 17.66
C GLY B 65 60.46 12.23 18.32
N GLY B 66 59.31 11.65 18.66
CA GLY B 66 59.29 10.39 19.40
C GLY B 66 60.01 9.22 18.72
N PHE B 67 59.58 8.84 17.52
CA PHE B 67 60.44 7.81 16.90
C PHE B 67 61.68 8.66 16.63
N LEU B 68 62.88 8.09 16.66
CA LEU B 68 64.12 8.84 16.36
C LEU B 68 64.57 9.49 17.67
N GLU B 69 63.81 9.28 18.75
CA GLU B 69 64.23 9.72 20.10
C GLU B 69 64.20 8.45 20.91
N ARG B 70 63.41 7.48 20.48
CA ARG B 70 63.35 6.17 21.16
C ARG B 70 64.22 5.20 20.35
N VAL B 71 64.96 5.73 19.39
CA VAL B 71 65.75 4.85 18.50
C VAL B 71 67.18 4.91 19.00
N LYS B 72 67.52 5.99 19.72
CA LYS B 72 68.84 6.08 20.40
C LYS B 72 68.70 5.21 21.64
N GLU B 73 67.82 5.59 22.56
CA GLU B 73 67.52 4.66 23.68
C GLU B 73 67.23 3.36 22.95
N GLY B 74 67.73 2.23 23.43
CA GLY B 74 67.68 0.99 22.69
C GLY B 74 66.28 0.46 22.34
N THR B 75 66.11 0.05 21.08
CA THR B 75 64.91 -0.53 20.50
C THR B 75 65.20 -1.84 19.77
N TYR B 76 64.36 -2.85 19.97
CA TYR B 76 64.53 -4.12 19.26
C TYR B 76 63.93 -4.02 17.88
N MET B 77 64.48 -4.77 16.94
CA MET B 77 64.10 -4.65 15.54
C MET B 77 62.67 -4.92 15.15
N GLY B 78 62.05 -5.93 15.77
CA GLY B 78 60.67 -6.30 15.42
C GLY B 78 59.73 -5.11 15.57
N HIS B 79 60.23 -4.03 16.18
CA HIS B 79 59.39 -2.82 16.41
C HIS B 79 59.71 -1.79 15.31
N ILE B 80 60.94 -1.82 14.78
CA ILE B 80 61.36 -0.83 13.75
C ILE B 80 60.72 -1.19 12.40
N VAL B 81 60.76 -2.47 12.01
CA VAL B 81 60.23 -2.88 10.71
C VAL B 81 58.79 -2.40 10.58
N GLN B 82 58.11 -2.18 11.71
CA GLN B 82 56.71 -1.68 11.71
C GLN B 82 56.64 -0.17 11.36
N HIS B 83 57.74 0.53 11.46
CA HIS B 83 57.66 1.96 11.17
C HIS B 83 58.22 2.11 9.76
N VAL B 84 59.00 1.14 9.27
CA VAL B 84 59.49 1.14 7.93
C VAL B 84 58.38 0.69 7.00
N ALA B 85 57.64 -0.37 7.33
CA ALA B 85 56.56 -0.77 6.44
C ALA B 85 55.52 0.34 6.32
N LEU B 86 55.22 1.03 7.41
CA LEU B 86 54.24 2.09 7.26
C LEU B 86 54.74 3.21 6.40
N GLU B 87 56.02 3.58 6.55
CA GLU B 87 56.58 4.68 5.77
C GLU B 87 56.78 4.31 4.30
N LEU B 88 57.14 3.07 4.00
CA LEU B 88 57.31 2.73 2.61
C LEU B 88 55.99 2.89 1.87
N GLN B 89 54.86 2.63 2.53
CA GLN B 89 53.58 2.84 1.87
C GLN B 89 53.28 4.35 1.73
N GLU B 90 53.62 5.15 2.75
CA GLU B 90 53.36 6.59 2.71
C GLU B 90 54.16 7.26 1.59
N LEU B 91 55.37 6.77 1.35
CA LEU B 91 56.26 7.30 0.31
C LEU B 91 55.72 7.16 -1.10
N VAL B 92 54.73 6.29 -1.30
CA VAL B 92 54.16 6.10 -2.61
C VAL B 92 52.71 6.55 -2.66
N GLY B 93 52.27 7.30 -1.65
CA GLY B 93 50.92 7.86 -1.61
C GLY B 93 49.82 7.03 -0.93
N MET B 94 50.14 5.91 -0.29
CA MET B 94 49.13 5.12 0.38
C MET B 94 49.21 5.45 1.83
N THR B 95 48.14 5.97 2.40
CA THR B 95 48.24 6.39 3.78
C THR B 95 47.86 5.31 4.76
N ALA B 96 48.78 5.03 5.67
CA ALA B 96 48.63 4.06 6.72
C ALA B 96 49.39 4.59 7.93
N GLY B 97 48.84 4.41 9.12
CA GLY B 97 49.53 4.91 10.31
C GLY B 97 49.45 4.02 11.54
N PHE B 98 48.44 3.18 11.62
CA PHE B 98 48.31 2.29 12.75
C PHE B 98 49.29 1.15 12.71
N GLY B 99 49.83 0.84 13.86
CA GLY B 99 50.65 -0.35 13.98
C GLY B 99 50.94 -0.63 15.44
N ARG B 100 51.27 -1.90 15.68
CA ARG B 100 51.55 -2.44 17.02
C ARG B 100 52.54 -3.60 17.00
N THR B 101 53.23 -3.82 18.12
CA THR B 101 54.06 -5.01 18.24
C THR B 101 53.84 -5.75 19.55
N ARG B 102 53.92 -7.07 19.50
CA ARG B 102 53.85 -7.95 20.68
C ARG B 102 54.79 -9.13 20.59
N GLU B 103 55.42 -9.52 21.70
CA GLU B 103 56.26 -10.71 21.64
C GLU B 103 55.43 -11.95 21.92
N THR B 104 55.65 -12.99 21.13
CA THR B 104 54.98 -14.28 21.26
C THR B 104 55.92 -15.44 21.26
N SER B 105 55.37 -16.65 21.35
CA SER B 105 56.13 -17.90 21.29
C SER B 105 57.36 -17.90 22.16
N THR B 106 58.44 -18.39 21.58
CA THR B 106 59.72 -18.39 22.23
C THR B 106 60.28 -16.99 22.05
N PRO B 107 61.25 -16.57 22.85
CA PRO B 107 61.82 -15.26 22.76
C PRO B 107 62.33 -15.01 21.35
N GLY B 108 62.11 -13.81 20.88
CA GLY B 108 62.54 -13.41 19.55
C GLY B 108 61.44 -13.45 18.51
N VAL B 109 60.31 -14.10 18.76
CA VAL B 109 59.28 -14.09 17.73
C VAL B 109 58.24 -13.03 18.03
N TYR B 110 58.03 -12.12 17.10
CA TYR B 110 57.12 -11.02 17.31
C TYR B 110 55.99 -10.93 16.31
N ASN B 111 54.86 -10.44 16.78
CA ASN B 111 53.77 -10.11 15.90
C ASN B 111 53.82 -8.65 15.57
N VAL B 112 54.07 -8.38 14.31
CA VAL B 112 54.18 -7.03 13.82
C VAL B 112 52.91 -6.71 13.08
N VAL B 113 52.19 -5.71 13.52
CA VAL B 113 50.92 -5.41 12.93
C VAL B 113 50.93 -4.04 12.31
N TYR B 114 50.56 -3.96 11.04
CA TYR B 114 50.51 -2.64 10.41
C TYR B 114 49.32 -2.51 9.47
N GLU B 115 48.88 -1.30 9.32
CA GLU B 115 47.79 -0.90 8.44
C GLU B 115 48.13 -0.90 6.95
N TYR B 116 47.18 -1.30 6.12
CA TYR B 116 47.37 -1.27 4.66
C TYR B 116 46.22 -0.60 3.93
N VAL B 117 46.49 -0.15 2.70
CA VAL B 117 45.43 0.41 1.86
C VAL B 117 45.07 -0.63 0.78
N ASP B 118 46.08 -1.09 0.05
CA ASP B 118 45.97 -2.17 -0.91
C ASP B 118 46.60 -3.40 -0.34
N GLU B 119 45.92 -4.51 -0.48
CA GLU B 119 46.37 -5.77 0.07
C GLU B 119 47.72 -6.29 -0.40
N GLN B 120 48.06 -6.17 -1.68
CA GLN B 120 49.32 -6.74 -2.12
C GLN B 120 50.41 -5.76 -1.87
N ALA B 121 50.09 -4.48 -1.98
CA ALA B 121 51.07 -3.47 -1.73
C ALA B 121 51.49 -3.51 -0.27
N GLY B 122 50.54 -3.78 0.63
CA GLY B 122 50.79 -3.89 2.06
C GLY B 122 51.72 -5.05 2.33
N ARG B 123 51.43 -6.23 1.78
CA ARG B 123 52.30 -7.37 2.05
C ARG B 123 53.71 -7.13 1.49
N TYR B 124 53.80 -6.49 0.32
CA TYR B 124 55.06 -6.17 -0.31
C TYR B 124 55.88 -5.27 0.59
N ALA B 125 55.27 -4.20 1.12
CA ALA B 125 55.95 -3.23 1.96
C ALA B 125 56.50 -3.88 3.20
N GLY B 126 55.80 -4.85 3.73
CA GLY B 126 56.27 -5.57 4.90
C GLY B 126 57.55 -6.30 4.60
N ARG B 127 57.56 -7.06 3.51
CA ARG B 127 58.75 -7.81 3.15
C ARG B 127 59.91 -6.87 2.87
N ALA B 128 59.63 -5.75 2.21
CA ALA B 128 60.63 -4.76 1.89
C ALA B 128 61.21 -4.13 3.14
N ALA B 129 60.38 -3.88 4.16
CA ALA B 129 60.86 -3.30 5.41
C ALA B 129 61.85 -4.21 6.08
N VAL B 130 61.63 -5.51 5.97
CA VAL B 130 62.54 -6.45 6.57
C VAL B 130 63.87 -6.42 5.82
N ARG B 131 63.85 -6.40 4.48
CA ARG B 131 65.12 -6.34 3.73
C ARG B 131 65.91 -5.07 3.99
N LEU B 132 65.22 -3.95 4.06
CA LEU B 132 65.89 -2.68 4.29
C LEU B 132 66.54 -2.70 5.65
N CYS B 133 65.77 -3.13 6.64
CA CYS B 133 66.24 -3.20 8.00
C CYS B 133 67.34 -4.22 8.18
N ARG B 134 67.30 -5.33 7.47
CA ARG B 134 68.36 -6.30 7.66
C ARG B 134 69.65 -5.78 7.06
N SER B 135 69.61 -5.11 5.91
CA SER B 135 70.85 -4.63 5.34
C SER B 135 71.52 -3.61 6.25
N LEU B 136 70.74 -2.76 6.88
CA LEU B 136 71.30 -1.71 7.74
C LEU B 136 71.85 -2.19 9.07
N VAL B 137 71.70 -3.47 9.40
CA VAL B 137 72.24 -3.98 10.66
C VAL B 137 73.39 -4.94 10.35
N ASP B 138 73.67 -5.06 9.04
CA ASP B 138 74.73 -5.89 8.46
C ASP B 138 75.85 -4.92 8.06
N THR B 139 75.46 -3.88 7.32
CA THR B 139 76.29 -2.79 6.87
C THR B 139 75.68 -1.49 7.36
N GLY B 140 76.25 -0.35 7.00
CA GLY B 140 75.72 0.91 7.52
C GLY B 140 74.79 1.71 6.61
N ASP B 141 74.42 1.16 5.46
CA ASP B 141 73.62 1.90 4.48
C ASP B 141 72.74 0.95 3.63
N TYR B 142 71.97 1.52 2.70
CA TYR B 142 71.09 0.75 1.83
C TYR B 142 71.18 1.38 0.43
N PRO B 143 71.49 0.62 -0.65
CA PRO B 143 71.68 1.15 -1.98
C PRO B 143 70.49 1.94 -2.41
N ARG B 144 70.71 3.07 -3.05
CA ARG B 144 69.58 3.89 -3.47
C ARG B 144 68.70 3.16 -4.47
N LEU B 145 69.30 2.40 -5.35
CA LEU B 145 68.53 1.75 -6.39
C LEU B 145 67.69 0.60 -5.85
N GLU B 146 68.00 0.13 -4.64
CA GLU B 146 67.25 -0.96 -4.06
C GLU B 146 66.09 -0.40 -3.26
N LEU B 147 66.00 0.93 -3.19
CA LEU B 147 64.91 1.59 -2.53
C LEU B 147 64.02 2.11 -3.64
N GLU B 148 64.62 2.67 -4.68
CA GLU B 148 63.82 3.22 -5.76
C GLU B 148 63.03 2.15 -6.48
N LYS B 149 63.61 0.96 -6.70
CA LYS B 149 62.84 -0.04 -7.39
C LYS B 149 61.67 -0.54 -6.54
N ASP B 150 61.81 -0.52 -5.22
CA ASP B 150 60.75 -1.03 -4.37
C ASP B 150 59.63 -0.03 -4.35
N LEU B 151 59.97 1.25 -4.35
CA LEU B 151 58.94 2.24 -4.36
C LEU B 151 58.20 2.17 -5.71
N GLU B 152 58.91 1.88 -6.81
CA GLU B 152 58.20 1.73 -8.08
C GLU B 152 57.25 0.54 -8.04
N ASP B 153 57.65 -0.59 -7.43
CA ASP B 153 56.73 -1.73 -7.37
C ASP B 153 55.51 -1.41 -6.52
N LEU B 154 55.68 -0.68 -5.43
CA LEU B 154 54.51 -0.34 -4.64
C LEU B 154 53.59 0.58 -5.41
N ARG B 155 54.13 1.54 -6.18
CA ARG B 155 53.27 2.42 -6.97
C ARG B 155 52.47 1.64 -7.99
N ASP B 156 53.07 0.63 -8.62
CA ASP B 156 52.31 -0.13 -9.58
C ASP B 156 51.27 -1.02 -8.92
N LEU B 157 51.61 -1.64 -7.78
CA LEU B 157 50.65 -2.53 -7.13
C LEU B 157 49.41 -1.78 -6.70
N GLY B 158 49.59 -0.55 -6.26
CA GLY B 158 48.45 0.24 -5.82
C GLY B 158 47.67 0.87 -6.97
N ALA B 159 48.17 0.74 -8.21
CA ALA B 159 47.50 1.31 -9.36
C ALA B 159 46.63 0.26 -10.00
N ASN B 160 47.14 -0.96 -10.01
CA ASN B 160 46.50 -2.07 -10.68
C ASN B 160 45.19 -2.46 -10.04
N SER B 161 45.03 -2.20 -8.76
CA SER B 161 43.82 -2.54 -8.03
C SER B 161 42.87 -1.36 -7.84
N ALA B 162 43.18 -0.22 -8.41
CA ALA B 162 42.34 0.94 -8.21
C ALA B 162 41.00 0.81 -8.92
N LEU B 163 39.97 1.42 -8.34
CA LEU B 163 38.65 1.50 -8.98
C LEU B 163 38.67 2.69 -9.91
N GLY B 164 37.93 2.64 -11.01
CA GLY B 164 37.90 3.82 -11.85
C GLY B 164 37.10 4.90 -11.12
N PRO B 165 37.21 6.16 -11.53
CA PRO B 165 36.59 7.32 -10.90
C PRO B 165 35.08 7.33 -10.86
N SER B 166 34.41 6.62 -11.77
CA SER B 166 32.96 6.62 -11.71
C SER B 166 32.50 5.65 -10.66
N THR B 167 33.32 4.67 -10.32
CA THR B 167 32.93 3.69 -9.33
C THR B 167 33.34 4.23 -8.00
N GLU B 168 34.43 4.99 -7.94
CA GLU B 168 34.84 5.58 -6.68
C GLU B 168 33.78 6.54 -6.20
N THR B 169 33.20 7.27 -7.13
CA THR B 169 32.18 8.25 -6.85
C THR B 169 30.93 7.60 -6.25
N ILE B 170 30.48 6.48 -6.82
CA ILE B 170 29.29 5.81 -6.29
C ILE B 170 29.60 5.18 -4.96
N VAL B 171 30.73 4.52 -4.86
CA VAL B 171 31.12 3.85 -3.64
C VAL B 171 31.29 4.80 -2.48
N THR B 172 31.89 5.95 -2.70
CA THR B 172 32.07 6.93 -1.64
C THR B 172 30.72 7.41 -1.08
N GLU B 173 29.76 7.69 -1.94
CA GLU B 173 28.46 8.13 -1.45
C GLU B 173 27.76 6.96 -0.74
N ALA B 174 27.93 5.74 -1.23
CA ALA B 174 27.32 4.60 -0.60
C ALA B 174 27.82 4.45 0.82
N GLU B 175 29.11 4.68 1.06
CA GLU B 175 29.65 4.60 2.41
C GLU B 175 29.09 5.68 3.32
N ALA B 176 28.90 6.88 2.80
CA ALA B 176 28.33 7.98 3.57
C ALA B 176 26.93 7.64 4.08
N ARG B 177 26.19 6.88 3.29
CA ARG B 177 24.82 6.43 3.54
C ARG B 177 24.72 5.10 4.27
N LYS B 178 25.86 4.54 4.66
CA LYS B 178 25.98 3.26 5.33
C LYS B 178 25.48 2.06 4.53
N ILE B 179 25.74 2.03 3.23
CA ILE B 179 25.36 0.91 2.39
C ILE B 179 26.60 0.06 2.24
N PRO B 180 26.61 -1.23 2.62
CA PRO B 180 27.78 -2.08 2.54
C PRO B 180 28.13 -2.37 1.10
N TRP B 181 29.40 -2.58 0.80
CA TRP B 181 29.73 -2.94 -0.57
C TRP B 181 30.84 -3.97 -0.64
N MET B 182 30.83 -4.73 -1.72
CA MET B 182 31.77 -5.81 -2.01
C MET B 182 32.21 -5.86 -3.44
N LEU B 183 33.43 -6.28 -3.70
CA LEU B 183 33.78 -6.52 -5.09
C LEU B 183 33.39 -7.93 -5.40
N LEU B 184 32.94 -8.16 -6.60
CA LEU B 184 32.62 -9.49 -7.03
C LEU B 184 33.74 -9.99 -7.88
N SER B 185 33.88 -11.29 -7.95
CA SER B 185 34.92 -11.95 -8.72
C SER B 185 34.81 -11.83 -10.23
N ALA B 186 33.64 -11.51 -10.75
CA ALA B 186 33.49 -11.43 -12.19
C ALA B 186 33.18 -10.04 -12.69
N ARG B 187 33.76 -9.74 -13.84
CA ARG B 187 33.54 -8.58 -14.70
C ARG B 187 33.63 -7.23 -14.01
N ALA B 188 34.50 -7.10 -13.03
CA ALA B 188 34.66 -5.85 -12.31
C ALA B 188 33.34 -5.30 -11.75
N MET B 189 32.46 -6.17 -11.27
CA MET B 189 31.22 -5.71 -10.69
C MET B 189 31.33 -5.48 -9.19
N VAL B 190 30.51 -4.56 -8.71
CA VAL B 190 30.42 -4.25 -7.30
C VAL B 190 29.03 -4.49 -6.78
N GLN B 191 28.92 -5.21 -5.67
CA GLN B 191 27.64 -5.45 -5.05
C GLN B 191 27.40 -4.44 -3.95
N LEU B 192 26.21 -3.87 -3.92
CA LEU B 192 25.80 -2.93 -2.90
C LEU B 192 24.64 -3.51 -2.11
N GLY B 193 24.74 -3.58 -0.80
CA GLY B 193 23.68 -4.13 0.04
C GLY B 193 23.80 -5.64 0.25
N TYR B 194 23.01 -6.20 1.17
CA TYR B 194 23.02 -7.64 1.49
C TYR B 194 21.74 -8.40 1.18
N GLY B 195 21.89 -9.69 0.87
CA GLY B 195 20.77 -10.62 0.69
C GLY B 195 19.81 -10.18 -0.38
N VAL B 196 18.53 -10.20 -0.04
CA VAL B 196 17.48 -9.76 -0.96
C VAL B 196 17.49 -8.28 -1.31
N TYR B 197 18.31 -7.46 -0.67
CA TYR B 197 18.32 -6.05 -1.00
C TYR B 197 19.51 -5.64 -1.81
N GLN B 198 20.27 -6.59 -2.28
CA GLN B 198 21.44 -6.27 -3.04
C GLN B 198 21.15 -5.68 -4.40
N GLN B 199 22.06 -4.83 -4.86
CA GLN B 199 22.09 -4.23 -6.18
C GLN B 199 23.48 -4.38 -6.75
N ARG B 200 23.62 -4.36 -8.04
CA ARG B 200 24.95 -4.41 -8.64
C ARG B 200 25.20 -3.24 -9.55
N ILE B 201 26.46 -2.81 -9.58
CA ILE B 201 26.88 -1.79 -10.52
C ILE B 201 28.14 -2.20 -11.25
N GLN B 202 28.34 -1.61 -12.41
CA GLN B 202 29.56 -1.75 -13.16
C GLN B 202 29.84 -0.40 -13.75
N ALA B 203 30.73 0.37 -13.14
CA ALA B 203 30.94 1.74 -13.56
C ALA B 203 29.61 2.49 -13.55
N THR B 204 29.15 2.93 -14.71
CA THR B 204 27.93 3.72 -14.88
C THR B 204 26.70 2.95 -15.36
N LEU B 205 26.80 1.61 -15.39
CA LEU B 205 25.68 0.72 -15.67
C LEU B 205 25.23 0.11 -14.37
N SER B 206 23.96 -0.18 -14.27
CA SER B 206 23.48 -0.80 -13.05
C SER B 206 22.51 -1.91 -13.31
N SER B 207 22.07 -2.51 -12.24
CA SER B 207 21.05 -3.56 -12.23
C SER B 207 19.70 -3.10 -12.78
N HIS B 208 19.49 -1.79 -12.94
CA HIS B 208 18.27 -1.26 -13.50
C HIS B 208 18.41 -0.84 -14.97
N SER B 209 19.57 -1.05 -15.56
CA SER B 209 19.76 -0.64 -16.93
C SER B 209 19.33 -1.75 -17.85
N GLY B 210 18.38 -1.49 -18.72
CA GLY B 210 17.87 -2.53 -19.59
C GLY B 210 18.73 -2.71 -20.80
N ILE B 211 18.71 -3.89 -21.34
CA ILE B 211 19.49 -4.16 -22.52
C ILE B 211 18.94 -3.51 -23.76
N LEU B 212 17.64 -3.40 -23.87
CA LEU B 212 17.12 -2.86 -25.10
C LEU B 212 17.44 -1.39 -25.23
N GLY B 213 17.38 -0.64 -24.13
CA GLY B 213 17.69 0.79 -24.14
C GLY B 213 19.14 1.03 -24.46
N VAL B 214 20.00 0.19 -23.89
CA VAL B 214 21.42 0.31 -24.10
C VAL B 214 21.80 -0.01 -25.52
N GLU B 215 21.26 -1.08 -26.08
CA GLU B 215 21.57 -1.38 -27.48
C GLU B 215 21.01 -0.34 -28.43
N LEU B 216 19.83 0.18 -28.17
CA LEU B 216 19.26 1.21 -29.04
C LEU B 216 20.12 2.47 -29.05
N ALA B 217 20.63 2.87 -27.91
CA ALA B 217 21.47 4.06 -27.77
C ALA B 217 22.79 3.98 -28.53
N CYS B 218 23.19 2.77 -28.90
CA CYS B 218 24.43 2.47 -29.58
C CYS B 218 24.23 2.33 -31.07
N ASP B 219 22.99 2.41 -31.50
CA ASP B 219 22.58 2.29 -32.87
C ASP B 219 22.16 3.67 -33.36
N LYS B 220 23.03 4.34 -34.09
CA LYS B 220 22.74 5.71 -34.45
C LYS B 220 21.49 5.88 -35.30
N GLU B 221 21.23 4.96 -36.22
CA GLU B 221 20.02 5.10 -37.02
C GLU B 221 18.80 4.79 -36.23
N GLY B 222 18.88 3.79 -35.35
CA GLY B 222 17.76 3.44 -34.54
C GLY B 222 17.39 4.57 -33.64
N THR B 223 18.39 5.23 -33.06
CA THR B 223 18.15 6.33 -32.17
C THR B 223 17.52 7.48 -32.92
N LYS B 224 18.05 7.81 -34.09
CA LYS B 224 17.51 8.90 -34.83
C LYS B 224 16.09 8.65 -35.26
N THR B 225 15.80 7.44 -35.72
CA THR B 225 14.48 7.09 -36.19
C THR B 225 13.47 7.14 -35.08
N ILE B 226 13.77 6.56 -33.93
CA ILE B 226 12.82 6.54 -32.86
C ILE B 226 12.57 7.92 -32.32
N LEU B 227 13.59 8.79 -32.28
CA LEU B 227 13.36 10.12 -31.78
C LEU B 227 12.62 10.99 -32.76
N GLN B 228 12.88 10.91 -34.06
CA GLN B 228 12.15 11.82 -34.91
C GLN B 228 10.68 11.43 -35.01
N ASP B 229 10.36 10.17 -34.77
CA ASP B 229 8.97 9.70 -34.75
C ASP B 229 8.21 10.22 -33.53
N ALA B 230 8.94 10.68 -32.51
CA ALA B 230 8.41 11.19 -31.27
C ALA B 230 8.30 12.69 -31.30
N GLY B 231 8.69 13.32 -32.41
CA GLY B 231 8.68 14.75 -32.51
C GLY B 231 9.87 15.45 -31.87
N ILE B 232 11.00 14.77 -31.71
CA ILE B 232 12.19 15.32 -31.09
C ILE B 232 13.17 15.82 -32.17
N PRO B 233 13.70 17.07 -32.11
CA PRO B 233 14.62 17.63 -33.12
C PRO B 233 15.97 16.93 -33.19
N VAL B 234 16.32 16.46 -34.36
CA VAL B 234 17.54 15.74 -34.64
C VAL B 234 18.10 16.35 -35.91
N PRO B 235 19.38 16.22 -36.24
CA PRO B 235 19.94 16.73 -37.46
C PRO B 235 19.45 16.01 -38.71
N ARG B 236 19.35 16.75 -39.81
CA ARG B 236 18.97 16.22 -41.13
C ARG B 236 20.15 15.55 -41.82
N GLY B 237 19.98 14.34 -42.39
CA GLY B 237 21.09 13.65 -43.04
C GLY B 237 20.69 12.35 -43.75
N THR B 238 21.67 11.67 -44.37
CA THR B 238 21.44 10.46 -45.17
C THR B 238 22.54 9.41 -45.12
N THR B 239 22.49 8.45 -46.06
CA THR B 239 23.48 7.37 -46.10
C THR B 239 24.12 7.14 -47.46
N ILE B 240 25.42 6.91 -47.44
CA ILE B 240 26.15 6.49 -48.62
C ILE B 240 27.01 5.29 -48.26
N GLN B 241 26.84 4.13 -48.92
CA GLN B 241 27.68 2.99 -48.52
C GLN B 241 29.01 2.92 -49.25
N TYR B 242 29.83 3.92 -49.02
CA TYR B 242 31.15 4.11 -49.63
C TYR B 242 31.18 4.09 -51.16
N PHE B 243 30.26 4.85 -51.75
CA PHE B 243 30.14 5.08 -53.17
C PHE B 243 30.28 6.58 -53.37
N ASP B 244 30.72 7.05 -54.53
CA ASP B 244 30.78 8.49 -54.65
C ASP B 244 29.42 9.07 -55.04
N ASP B 245 28.55 9.12 -54.05
CA ASP B 245 27.19 9.64 -54.13
C ASP B 245 27.14 10.93 -53.30
N LEU B 246 28.32 11.47 -52.96
CA LEU B 246 28.43 12.63 -52.10
C LEU B 246 27.77 13.83 -52.70
N GLU B 247 27.90 13.97 -54.00
CA GLU B 247 27.35 15.09 -54.73
C GLU B 247 25.85 15.11 -54.69
N GLU B 248 25.22 13.96 -54.44
CA GLU B 248 23.78 13.91 -54.40
C GLU B 248 23.31 14.12 -52.99
N ALA B 249 24.00 13.53 -52.02
CA ALA B 249 23.55 13.63 -50.63
C ALA B 249 23.50 15.07 -50.18
N ILE B 250 24.48 15.85 -50.61
CA ILE B 250 24.59 17.22 -50.21
C ILE B 250 23.34 18.01 -50.60
N ASN B 251 22.75 17.69 -51.75
CA ASN B 251 21.59 18.39 -52.23
C ASN B 251 20.31 18.09 -51.45
N ASP B 252 20.21 16.92 -50.80
CA ASP B 252 18.99 16.59 -50.06
C ASP B 252 19.08 17.20 -48.68
N VAL B 253 20.31 17.28 -48.19
CA VAL B 253 20.64 17.83 -46.90
C VAL B 253 20.45 19.34 -46.91
N GLY B 254 20.79 20.00 -48.03
CA GLY B 254 20.55 21.44 -48.13
C GLY B 254 21.74 22.33 -48.41
N GLY B 255 22.88 21.78 -48.80
CA GLY B 255 24.02 22.64 -49.11
C GLY B 255 25.30 22.09 -48.55
N TYR B 256 26.40 22.78 -48.85
CA TYR B 256 27.72 22.33 -48.42
C TYR B 256 28.11 22.31 -46.96
N PRO B 257 27.58 23.13 -46.04
CA PRO B 257 27.95 23.10 -44.63
C PRO B 257 27.44 21.80 -44.06
N VAL B 258 28.24 20.75 -44.22
CA VAL B 258 27.85 19.41 -43.81
C VAL B 258 28.88 18.71 -42.95
N VAL B 259 28.41 17.66 -42.28
CA VAL B 259 29.21 16.83 -41.41
C VAL B 259 29.30 15.42 -41.96
N ILE B 260 30.50 14.87 -42.06
CA ILE B 260 30.66 13.50 -42.56
C ILE B 260 31.32 12.60 -41.50
N LYS B 261 30.59 11.56 -41.07
CA LYS B 261 31.08 10.67 -40.02
C LYS B 261 31.41 9.31 -40.65
N PRO B 262 32.24 8.46 -40.02
CA PRO B 262 32.58 7.15 -40.50
C PRO B 262 31.33 6.36 -40.43
N LEU B 263 31.15 5.38 -41.29
CA LEU B 263 29.91 4.63 -41.21
C LEU B 263 29.78 3.82 -39.91
N ASP B 264 30.88 3.26 -39.39
CA ASP B 264 30.78 2.54 -38.12
C ASP B 264 31.42 3.41 -37.05
N GLY B 265 31.44 2.98 -35.81
CA GLY B 265 32.04 3.80 -34.78
C GLY B 265 33.48 3.42 -34.44
N ASN B 266 34.27 4.43 -34.08
CA ASN B 266 35.63 4.25 -33.60
C ASN B 266 35.96 5.45 -32.75
N HIS B 267 35.16 5.67 -31.73
CA HIS B 267 35.28 6.82 -30.87
C HIS B 267 35.23 8.11 -31.70
N GLY B 268 36.05 9.10 -31.36
CA GLY B 268 36.07 10.40 -32.06
C GLY B 268 37.02 10.39 -33.24
N ARG B 269 36.81 9.48 -34.17
CA ARG B 269 37.76 9.30 -35.26
C ARG B 269 37.10 9.24 -36.62
N GLY B 270 37.79 9.82 -37.61
CA GLY B 270 37.32 9.80 -39.00
C GLY B 270 36.19 10.78 -39.25
N ILE B 271 36.11 11.83 -38.43
CA ILE B 271 35.01 12.78 -38.54
C ILE B 271 35.39 14.17 -39.00
N THR B 272 34.71 14.64 -40.05
CA THR B 272 34.91 15.99 -40.52
C THR B 272 33.70 16.81 -40.13
N ILE B 273 33.93 17.87 -39.38
CA ILE B 273 32.86 18.70 -38.84
C ILE B 273 32.30 19.76 -39.77
N ASN B 274 33.10 20.48 -40.49
CA ASN B 274 32.45 21.49 -41.31
C ASN B 274 33.03 21.53 -42.69
N VAL B 275 32.40 20.77 -43.57
CA VAL B 275 32.78 20.70 -44.95
C VAL B 275 32.19 21.92 -45.57
N ARG B 276 32.98 22.67 -46.30
CA ARG B 276 32.52 23.86 -46.96
C ARG B 276 32.65 23.75 -48.48
N HIS B 277 33.56 22.88 -48.95
CA HIS B 277 33.84 22.76 -50.38
C HIS B 277 33.88 21.32 -50.90
N TRP B 278 33.68 21.14 -52.18
CA TRP B 278 33.72 19.79 -52.75
C TRP B 278 34.99 19.01 -52.45
N GLN B 279 36.16 19.63 -52.57
CA GLN B 279 37.38 18.88 -52.33
C GLN B 279 37.52 18.44 -50.87
N GLU B 280 36.78 19.10 -49.98
CA GLU B 280 36.80 18.77 -48.57
C GLU B 280 35.89 17.59 -48.38
N ALA B 281 34.81 17.52 -49.20
CA ALA B 281 33.87 16.42 -49.13
C ALA B 281 34.61 15.15 -49.47
N ILE B 282 35.55 15.27 -50.42
CA ILE B 282 36.35 14.14 -50.83
C ILE B 282 37.31 13.73 -49.74
N ALA B 283 38.01 14.70 -49.15
CA ALA B 283 38.93 14.32 -48.09
C ALA B 283 38.18 13.70 -46.91
N ALA B 284 37.00 14.25 -46.60
CA ALA B 284 36.21 13.75 -45.50
C ALA B 284 35.78 12.32 -45.76
N TYR B 285 35.40 12.05 -46.99
CA TYR B 285 35.01 10.74 -47.42
C TYR B 285 36.12 9.75 -47.24
N ASP B 286 37.32 10.12 -47.68
CA ASP B 286 38.46 9.22 -47.58
C ASP B 286 38.72 8.83 -46.12
N LEU B 287 38.48 9.73 -45.17
CA LEU B 287 38.67 9.35 -43.77
C LEU B 287 37.51 8.48 -43.30
N ALA B 288 36.29 8.81 -43.72
CA ALA B 288 35.13 8.03 -43.28
C ALA B 288 35.27 6.58 -43.72
N ALA B 289 35.86 6.42 -44.91
CA ALA B 289 36.11 5.17 -45.63
C ALA B 289 37.00 4.20 -44.88
N GLU B 290 37.71 4.68 -43.86
CA GLU B 290 38.57 3.81 -43.08
C GLU B 290 37.78 2.79 -42.25
N GLU B 291 36.55 3.10 -41.84
CA GLU B 291 35.79 2.18 -40.98
C GLU B 291 34.82 1.31 -41.79
N SER B 292 34.15 0.38 -41.11
CA SER B 292 33.17 -0.54 -41.73
C SER B 292 31.97 0.22 -42.26
N LYS B 293 31.21 -0.39 -43.19
CA LYS B 293 30.09 0.29 -43.86
C LYS B 293 28.66 0.14 -43.28
N ALA B 296 23.03 5.72 -41.93
CA ALA B 296 22.78 7.10 -42.36
C ALA B 296 23.33 8.11 -41.38
N ILE B 297 24.64 8.26 -41.46
CA ILE B 297 25.42 9.20 -40.67
C ILE B 297 26.38 9.95 -41.61
N ILE B 298 25.99 9.98 -42.88
CA ILE B 298 26.74 10.62 -43.92
C ILE B 298 26.04 11.85 -44.43
N VAL B 299 26.80 12.91 -44.47
CA VAL B 299 26.34 14.18 -44.90
C VAL B 299 25.18 14.81 -44.16
N GLU B 300 25.34 14.97 -42.86
CA GLU B 300 24.38 15.72 -42.11
C GLU B 300 24.50 17.19 -42.26
N ARG B 301 23.43 17.89 -42.07
CA ARG B 301 23.52 19.32 -42.07
C ARG B 301 24.36 19.72 -40.86
N TYR B 302 25.20 20.72 -41.03
CA TYR B 302 25.97 21.27 -39.93
C TYR B 302 25.16 22.30 -39.18
N TYR B 303 25.09 22.16 -37.86
CA TYR B 303 24.35 23.10 -37.04
C TYR B 303 25.32 23.91 -36.22
N GLU B 304 25.02 25.17 -36.03
CA GLU B 304 25.88 26.02 -35.25
C GLU B 304 25.48 26.03 -33.79
N GLY B 305 26.46 26.14 -32.91
CA GLY B 305 26.20 26.24 -31.49
C GLY B 305 27.28 25.55 -30.70
N SER B 306 27.12 25.53 -29.38
CA SER B 306 28.08 24.91 -28.50
C SER B 306 27.66 23.50 -28.22
N ASP B 307 28.60 22.70 -27.78
CA ASP B 307 28.38 21.31 -27.43
C ASP B 307 28.05 21.13 -25.93
N HIS B 308 26.81 20.79 -25.62
CA HIS B 308 26.37 20.65 -24.25
C HIS B 308 26.07 19.22 -23.90
N ARG B 309 26.47 18.80 -22.71
CA ARG B 309 26.15 17.48 -22.21
C ARG B 309 25.18 17.53 -21.06
N VAL B 310 24.07 16.84 -21.23
CA VAL B 310 23.04 16.80 -20.24
C VAL B 310 22.94 15.43 -19.59
N LEU B 311 22.99 15.38 -18.27
CA LEU B 311 22.89 14.12 -17.54
C LEU B 311 21.53 13.96 -16.89
N VAL B 312 20.84 12.88 -17.24
CA VAL B 312 19.51 12.52 -16.74
C VAL B 312 19.64 11.17 -16.01
N VAL B 313 19.15 11.06 -14.76
CA VAL B 313 19.33 9.80 -14.00
C VAL B 313 18.13 8.88 -13.82
N ASN B 314 16.98 9.39 -13.47
CA ASN B 314 15.86 8.46 -13.33
C ASN B 314 14.67 9.09 -13.96
N GLY B 315 14.86 9.56 -15.17
CA GLY B 315 13.82 10.31 -15.86
C GLY B 315 13.79 11.74 -15.34
N LYS B 316 14.86 12.14 -14.68
CA LYS B 316 15.01 13.46 -14.09
C LYS B 316 16.39 14.04 -14.32
N LEU B 317 16.42 15.32 -14.68
CA LEU B 317 17.68 16.01 -14.92
C LEU B 317 18.54 16.23 -13.69
N VAL B 318 19.83 15.88 -13.81
CA VAL B 318 20.80 16.05 -12.75
C VAL B 318 21.82 17.15 -13.00
N ALA B 319 22.42 17.19 -14.19
CA ALA B 319 23.46 18.17 -14.45
C ALA B 319 23.57 18.56 -15.91
N VAL B 320 24.04 19.78 -16.17
CA VAL B 320 24.31 20.24 -17.54
C VAL B 320 25.69 20.90 -17.62
N ALA B 321 26.51 20.56 -18.62
CA ALA B 321 27.78 21.24 -18.78
C ALA B 321 28.13 21.52 -20.22
N GLU B 322 28.72 22.67 -20.45
CA GLU B 322 29.16 23.11 -21.75
C GLU B 322 30.59 22.75 -22.00
N ARG B 323 30.84 22.08 -23.10
CA ARG B 323 32.17 21.64 -23.43
C ARG B 323 32.80 22.45 -24.54
N ILE B 324 34.03 22.87 -24.30
CA ILE B 324 34.80 23.69 -25.23
C ILE B 324 36.16 23.04 -25.55
N PRO B 325 36.57 22.90 -26.84
CA PRO B 325 37.82 22.29 -27.27
C PRO B 325 39.02 23.07 -26.80
N ALA B 326 40.17 22.39 -26.69
CA ALA B 326 41.41 23.07 -26.31
C ALA B 326 41.64 24.24 -27.22
N HIS B 327 41.98 25.38 -26.64
CA HIS B 327 42.17 26.60 -27.41
C HIS B 327 43.05 27.59 -26.72
N VAL B 328 43.51 28.55 -27.52
CA VAL B 328 44.23 29.71 -27.00
C VAL B 328 43.63 30.97 -27.57
N THR B 329 43.89 32.08 -26.90
CA THR B 329 43.37 33.34 -27.41
C THR B 329 44.45 34.39 -27.51
N GLY B 330 44.13 35.46 -28.24
CA GLY B 330 45.01 36.59 -28.46
C GLY B 330 45.25 37.43 -27.21
N ASP B 331 45.94 36.82 -26.26
CA ASP B 331 46.32 37.37 -24.97
C ASP B 331 47.62 38.14 -25.20
N GLY B 332 47.49 39.23 -25.93
CA GLY B 332 48.61 40.05 -26.33
C GLY B 332 49.16 39.59 -27.68
N SER B 333 50.13 40.33 -28.22
CA SER B 333 50.68 40.03 -29.54
C SER B 333 51.74 38.94 -29.52
N SER B 334 51.29 37.73 -29.20
CA SER B 334 52.11 36.54 -29.09
C SER B 334 51.68 35.52 -30.11
N THR B 335 52.58 34.59 -30.44
CA THR B 335 52.25 33.55 -31.39
C THR B 335 51.50 32.45 -30.73
N ILE B 336 50.91 31.58 -31.52
CA ILE B 336 50.22 30.46 -30.92
C ILE B 336 51.15 29.57 -30.12
N SER B 337 52.33 29.21 -30.62
CA SER B 337 53.17 28.35 -29.79
C SER B 337 53.57 29.04 -28.48
N GLU B 338 53.69 30.37 -28.49
CA GLU B 338 54.00 31.13 -27.27
C GLU B 338 52.82 31.14 -26.31
N LEU B 339 51.61 31.30 -26.84
CA LEU B 339 50.39 31.31 -26.05
C LEU B 339 50.16 29.96 -25.43
N ILE B 340 50.49 28.89 -26.15
CA ILE B 340 50.30 27.59 -25.59
C ILE B 340 51.23 27.40 -24.44
N GLU B 341 52.50 27.77 -24.55
CA GLU B 341 53.37 27.56 -23.42
C GLU B 341 52.91 28.40 -22.23
N LYS B 342 52.41 29.60 -22.48
CA LYS B 342 51.94 30.45 -21.41
C LYS B 342 50.80 29.83 -20.62
N THR B 343 49.79 29.26 -21.31
CA THR B 343 48.64 28.72 -20.60
C THR B 343 48.80 27.27 -20.19
N ASN B 344 49.74 26.56 -20.78
CA ASN B 344 49.92 25.15 -20.46
C ASN B 344 50.71 24.97 -19.17
N GLN B 345 51.10 26.12 -18.58
CA GLN B 345 51.78 26.19 -17.29
C GLN B 345 50.81 26.47 -16.16
N ASP B 346 49.53 26.60 -16.49
CA ASP B 346 48.49 26.86 -15.51
C ASP B 346 48.53 25.75 -14.47
N PRO B 347 48.53 26.05 -13.15
CA PRO B 347 48.63 25.11 -12.05
C PRO B 347 47.51 24.09 -11.99
N ASN B 348 46.43 24.32 -12.75
CA ASN B 348 45.32 23.40 -12.75
C ASN B 348 45.45 22.37 -13.86
N ARG B 349 46.57 22.40 -14.60
CA ARG B 349 46.77 21.45 -15.68
C ARG B 349 47.89 20.45 -15.46
N GLY B 350 47.62 19.21 -15.86
CA GLY B 350 48.65 18.18 -15.87
C GLY B 350 48.16 16.75 -15.75
N ASP B 351 48.97 15.85 -16.30
CA ASP B 351 48.79 14.41 -16.26
C ASP B 351 47.36 13.94 -16.57
N GLY B 352 46.70 13.22 -15.64
CA GLY B 352 45.34 12.75 -15.93
C GLY B 352 44.68 12.10 -14.71
N HIS B 353 43.58 12.74 -14.28
CA HIS B 353 42.81 12.46 -13.04
C HIS B 353 43.62 12.84 -11.80
N ASP B 354 44.69 13.58 -12.05
CA ASP B 354 45.59 14.15 -11.06
C ASP B 354 45.21 15.59 -10.74
N ASN B 355 44.56 16.24 -11.70
CA ASN B 355 44.21 17.63 -11.62
C ASN B 355 42.92 17.83 -12.40
N ILE B 356 42.41 19.04 -12.45
CA ILE B 356 41.16 19.29 -13.16
C ILE B 356 41.33 19.21 -14.66
N LEU B 357 42.37 19.84 -15.19
CA LEU B 357 42.64 19.89 -16.61
C LEU B 357 43.89 19.14 -16.99
N THR B 358 44.00 18.71 -18.24
CA THR B 358 45.26 18.12 -18.69
C THR B 358 45.98 19.13 -19.57
N LYS B 359 47.11 18.72 -20.10
CA LYS B 359 47.97 19.55 -20.94
C LYS B 359 47.53 19.66 -22.39
N ILE B 360 47.82 20.81 -22.97
CA ILE B 360 47.61 21.06 -24.37
C ILE B 360 48.83 20.58 -25.12
N VAL B 361 48.62 19.73 -26.10
CA VAL B 361 49.71 19.20 -26.87
C VAL B 361 49.63 19.60 -28.33
N VAL B 362 50.73 20.15 -28.82
CA VAL B 362 50.82 20.51 -30.21
C VAL B 362 51.35 19.30 -30.95
N ASN B 363 50.64 18.93 -31.97
CA ASN B 363 50.92 17.79 -32.79
C ASN B 363 50.44 18.11 -34.19
N LYS B 364 50.61 17.17 -35.10
CA LYS B 364 50.20 17.35 -36.49
C LYS B 364 48.70 17.60 -36.62
N THR B 365 47.94 17.16 -35.62
CA THR B 365 46.51 17.33 -35.64
C THR B 365 46.11 18.69 -35.13
N ALA B 366 46.97 19.34 -34.34
CA ALA B 366 46.67 20.68 -33.88
C ALA B 366 46.90 21.58 -35.04
N ILE B 367 47.91 21.22 -35.83
CA ILE B 367 48.26 22.00 -36.98
C ILE B 367 47.18 21.84 -38.01
N ASP B 368 46.73 20.61 -38.27
CA ASP B 368 45.69 20.44 -39.25
C ASP B 368 44.45 21.28 -38.88
N VAL B 369 44.08 21.30 -37.59
CA VAL B 369 42.93 22.09 -37.15
C VAL B 369 43.22 23.59 -37.32
N MET B 370 44.42 24.05 -36.93
CA MET B 370 44.76 25.46 -37.09
C MET B 370 44.81 25.93 -38.54
N GLU B 371 45.28 25.08 -39.44
CA GLU B 371 45.38 25.46 -40.84
C GLU B 371 44.01 25.79 -41.43
N ARG B 372 42.99 25.04 -41.03
CA ARG B 372 41.63 25.28 -41.52
C ARG B 372 41.04 26.61 -41.07
N GLN B 373 41.63 27.21 -40.03
CA GLN B 373 41.20 28.47 -39.45
C GLN B 373 42.04 29.63 -40.00
N GLY B 374 43.04 29.32 -40.84
CA GLY B 374 43.96 30.32 -41.36
C GLY B 374 45.17 30.63 -40.46
N TYR B 375 45.51 29.72 -39.55
CA TYR B 375 46.61 29.94 -38.62
C TYR B 375 47.57 28.76 -38.53
N ASN B 376 48.74 29.02 -37.97
CA ASN B 376 49.67 27.94 -37.65
C ASN B 376 50.39 28.36 -36.38
N LEU B 377 51.27 27.51 -35.88
CA LEU B 377 51.90 27.73 -34.59
C LEU B 377 52.80 28.97 -34.48
N ASP B 378 53.33 29.48 -35.58
CA ASP B 378 54.19 30.64 -35.49
C ASP B 378 53.50 31.96 -35.84
N SER B 379 52.17 31.95 -35.97
CA SER B 379 51.43 33.16 -36.29
C SER B 379 50.93 33.85 -35.04
N VAL B 380 50.87 35.18 -35.09
CA VAL B 380 50.38 36.04 -34.00
C VAL B 380 48.90 36.31 -34.08
N LEU B 381 48.21 36.14 -32.96
CA LEU B 381 46.78 36.37 -33.02
C LEU B 381 46.42 37.82 -32.68
N PRO B 382 45.39 38.40 -33.34
CA PRO B 382 44.79 39.68 -33.03
C PRO B 382 44.25 39.62 -31.63
N LYS B 383 44.24 40.74 -30.93
CA LYS B 383 43.73 40.73 -29.58
C LYS B 383 42.35 40.12 -29.49
N ASP B 384 42.24 39.18 -28.56
CA ASP B 384 41.04 38.40 -28.20
C ASP B 384 40.49 37.44 -29.27
N GLU B 385 41.27 37.18 -30.30
CA GLU B 385 40.93 36.19 -31.33
C GLU B 385 41.09 34.81 -30.73
N VAL B 386 40.19 33.87 -31.04
CA VAL B 386 40.35 32.52 -30.50
C VAL B 386 40.61 31.49 -31.57
N VAL B 387 41.60 30.66 -31.32
CA VAL B 387 41.98 29.58 -32.20
C VAL B 387 41.89 28.26 -31.49
N TYR B 388 41.22 27.31 -32.14
CA TYR B 388 41.04 25.99 -31.56
C TYR B 388 42.14 25.07 -32.01
N LEU B 389 42.61 24.24 -31.09
CA LEU B 389 43.67 23.30 -31.38
C LEU B 389 43.16 21.87 -31.57
N ARG B 390 41.85 21.70 -31.42
CA ARG B 390 41.19 20.41 -31.53
C ARG B 390 39.85 20.57 -32.21
N ALA B 391 39.44 19.53 -32.94
CA ALA B 391 38.14 19.54 -33.60
C ALA B 391 36.96 19.39 -32.64
N THR B 392 37.16 18.65 -31.55
CA THR B 392 36.10 18.38 -30.60
C THR B 392 36.53 18.68 -29.18
N ALA B 393 35.55 18.75 -28.28
CA ALA B 393 35.82 19.01 -26.88
C ALA B 393 35.91 17.77 -26.04
N ASN B 394 36.98 17.67 -25.28
CA ASN B 394 37.23 16.57 -24.38
C ASN B 394 38.18 17.03 -23.28
N LEU B 395 37.85 16.81 -22.02
CA LEU B 395 38.74 17.24 -20.95
C LEU B 395 40.08 16.55 -21.03
N SER B 396 40.11 15.31 -21.50
CA SER B 396 41.34 14.53 -21.59
C SER B 396 42.29 15.01 -22.68
N THR B 397 41.83 15.91 -23.54
CA THR B 397 42.66 16.41 -24.60
C THR B 397 43.01 17.88 -24.35
N GLY B 398 42.66 18.40 -23.18
CA GLY B 398 42.99 19.77 -22.85
C GLY B 398 41.84 20.79 -22.95
N GLY B 399 40.60 20.34 -23.14
CA GLY B 399 39.47 21.26 -23.22
C GLY B 399 38.95 21.61 -21.84
N ILE B 400 37.84 22.32 -21.81
CA ILE B 400 37.24 22.75 -20.54
C ILE B 400 35.76 22.38 -20.44
N ALA B 401 35.23 22.39 -19.22
CA ALA B 401 33.81 22.11 -18.99
C ALA B 401 33.24 23.13 -18.04
N ILE B 402 32.17 23.77 -18.47
CA ILE B 402 31.53 24.81 -17.69
C ILE B 402 30.16 24.39 -17.18
N ASP B 403 29.94 24.44 -15.89
CA ASP B 403 28.63 24.07 -15.38
C ASP B 403 27.58 25.07 -15.79
N ARG B 404 26.49 24.60 -16.39
CA ARG B 404 25.39 25.44 -16.84
C ARG B 404 24.09 24.86 -16.32
N THR B 405 24.12 24.19 -15.18
CA THR B 405 22.95 23.45 -14.72
C THR B 405 21.79 24.32 -14.39
N ASP B 406 22.03 25.50 -13.88
CA ASP B 406 20.96 26.37 -13.47
C ASP B 406 20.51 27.33 -14.55
N ASP B 407 21.09 27.22 -15.74
CA ASP B 407 20.74 28.13 -16.82
C ASP B 407 19.87 27.50 -17.88
N ILE B 408 19.39 26.29 -17.65
CA ILE B 408 18.61 25.59 -18.65
C ILE B 408 17.13 25.89 -18.53
N HIS B 409 16.54 26.25 -19.66
CA HIS B 409 15.14 26.59 -19.78
C HIS B 409 14.21 25.40 -19.46
N PRO B 410 13.09 25.59 -18.71
CA PRO B 410 12.10 24.57 -18.36
C PRO B 410 11.57 23.73 -19.50
N GLU B 411 11.48 24.27 -20.70
CA GLU B 411 10.99 23.48 -21.81
C GLU B 411 12.06 22.52 -22.23
N ASN B 412 13.33 22.94 -22.14
CA ASN B 412 14.42 22.10 -22.54
C ASN B 412 14.59 21.01 -21.50
N ILE B 413 14.26 21.30 -20.25
CA ILE B 413 14.36 20.27 -19.23
C ILE B 413 13.37 19.17 -19.55
N TRP B 414 12.15 19.55 -19.89
CA TRP B 414 11.11 18.62 -20.26
C TRP B 414 11.50 17.77 -21.45
N LEU B 415 12.07 18.38 -22.47
CA LEU B 415 12.48 17.64 -23.65
C LEU B 415 13.57 16.64 -23.34
N MET B 416 14.57 16.98 -22.55
CA MET B 416 15.65 16.04 -22.27
C MET B 416 15.17 14.82 -21.50
N GLU B 417 14.25 15.00 -20.59
CA GLU B 417 13.72 13.90 -19.83
C GLU B 417 12.90 12.99 -20.74
N ARG B 418 12.17 13.58 -21.68
CA ARG B 418 11.37 12.81 -22.62
C ARG B 418 12.27 11.96 -23.51
N VAL B 419 13.44 12.48 -23.91
CA VAL B 419 14.38 11.73 -24.75
C VAL B 419 14.87 10.49 -24.03
N ALA B 420 15.25 10.61 -22.77
CA ALA B 420 15.73 9.45 -22.03
C ALA B 420 14.67 8.37 -21.90
N LYS B 421 13.41 8.76 -21.71
CA LYS B 421 12.30 7.82 -21.59
C LYS B 421 11.95 7.13 -22.90
N VAL B 422 12.04 7.84 -24.02
CA VAL B 422 11.79 7.27 -25.34
C VAL B 422 12.81 6.20 -25.67
N ILE B 423 14.08 6.47 -25.39
CA ILE B 423 15.13 5.48 -25.65
C ILE B 423 15.04 4.34 -24.66
N GLY B 424 14.79 4.63 -23.39
CA GLY B 424 14.67 3.58 -22.42
C GLY B 424 15.87 3.43 -21.52
N LEU B 425 16.61 4.51 -21.30
CA LEU B 425 17.79 4.46 -20.43
C LEU B 425 17.50 5.01 -19.06
N ASP B 426 18.11 4.45 -18.00
CA ASP B 426 17.95 5.06 -16.70
C ASP B 426 18.98 6.17 -16.56
N ILE B 427 20.24 5.83 -16.70
CA ILE B 427 21.26 6.85 -16.63
C ILE B 427 21.69 7.16 -18.03
N ALA B 428 21.52 8.40 -18.47
CA ALA B 428 21.84 8.74 -19.84
C ALA B 428 22.49 10.07 -20.01
N GLY B 429 23.41 10.13 -20.94
CA GLY B 429 24.01 11.39 -21.34
C GLY B 429 23.41 11.81 -22.64
N ILE B 430 23.04 13.06 -22.76
CA ILE B 430 22.48 13.53 -24.01
C ILE B 430 23.36 14.63 -24.58
N ASP B 431 23.77 14.47 -25.82
CA ASP B 431 24.64 15.40 -26.54
C ASP B 431 23.77 16.38 -27.33
N VAL B 432 23.81 17.64 -26.96
CA VAL B 432 22.99 18.72 -27.53
C VAL B 432 23.80 19.84 -28.17
N VAL B 433 23.42 20.27 -29.35
CA VAL B 433 24.08 21.40 -29.99
C VAL B 433 23.15 22.59 -30.04
N THR B 434 23.56 23.67 -29.39
CA THR B 434 22.76 24.88 -29.33
C THR B 434 23.58 26.11 -29.05
N SER B 435 23.14 27.23 -29.58
CA SER B 435 23.79 28.49 -29.30
C SER B 435 23.42 29.08 -27.95
N ASP B 436 22.29 28.66 -27.40
CA ASP B 436 21.83 29.20 -26.12
C ASP B 436 20.94 28.20 -25.37
N ILE B 437 21.48 27.57 -24.33
CA ILE B 437 20.77 26.54 -23.56
C ILE B 437 19.63 27.14 -22.72
N SER B 438 19.61 28.48 -22.62
CA SER B 438 18.64 29.21 -21.84
C SER B 438 17.40 29.58 -22.64
N LYS B 439 17.37 29.21 -23.93
CA LYS B 439 16.21 29.44 -24.77
C LYS B 439 15.78 28.07 -25.27
N PRO B 440 14.52 27.85 -25.64
CA PRO B 440 14.04 26.61 -26.21
C PRO B 440 14.82 26.22 -27.44
N LEU B 441 15.03 24.92 -27.62
CA LEU B 441 15.79 24.51 -28.80
C LEU B 441 15.10 24.92 -30.08
N ARG B 442 13.78 25.06 -30.10
CA ARG B 442 13.13 25.44 -31.35
C ARG B 442 13.41 26.91 -31.74
N GLU B 443 13.84 27.76 -30.81
CA GLU B 443 14.08 29.16 -31.13
C GLU B 443 15.47 29.36 -31.64
N THR B 444 16.39 28.53 -31.17
CA THR B 444 17.79 28.64 -31.52
C THR B 444 18.19 27.67 -32.62
N ASN B 445 17.22 26.89 -33.09
CA ASN B 445 17.40 25.82 -34.06
C ASN B 445 18.45 24.81 -33.63
N GLY B 446 18.36 24.40 -32.37
CA GLY B 446 19.30 23.44 -31.84
C GLY B 446 18.83 22.04 -32.14
N VAL B 447 19.74 21.09 -32.01
CA VAL B 447 19.44 19.69 -32.23
C VAL B 447 20.01 18.76 -31.19
N ILE B 448 19.44 17.57 -31.12
CA ILE B 448 19.99 16.54 -30.29
C ILE B 448 20.78 15.63 -31.17
N VAL B 449 22.06 15.52 -30.87
CA VAL B 449 22.97 14.78 -31.68
C VAL B 449 23.08 13.34 -31.29
N GLU B 450 23.18 13.06 -29.99
CA GLU B 450 23.29 11.68 -29.56
C GLU B 450 22.86 11.36 -28.14
N VAL B 451 22.32 10.16 -27.96
CA VAL B 451 22.08 9.63 -26.63
C VAL B 451 23.18 8.59 -26.31
N ASN B 452 23.82 8.75 -25.16
CA ASN B 452 24.95 7.94 -24.70
C ASN B 452 24.61 7.09 -23.47
N ALA B 453 24.68 5.79 -23.60
CA ALA B 453 24.43 4.93 -22.45
C ALA B 453 25.70 4.92 -21.63
N ALA B 454 25.58 4.71 -20.33
CA ALA B 454 26.72 4.64 -19.43
C ALA B 454 27.70 5.81 -19.52
N PRO B 455 27.26 7.06 -19.39
CA PRO B 455 28.06 8.27 -19.54
C PRO B 455 29.02 8.39 -18.37
N GLY B 456 30.13 9.10 -18.54
CA GLY B 456 31.01 9.32 -17.39
C GLY B 456 30.56 10.50 -16.55
N PHE B 457 31.16 10.68 -15.38
CA PHE B 457 30.77 11.76 -14.48
C PHE B 457 31.78 12.88 -14.25
N ARG B 458 33.04 12.72 -14.65
CA ARG B 458 34.11 13.68 -14.35
C ARG B 458 33.79 15.12 -14.62
N MET B 459 33.16 15.39 -15.71
CA MET B 459 32.88 16.75 -16.10
C MET B 459 31.82 17.42 -15.27
N HIS B 460 31.07 16.63 -14.51
CA HIS B 460 30.00 17.17 -13.70
C HIS B 460 30.42 17.22 -12.25
N VAL B 461 31.34 16.34 -11.85
CA VAL B 461 31.77 16.32 -10.45
C VAL B 461 33.06 17.09 -10.28
N ALA B 462 33.75 17.39 -11.36
CA ALA B 462 34.98 18.15 -11.35
C ALA B 462 35.07 19.08 -12.56
N PRO B 463 34.17 20.06 -12.69
CA PRO B 463 34.10 21.00 -13.78
C PRO B 463 35.26 21.94 -13.67
N SER B 464 35.65 22.59 -14.77
CA SER B 464 36.72 23.56 -14.64
C SER B 464 36.19 24.94 -14.29
N GLN B 465 34.94 25.19 -14.60
CA GLN B 465 34.29 26.43 -14.21
C GLN B 465 32.94 26.09 -13.64
N GLY B 466 32.51 26.84 -12.66
CA GLY B 466 31.21 26.61 -12.08
C GLY B 466 31.33 25.70 -10.89
N LEU B 467 30.20 25.32 -10.34
CA LEU B 467 30.13 24.56 -9.11
C LEU B 467 30.01 23.04 -9.38
N PRO B 468 30.75 22.14 -8.69
CA PRO B 468 30.64 20.67 -8.74
C PRO B 468 29.29 20.14 -8.31
N ARG B 469 28.83 19.04 -8.89
CA ARG B 469 27.54 18.46 -8.52
C ARG B 469 27.64 17.07 -7.92
N ASN B 470 26.80 16.76 -6.95
CA ASN B 470 26.81 15.41 -6.40
C ASN B 470 25.93 14.52 -7.22
N VAL B 471 26.56 13.94 -8.21
CA VAL B 471 25.97 13.07 -9.20
C VAL B 471 25.58 11.71 -8.64
N ALA B 472 26.40 11.15 -7.75
CA ALA B 472 26.11 9.87 -7.14
C ALA B 472 24.84 9.84 -6.33
N ALA B 473 24.52 10.92 -5.65
CA ALA B 473 23.37 10.88 -4.78
C ALA B 473 22.07 10.47 -5.51
N PRO B 474 21.68 11.01 -6.68
CA PRO B 474 20.56 10.58 -7.47
C PRO B 474 20.64 9.14 -7.98
N VAL B 475 21.81 8.54 -8.01
CA VAL B 475 21.94 7.18 -8.48
C VAL B 475 21.57 6.27 -7.34
N LEU B 476 22.12 6.54 -6.17
CA LEU B 476 21.83 5.71 -5.02
C LEU B 476 20.40 5.83 -4.59
N ASP B 477 19.79 6.97 -4.83
CA ASP B 477 18.38 7.13 -4.53
C ASP B 477 17.48 6.26 -5.41
N MET B 478 17.90 5.85 -6.62
CA MET B 478 16.99 5.02 -7.38
C MET B 478 17.23 3.58 -7.00
N LEU B 479 18.48 3.26 -6.67
CA LEU B 479 18.82 1.89 -6.33
C LEU B 479 18.31 1.50 -4.97
N PHE B 480 18.38 2.44 -4.02
CA PHE B 480 17.91 2.25 -2.66
C PHE B 480 17.01 3.40 -2.27
N PRO B 481 15.75 3.44 -2.72
CA PRO B 481 14.83 4.53 -2.54
C PRO B 481 14.67 4.86 -1.07
N PRO B 482 14.39 6.11 -0.71
CA PRO B 482 14.21 6.54 0.65
C PRO B 482 13.18 5.69 1.32
N GLY B 483 13.47 5.28 2.54
CA GLY B 483 12.56 4.45 3.30
C GLY B 483 12.81 2.95 3.15
N THR B 484 13.68 2.54 2.22
CA THR B 484 13.90 1.11 2.08
C THR B 484 15.24 0.73 2.72
N PRO B 485 15.41 -0.52 3.20
CA PRO B 485 16.63 -1.09 3.72
C PRO B 485 17.62 -1.48 2.65
N SER B 486 18.88 -1.52 3.02
CA SER B 486 19.95 -2.04 2.19
C SER B 486 20.59 -3.28 2.79
N ARG B 487 20.16 -3.62 3.99
CA ARG B 487 20.68 -4.74 4.78
C ARG B 487 19.61 -5.67 5.26
N ILE B 488 20.01 -6.89 5.54
CA ILE B 488 19.12 -7.87 6.14
C ILE B 488 19.61 -8.05 7.55
N PRO B 489 18.79 -8.50 8.51
CA PRO B 489 19.21 -8.78 9.86
C PRO B 489 20.31 -9.81 9.96
N ILE B 490 21.27 -9.53 10.81
CA ILE B 490 22.35 -10.46 11.08
C ILE B 490 22.39 -10.75 12.55
N LEU B 491 22.35 -12.02 12.88
CA LEU B 491 22.43 -12.49 14.25
C LEU B 491 23.67 -13.33 14.38
N ALA B 492 24.65 -12.81 15.11
CA ALA B 492 25.95 -13.47 15.25
C ALA B 492 26.10 -14.13 16.59
N VAL B 493 26.44 -15.40 16.60
CA VAL B 493 26.55 -16.16 17.84
C VAL B 493 27.95 -16.64 18.14
N THR B 494 28.50 -16.28 19.28
CA THR B 494 29.82 -16.78 19.62
C THR B 494 29.89 -17.25 21.08
N GLY B 495 31.04 -17.74 21.49
CA GLY B 495 31.29 -18.23 22.84
C GLY B 495 32.09 -19.51 22.77
N THR B 496 32.71 -19.91 23.86
CA THR B 496 33.51 -21.13 23.83
C THR B 496 32.72 -22.40 23.55
N ASN B 497 31.56 -22.58 24.18
CA ASN B 497 30.73 -23.78 23.97
C ASN B 497 29.28 -23.44 23.70
N GLY B 498 28.62 -24.24 22.84
CA GLY B 498 27.19 -24.13 22.59
C GLY B 498 26.74 -23.33 21.38
N LYS B 499 27.69 -22.85 20.58
CA LYS B 499 27.39 -22.07 19.40
C LYS B 499 26.56 -22.76 18.36
N THR B 500 26.87 -24.01 18.05
CA THR B 500 26.16 -24.74 17.01
C THR B 500 24.74 -25.01 17.41
N THR B 501 24.51 -25.39 18.66
CA THR B 501 23.19 -25.69 19.15
C THR B 501 22.32 -24.44 19.16
N THR B 502 22.87 -23.33 19.63
CA THR B 502 22.16 -22.06 19.73
C THR B 502 21.81 -21.56 18.35
N THR B 503 22.74 -21.70 17.40
CA THR B 503 22.59 -21.28 16.01
C THR B 503 21.48 -22.04 15.32
N ARG B 504 21.42 -23.37 15.49
CA ARG B 504 20.36 -24.13 14.84
C ARG B 504 18.99 -23.83 15.42
N LEU B 505 18.90 -23.60 16.72
CA LEU B 505 17.62 -23.28 17.31
C LEU B 505 17.15 -21.92 16.89
N LEU B 506 18.03 -20.95 16.86
CA LEU B 506 17.64 -19.62 16.49
C LEU B 506 17.20 -19.57 15.04
N ALA B 507 17.90 -20.28 14.15
CA ALA B 507 17.50 -20.33 12.76
C ALA B 507 16.13 -20.98 12.61
N HIS B 508 15.85 -22.01 13.40
CA HIS B 508 14.58 -22.71 13.41
C HIS B 508 13.45 -21.79 13.85
N ILE B 509 13.66 -20.98 14.88
CA ILE B 509 12.63 -20.06 15.33
C ILE B 509 12.32 -19.04 14.24
N TYR B 510 13.32 -18.45 13.59
CA TYR B 510 13.06 -17.45 12.54
C TYR B 510 12.31 -18.02 11.39
N ARG B 511 12.61 -19.24 11.07
CA ARG B 511 12.00 -19.97 9.98
C ARG B 511 10.49 -20.14 10.17
N GLN B 512 9.98 -20.03 11.39
CA GLN B 512 8.56 -20.25 11.66
C GLN B 512 7.77 -19.03 11.25
N THR B 513 8.46 -17.97 10.83
CA THR B 513 7.80 -16.75 10.38
C THR B 513 7.63 -16.80 8.87
N GLY B 514 8.14 -17.85 8.21
CA GLY B 514 8.00 -18.01 6.77
C GLY B 514 9.06 -17.35 5.89
N LYS B 515 10.09 -16.81 6.50
CA LYS B 515 11.16 -16.14 5.77
C LYS B 515 12.25 -17.08 5.35
N THR B 516 13.05 -16.65 4.36
CA THR B 516 14.20 -17.44 3.98
C THR B 516 15.34 -17.14 4.91
N VAL B 517 15.79 -18.19 5.54
CA VAL B 517 16.82 -18.06 6.54
C VAL B 517 18.04 -18.83 6.14
N GLY B 518 19.15 -18.13 6.13
CA GLY B 518 20.40 -18.77 5.81
C GLY B 518 21.23 -18.86 7.07
N TYR B 519 22.01 -19.92 7.20
CA TYR B 519 22.87 -19.99 8.35
C TYR B 519 24.11 -20.80 8.14
N THR B 520 25.11 -20.52 8.94
CA THR B 520 26.34 -21.26 8.81
C THR B 520 26.72 -21.85 10.13
N SER B 521 27.29 -23.03 10.07
CA SER B 521 27.75 -23.75 11.23
C SER B 521 28.99 -24.56 10.95
N THR B 522 29.46 -25.24 11.97
CA THR B 522 30.57 -26.16 11.84
C THR B 522 30.21 -27.47 11.13
N ASP B 523 28.93 -27.70 10.86
CA ASP B 523 28.55 -28.90 10.12
C ASP B 523 28.40 -28.63 8.61
N ALA B 524 27.78 -27.48 8.25
CA ALA B 524 27.41 -27.11 6.87
C ALA B 524 26.86 -25.67 6.73
N ILE B 525 26.64 -25.23 5.47
CA ILE B 525 25.92 -23.98 5.14
C ILE B 525 24.55 -24.35 4.62
N TYR B 526 23.50 -23.78 5.23
CA TYR B 526 22.12 -24.06 4.84
C TYR B 526 21.29 -22.88 4.49
N ILE B 527 20.35 -23.08 3.56
CA ILE B 527 19.30 -22.11 3.30
C ILE B 527 17.96 -22.80 3.33
N ASN B 528 17.08 -22.45 4.28
CA ASN B 528 15.77 -23.07 4.37
C ASN B 528 15.76 -24.57 4.31
N GLU B 529 16.63 -25.19 5.07
CA GLU B 529 16.76 -26.65 5.14
C GLU B 529 17.37 -27.36 3.94
N TYR B 530 17.95 -26.62 3.00
CA TYR B 530 18.70 -27.24 1.94
C TYR B 530 20.16 -27.01 2.22
N CYS B 531 20.96 -28.01 1.99
CA CYS B 531 22.37 -27.84 2.25
C CYS B 531 23.08 -27.31 1.03
N VAL B 532 23.80 -26.23 1.20
CA VAL B 532 24.50 -25.56 0.13
C VAL B 532 25.92 -26.11 0.04
N GLU B 533 26.59 -26.18 1.18
CA GLU B 533 27.95 -26.72 1.27
C GLU B 533 28.07 -27.52 2.54
N LYS B 534 28.94 -28.51 2.58
CA LYS B 534 29.19 -29.28 3.83
C LYS B 534 30.58 -29.08 4.36
N GLY B 535 30.78 -29.33 5.65
CA GLY B 535 32.09 -29.20 6.28
C GLY B 535 32.12 -28.02 7.23
N ASP B 536 33.28 -27.74 7.80
CA ASP B 536 33.34 -26.65 8.76
C ASP B 536 33.23 -25.39 7.99
N ASN B 537 32.11 -24.75 8.11
CA ASN B 537 31.81 -23.58 7.37
C ASN B 537 31.74 -22.36 8.20
N THR B 538 32.43 -22.32 9.30
CA THR B 538 32.46 -21.09 10.04
C THR B 538 33.51 -20.18 9.41
N GLY B 539 33.47 -18.90 9.77
CA GLY B 539 34.45 -17.95 9.26
C GLY B 539 33.90 -17.11 8.09
N PRO B 540 34.63 -16.05 7.68
CA PRO B 540 34.27 -15.07 6.70
C PRO B 540 34.00 -15.54 5.28
N GLN B 541 34.54 -16.69 4.91
CA GLN B 541 34.31 -17.16 3.59
C GLN B 541 32.92 -17.72 3.46
N SER B 542 32.36 -18.22 4.54
CA SER B 542 31.04 -18.77 4.50
C SER B 542 30.02 -17.73 4.73
N ALA B 543 30.35 -16.77 5.57
CA ALA B 543 29.42 -15.70 5.86
C ALA B 543 29.12 -14.98 4.58
N GLY B 544 30.11 -14.86 3.70
CA GLY B 544 29.95 -14.21 2.43
C GLY B 544 29.07 -14.95 1.44
N VAL B 545 28.86 -16.25 1.62
CA VAL B 545 28.01 -17.01 0.73
C VAL B 545 26.61 -16.62 1.04
N ILE B 546 26.30 -16.54 2.32
CA ILE B 546 24.98 -16.15 2.76
C ILE B 546 24.69 -14.70 2.47
N LEU B 547 25.61 -13.80 2.74
CA LEU B 547 25.36 -12.39 2.53
C LEU B 547 25.22 -12.02 1.07
N ARG B 548 25.87 -12.72 0.17
CA ARG B 548 25.73 -12.44 -1.24
C ARG B 548 24.56 -13.16 -1.89
N ASP B 549 23.85 -14.01 -1.17
CA ASP B 549 22.78 -14.81 -1.71
C ASP B 549 21.50 -13.99 -1.87
N PRO B 550 20.97 -13.80 -3.09
CA PRO B 550 19.86 -12.95 -3.45
C PRO B 550 18.53 -13.36 -2.88
N THR B 551 18.44 -14.53 -2.26
CA THR B 551 17.18 -14.97 -1.72
C THR B 551 17.09 -14.83 -0.20
N VAL B 552 18.21 -14.58 0.48
CA VAL B 552 18.20 -14.60 1.94
C VAL B 552 17.64 -13.35 2.61
N GLU B 553 16.74 -13.57 3.57
CA GLU B 553 16.09 -12.50 4.30
C GLU B 553 16.66 -12.33 5.70
N VAL B 554 17.11 -13.41 6.32
CA VAL B 554 17.73 -13.40 7.65
C VAL B 554 19.00 -14.22 7.67
N ALA B 555 20.08 -13.71 8.26
CA ALA B 555 21.31 -14.49 8.39
C ALA B 555 21.65 -14.80 9.84
N VAL B 556 21.84 -16.07 10.16
CA VAL B 556 22.23 -16.48 11.51
C VAL B 556 23.62 -17.15 11.39
N LEU B 557 24.63 -16.58 11.99
CA LEU B 557 26.00 -17.07 11.75
C LEU B 557 26.78 -17.53 12.98
N GLU B 558 27.21 -18.81 13.09
CA GLU B 558 28.00 -19.12 14.30
C GLU B 558 29.38 -18.57 13.99
N THR B 559 30.00 -17.90 14.96
CA THR B 559 31.32 -17.31 14.78
C THR B 559 32.37 -17.87 15.72
N ALA B 560 33.42 -18.39 15.13
CA ALA B 560 34.50 -18.99 15.84
C ALA B 560 35.71 -18.08 15.93
N ARG B 561 36.55 -18.34 16.94
CA ARG B 561 37.81 -17.63 17.12
C ARG B 561 38.78 -17.87 15.99
N GLY B 562 38.70 -19.01 15.32
CA GLY B 562 39.61 -19.26 14.23
C GLY B 562 39.44 -18.21 13.18
N GLY B 563 38.21 -17.99 12.76
CA GLY B 563 37.94 -17.00 11.74
C GLY B 563 38.30 -15.60 12.18
N ILE B 564 38.03 -15.25 13.43
CA ILE B 564 38.33 -13.90 13.87
C ILE B 564 39.81 -13.65 13.88
N LEU B 565 40.57 -14.57 14.42
CA LEU B 565 42.01 -14.39 14.50
C LEU B 565 42.72 -14.49 13.17
N ARG B 566 42.20 -15.28 12.25
CA ARG B 566 42.81 -15.44 10.95
C ARG B 566 42.44 -14.36 9.95
N ALA B 567 41.18 -13.89 9.91
CA ALA B 567 40.84 -12.89 8.90
C ALA B 567 39.80 -11.83 9.27
N GLY B 568 39.42 -11.65 10.54
CA GLY B 568 38.40 -10.66 10.91
C GLY B 568 36.96 -11.14 10.68
N LEU B 569 35.97 -10.29 10.94
CA LEU B 569 34.57 -10.64 10.68
C LEU B 569 34.18 -10.24 9.27
N ALA B 570 33.27 -10.98 8.64
CA ALA B 570 32.81 -10.63 7.29
C ALA B 570 31.78 -9.53 7.15
N PHE B 571 31.15 -9.14 8.23
CA PHE B 571 30.03 -8.22 8.13
C PHE B 571 30.10 -6.80 8.67
N ASP B 572 31.16 -6.39 9.34
CA ASP B 572 31.26 -5.03 9.93
C ASP B 572 30.33 -4.68 11.09
N SER B 573 29.02 -4.85 10.92
CA SER B 573 28.08 -4.60 12.01
C SER B 573 26.91 -5.55 11.93
N CYS B 574 26.23 -5.74 13.07
CA CYS B 574 25.09 -6.64 13.14
C CYS B 574 24.00 -6.17 14.09
N ASP B 575 22.85 -6.86 14.06
CA ASP B 575 21.70 -6.47 14.87
C ASP B 575 21.69 -7.11 16.23
N VAL B 576 22.08 -8.37 16.29
CA VAL B 576 22.15 -9.05 17.55
C VAL B 576 23.48 -9.73 17.67
N GLY B 577 24.14 -9.57 18.79
CA GLY B 577 25.38 -10.25 19.05
C GLY B 577 25.22 -11.05 20.32
N VAL B 578 25.40 -12.35 20.24
CA VAL B 578 25.22 -13.22 21.39
C VAL B 578 26.52 -13.80 21.85
N VAL B 579 26.87 -13.62 23.13
CA VAL B 579 28.09 -14.23 23.66
C VAL B 579 27.66 -15.19 24.74
N LEU B 580 27.92 -16.46 24.54
CA LEU B 580 27.43 -17.47 25.46
C LEU B 580 28.29 -17.77 26.67
N ASN B 581 29.60 -17.74 26.52
CA ASN B 581 30.52 -18.06 27.60
C ASN B 581 31.97 -17.87 27.21
N VAL B 582 32.86 -17.78 28.19
CA VAL B 582 34.31 -17.79 27.93
C VAL B 582 34.95 -18.90 28.77
N ALA B 583 35.77 -19.74 28.17
CA ALA B 583 36.38 -20.81 28.97
C ALA B 583 37.77 -21.15 28.51
N ALA B 584 38.54 -21.75 29.40
CA ALA B 584 39.93 -22.10 29.13
C ALA B 584 40.05 -23.37 28.32
N ASP B 585 39.70 -23.22 27.08
CA ASP B 585 39.64 -24.24 26.06
C ASP B 585 40.24 -23.63 24.81
N HIS B 586 41.31 -24.24 24.29
CA HIS B 586 42.10 -23.73 23.16
C HIS B 586 42.99 -22.57 23.54
N LEU B 587 43.41 -22.52 24.80
CA LEU B 587 44.38 -21.53 25.16
C LEU B 587 45.71 -22.07 24.69
N GLY B 588 46.57 -21.18 24.28
CA GLY B 588 47.88 -21.47 23.79
C GLY B 588 47.91 -21.49 22.27
N LEU B 589 46.74 -21.51 21.64
CA LEU B 589 46.69 -21.51 20.19
C LEU B 589 46.41 -20.12 19.66
N GLY B 590 47.02 -19.78 18.53
CA GLY B 590 46.70 -18.51 17.87
C GLY B 590 47.25 -17.32 18.64
N ASP B 591 48.29 -17.55 19.44
CA ASP B 591 48.88 -16.54 20.30
C ASP B 591 47.97 -16.05 21.44
N ILE B 592 46.89 -16.78 21.73
CA ILE B 592 46.05 -16.44 22.88
C ILE B 592 46.39 -17.39 23.99
N ASP B 593 47.11 -16.91 24.98
CA ASP B 593 47.58 -17.73 26.07
C ASP B 593 46.74 -17.67 27.33
N THR B 594 46.05 -16.56 27.56
CA THR B 594 45.31 -16.42 28.81
C THR B 594 43.82 -16.28 28.59
N ILE B 595 43.06 -16.42 29.67
CA ILE B 595 41.62 -16.33 29.60
C ILE B 595 41.19 -14.88 29.37
N GLU B 596 41.95 -13.93 29.90
CA GLU B 596 41.65 -12.52 29.70
C GLU B 596 41.81 -12.14 28.24
N GLN B 597 42.77 -12.77 27.55
CA GLN B 597 42.94 -12.53 26.12
C GLN B 597 41.80 -13.18 25.33
N MET B 598 41.38 -14.38 25.74
CA MET B 598 40.32 -15.06 25.03
C MET B 598 39.04 -14.24 25.09
N ALA B 599 38.84 -13.56 26.20
CA ALA B 599 37.69 -12.71 26.37
C ALA B 599 37.71 -11.55 25.37
N LYS B 600 38.89 -11.07 24.95
CA LYS B 600 39.00 -9.97 24.00
C LYS B 600 38.71 -10.45 22.60
N VAL B 601 38.93 -11.74 22.36
CA VAL B 601 38.61 -12.30 21.08
C VAL B 601 37.08 -12.38 21.01
N LYS B 602 36.44 -12.87 22.07
CA LYS B 602 34.99 -13.04 22.03
C LYS B 602 34.25 -11.72 22.07
N SER B 603 34.80 -10.71 22.71
CA SER B 603 34.16 -9.41 22.82
C SER B 603 34.07 -8.69 21.49
N VAL B 604 34.73 -9.19 20.44
CA VAL B 604 34.67 -8.55 19.15
C VAL B 604 33.22 -8.54 18.69
N ILE B 605 32.46 -9.61 18.96
CA ILE B 605 31.07 -9.62 18.53
C ILE B 605 30.24 -8.58 19.26
N ALA B 606 30.41 -8.47 20.56
CA ALA B 606 29.64 -7.51 21.33
C ALA B 606 29.89 -6.08 20.87
N GLU B 607 31.12 -5.78 20.47
CA GLU B 607 31.51 -4.44 20.06
C GLU B 607 31.16 -4.07 18.62
N VAL B 608 30.58 -4.98 17.85
CA VAL B 608 30.21 -4.64 16.48
C VAL B 608 28.71 -4.61 16.36
N VAL B 609 28.00 -4.67 17.46
CA VAL B 609 26.58 -4.59 17.34
C VAL B 609 26.21 -3.13 17.15
N ASP B 610 25.39 -2.86 16.15
CA ASP B 610 24.91 -1.53 15.82
C ASP B 610 24.27 -0.90 17.05
N PRO B 611 24.42 0.40 17.35
CA PRO B 611 23.82 1.07 18.49
C PRO B 611 22.31 0.86 18.63
N SER B 612 21.60 0.60 17.53
CA SER B 612 20.16 0.40 17.61
C SER B 612 19.81 -1.05 17.95
N GLY B 613 20.81 -1.93 17.98
CA GLY B 613 20.68 -3.35 18.24
C GLY B 613 21.00 -3.72 19.67
N TYR B 614 21.14 -5.03 19.89
CA TYR B 614 21.39 -5.64 21.19
C TYR B 614 22.52 -6.60 21.31
N ALA B 615 23.14 -6.60 22.47
CA ALA B 615 24.10 -7.60 22.84
C ALA B 615 23.43 -8.47 23.87
N VAL B 616 23.55 -9.77 23.72
CA VAL B 616 22.96 -10.71 24.64
C VAL B 616 24.07 -11.38 25.41
N LEU B 617 24.13 -11.09 26.70
CA LEU B 617 25.22 -11.56 27.55
C LEU B 617 24.78 -12.53 28.61
N ASN B 618 25.68 -13.40 28.99
CA ASN B 618 25.49 -14.40 30.03
C ASN B 618 25.83 -13.82 31.40
N ALA B 619 24.83 -13.57 32.25
CA ALA B 619 25.05 -12.91 33.54
C ALA B 619 25.65 -13.86 34.57
N ASP B 620 25.71 -15.13 34.25
CA ASP B 620 26.27 -16.12 35.16
C ASP B 620 27.75 -16.36 34.86
N ASP B 621 28.30 -15.62 33.90
CA ASP B 621 29.69 -15.73 33.50
C ASP B 621 30.43 -14.41 33.74
N PRO B 622 31.32 -14.31 34.74
CA PRO B 622 32.04 -13.12 35.13
C PRO B 622 32.78 -12.39 34.03
N LEU B 623 33.27 -13.10 33.00
CA LEU B 623 34.00 -12.40 31.97
C LEU B 623 33.06 -11.89 30.91
N VAL B 624 31.97 -12.59 30.72
CA VAL B 624 31.02 -12.19 29.70
C VAL B 624 30.19 -11.01 30.16
N ALA B 625 29.70 -11.04 31.40
CA ALA B 625 28.89 -9.95 31.90
C ALA B 625 29.65 -8.63 31.88
N ALA B 626 30.95 -8.69 32.10
CA ALA B 626 31.85 -7.56 32.13
C ALA B 626 32.01 -6.87 30.78
N MET B 627 31.61 -7.53 29.69
CA MET B 627 31.74 -6.98 28.35
C MET B 627 30.71 -5.90 28.16
N ALA B 628 29.73 -5.85 29.04
CA ALA B 628 28.61 -4.92 28.96
C ALA B 628 29.08 -3.50 29.03
N ASP B 629 30.26 -3.29 29.59
CA ASP B 629 30.79 -1.95 29.77
C ASP B 629 31.57 -1.46 28.55
N LYS B 630 31.71 -2.31 27.53
CA LYS B 630 32.40 -1.97 26.30
C LYS B 630 31.38 -1.75 25.18
N VAL B 631 30.23 -2.38 25.33
CA VAL B 631 29.16 -2.36 24.36
C VAL B 631 28.47 -1.00 24.22
N LYS B 632 28.33 -0.55 22.97
CA LYS B 632 27.67 0.69 22.58
C LYS B 632 26.19 0.49 22.29
N ALA B 633 25.83 -0.77 22.19
CA ALA B 633 24.52 -1.31 21.88
C ALA B 633 23.74 -1.50 23.18
N LYS B 634 22.49 -1.88 23.07
CA LYS B 634 21.67 -2.13 24.23
C LYS B 634 22.08 -3.47 24.78
N VAL B 635 21.91 -3.71 26.06
CA VAL B 635 22.30 -5.01 26.60
C VAL B 635 21.14 -5.75 27.20
N ALA B 636 21.02 -7.02 26.86
CA ALA B 636 20.04 -7.93 27.42
C ALA B 636 20.81 -9.02 28.13
N TYR B 637 20.27 -9.58 29.18
CA TYR B 637 20.98 -10.65 29.91
C TYR B 637 20.23 -11.91 30.09
N PHE B 638 20.93 -13.02 30.18
CA PHE B 638 20.23 -14.24 30.53
C PHE B 638 20.93 -14.95 31.69
N SER B 639 20.16 -15.74 32.44
CA SER B 639 20.73 -16.51 33.54
C SER B 639 19.91 -17.72 33.96
N MET B 640 20.54 -18.59 34.72
CA MET B 640 19.90 -19.79 35.28
C MET B 640 19.50 -19.58 36.72
N ASN B 641 19.64 -18.36 37.17
CA ASN B 641 19.36 -17.96 38.52
C ASN B 641 18.67 -16.61 38.53
N PRO B 642 17.35 -16.54 38.74
CA PRO B 642 16.53 -15.35 38.75
C PRO B 642 16.97 -14.33 39.77
N ASP B 643 17.73 -14.77 40.77
CA ASP B 643 18.18 -13.88 41.83
C ASP B 643 19.58 -13.33 41.61
N ASN B 644 20.15 -13.55 40.44
CA ASN B 644 21.44 -13.02 40.10
C ASN B 644 21.33 -11.49 40.19
N PRO B 645 22.12 -10.80 41.04
CA PRO B 645 22.09 -9.38 41.28
C PRO B 645 22.17 -8.54 40.02
N ILE B 646 22.81 -9.06 38.97
CA ILE B 646 22.95 -8.33 37.73
C ILE B 646 21.60 -8.19 37.08
N ILE B 647 20.84 -9.28 37.10
CA ILE B 647 19.56 -9.34 36.47
C ILE B 647 18.62 -8.46 37.20
N GLN B 648 18.66 -8.49 38.52
CA GLN B 648 17.74 -7.69 39.30
C GLN B 648 17.99 -6.21 39.10
N ALA B 649 19.25 -5.81 39.10
CA ALA B 649 19.55 -4.41 38.92
C ALA B 649 19.09 -3.92 37.56
N HIS B 650 19.22 -4.79 36.55
CA HIS B 650 18.87 -4.52 35.18
C HIS B 650 17.37 -4.41 34.94
N VAL B 651 16.58 -5.35 35.43
CA VAL B 651 15.14 -5.26 35.18
C VAL B 651 14.51 -4.10 35.94
N ARG B 652 15.12 -3.69 37.06
CA ARG B 652 14.64 -2.56 37.82
C ARG B 652 14.83 -1.22 37.10
N ARG B 653 15.60 -1.23 36.00
CA ARG B 653 15.85 -0.07 35.18
C ARG B 653 15.15 -0.26 33.83
N ASN B 654 14.19 -1.20 33.81
CA ASN B 654 13.42 -1.63 32.66
C ASN B 654 14.18 -2.27 31.51
N GLY B 655 15.20 -3.06 31.84
CA GLY B 655 15.90 -3.79 30.84
C GLY B 655 15.16 -5.09 30.61
N ILE B 656 15.72 -5.93 29.75
CA ILE B 656 15.16 -7.19 29.35
C ILE B 656 16.09 -8.31 29.74
N ALA B 657 15.54 -9.37 30.28
CA ALA B 657 16.35 -10.50 30.66
C ALA B 657 15.61 -11.79 30.50
N ALA B 658 16.32 -12.88 30.35
CA ALA B 658 15.67 -14.18 30.29
C ALA B 658 16.18 -15.05 31.40
N VAL B 659 15.27 -15.59 32.17
CA VAL B 659 15.68 -16.41 33.29
C VAL B 659 14.98 -17.73 33.35
N TYR B 660 15.60 -18.66 34.01
CA TYR B 660 14.94 -19.91 34.29
C TYR B 660 14.34 -19.88 35.68
N GLU B 661 13.02 -19.98 35.77
CA GLU B 661 12.34 -19.91 37.05
C GLU B 661 11.12 -20.79 37.11
N SER B 662 10.87 -21.40 38.24
CA SER B 662 9.69 -22.21 38.48
C SER B 662 9.43 -23.27 37.42
N GLY B 663 10.49 -23.81 36.82
CA GLY B 663 10.35 -24.82 35.79
C GLY B 663 10.13 -24.25 34.40
N TYR B 664 10.03 -22.93 34.30
CA TYR B 664 9.78 -22.22 33.07
C TYR B 664 10.90 -21.39 32.54
N LEU B 665 10.91 -21.27 31.24
CA LEU B 665 11.79 -20.36 30.57
C LEU B 665 10.95 -19.14 30.39
N SER B 666 11.40 -18.00 30.92
CA SER B 666 10.61 -16.79 30.84
C SER B 666 11.41 -15.54 30.58
N ILE B 667 10.73 -14.56 30.03
CA ILE B 667 11.31 -13.27 29.73
C ILE B 667 10.81 -12.19 30.64
N LEU B 668 11.75 -11.50 31.23
CA LEU B 668 11.48 -10.42 32.14
C LEU B 668 11.62 -9.16 31.38
N GLU B 669 10.56 -8.41 31.29
CA GLU B 669 10.57 -7.17 30.55
C GLU B 669 10.13 -6.10 31.51
N GLY B 670 11.10 -5.49 32.16
CA GLY B 670 10.78 -4.59 33.25
C GLY B 670 10.09 -5.38 34.34
N SER B 671 8.94 -4.90 34.78
CA SER B 671 8.17 -5.55 35.84
C SER B 671 7.32 -6.72 35.39
N TRP B 672 7.18 -6.92 34.09
CA TRP B 672 6.31 -7.95 33.59
C TRP B 672 7.02 -9.26 33.28
N THR B 673 6.37 -10.38 33.54
CA THR B 673 6.98 -11.66 33.22
C THR B 673 6.22 -12.41 32.16
N LEU B 674 6.92 -12.80 31.11
CA LEU B 674 6.35 -13.56 30.01
C LEU B 674 6.83 -14.98 30.01
N ARG B 675 5.98 -15.93 30.25
CA ARG B 675 6.46 -17.30 30.26
C ARG B 675 6.41 -17.85 28.86
N VAL B 676 7.49 -18.52 28.43
CA VAL B 676 7.50 -19.09 27.10
C VAL B 676 7.05 -20.51 27.18
N GLU B 677 7.77 -21.34 27.91
CA GLU B 677 7.38 -22.75 28.03
C GLU B 677 8.06 -23.40 29.24
N GLN B 678 7.74 -24.65 29.52
CA GLN B 678 8.37 -25.40 30.60
C GLN B 678 9.60 -26.09 30.09
N ALA B 679 10.66 -26.13 30.88
CA ALA B 679 11.86 -26.77 30.40
C ALA B 679 11.64 -28.22 30.07
N LYS B 680 10.81 -28.90 30.82
CA LYS B 680 10.57 -30.32 30.60
C LYS B 680 9.80 -30.62 29.33
N LEU B 681 9.16 -29.62 28.74
CA LEU B 681 8.38 -29.83 27.54
C LEU B 681 9.09 -29.37 26.29
N ILE B 682 10.36 -28.99 26.41
CA ILE B 682 11.12 -28.56 25.26
C ILE B 682 12.09 -29.70 24.97
N PRO B 683 11.94 -30.46 23.87
CA PRO B 683 12.69 -31.65 23.52
C PRO B 683 14.21 -31.56 23.52
N MET B 684 14.79 -30.38 23.29
CA MET B 684 16.25 -30.29 23.29
C MET B 684 16.80 -30.37 24.69
N THR B 685 15.96 -30.11 25.67
CA THR B 685 16.39 -30.13 27.03
C THR B 685 16.16 -31.54 27.47
N MET B 686 17.13 -32.16 28.08
CA MET B 686 17.04 -33.57 28.46
C MET B 686 16.10 -33.84 29.62
N GLY B 687 14.82 -33.53 29.46
CA GLY B 687 13.79 -33.73 30.47
C GLY B 687 13.86 -32.67 31.55
N GLY B 688 14.71 -31.69 31.35
CA GLY B 688 15.00 -30.64 32.30
C GLY B 688 16.26 -30.94 33.13
N MET B 689 17.03 -32.00 32.83
CA MET B 689 18.23 -32.34 33.62
C MET B 689 19.59 -31.99 33.03
N ALA B 690 19.61 -31.13 32.02
CA ALA B 690 20.85 -30.72 31.36
C ALA B 690 20.90 -29.20 31.30
N PRO B 691 21.39 -28.52 32.35
CA PRO B 691 21.42 -27.09 32.53
C PRO B 691 22.00 -26.31 31.38
N PHE B 692 22.95 -26.87 30.65
CA PHE B 692 23.48 -26.10 29.55
C PHE B 692 22.55 -26.08 28.36
N MET B 693 21.59 -27.01 28.29
CA MET B 693 20.67 -27.03 27.18
C MET B 693 19.62 -25.99 27.47
N ILE B 694 19.37 -25.77 28.76
CA ILE B 694 18.41 -24.78 29.18
C ILE B 694 19.02 -23.42 28.89
N ALA B 695 20.29 -23.24 29.24
CA ALA B 695 20.97 -21.98 28.99
C ALA B 695 21.02 -21.62 27.50
N ASN B 696 21.19 -22.61 26.62
CA ASN B 696 21.20 -22.35 25.20
C ASN B 696 19.82 -21.98 24.69
N ALA B 697 18.78 -22.61 25.23
CA ALA B 697 17.43 -22.25 24.86
C ALA B 697 17.11 -20.83 25.29
N LEU B 698 17.61 -20.41 26.46
CA LEU B 698 17.34 -19.05 26.92
C LEU B 698 17.99 -18.04 26.03
N ALA B 699 19.23 -18.30 25.60
CA ALA B 699 19.92 -17.38 24.74
C ALA B 699 19.24 -17.20 23.38
N ALA B 700 18.74 -18.30 22.80
CA ALA B 700 18.05 -18.23 21.52
C ALA B 700 16.71 -17.54 21.63
N CYS B 701 15.99 -17.76 22.72
CA CYS B 701 14.69 -17.12 22.92
C CYS B 701 14.84 -15.65 23.13
N LEU B 702 15.85 -15.25 23.88
CA LEU B 702 16.06 -13.85 24.15
C LEU B 702 16.50 -13.14 22.89
N ALA B 703 17.38 -13.73 22.08
CA ALA B 703 17.80 -13.09 20.85
C ALA B 703 16.62 -12.87 19.89
N ALA B 704 15.73 -13.86 19.78
CA ALA B 704 14.56 -13.72 18.91
C ALA B 704 13.62 -12.65 19.40
N PHE B 705 13.46 -12.55 20.72
CA PHE B 705 12.58 -11.58 21.34
C PHE B 705 13.06 -10.15 21.15
N VAL B 706 14.34 -9.90 21.42
CA VAL B 706 14.85 -8.54 21.33
C VAL B 706 14.90 -8.05 19.90
N ASN B 707 14.92 -8.97 18.93
CA ASN B 707 14.92 -8.58 17.54
C ASN B 707 13.50 -8.50 16.97
N GLY B 708 12.48 -8.52 17.84
CA GLY B 708 11.11 -8.32 17.40
C GLY B 708 10.19 -9.51 17.17
N LEU B 709 10.57 -10.74 17.49
CA LEU B 709 9.61 -11.81 17.26
C LEU B 709 8.64 -11.92 18.40
N ASP B 710 7.42 -12.33 18.08
CA ASP B 710 6.40 -12.53 19.09
C ASP B 710 6.65 -13.80 19.87
N VAL B 711 6.10 -13.87 21.06
CA VAL B 711 6.29 -15.01 21.95
C VAL B 711 5.66 -16.26 21.41
N GLU B 712 4.52 -16.15 20.76
CA GLU B 712 3.87 -17.34 20.25
C GLU B 712 4.75 -18.02 19.20
N VAL B 713 5.46 -17.23 18.39
CA VAL B 713 6.34 -17.76 17.37
C VAL B 713 7.51 -18.48 18.05
N ILE B 714 8.03 -17.87 19.11
CA ILE B 714 9.12 -18.45 19.85
C ILE B 714 8.68 -19.78 20.44
N ARG B 715 7.46 -19.86 21.03
CA ARG B 715 6.97 -21.12 21.59
C ARG B 715 6.88 -22.21 20.56
N GLN B 716 6.38 -21.88 19.39
CA GLN B 716 6.28 -22.88 18.35
C GLN B 716 7.65 -23.41 17.97
N GLY B 717 8.62 -22.51 17.86
CA GLY B 717 9.97 -22.90 17.50
C GLY B 717 10.66 -23.74 18.56
N VAL B 718 10.51 -23.45 19.85
CA VAL B 718 11.23 -24.28 20.80
C VAL B 718 10.61 -25.67 20.92
N ARG B 719 9.29 -25.77 20.77
CA ARG B 719 8.59 -27.04 20.84
C ARG B 719 8.84 -28.01 19.70
N THR B 720 9.04 -27.51 18.48
CA THR B 720 9.19 -28.38 17.33
C THR B 720 10.63 -28.61 16.88
N PHE B 721 11.58 -28.06 17.59
CA PHE B 721 12.99 -28.19 17.25
C PHE B 721 13.55 -29.55 17.58
N THR B 722 14.30 -30.17 16.66
CA THR B 722 14.89 -31.46 16.98
C THR B 722 16.35 -31.65 16.59
N THR B 723 16.95 -32.59 17.32
CA THR B 723 18.27 -33.21 17.18
C THR B 723 18.03 -34.65 17.58
N SER B 724 17.17 -35.33 16.86
CA SER B 724 16.71 -36.65 17.28
C SER B 724 17.72 -37.79 17.14
N ALA B 725 17.55 -38.85 17.93
CA ALA B 725 18.41 -39.99 17.70
C ALA B 725 18.09 -40.47 16.31
N GLU B 726 19.13 -40.84 15.57
CA GLU B 726 19.07 -41.29 14.17
C GLU B 726 18.71 -40.17 13.18
N GLN B 727 18.72 -38.91 13.67
CA GLN B 727 18.59 -37.71 12.86
C GLN B 727 19.94 -37.05 12.94
N THR B 728 20.39 -36.89 14.18
CA THR B 728 21.70 -36.34 14.47
C THR B 728 22.34 -37.29 15.50
N PRO B 729 22.56 -38.58 15.15
CA PRO B 729 23.01 -39.58 16.06
C PRO B 729 24.41 -39.22 16.44
N GLY B 730 24.80 -39.56 17.64
CA GLY B 730 26.17 -39.31 18.05
C GLY B 730 26.26 -38.17 19.04
N ARG B 731 25.22 -37.33 19.14
CA ARG B 731 25.24 -36.26 20.12
C ARG B 731 24.10 -36.31 21.15
N MET B 732 24.39 -36.78 22.38
CA MET B 732 23.39 -36.84 23.45
C MET B 732 22.07 -37.54 23.15
N ASN B 733 22.07 -38.81 22.85
CA ASN B 733 20.83 -39.46 22.48
C ASN B 733 20.17 -40.03 23.74
N LEU B 734 19.12 -39.37 24.24
CA LEU B 734 18.50 -39.77 25.53
C LEU B 734 17.36 -40.75 25.41
N PHE B 735 17.42 -41.81 26.20
CA PHE B 735 16.40 -42.82 26.21
C PHE B 735 15.59 -42.81 27.48
N ASN B 736 14.30 -42.51 27.33
CA ASN B 736 13.30 -42.49 28.40
C ASN B 736 12.54 -43.77 28.23
N LEU B 737 12.66 -44.68 29.18
CA LEU B 737 12.07 -45.99 29.03
C LEU B 737 11.07 -46.20 30.17
N GLY B 738 10.35 -45.14 30.51
CA GLY B 738 9.42 -45.18 31.63
C GLY B 738 10.33 -44.82 32.75
N GLN B 739 10.12 -45.28 33.97
CA GLN B 739 11.05 -44.81 34.99
C GLN B 739 12.32 -45.68 35.05
N HIS B 740 13.02 -45.64 33.92
CA HIS B 740 14.28 -46.27 33.55
C HIS B 740 14.95 -45.31 32.56
N HIS B 741 16.26 -45.10 32.67
CA HIS B 741 16.90 -44.13 31.79
C HIS B 741 18.24 -44.59 31.25
N ALA B 742 18.57 -44.16 30.05
CA ALA B 742 19.91 -44.37 29.51
C ALA B 742 20.29 -43.21 28.60
N LEU B 743 21.54 -42.80 28.63
CA LEU B 743 21.96 -41.72 27.72
C LEU B 743 23.19 -42.11 26.98
N VAL B 744 23.08 -42.13 25.65
CA VAL B 744 24.15 -42.59 24.79
C VAL B 744 24.85 -41.43 24.11
N ASP B 745 26.14 -41.35 24.34
CA ASP B 745 26.94 -40.28 23.78
C ASP B 745 28.32 -40.85 23.54
N TYR B 746 29.24 -40.07 23.02
CA TYR B 746 30.56 -40.66 22.79
C TYR B 746 31.60 -40.03 23.71
N ALA B 747 32.49 -40.83 24.24
CA ALA B 747 33.53 -40.25 25.05
C ALA B 747 34.86 -40.90 24.79
N HIS B 748 35.88 -40.08 24.98
CA HIS B 748 37.26 -40.42 24.83
C HIS B 748 38.00 -39.90 26.04
N ASN B 749 38.14 -38.57 26.12
CA ASN B 749 38.78 -37.92 27.23
C ASN B 749 37.67 -37.48 28.24
N PRO B 750 38.02 -36.89 29.42
CA PRO B 750 37.12 -36.44 30.48
C PRO B 750 35.97 -35.55 30.03
N ALA B 751 36.14 -34.78 28.95
CA ALA B 751 35.05 -33.91 28.52
C ALA B 751 33.86 -34.72 28.02
N GLY B 752 34.15 -35.87 27.39
CA GLY B 752 33.08 -36.67 26.83
C GLY B 752 32.39 -37.41 27.94
N TYR B 753 33.12 -37.71 29.00
CA TYR B 753 32.47 -38.45 30.07
C TYR B 753 31.58 -37.49 30.83
N ARG B 754 32.08 -36.26 31.00
CA ARG B 754 31.41 -35.15 31.67
C ARG B 754 30.09 -34.86 30.99
N ALA B 755 30.06 -35.02 29.65
CA ALA B 755 28.88 -34.74 28.88
C ALA B 755 27.66 -35.47 29.42
N VAL B 756 27.81 -36.68 29.96
CA VAL B 756 26.62 -37.30 30.48
C VAL B 756 26.70 -37.33 32.01
N GLY B 757 27.89 -37.08 32.56
CA GLY B 757 28.07 -36.97 34.00
C GLY B 757 27.15 -35.88 34.55
N ASP B 758 26.87 -34.85 33.74
CA ASP B 758 25.95 -33.78 34.11
C ASP B 758 24.50 -34.26 34.39
N PHE B 759 24.03 -35.27 33.65
CA PHE B 759 22.67 -35.77 33.84
C PHE B 759 22.67 -36.54 35.13
N VAL B 760 23.76 -37.28 35.36
CA VAL B 760 23.87 -38.15 36.53
C VAL B 760 23.78 -37.32 37.80
N LYS B 761 24.52 -36.21 37.82
CA LYS B 761 24.49 -35.31 38.96
C LYS B 761 23.08 -34.77 39.21
N ASN B 762 22.33 -34.52 38.14
CA ASN B 762 20.97 -34.00 38.24
C ASN B 762 19.85 -35.04 38.17
N TRP B 763 20.15 -36.34 38.20
CA TRP B 763 19.05 -37.29 38.05
C TRP B 763 18.27 -37.59 39.33
N GLN B 764 16.96 -37.40 39.19
CA GLN B 764 16.00 -37.51 40.25
C GLN B 764 15.57 -38.95 40.43
N GLY B 765 16.47 -39.76 40.95
CA GLY B 765 16.18 -41.18 41.05
C GLY B 765 16.98 -41.96 42.06
N GLN B 766 17.08 -43.27 41.78
CA GLN B 766 17.66 -44.22 42.71
C GLN B 766 19.01 -44.84 42.39
N ARG B 767 19.34 -45.04 41.10
CA ARG B 767 20.59 -45.74 40.76
C ARG B 767 21.35 -45.04 39.65
N PHE B 768 22.67 -45.02 39.72
CA PHE B 768 23.46 -44.33 38.70
C PHE B 768 24.54 -45.24 38.11
N GLY B 769 24.33 -45.71 36.90
CA GLY B 769 25.28 -46.61 36.31
C GLY B 769 25.94 -46.11 35.06
N VAL B 770 26.82 -46.93 34.52
CA VAL B 770 27.57 -46.62 33.32
C VAL B 770 28.03 -47.87 32.54
N VAL B 771 28.06 -47.73 31.24
CA VAL B 771 28.55 -48.69 30.29
C VAL B 771 29.89 -48.25 29.73
N GLY B 772 30.93 -48.87 30.28
CA GLY B 772 32.33 -48.64 29.96
C GLY B 772 32.80 -47.20 30.04
N GLY B 773 33.45 -46.78 28.97
CA GLY B 773 33.91 -45.43 28.83
C GLY B 773 34.87 -45.24 27.66
N PRO B 774 36.19 -45.46 27.86
CA PRO B 774 37.23 -45.34 26.86
C PRO B 774 37.32 -46.56 25.97
N GLY B 775 37.84 -46.35 24.78
CA GLY B 775 38.18 -47.42 23.88
C GLY B 775 39.70 -47.54 23.88
N ASP B 776 40.26 -48.07 22.80
CA ASP B 776 41.71 -48.26 22.75
C ASP B 776 42.42 -47.03 22.22
N ARG B 777 41.66 -45.96 22.06
CA ARG B 777 42.16 -44.67 21.61
C ARG B 777 42.84 -43.90 22.76
N ARG B 778 42.72 -44.38 24.01
CA ARG B 778 43.38 -43.70 25.13
C ARG B 778 44.73 -44.32 25.52
N ASP B 779 45.55 -43.46 26.14
CA ASP B 779 46.85 -43.78 26.72
C ASP B 779 46.56 -44.44 28.06
N SER B 780 47.56 -44.84 28.83
CA SER B 780 47.28 -45.58 30.06
C SER B 780 46.80 -44.70 31.23
N ASP B 781 45.60 -44.13 31.05
CA ASP B 781 44.90 -43.28 31.99
C ASP B 781 43.61 -43.99 32.35
N LEU B 782 43.58 -45.28 32.02
CA LEU B 782 42.45 -46.14 32.22
C LEU B 782 42.17 -46.31 33.69
N ILE B 783 43.22 -46.36 34.50
CA ILE B 783 43.00 -46.50 35.92
C ILE B 783 42.34 -45.22 36.40
N GLU B 784 42.83 -44.06 35.96
CA GLU B 784 42.25 -42.79 36.36
C GLU B 784 40.79 -42.66 35.91
N LEU B 785 40.47 -43.12 34.68
CA LEU B 785 39.10 -43.05 34.20
C LEU B 785 38.24 -43.98 35.03
N GLY B 786 38.80 -45.12 35.42
CA GLY B 786 38.10 -46.05 36.28
C GLY B 786 37.82 -45.40 37.64
N GLN B 787 38.81 -44.66 38.18
CA GLN B 787 38.64 -43.98 39.46
C GLN B 787 37.54 -42.92 39.34
N ILE B 788 37.49 -42.23 38.20
CA ILE B 788 36.45 -41.24 38.01
C ILE B 788 35.10 -41.92 37.99
N ALA B 789 34.95 -43.02 37.27
CA ALA B 789 33.65 -43.69 37.25
C ALA B 789 33.24 -44.12 38.65
N ALA B 790 34.19 -44.60 39.45
CA ALA B 790 33.90 -45.05 40.81
C ALA B 790 33.31 -43.95 41.68
N GLN B 791 33.75 -42.73 41.44
CA GLN B 791 33.33 -41.58 42.22
C GLN B 791 32.03 -40.95 41.72
N VAL B 792 31.51 -41.46 40.60
CA VAL B 792 30.31 -40.93 39.98
C VAL B 792 29.14 -41.92 40.03
N PHE B 793 29.42 -43.18 39.73
CA PHE B 793 28.41 -44.20 39.56
C PHE B 793 28.39 -45.32 40.62
N ASP B 794 27.23 -45.92 40.85
CA ASP B 794 27.12 -47.08 41.72
C ASP B 794 26.63 -48.33 40.98
N ARG B 795 26.57 -48.27 39.65
CA ARG B 795 26.22 -49.43 38.81
C ARG B 795 27.12 -49.42 37.54
N ILE B 796 28.39 -49.78 37.72
CA ILE B 796 29.43 -49.67 36.69
C ILE B 796 29.72 -50.98 36.02
N ILE B 797 29.44 -51.09 34.73
CA ILE B 797 29.63 -52.37 34.07
C ILE B 797 30.71 -52.21 33.00
N VAL B 798 31.66 -53.14 33.00
CA VAL B 798 32.81 -53.13 32.12
C VAL B 798 32.65 -53.87 30.76
N LYS B 799 32.99 -53.14 29.69
CA LYS B 799 32.95 -53.59 28.29
C LYS B 799 34.23 -53.36 27.52
N GLU B 800 35.31 -53.06 28.21
CA GLU B 800 36.52 -52.66 27.51
C GLU B 800 37.38 -53.76 26.87
N ASP B 801 36.79 -54.27 25.79
CA ASP B 801 37.28 -55.24 24.82
C ASP B 801 36.47 -54.92 23.55
N ASP B 802 36.88 -53.90 22.81
CA ASP B 802 36.06 -53.39 21.70
C ASP B 802 36.39 -54.09 20.38
N ASP B 803 35.75 -53.64 19.29
CA ASP B 803 35.99 -54.24 17.98
C ASP B 803 37.33 -53.82 17.38
N LYS B 804 37.76 -52.61 17.69
CA LYS B 804 39.00 -52.07 17.13
C LYS B 804 40.24 -52.82 17.63
N ARG B 805 40.25 -53.18 18.92
CA ARG B 805 41.34 -53.95 19.52
C ARG B 805 42.73 -53.37 19.28
N GLY B 806 42.89 -52.09 19.59
CA GLY B 806 44.15 -51.38 19.44
C GLY B 806 45.09 -51.76 20.58
N ARG B 807 44.51 -52.37 21.62
CA ARG B 807 45.24 -52.82 22.79
C ARG B 807 44.95 -54.28 23.10
N SER B 808 45.41 -55.21 22.26
CA SER B 808 45.16 -56.63 22.51
C SER B 808 43.67 -56.99 22.63
N GLU B 809 43.22 -57.45 23.82
CA GLU B 809 41.83 -57.84 24.03
C GLU B 809 41.23 -57.14 25.27
N GLY B 810 41.23 -57.84 26.42
CA GLY B 810 40.62 -57.33 27.65
C GLY B 810 41.54 -56.53 28.58
N GLU B 811 42.78 -56.27 28.18
CA GLU B 811 43.72 -55.53 29.02
C GLU B 811 43.22 -54.11 29.33
N THR B 812 42.49 -53.50 28.39
CA THR B 812 41.97 -52.16 28.61
C THR B 812 41.02 -52.21 29.80
N ALA B 813 40.11 -53.21 29.80
CA ALA B 813 39.21 -53.44 30.91
C ALA B 813 39.95 -53.74 32.17
N ASP B 814 41.06 -54.45 32.09
CA ASP B 814 41.76 -54.80 33.32
C ASP B 814 42.23 -53.54 34.05
N LEU B 815 42.64 -52.49 33.32
CA LEU B 815 43.06 -51.28 34.00
C LEU B 815 41.85 -50.52 34.54
N ILE B 816 40.73 -50.58 33.81
CA ILE B 816 39.52 -49.93 34.29
C ILE B 816 39.09 -50.63 35.58
N VAL B 817 39.14 -51.96 35.61
CA VAL B 817 38.74 -52.72 36.79
C VAL B 817 39.59 -52.34 37.99
N LYS B 818 40.89 -52.19 37.82
CA LYS B 818 41.68 -51.78 38.97
C LYS B 818 41.25 -50.40 39.49
N GLY B 819 41.03 -49.43 38.59
CA GLY B 819 40.63 -48.08 39.01
C GLY B 819 39.24 -47.99 39.65
N ILE B 820 38.29 -48.77 39.13
CA ILE B 820 36.94 -48.69 39.65
C ILE B 820 36.85 -49.37 41.02
N LEU B 821 37.59 -50.48 41.20
CA LEU B 821 37.59 -51.16 42.48
C LEU B 821 38.43 -50.39 43.50
N GLN B 822 39.47 -49.70 43.04
CA GLN B 822 40.31 -48.94 43.94
C GLN B 822 39.53 -47.86 44.69
N GLU B 823 38.68 -47.11 43.97
CA GLU B 823 37.92 -46.05 44.64
C GLU B 823 36.54 -46.45 45.19
N ASN B 824 35.82 -47.39 44.56
CA ASN B 824 34.48 -47.73 45.06
C ASN B 824 34.11 -49.18 44.78
N PRO B 825 34.66 -50.16 45.49
CA PRO B 825 34.50 -51.59 45.26
C PRO B 825 33.16 -52.13 45.74
N GLY B 826 32.09 -51.61 45.15
CA GLY B 826 30.72 -51.97 45.50
C GLY B 826 29.71 -51.27 44.61
N ALA B 827 29.92 -51.36 43.29
CA ALA B 827 29.06 -50.72 42.29
C ALA B 827 28.56 -51.70 41.24
N SER B 828 28.13 -52.90 41.66
CA SER B 828 27.64 -53.90 40.70
C SER B 828 28.60 -54.07 39.55
N TYR B 829 29.85 -54.37 39.86
CA TYR B 829 30.86 -54.45 38.84
C TYR B 829 30.84 -55.72 38.06
N GLU B 830 29.86 -55.81 37.20
CA GLU B 830 29.75 -56.97 36.36
C GLU B 830 30.72 -56.70 35.22
N VAL B 831 31.28 -57.76 34.66
CA VAL B 831 32.17 -57.58 33.52
C VAL B 831 31.63 -58.43 32.38
N ILE B 832 31.33 -57.78 31.26
CA ILE B 832 30.77 -58.46 30.10
C ILE B 832 31.75 -58.53 28.94
N LEU B 833 32.41 -57.40 28.62
CA LEU B 833 33.30 -57.30 27.47
C LEU B 833 32.64 -57.61 26.12
N ASP B 834 31.41 -57.12 25.96
CA ASP B 834 30.64 -57.26 24.72
C ASP B 834 29.61 -56.14 24.54
N GLU B 835 29.97 -55.14 23.73
CA GLU B 835 29.13 -53.96 23.52
C GLU B 835 28.14 -54.09 22.35
N THR B 836 28.19 -55.24 21.65
CA THR B 836 27.37 -55.43 20.45
C THR B 836 26.09 -56.19 20.72
N ILE B 837 26.14 -57.22 21.58
CA ILE B 837 24.91 -57.96 21.89
C ILE B 837 24.62 -58.13 23.38
N ALA B 838 25.35 -57.46 24.26
CA ALA B 838 25.14 -57.74 25.67
C ALA B 838 25.14 -56.50 26.57
N LEU B 839 26.22 -55.75 26.70
CA LEU B 839 26.11 -54.69 27.70
C LEU B 839 25.18 -53.55 27.32
N ASN B 840 24.95 -53.35 26.04
CA ASN B 840 24.01 -52.31 25.68
C ASN B 840 22.61 -52.92 25.55
N LYS B 841 22.45 -54.18 25.99
CA LYS B 841 21.17 -54.88 25.99
C LYS B 841 20.73 -55.15 27.45
N ALA B 842 21.69 -55.53 28.29
CA ALA B 842 21.48 -55.94 29.69
C ALA B 842 21.33 -54.76 30.63
N LEU B 843 20.26 -54.01 30.43
CA LEU B 843 19.97 -52.82 31.21
C LEU B 843 18.95 -53.14 32.30
N ASP B 844 18.51 -54.40 32.32
CA ASP B 844 17.51 -54.90 33.26
C ASP B 844 18.17 -55.36 34.55
N GLN B 845 19.46 -55.12 34.65
CA GLN B 845 20.27 -55.43 35.80
C GLN B 845 20.26 -54.24 36.75
N VAL B 846 19.67 -53.13 36.30
CA VAL B 846 19.62 -51.91 37.08
C VAL B 846 18.16 -51.63 37.50
N GLU B 847 18.00 -51.34 38.78
CA GLU B 847 16.69 -51.14 39.40
C GLU B 847 15.93 -49.90 38.92
N GLU B 848 14.73 -49.72 39.47
CA GLU B 848 13.80 -48.64 39.09
C GLU B 848 14.38 -47.26 39.35
N LYS B 849 14.13 -46.35 38.40
CA LYS B 849 14.66 -45.00 38.36
C LYS B 849 16.17 -45.02 38.37
N GLY B 850 16.71 -45.97 37.62
CA GLY B 850 18.12 -46.07 37.45
C GLY B 850 18.48 -45.50 36.10
N LEU B 851 19.60 -44.81 36.08
CA LEU B 851 20.15 -44.19 34.89
C LEU B 851 21.40 -44.84 34.47
N VAL B 852 21.51 -45.24 33.23
CA VAL B 852 22.76 -45.82 32.77
C VAL B 852 23.41 -44.98 31.69
N VAL B 853 24.62 -44.55 31.99
CA VAL B 853 25.39 -43.73 31.09
C VAL B 853 26.13 -44.57 30.07
N VAL B 854 25.96 -44.30 28.78
CA VAL B 854 26.58 -45.16 27.81
C VAL B 854 27.56 -44.45 26.89
N PHE B 855 28.79 -44.97 26.86
CA PHE B 855 29.82 -44.44 26.00
C PHE B 855 30.45 -45.57 25.15
N PRO B 856 29.75 -46.00 24.10
CA PRO B 856 30.03 -47.14 23.24
C PRO B 856 31.15 -46.73 22.33
N GLU B 857 31.85 -47.65 21.73
CA GLU B 857 32.78 -47.18 20.71
C GLU B 857 31.94 -46.65 19.52
N SER B 858 30.79 -47.30 19.28
CA SER B 858 29.88 -46.90 18.21
C SER B 858 28.51 -46.51 18.73
N VAL B 859 28.17 -45.23 18.58
CA VAL B 859 26.91 -44.70 19.07
C VAL B 859 25.74 -45.21 18.28
N THR B 860 25.87 -45.20 16.95
CA THR B 860 24.78 -45.64 16.10
C THR B 860 24.38 -47.05 16.50
N ARG B 861 25.35 -47.92 16.76
CA ARG B 861 25.01 -49.25 17.19
C ARG B 861 24.35 -49.28 18.59
N ALA B 862 24.91 -48.56 19.58
CA ALA B 862 24.34 -48.61 20.92
C ALA B 862 22.93 -48.07 20.96
N ILE B 863 22.64 -47.03 20.18
CA ILE B 863 21.30 -46.46 20.21
C ILE B 863 20.27 -47.44 19.69
N ASP B 864 20.71 -48.46 18.95
CA ASP B 864 19.82 -49.47 18.44
C ASP B 864 19.68 -50.60 19.46
N LEU B 865 20.77 -51.05 20.08
CA LEU B 865 20.65 -52.19 21.01
C LEU B 865 19.80 -51.84 22.26
N ILE B 866 19.87 -50.57 22.70
CA ILE B 866 19.14 -50.09 23.89
C ILE B 866 17.61 -50.27 23.70
N LYS B 867 17.15 -50.41 22.44
CA LYS B 867 15.74 -50.57 22.09
C LYS B 867 15.09 -51.80 22.74
N VAL B 868 15.92 -52.74 23.22
CA VAL B 868 15.43 -53.96 23.85
C VAL B 868 14.58 -53.66 25.09
N ARG B 869 14.76 -52.47 25.68
CA ARG B 869 14.01 -52.09 26.86
C ARG B 869 12.82 -51.17 26.57
N ASN B 870 12.47 -51.02 25.28
CA ASN B 870 11.34 -50.22 24.80
C ASN B 870 11.33 -48.71 25.15
N PRO B 871 12.34 -47.93 24.74
CA PRO B 871 12.49 -46.49 24.92
C PRO B 871 11.55 -45.70 24.05
N ILE B 872 11.30 -44.47 24.45
CA ILE B 872 10.53 -43.52 23.68
C ILE B 872 11.35 -42.95 22.52
N MET C 1 -64.64 -22.15 0.23
CA MET C 1 -63.23 -22.12 -0.10
C MET C 1 -62.38 -22.19 1.14
N LYS C 2 -61.51 -23.20 1.21
CA LYS C 2 -60.63 -23.32 2.37
C LYS C 2 -59.16 -23.12 2.00
N ILE C 3 -58.40 -22.48 2.88
CA ILE C 3 -56.98 -22.35 2.63
C ILE C 3 -56.29 -23.43 3.41
N LEU C 4 -55.55 -24.28 2.70
CA LEU C 4 -54.92 -25.42 3.31
C LEU C 4 -53.52 -25.11 3.77
N LYS C 5 -52.82 -24.30 2.99
CA LYS C 5 -51.43 -23.97 3.32
C LYS C 5 -50.99 -22.64 2.72
N THR C 6 -50.16 -21.88 3.45
CA THR C 6 -49.63 -20.64 2.89
C THR C 6 -48.10 -20.57 3.01
N LEU C 7 -47.43 -20.22 1.91
CA LEU C 7 -46.00 -20.00 1.91
C LEU C 7 -45.66 -18.56 1.62
N THR C 8 -44.63 -18.05 2.29
CA THR C 8 -44.17 -16.71 1.99
C THR C 8 -42.77 -16.83 1.41
N LEU C 9 -42.57 -16.32 0.22
CA LEU C 9 -41.29 -16.45 -0.44
C LEU C 9 -40.56 -15.14 -0.36
N ARG C 10 -39.28 -15.20 -0.05
CA ARG C 10 -38.44 -14.03 0.06
C ARG C 10 -37.11 -14.21 -0.65
N GLY C 11 -37.12 -14.12 -1.95
CA GLY C 11 -35.91 -14.33 -2.72
C GLY C 11 -36.27 -15.03 -3.99
N PRO C 12 -35.34 -15.20 -4.95
CA PRO C 12 -35.53 -15.84 -6.22
C PRO C 12 -36.10 -17.19 -5.99
N ASN C 13 -37.05 -17.56 -6.80
CA ASN C 13 -37.77 -18.78 -6.60
C ASN C 13 -38.27 -19.38 -7.89
N TYR C 14 -39.00 -20.46 -7.73
CA TYR C 14 -39.60 -21.23 -8.79
C TYR C 14 -40.53 -20.41 -9.68
N TRP C 15 -41.35 -19.53 -9.09
CA TRP C 15 -42.34 -18.80 -9.86
C TRP C 15 -41.73 -17.64 -10.61
N SER C 16 -40.75 -17.00 -10.01
CA SER C 16 -40.05 -15.88 -10.61
C SER C 16 -38.69 -15.60 -10.01
N ILE C 17 -37.74 -15.18 -10.83
CA ILE C 17 -36.44 -14.79 -10.30
C ILE C 17 -36.49 -13.38 -9.77
N ARG C 18 -37.11 -12.48 -10.53
CA ARG C 18 -37.24 -11.08 -10.15
C ARG C 18 -38.33 -10.81 -9.10
N ARG C 19 -39.40 -11.57 -9.12
CA ARG C 19 -40.45 -11.29 -8.17
C ARG C 19 -40.14 -12.07 -6.91
N LYS C 20 -39.34 -11.44 -6.10
CA LYS C 20 -38.80 -11.99 -4.88
C LYS C 20 -39.83 -12.14 -3.78
N LYS C 21 -40.78 -11.21 -3.72
CA LYS C 21 -41.80 -11.17 -2.68
C LYS C 21 -43.14 -11.72 -3.10
N LEU C 22 -43.38 -13.00 -2.82
CA LEU C 22 -44.59 -13.65 -3.26
C LEU C 22 -45.27 -14.45 -2.17
N ILE C 23 -46.58 -14.53 -2.22
CA ILE C 23 -47.34 -15.42 -1.36
C ILE C 23 -48.01 -16.48 -2.16
N VAL C 24 -47.79 -17.71 -1.76
CA VAL C 24 -48.37 -18.83 -2.45
C VAL C 24 -49.38 -19.46 -1.54
N MET C 25 -50.62 -19.41 -1.97
CA MET C 25 -51.73 -19.89 -1.18
C MET C 25 -52.29 -21.15 -1.82
N ARG C 26 -52.39 -22.22 -1.04
CA ARG C 26 -52.93 -23.48 -1.51
C ARG C 26 -54.40 -23.51 -1.12
N LEU C 27 -55.25 -23.27 -2.11
CA LEU C 27 -56.68 -23.05 -1.94
C LEU C 27 -57.53 -24.20 -2.45
N ASP C 28 -58.40 -24.69 -1.57
CA ASP C 28 -59.29 -25.81 -1.83
C ASP C 28 -60.71 -25.38 -2.25
N LEU C 29 -61.01 -25.44 -3.54
CA LEU C 29 -62.31 -24.99 -4.02
C LEU C 29 -63.31 -26.13 -3.91
N GLU C 30 -63.83 -26.36 -2.71
CA GLU C 30 -64.74 -27.49 -2.45
C GLU C 30 -66.01 -27.34 -3.29
N ASP C 31 -66.46 -26.11 -3.37
CA ASP C 31 -67.55 -25.61 -4.18
C ASP C 31 -66.85 -24.84 -5.25
N LEU C 32 -67.55 -24.25 -6.18
CA LEU C 32 -66.98 -23.32 -7.16
C LEU C 32 -66.04 -23.91 -8.23
N ALA C 33 -65.35 -24.98 -7.92
CA ALA C 33 -64.48 -25.72 -8.85
C ALA C 33 -65.30 -26.28 -10.00
N GLU C 34 -66.58 -26.44 -9.75
CA GLU C 34 -67.56 -26.94 -10.68
C GLU C 34 -68.47 -25.82 -11.23
N ARG C 35 -68.20 -24.56 -10.88
CA ARG C 35 -69.05 -23.44 -11.26
C ARG C 35 -68.31 -22.22 -11.87
N PRO C 36 -67.99 -22.23 -13.16
CA PRO C 36 -67.18 -21.25 -13.86
C PRO C 36 -67.92 -19.95 -14.18
N SER C 37 -68.20 -19.14 -13.17
CA SER C 37 -68.86 -17.81 -13.22
C SER C 37 -70.33 -17.80 -13.58
N ASN C 38 -70.66 -18.40 -14.72
CA ASN C 38 -72.02 -18.34 -15.25
C ASN C 38 -72.94 -19.29 -14.56
N SER C 39 -72.38 -20.10 -13.69
CA SER C 39 -73.11 -21.04 -12.88
C SER C 39 -73.34 -20.44 -11.50
N ILE C 40 -72.93 -19.18 -11.31
CA ILE C 40 -73.08 -18.47 -10.06
C ILE C 40 -73.82 -17.15 -10.33
N PRO C 41 -75.16 -17.13 -10.34
CA PRO C 41 -75.92 -15.93 -10.64
C PRO C 41 -75.52 -14.84 -9.67
N GLY C 42 -75.32 -13.64 -10.17
CA GLY C 42 -74.95 -12.51 -9.34
C GLY C 42 -73.44 -12.29 -9.27
N PHE C 43 -72.64 -13.27 -9.72
CA PHE C 43 -71.19 -13.08 -9.63
C PHE C 43 -70.59 -12.37 -10.82
N TYR C 44 -70.97 -11.15 -10.95
CA TYR C 44 -70.44 -10.23 -11.92
C TYR C 44 -70.80 -8.89 -11.39
N GLU C 45 -72.10 -8.69 -11.17
CA GLU C 45 -72.55 -7.43 -10.64
C GLU C 45 -72.06 -7.24 -9.22
N GLY C 46 -72.11 -8.29 -8.39
CA GLY C 46 -71.62 -8.13 -7.03
C GLY C 46 -70.11 -7.88 -7.07
N LEU C 47 -69.40 -8.55 -7.95
CA LEU C 47 -67.96 -8.37 -7.97
C LEU C 47 -67.56 -6.97 -8.41
N ILE C 48 -68.19 -6.46 -9.48
CA ILE C 48 -67.85 -5.16 -10.01
C ILE C 48 -68.32 -4.02 -9.13
N LYS C 49 -69.44 -4.16 -8.40
CA LYS C 49 -69.86 -3.05 -7.57
C LYS C 49 -69.07 -3.00 -6.25
N VAL C 50 -68.62 -4.14 -5.74
CA VAL C 50 -67.86 -4.15 -4.51
C VAL C 50 -66.45 -3.63 -4.80
N LEU C 51 -65.85 -4.12 -5.89
CA LEU C 51 -64.50 -3.73 -6.25
C LEU C 51 -64.43 -3.19 -7.69
N PRO C 52 -64.95 -1.99 -7.98
CA PRO C 52 -65.04 -1.42 -9.32
C PRO C 52 -63.69 -1.18 -9.98
N SER C 53 -62.65 -1.15 -9.18
CA SER C 53 -61.30 -0.91 -9.63
C SER C 53 -60.72 -2.09 -10.41
N LEU C 54 -61.42 -3.22 -10.43
CA LEU C 54 -60.98 -4.42 -11.13
C LEU C 54 -60.95 -4.19 -12.63
N VAL C 55 -61.53 -3.10 -13.08
CA VAL C 55 -61.52 -2.73 -14.49
C VAL C 55 -60.11 -2.38 -14.95
N GLU C 56 -59.17 -2.20 -14.01
CA GLU C 56 -57.79 -1.87 -14.36
C GLU C 56 -56.89 -3.12 -14.54
N HIS C 57 -57.46 -4.31 -14.39
CA HIS C 57 -56.72 -5.54 -14.49
C HIS C 57 -56.84 -6.13 -15.90
N PHE C 58 -55.70 -6.45 -16.50
CA PHE C 58 -55.70 -6.97 -17.86
C PHE C 58 -55.94 -8.48 -17.91
N CYS C 59 -55.13 -9.29 -17.25
CA CYS C 59 -55.22 -10.78 -17.34
C CYS C 59 -54.70 -11.10 -18.72
N SER C 60 -54.92 -12.31 -19.23
CA SER C 60 -54.29 -12.65 -20.52
C SER C 60 -54.93 -12.02 -21.73
N PRO C 61 -56.20 -11.53 -21.68
CA PRO C 61 -56.77 -10.77 -22.77
C PRO C 61 -55.93 -9.53 -22.54
N GLY C 62 -54.77 -9.42 -23.17
CA GLY C 62 -53.80 -8.36 -22.85
C GLY C 62 -54.25 -6.98 -23.26
N TYR C 63 -55.36 -6.52 -22.70
CA TYR C 63 -55.89 -5.21 -23.02
C TYR C 63 -56.62 -4.72 -21.78
N GLN C 64 -56.94 -3.44 -21.74
CA GLN C 64 -57.55 -2.84 -20.56
C GLN C 64 -58.83 -3.47 -20.05
N GLY C 65 -59.62 -4.06 -20.91
CA GLY C 65 -60.86 -4.67 -20.47
C GLY C 65 -60.76 -6.18 -20.25
N GLY C 66 -59.55 -6.73 -20.26
CA GLY C 66 -59.38 -8.18 -20.17
C GLY C 66 -59.99 -8.85 -18.94
N PHE C 67 -59.58 -8.45 -17.75
CA PHE C 67 -60.34 -9.06 -16.63
C PHE C 67 -61.67 -8.32 -16.83
N LEU C 68 -62.80 -8.95 -16.51
CA LEU C 68 -64.13 -8.29 -16.64
C LEU C 68 -64.59 -8.51 -18.07
N GLU C 69 -63.79 -9.19 -18.88
CA GLU C 69 -64.20 -9.62 -20.24
C GLU C 69 -64.03 -11.12 -20.23
N ARG C 70 -63.15 -11.60 -19.35
CA ARG C 70 -62.94 -13.06 -19.18
C ARG C 70 -63.72 -13.51 -17.96
N VAL C 71 -64.55 -12.61 -17.43
CA VAL C 71 -65.27 -12.93 -16.17
C VAL C 71 -66.68 -13.30 -16.58
N LYS C 72 -67.10 -12.84 -17.77
CA LYS C 72 -68.40 -13.27 -18.34
C LYS C 72 -68.14 -14.67 -18.90
N GLU C 73 -67.27 -14.77 -19.91
CA GLU C 73 -66.85 -16.12 -20.33
C GLU C 73 -66.44 -16.77 -19.01
N GLY C 74 -66.81 -18.02 -18.78
CA GLY C 74 -66.66 -18.63 -17.48
C GLY C 74 -65.23 -18.73 -16.94
N THR C 75 -65.07 -18.36 -15.67
CA THR C 75 -63.82 -18.40 -14.90
C THR C 75 -64.00 -19.11 -13.56
N TYR C 76 -63.06 -19.97 -13.19
CA TYR C 76 -63.12 -20.65 -11.90
C TYR C 76 -62.57 -19.75 -10.82
N MET C 77 -63.07 -19.90 -9.60
CA MET C 77 -62.76 -18.99 -8.51
C MET C 77 -61.31 -18.85 -8.08
N GLY C 78 -60.58 -19.97 -8.06
CA GLY C 78 -59.17 -19.94 -7.61
C GLY C 78 -58.36 -18.95 -8.42
N HIS C 79 -58.95 -18.44 -9.51
CA HIS C 79 -58.23 -17.48 -10.39
C HIS C 79 -58.68 -16.06 -10.05
N ILE C 80 -59.91 -15.91 -9.55
CA ILE C 80 -60.47 -14.57 -9.21
C ILE C 80 -59.85 -14.06 -7.91
N VAL C 81 -59.76 -14.90 -6.88
CA VAL C 81 -59.23 -14.47 -5.58
C VAL C 81 -57.85 -13.86 -5.78
N GLN C 82 -57.17 -14.23 -6.87
CA GLN C 82 -55.83 -13.67 -7.19
C GLN C 82 -55.93 -12.22 -7.72
N HIS C 83 -57.09 -11.82 -8.17
CA HIS C 83 -57.16 -10.45 -8.70
C HIS C 83 -57.77 -9.61 -7.60
N VAL C 84 -58.47 -10.23 -6.63
CA VAL C 84 -59.00 -9.54 -5.51
C VAL C 84 -57.88 -9.28 -4.52
N ALA C 85 -57.03 -10.27 -4.23
CA ALA C 85 -55.94 -10.00 -3.30
C ALA C 85 -55.02 -8.91 -3.84
N LEU C 86 -54.76 -8.90 -5.14
CA LEU C 86 -53.89 -7.85 -5.63
C LEU C 86 -54.53 -6.49 -5.51
N GLU C 87 -55.83 -6.40 -5.81
CA GLU C 87 -56.53 -5.12 -5.75
C GLU C 87 -56.72 -4.64 -4.31
N LEU C 88 -56.99 -5.53 -3.36
CA LEU C 88 -57.17 -5.07 -2.01
C LEU C 88 -55.89 -4.39 -1.53
N GLN C 89 -54.72 -4.85 -1.97
CA GLN C 89 -53.49 -4.19 -1.57
C GLN C 89 -53.34 -2.83 -2.29
N GLU C 90 -53.73 -2.77 -3.58
CA GLU C 90 -53.62 -1.52 -4.35
C GLU C 90 -54.53 -0.43 -3.75
N LEU C 91 -55.68 -0.83 -3.23
CA LEU C 91 -56.66 0.09 -2.65
C LEU C 91 -56.14 0.81 -1.41
N VAL C 92 -55.08 0.30 -0.79
CA VAL C 92 -54.54 0.93 0.39
C VAL C 92 -53.13 1.47 0.13
N GLY C 93 -52.74 1.58 -1.14
CA GLY C 93 -51.46 2.16 -1.50
C GLY C 93 -50.26 1.22 -1.66
N MET C 94 -50.45 -0.10 -1.56
CA MET C 94 -49.33 -1.01 -1.72
C MET C 94 -49.40 -1.55 -3.11
N THR C 95 -48.38 -1.33 -3.91
CA THR C 95 -48.48 -1.75 -5.28
C THR C 95 -47.96 -3.15 -5.51
N ALA C 96 -48.81 -3.97 -6.09
CA ALA C 96 -48.54 -5.34 -6.42
C ALA C 96 -49.30 -5.65 -7.71
N GLY C 97 -48.70 -6.40 -8.62
CA GLY C 97 -49.40 -6.71 -9.87
C GLY C 97 -49.19 -8.12 -10.41
N PHE C 98 -48.10 -8.75 -10.04
CA PHE C 98 -47.84 -10.10 -10.49
C PHE C 98 -48.71 -11.12 -9.80
N GLY C 99 -49.18 -12.07 -10.58
CA GLY C 99 -49.86 -13.20 -10.00
C GLY C 99 -50.09 -14.27 -11.04
N ARG C 100 -50.27 -15.49 -10.54
CA ARG C 100 -50.46 -16.70 -11.35
C ARG C 100 -51.32 -17.74 -10.66
N THR C 101 -51.96 -18.62 -11.45
CA THR C 101 -52.65 -19.76 -10.87
C THR C 101 -52.31 -21.07 -11.58
N ARG C 102 -52.27 -22.15 -10.79
CA ARG C 102 -52.06 -23.51 -11.30
C ARG C 102 -52.88 -24.54 -10.53
N GLU C 103 -53.44 -25.54 -11.23
CA GLU C 103 -54.15 -26.58 -10.50
C GLU C 103 -53.18 -27.67 -10.07
N THR C 104 -53.32 -28.13 -8.84
CA THR C 104 -52.53 -29.19 -8.25
C THR C 104 -53.34 -30.25 -7.58
N SER C 105 -52.66 -31.24 -7.01
CA SER C 105 -53.29 -32.32 -6.26
C SER C 105 -54.49 -32.93 -6.94
N THR C 106 -55.54 -33.13 -6.15
CA THR C 106 -56.78 -33.61 -6.64
C THR C 106 -57.49 -32.41 -7.27
N PRO C 107 -58.48 -32.60 -8.13
CA PRO C 107 -59.18 -31.52 -8.76
C PRO C 107 -59.75 -30.61 -7.70
N GLY C 108 -59.67 -29.32 -7.99
CA GLY C 108 -60.18 -28.30 -7.08
C GLY C 108 -59.13 -27.65 -6.22
N VAL C 109 -57.92 -28.21 -6.11
CA VAL C 109 -56.93 -27.53 -5.29
C VAL C 109 -55.99 -26.71 -6.16
N TYR C 110 -55.91 -25.42 -5.88
CA TYR C 110 -55.10 -24.53 -6.70
C TYR C 110 -54.02 -23.80 -5.95
N ASN C 111 -52.94 -23.53 -6.64
CA ASN C 111 -51.92 -22.67 -6.12
C ASN C 111 -52.12 -21.28 -6.65
N VAL C 112 -52.44 -20.38 -5.74
CA VAL C 112 -52.71 -19.00 -6.07
C VAL C 112 -51.49 -18.20 -5.66
N VAL C 113 -50.86 -17.55 -6.61
CA VAL C 113 -49.65 -16.84 -6.32
C VAL C 113 -49.82 -15.37 -6.56
N TYR C 114 -49.50 -14.56 -5.56
CA TYR C 114 -49.60 -13.12 -5.76
C TYR C 114 -48.47 -12.37 -5.08
N GLU C 115 -48.16 -11.24 -5.64
CA GLU C 115 -47.14 -10.31 -5.16
C GLU C 115 -47.53 -9.53 -3.92
N TYR C 116 -46.56 -9.30 -3.02
CA TYR C 116 -46.80 -8.49 -1.81
C TYR C 116 -45.76 -7.41 -1.62
N VAL C 117 -46.09 -6.40 -0.83
CA VAL C 117 -45.13 -5.36 -0.46
C VAL C 117 -44.70 -5.59 0.99
N ASP C 118 -45.69 -5.67 1.88
CA ASP C 118 -45.49 -6.01 3.28
C ASP C 118 -45.98 -7.43 3.50
N GLU C 119 -45.20 -8.19 4.21
CA GLU C 119 -45.49 -9.59 4.47
C GLU C 119 -46.80 -9.90 5.17
N GLN C 120 -47.18 -9.13 6.20
CA GLN C 120 -48.40 -9.49 6.91
C GLN C 120 -49.58 -8.92 6.20
N ALA C 121 -49.38 -7.77 5.57
CA ALA C 121 -50.45 -7.17 4.83
C ALA C 121 -50.83 -8.05 3.66
N GLY C 122 -49.82 -8.67 3.03
CA GLY C 122 -50.02 -9.58 1.91
C GLY C 122 -50.81 -10.79 2.34
N ARG C 123 -50.43 -11.43 3.44
CA ARG C 123 -51.16 -12.59 3.87
C ARG C 123 -52.60 -12.25 4.25
N TYR C 124 -52.79 -11.07 4.88
CA TYR C 124 -54.11 -10.60 5.27
C TYR C 124 -54.99 -10.44 4.04
N ALA C 125 -54.46 -9.77 2.99
CA ALA C 125 -55.22 -9.50 1.77
C ALA C 125 -55.67 -10.78 1.11
N GLY C 126 -54.85 -11.81 1.19
CA GLY C 126 -55.21 -13.10 0.62
C GLY C 126 -56.42 -13.67 1.31
N ARG C 127 -56.38 -13.69 2.65
CA ARG C 127 -57.51 -14.24 3.39
C ARG C 127 -58.77 -13.42 3.15
N ALA C 128 -58.61 -12.10 3.07
CA ALA C 128 -59.72 -11.21 2.82
C ALA C 128 -60.32 -11.44 1.45
N ALA C 129 -59.49 -11.71 0.44
CA ALA C 129 -59.98 -11.97 -0.91
C ALA C 129 -60.86 -13.19 -0.95
N VAL C 130 -60.51 -14.18 -0.15
CA VAL C 130 -61.30 -15.38 -0.10
C VAL C 130 -62.65 -15.08 0.55
N ARG C 131 -62.67 -14.32 1.66
CA ARG C 131 -63.96 -14.00 2.29
C ARG C 131 -64.87 -13.17 1.40
N LEU C 132 -64.30 -12.20 0.70
CA LEU C 132 -65.08 -11.35 -0.17
C LEU C 132 -65.69 -12.18 -1.27
N CYS C 133 -64.84 -13.01 -1.87
CA CYS C 133 -65.27 -13.85 -2.96
C CYS C 133 -66.25 -14.92 -2.53
N ARG C 134 -66.11 -15.44 -1.32
CA ARG C 134 -67.06 -16.45 -0.92
C ARG C 134 -68.42 -15.82 -0.66
N SER C 135 -68.48 -14.64 -0.07
CA SER C 135 -69.79 -14.05 0.19
C SER C 135 -70.53 -13.78 -1.12
N LEU C 136 -69.82 -13.34 -2.15
CA LEU C 136 -70.44 -13.00 -3.41
C LEU C 136 -70.91 -14.19 -4.25
N VAL C 137 -70.62 -15.41 -3.82
CA VAL C 137 -71.07 -16.58 -4.57
C VAL C 137 -72.12 -17.33 -3.75
N ASP C 138 -72.42 -16.74 -2.58
CA ASP C 138 -73.41 -17.20 -1.62
C ASP C 138 -74.64 -16.30 -1.78
N THR C 139 -74.38 -15.00 -1.74
CA THR C 139 -75.34 -13.92 -1.94
C THR C 139 -74.84 -13.06 -3.08
N GLY C 140 -75.53 -11.97 -3.40
CA GLY C 140 -75.12 -11.15 -4.55
C GLY C 140 -74.30 -9.90 -4.25
N ASP C 141 -73.91 -9.68 -3.00
CA ASP C 141 -73.22 -8.46 -2.62
C ASP C 141 -72.29 -8.67 -1.41
N TYR C 142 -71.61 -7.61 -0.98
CA TYR C 142 -70.68 -7.68 0.15
C TYR C 142 -70.87 -6.40 0.97
N PRO C 143 -71.15 -6.47 2.29
CA PRO C 143 -71.44 -5.32 3.12
C PRO C 143 -70.34 -4.30 3.02
N ARG C 144 -70.69 -3.03 2.93
CA ARG C 144 -69.67 -2.01 2.80
C ARG C 144 -68.76 -1.97 4.00
N LEU C 145 -69.29 -2.18 5.18
CA LEU C 145 -68.49 -2.07 6.38
C LEU C 145 -67.52 -3.23 6.54
N GLU C 146 -67.74 -4.31 5.79
CA GLU C 146 -66.88 -5.46 5.88
C GLU C 146 -65.75 -5.32 4.87
N LEU C 147 -65.80 -4.26 4.08
CA LEU C 147 -64.76 -3.95 3.14
C LEU C 147 -63.96 -2.82 3.74
N GLU C 148 -64.64 -1.84 4.32
CA GLU C 148 -63.94 -0.71 4.89
C GLU C 148 -63.07 -1.12 6.06
N LYS C 149 -63.53 -2.04 6.91
CA LYS C 149 -62.68 -2.41 8.03
C LYS C 149 -61.45 -3.18 7.55
N ASP C 150 -61.55 -3.90 6.44
CA ASP C 150 -60.41 -4.68 5.99
C ASP C 150 -59.40 -3.75 5.38
N LEU C 151 -59.88 -2.73 4.69
CA LEU C 151 -58.94 -1.79 4.12
C LEU C 151 -58.25 -1.03 5.26
N GLU C 152 -58.95 -0.74 6.36
CA GLU C 152 -58.28 -0.09 7.48
C GLU C 152 -57.21 -1.00 8.08
N ASP C 153 -57.47 -2.32 8.20
CA ASP C 153 -56.44 -3.20 8.75
C ASP C 153 -55.24 -3.28 7.83
N LEU C 154 -55.44 -3.29 6.52
CA LEU C 154 -54.30 -3.32 5.64
C LEU C 154 -53.48 -2.04 5.75
N ARG C 155 -54.15 -0.88 5.88
CA ARG C 155 -53.41 0.37 6.02
C ARG C 155 -52.57 0.37 7.29
N ASP C 156 -53.09 -0.18 8.38
CA ASP C 156 -52.27 -0.20 9.59
C ASP C 156 -51.14 -1.20 9.49
N LEU C 157 -51.36 -2.37 8.89
CA LEU C 157 -50.30 -3.37 8.80
C LEU C 157 -49.14 -2.85 8.00
N GLY C 158 -49.43 -2.09 6.95
CA GLY C 158 -48.36 -1.57 6.12
C GLY C 158 -47.68 -0.34 6.72
N ALA C 159 -48.21 0.20 7.82
CA ALA C 159 -47.63 1.37 8.45
C ALA C 159 -46.69 0.94 9.54
N ASN C 160 -47.07 -0.11 10.23
CA ASN C 160 -46.34 -0.61 11.39
C ASN C 160 -44.97 -1.16 11.03
N SER C 161 -44.80 -1.63 9.82
CA SER C 161 -43.54 -2.19 9.37
C SER C 161 -42.72 -1.23 8.52
N ALA C 162 -43.15 0.01 8.38
CA ALA C 162 -42.43 0.95 7.55
C ALA C 162 -41.10 1.37 8.17
N LEU C 163 -40.12 1.65 7.32
CA LEU C 163 -38.84 2.22 7.76
C LEU C 163 -39.01 3.71 7.89
N GLY C 164 -38.30 4.35 8.81
CA GLY C 164 -38.42 5.80 8.85
C GLY C 164 -37.71 6.36 7.64
N PRO C 165 -37.97 7.62 7.28
CA PRO C 165 -37.45 8.30 6.10
C PRO C 165 -35.94 8.45 6.01
N SER C 166 -35.23 8.42 7.14
CA SER C 166 -33.80 8.54 7.05
C SER C 166 -33.19 7.20 6.69
N THR C 167 -33.91 6.11 6.97
CA THR C 167 -33.39 4.81 6.68
C THR C 167 -33.80 4.48 5.28
N GLU C 168 -34.96 4.97 4.84
CA GLU C 168 -35.39 4.72 3.49
C GLU C 168 -34.44 5.35 2.52
N THR C 169 -33.95 6.53 2.87
CA THR C 169 -33.03 7.29 2.08
C THR C 169 -31.71 6.55 1.89
N ILE C 170 -31.16 5.98 2.97
CA ILE C 170 -29.90 5.26 2.85
C ILE C 170 -30.09 3.97 2.11
N VAL C 171 -31.14 3.24 2.43
CA VAL C 171 -31.42 1.98 1.79
C VAL C 171 -31.66 2.11 0.30
N THR C 172 -32.38 3.13 -0.14
CA THR C 172 -32.62 3.33 -1.54
C THR C 172 -31.31 3.56 -2.32
N GLU C 173 -30.41 4.38 -1.79
CA GLU C 173 -29.15 4.60 -2.47
C GLU C 173 -28.32 3.30 -2.45
N ALA C 174 -28.38 2.55 -1.35
CA ALA C 174 -27.62 1.31 -1.27
C ALA C 174 -28.06 0.35 -2.36
N GLU C 175 -29.36 0.29 -2.66
CA GLU C 175 -29.85 -0.58 -3.72
C GLU C 175 -29.37 -0.13 -5.09
N ALA C 176 -29.33 1.18 -5.32
CA ALA C 176 -28.85 1.71 -6.58
C ALA C 176 -27.41 1.30 -6.87
N ARG C 177 -26.61 1.18 -5.80
CA ARG C 177 -25.21 0.81 -5.82
C ARG C 177 -24.95 -0.68 -5.68
N LYS C 178 -26.01 -1.47 -5.67
CA LYS C 178 -25.98 -2.92 -5.51
C LYS C 178 -25.38 -3.41 -4.21
N ILE C 179 -25.67 -2.75 -3.10
CA ILE C 179 -25.22 -3.18 -1.80
C ILE C 179 -26.37 -3.94 -1.16
N PRO C 180 -26.23 -5.21 -0.78
CA PRO C 180 -27.30 -6.00 -0.20
C PRO C 180 -27.67 -5.47 1.17
N TRP C 181 -28.93 -5.62 1.59
CA TRP C 181 -29.26 -5.19 2.92
C TRP C 181 -30.25 -6.11 3.59
N MET C 182 -30.21 -6.14 4.91
CA MET C 182 -31.04 -6.98 5.77
C MET C 182 -31.51 -6.28 7.01
N LEU C 183 -32.70 -6.61 7.50
CA LEU C 183 -33.05 -6.07 8.79
C LEU C 183 -32.53 -7.03 9.82
N LEU C 184 -32.11 -6.52 10.93
CA LEU C 184 -31.67 -7.35 12.02
C LEU C 184 -32.77 -7.41 13.03
N SER C 185 -32.76 -8.46 13.82
CA SER C 185 -33.76 -8.69 14.85
C SER C 185 -33.70 -7.75 16.05
N ALA C 186 -32.59 -7.07 16.26
CA ALA C 186 -32.50 -6.20 17.41
C ALA C 186 -32.33 -4.75 17.05
N ARG C 187 -32.99 -3.92 17.87
CA ARG C 187 -32.92 -2.46 17.93
C ARG C 187 -33.12 -1.74 16.63
N ALA C 188 -33.97 -2.25 15.77
CA ALA C 188 -34.22 -1.62 14.47
C ALA C 188 -32.97 -1.36 13.66
N MET C 189 -31.98 -2.24 13.71
CA MET C 189 -30.77 -2.05 12.93
C MET C 189 -30.86 -2.70 11.57
N VAL C 190 -30.12 -2.12 10.64
CA VAL C 190 -30.03 -2.64 9.29
C VAL C 190 -28.59 -2.98 8.94
N GLN C 191 -28.39 -4.17 8.42
CA GLN C 191 -27.06 -4.58 7.99
C GLN C 191 -26.89 -4.33 6.50
N LEU C 192 -25.77 -3.76 6.14
CA LEU C 192 -25.43 -3.49 4.75
C LEU C 192 -24.18 -4.28 4.38
N GLY C 193 -24.25 -5.08 3.32
CA GLY C 193 -23.10 -5.88 2.90
C GLY C 193 -23.06 -7.26 3.56
N TYR C 194 -22.18 -8.16 3.07
CA TYR C 194 -22.05 -9.53 3.60
C TYR C 194 -20.70 -9.85 4.24
N GLY C 195 -20.72 -10.76 5.22
CA GLY C 195 -19.53 -11.32 5.84
C GLY C 195 -18.65 -10.27 6.45
N VAL C 196 -17.37 -10.34 6.16
CA VAL C 196 -16.39 -9.38 6.65
C VAL C 196 -16.57 -7.96 6.13
N TYR C 197 -17.45 -7.71 5.16
CA TYR C 197 -17.61 -6.37 4.65
C TYR C 197 -18.86 -5.69 5.14
N GLN C 198 -19.53 -6.29 6.08
CA GLN C 198 -20.75 -5.73 6.58
C GLN C 198 -20.57 -4.46 7.39
N GLN C 199 -21.57 -3.60 7.32
CA GLN C 199 -21.70 -2.38 8.09
C GLN C 199 -23.08 -2.34 8.68
N ARG C 200 -23.27 -1.62 9.77
CA ARG C 200 -24.61 -1.47 10.32
C ARG C 200 -25.01 -0.03 10.45
N ILE C 201 -26.29 0.22 10.27
CA ILE C 201 -26.85 1.54 10.51
C ILE C 201 -28.09 1.48 11.38
N GLN C 202 -28.38 2.59 12.02
CA GLN C 202 -29.60 2.75 12.77
C GLN C 202 -30.04 4.17 12.52
N ALA C 203 -30.97 4.37 11.62
CA ALA C 203 -31.34 5.73 11.22
C ALA C 203 -30.10 6.47 10.76
N THR C 204 -29.72 7.53 11.47
CA THR C 204 -28.60 8.40 11.13
C THR C 204 -27.31 8.14 11.92
N LEU C 205 -27.27 7.05 12.67
CA LEU C 205 -26.08 6.58 13.37
C LEU C 205 -25.52 5.41 12.63
N SER C 206 -24.23 5.23 12.66
CA SER C 206 -23.65 4.09 11.97
C SER C 206 -22.58 3.43 12.77
N SER C 207 -22.05 2.39 12.19
CA SER C 207 -20.93 1.62 12.73
C SER C 207 -19.65 2.44 12.89
N HIS C 208 -19.59 3.62 12.31
CA HIS C 208 -18.43 4.50 12.44
C HIS C 208 -18.66 5.64 13.43
N SER C 209 -19.81 5.68 14.08
CA SER C 209 -20.10 6.76 15.01
C SER C 209 -19.57 6.38 16.37
N GLY C 210 -18.68 7.18 16.92
CA GLY C 210 -18.10 6.85 18.20
C GLY C 210 -18.98 7.28 19.34
N ILE C 211 -18.86 6.60 20.44
CA ILE C 211 -19.64 6.94 21.59
C ILE C 211 -19.19 8.21 22.26
N LEU C 212 -17.91 8.51 22.25
CA LEU C 212 -17.50 9.69 22.95
C LEU C 212 -17.97 10.94 22.27
N GLY C 213 -17.95 10.97 20.93
CA GLY C 213 -18.40 12.13 20.17
C GLY C 213 -19.87 12.34 20.34
N VAL C 214 -20.64 11.24 20.36
CA VAL C 214 -22.07 11.32 20.51
C VAL C 214 -22.45 11.80 21.88
N GLU C 215 -21.82 11.28 22.93
CA GLU C 215 -22.14 11.76 24.26
C GLU C 215 -21.73 13.21 24.47
N LEU C 216 -20.59 13.63 23.92
CA LEU C 216 -20.16 15.01 24.07
C LEU C 216 -21.13 15.97 23.41
N ALA C 217 -21.66 15.63 22.25
CA ALA C 217 -22.60 16.45 21.50
C ALA C 217 -23.94 16.66 22.22
N CYS C 218 -24.22 15.83 23.22
CA CYS C 218 -25.45 15.83 23.97
C CYS C 218 -25.28 16.55 25.29
N ASP C 219 -24.07 16.98 25.56
CA ASP C 219 -23.69 17.68 26.76
C ASP C 219 -23.43 19.12 26.40
N LYS C 220 -24.39 20.01 26.67
CA LYS C 220 -24.25 21.36 26.20
C LYS C 220 -23.05 22.10 26.78
N GLU C 221 -22.73 21.87 28.05
CA GLU C 221 -21.57 22.55 28.61
C GLU C 221 -20.29 21.99 28.07
N GLY C 222 -20.25 20.67 27.89
CA GLY C 222 -19.06 20.04 27.38
C GLY C 222 -18.79 20.52 25.99
N THR C 223 -19.83 20.65 25.17
CA THR C 223 -19.68 21.09 23.81
C THR C 223 -19.20 22.52 23.78
N LYS C 224 -19.79 23.37 24.60
CA LYS C 224 -19.38 24.76 24.60
C LYS C 224 -17.96 24.92 25.06
N THR C 225 -17.57 24.21 26.09
CA THR C 225 -16.24 24.31 26.65
C THR C 225 -15.19 23.85 25.66
N ILE C 226 -15.41 22.70 25.02
CA ILE C 226 -14.42 22.19 24.11
C ILE C 226 -14.30 23.06 22.89
N LEU C 227 -15.39 23.65 22.42
CA LEU C 227 -15.29 24.50 21.27
C LEU C 227 -14.68 25.84 21.57
N GLN C 228 -14.96 26.46 22.71
CA GLN C 228 -14.35 27.76 22.89
C GLN C 228 -12.86 27.64 23.15
N ASP C 229 -12.40 26.49 23.64
CA ASP C 229 -10.98 26.24 23.83
C ASP C 229 -10.24 26.08 22.50
N ALA C 230 -10.98 25.83 21.43
CA ALA C 230 -10.45 25.60 20.10
C ALA C 230 -10.50 26.88 19.29
N GLY C 231 -10.99 27.98 19.89
CA GLY C 231 -11.13 29.22 19.18
C GLY C 231 -12.38 29.32 18.29
N ILE C 232 -13.41 28.55 18.57
CA ILE C 232 -14.63 28.55 17.78
C ILE C 232 -15.68 29.46 18.44
N PRO C 233 -16.35 30.41 17.73
CA PRO C 233 -17.35 31.32 18.27
C PRO C 233 -18.63 30.65 18.75
N VAL C 234 -18.95 30.87 20.01
CA VAL C 234 -20.11 30.31 20.67
C VAL C 234 -20.77 31.46 21.41
N PRO C 235 -22.04 31.40 21.79
CA PRO C 235 -22.68 32.43 22.56
C PRO C 235 -22.17 32.57 23.97
N ARG C 236 -22.17 33.81 24.48
CA ARG C 236 -21.79 34.13 25.86
C ARG C 236 -22.91 33.84 26.85
N GLY C 237 -22.63 33.17 27.98
CA GLY C 237 -23.70 32.84 28.94
C GLY C 237 -23.18 32.20 30.23
N THR C 238 -24.10 31.88 31.15
CA THR C 238 -23.77 31.34 32.48
C THR C 238 -24.76 30.33 33.06
N THR C 239 -24.64 30.05 34.37
CA THR C 239 -25.52 29.08 35.03
C THR C 239 -26.17 29.58 36.31
N ILE C 240 -27.45 29.25 36.46
CA ILE C 240 -28.17 29.48 37.69
C ILE C 240 -28.88 28.19 38.08
N GLN C 241 -28.62 27.61 39.25
CA GLN C 241 -29.32 26.35 39.58
C GLN C 241 -30.66 26.56 40.27
N TYR C 242 -31.57 27.19 39.55
CA TYR C 242 -32.92 27.55 40.00
C TYR C 242 -32.99 28.38 41.28
N PHE C 243 -32.18 29.41 41.33
CA PHE C 243 -32.13 30.41 42.38
C PHE C 243 -32.42 31.74 41.73
N ASP C 244 -32.95 32.72 42.45
CA ASP C 244 -33.16 33.98 41.75
C ASP C 244 -31.88 34.82 41.73
N ASP C 245 -30.98 34.40 40.83
CA ASP C 245 -29.68 35.01 40.57
C ASP C 245 -29.75 35.63 39.16
N LEU C 246 -30.96 35.76 38.63
CA LEU C 246 -31.16 36.25 37.27
C LEU C 246 -30.65 37.63 37.09
N GLU C 247 -30.83 38.45 38.11
CA GLU C 247 -30.42 39.83 38.07
C GLU C 247 -28.93 39.98 37.98
N GLU C 248 -28.18 38.96 38.39
CA GLU C 248 -26.75 39.05 38.35
C GLU C 248 -26.25 38.49 37.03
N ALA C 249 -26.85 37.40 36.58
CA ALA C 249 -26.37 36.76 35.36
C ALA C 249 -26.46 37.71 34.18
N ILE C 250 -27.51 38.49 34.14
CA ILE C 250 -27.76 39.40 33.04
C ILE C 250 -26.61 40.39 32.91
N ASN C 251 -26.03 40.83 34.03
CA ASN C 251 -24.96 41.79 34.00
C ASN C 251 -23.62 41.23 33.47
N ASP C 252 -23.39 39.91 33.58
CA ASP C 252 -22.12 39.35 33.10
C ASP C 252 -22.23 39.10 31.62
N VAL C 253 -23.44 38.77 31.21
CA VAL C 253 -23.78 38.48 29.84
C VAL C 253 -23.76 39.75 29.00
N GLY C 254 -24.19 40.89 29.58
CA GLY C 254 -24.11 42.15 28.88
C GLY C 254 -25.40 42.93 28.65
N GLY C 255 -26.47 42.57 29.32
CA GLY C 255 -27.70 43.34 29.13
C GLY C 255 -28.90 42.44 29.00
N TYR C 256 -30.08 43.06 28.91
CA TYR C 256 -31.33 42.31 28.83
C TYR C 256 -31.67 41.46 27.64
N PRO C 257 -31.20 41.69 26.41
CA PRO C 257 -31.52 40.85 25.27
C PRO C 257 -30.87 39.51 25.49
N VAL C 258 -31.56 38.65 26.22
CA VAL C 258 -31.02 37.35 26.61
C VAL C 258 -31.94 36.18 26.30
N VAL C 259 -31.35 35.00 26.31
CA VAL C 259 -32.03 33.75 26.07
C VAL C 259 -32.00 32.87 27.31
N ILE C 260 -33.14 32.35 27.73
CA ILE C 260 -33.17 31.48 28.90
C ILE C 260 -33.70 30.09 28.55
N LYS C 261 -32.87 29.06 28.73
CA LYS C 261 -33.22 27.69 28.37
C LYS C 261 -33.43 26.88 29.65
N PRO C 262 -34.14 25.75 29.62
CA PRO C 262 -34.37 24.88 30.76
C PRO C 262 -33.04 24.33 31.09
N LEU C 263 -32.79 24.01 32.34
CA LEU C 263 -31.47 23.46 32.64
C LEU C 263 -31.22 22.08 32.00
N ASP C 264 -32.24 21.23 31.92
CA ASP C 264 -32.03 19.94 31.26
C ASP C 264 -32.72 20.01 29.90
N GLY C 265 -32.65 18.96 29.10
CA GLY C 265 -33.32 19.01 27.81
C GLY C 265 -34.70 18.37 27.79
N ASN C 266 -35.57 18.91 26.94
CA ASN C 266 -36.89 18.37 26.69
C ASN C 266 -37.31 18.86 25.33
N HIS C 267 -36.50 18.56 24.34
CA HIS C 267 -36.73 19.02 22.98
C HIS C 267 -36.83 20.56 22.97
N GLY C 268 -37.73 21.11 22.16
CA GLY C 268 -37.90 22.56 22.02
C GLY C 268 -38.89 23.10 23.04
N ARG C 269 -38.61 22.90 24.32
CA ARG C 269 -39.57 23.24 25.35
C ARG C 269 -38.96 24.01 26.50
N GLY C 270 -39.72 24.97 27.03
CA GLY C 270 -39.31 25.76 28.18
C GLY C 270 -38.30 26.83 27.82
N ILE C 271 -38.28 27.26 26.56
CA ILE C 271 -37.30 28.22 26.09
C ILE C 271 -37.83 29.59 25.73
N THR C 272 -37.23 30.62 26.32
CA THR C 272 -37.58 31.99 25.96
C THR C 272 -36.44 32.57 25.14
N ILE C 273 -36.77 33.01 23.94
CA ILE C 273 -35.77 33.51 23.01
C ILE C 273 -35.35 34.94 23.18
N ASN C 274 -36.24 35.87 23.40
CA ASN C 274 -35.73 37.21 23.52
C ASN C 274 -36.35 37.95 24.66
N VAL C 275 -35.67 37.88 25.79
CA VAL C 275 -36.09 38.53 27.00
C VAL C 275 -35.64 39.96 26.82
N ARG C 276 -36.52 40.89 27.03
CA ARG C 276 -36.22 42.30 26.92
C ARG C 276 -36.37 43.02 28.26
N HIS C 277 -37.21 42.47 29.15
CA HIS C 277 -37.52 43.13 30.42
C HIS C 277 -37.43 42.21 31.65
N TRP C 278 -37.26 42.80 32.81
CA TRP C 278 -37.17 41.99 34.02
C TRP C 278 -38.35 41.05 34.25
N GLN C 279 -39.57 41.51 34.04
CA GLN C 279 -40.71 40.62 34.29
C GLN C 279 -40.74 39.44 33.31
N GLU C 280 -40.05 39.57 32.19
CA GLU C 280 -40.00 38.52 31.20
C GLU C 280 -38.97 37.53 31.67
N ALA C 281 -37.92 38.04 32.35
CA ALA C 281 -36.87 37.18 32.87
C ALA C 281 -37.48 36.24 33.88
N ILE C 282 -38.46 36.77 34.63
CA ILE C 282 -39.15 35.98 35.63
C ILE C 282 -40.03 34.95 34.96
N ALA C 283 -40.81 35.35 33.97
CA ALA C 283 -41.64 34.36 33.31
C ALA C 283 -40.80 33.27 32.65
N ALA C 284 -39.68 33.67 32.06
CA ALA C 284 -38.81 32.73 31.39
C ALA C 284 -38.24 31.74 32.38
N TYR C 285 -37.87 32.23 33.55
CA TYR C 285 -37.36 31.42 34.62
C TYR C 285 -38.36 30.38 35.05
N ASP C 286 -39.61 30.81 35.25
CA ASP C 286 -40.64 29.89 35.68
C ASP C 286 -40.82 28.74 34.70
N LEU C 287 -40.65 28.99 33.40
CA LEU C 287 -40.75 27.89 32.46
C LEU C 287 -39.49 27.02 32.50
N ALA C 288 -38.32 27.65 32.62
CA ALA C 288 -37.08 26.89 32.66
C ALA C 288 -37.09 25.91 33.83
N ALA C 289 -37.70 26.38 34.93
CA ALA C 289 -37.83 25.72 36.22
C ALA C 289 -38.60 24.41 36.16
N GLU C 290 -39.33 24.17 35.07
CA GLU C 290 -40.07 22.94 34.92
C GLU C 290 -39.15 21.71 34.76
N GLU C 291 -37.94 21.87 34.21
CA GLU C 291 -37.07 20.71 33.99
C GLU C 291 -36.05 20.52 35.11
N SER C 292 -35.26 19.45 35.04
CA SER C 292 -34.21 19.12 36.02
C SER C 292 -33.11 20.18 36.02
N LYS C 293 -32.33 20.26 37.11
CA LYS C 293 -31.30 21.32 37.26
C LYS C 293 -29.84 21.02 36.82
N ALA C 296 -24.78 25.47 32.44
CA ALA C 296 -24.67 26.88 32.03
C ALA C 296 -25.30 27.11 30.68
N ILE C 297 -26.62 27.15 30.69
CA ILE C 297 -27.46 27.42 29.55
C ILE C 297 -28.52 28.45 29.95
N ILE C 298 -28.18 29.22 30.96
CA ILE C 298 -29.02 30.25 31.52
C ILE C 298 -28.46 31.62 31.24
N VAL C 299 -29.34 32.43 30.71
CA VAL C 299 -29.02 33.78 30.35
C VAL C 299 -27.91 34.01 29.34
N GLU C 300 -28.04 33.40 28.19
CA GLU C 300 -27.14 33.71 27.11
C GLU C 300 -27.41 34.99 26.43
N ARG C 301 -26.41 35.58 25.87
CA ARG C 301 -26.65 36.75 25.08
C ARG C 301 -27.49 36.32 23.88
N TYR C 302 -28.44 37.16 23.49
CA TYR C 302 -29.23 36.94 22.29
C TYR C 302 -28.49 37.46 21.08
N TYR C 303 -28.37 36.63 20.05
CA TYR C 303 -27.71 37.03 18.83
C TYR C 303 -28.72 37.15 17.73
N GLU C 304 -28.54 38.12 16.86
CA GLU C 304 -29.47 38.29 15.75
C GLU C 304 -29.02 37.55 14.52
N GLY C 305 -29.98 37.06 13.76
CA GLY C 305 -29.69 36.37 12.51
C GLY C 305 -30.67 35.26 12.26
N SER C 306 -30.46 34.54 11.19
CA SER C 306 -31.32 33.44 10.82
C SER C 306 -30.76 32.16 11.35
N ASP C 307 -31.59 31.16 11.45
CA ASP C 307 -31.24 29.84 11.90
C ASP C 307 -30.84 28.90 10.76
N HIS C 308 -29.56 28.57 10.65
CA HIS C 308 -29.06 27.74 9.57
C HIS C 308 -28.61 26.38 10.06
N ARG C 309 -28.92 25.36 9.31
CA ARG C 309 -28.46 24.02 9.61
C ARG C 309 -27.46 23.53 8.60
N VAL C 310 -26.30 23.15 9.08
CA VAL C 310 -25.22 22.69 8.25
C VAL C 310 -24.98 21.21 8.45
N LEU C 311 -24.99 20.43 7.39
CA LEU C 311 -24.73 19.00 7.46
C LEU C 311 -23.34 18.64 6.98
N VAL C 312 -22.56 18.01 7.84
CA VAL C 312 -21.18 17.58 7.57
C VAL C 312 -21.14 16.04 7.72
N VAL C 313 -20.61 15.30 6.72
CA VAL C 313 -20.63 13.83 6.79
C VAL C 313 -19.34 13.09 7.11
N ASN C 314 -18.23 13.43 6.51
CA ASN C 314 -17.03 12.70 6.86
C ASN C 314 -15.92 13.69 7.00
N GLY C 315 -16.20 14.73 7.76
CA GLY C 315 -15.27 15.83 7.89
C GLY C 315 -15.35 16.73 6.68
N LYS C 316 -16.45 16.60 5.92
CA LYS C 316 -16.71 17.35 4.72
C LYS C 316 -18.15 17.82 4.63
N LEU C 317 -18.33 19.07 4.23
CA LEU C 317 -19.65 19.65 4.08
C LEU C 317 -20.50 19.05 2.97
N VAL C 318 -21.74 18.71 3.29
CA VAL C 318 -22.69 18.17 2.35
C VAL C 318 -23.83 19.11 1.98
N ALA C 319 -24.46 19.73 2.97
CA ALA C 319 -25.61 20.59 2.67
C ALA C 319 -25.81 21.70 3.68
N VAL C 320 -26.40 22.81 3.25
CA VAL C 320 -26.76 23.92 4.14
C VAL C 320 -28.20 24.37 3.89
N ALA C 321 -29.01 24.55 4.94
CA ALA C 321 -30.35 25.07 4.73
C ALA C 321 -30.77 26.06 5.79
N GLU C 322 -31.48 27.07 5.35
CA GLU C 322 -32.00 28.12 6.21
C GLU C 322 -33.40 27.81 6.66
N ARG C 323 -33.61 27.84 7.96
CA ARG C 323 -34.90 27.51 8.52
C ARG C 323 -35.65 28.73 9.01
N ILE C 324 -36.91 28.82 8.62
CA ILE C 324 -37.79 29.94 8.96
C ILE C 324 -39.07 29.44 9.63
N PRO C 325 -39.50 29.98 10.79
CA PRO C 325 -40.71 29.60 11.53
C PRO C 325 -41.96 29.86 10.75
N ALA C 326 -43.03 29.12 11.05
CA ALA C 326 -44.33 29.34 10.41
C ALA C 326 -44.71 30.79 10.52
N HIS C 327 -45.14 31.38 9.43
CA HIS C 327 -45.48 32.79 9.41
C HIS C 327 -46.43 33.16 8.30
N VAL C 328 -47.01 34.34 8.45
CA VAL C 328 -47.84 34.94 7.41
C VAL C 328 -47.39 36.35 7.17
N THR C 329 -47.72 36.88 6.01
CA THR C 329 -47.37 38.26 5.72
C THR C 329 -48.54 39.08 5.26
N GLY C 330 -48.36 40.39 5.27
CA GLY C 330 -49.36 41.37 4.85
C GLY C 330 -49.64 41.34 3.36
N ASP C 331 -50.23 40.23 2.92
CA ASP C 331 -50.63 39.96 1.56
C ASP C 331 -52.00 40.57 1.36
N GLY C 332 -52.01 41.89 1.36
CA GLY C 332 -53.23 42.69 1.28
C GLY C 332 -53.75 42.99 2.68
N SER C 333 -54.82 43.80 2.75
CA SER C 333 -55.38 44.22 4.03
C SER C 333 -56.32 43.20 4.66
N SER C 334 -55.74 42.07 5.04
CA SER C 334 -56.43 40.93 5.63
C SER C 334 -55.93 40.69 7.03
N THR C 335 -56.74 40.01 7.84
CA THR C 335 -56.33 39.71 9.20
C THR C 335 -55.45 38.52 9.23
N ILE C 336 -54.81 38.28 10.34
CA ILE C 336 -53.98 37.10 10.44
C ILE C 336 -54.79 35.83 10.29
N SER C 337 -55.94 35.68 10.95
CA SER C 337 -56.68 34.43 10.75
C SER C 337 -57.09 34.24 9.30
N GLU C 338 -57.35 35.34 8.57
CA GLU C 338 -57.70 35.26 7.15
C GLU C 338 -56.49 34.86 6.30
N LEU C 339 -55.32 35.41 6.63
CA LEU C 339 -54.09 35.11 5.93
C LEU C 339 -53.70 33.67 6.14
N ILE C 340 -53.95 33.15 7.34
CA ILE C 340 -53.61 31.78 7.59
C ILE C 340 -54.48 30.89 6.75
N GLU C 341 -55.79 31.14 6.69
CA GLU C 341 -56.58 30.24 5.89
C GLU C 341 -56.18 30.33 4.42
N LYS C 342 -55.81 31.52 3.96
CA LYS C 342 -55.40 31.67 2.57
C LYS C 342 -54.17 30.85 2.22
N THR C 343 -53.14 30.86 3.09
CA THR C 343 -51.91 30.13 2.76
C THR C 343 -51.91 28.69 3.22
N ASN C 344 -52.80 28.33 4.12
CA ASN C 344 -52.81 26.97 4.65
C ASN C 344 -53.55 26.04 3.68
N GLN C 345 -54.02 26.61 2.58
CA GLN C 345 -54.68 25.89 1.49
C GLN C 345 -53.70 25.60 0.35
N ASP C 346 -52.46 26.03 0.52
CA ASP C 346 -51.41 25.81 -0.47
C ASP C 346 -51.31 24.31 -0.73
N PRO C 347 -51.29 23.84 -2.00
CA PRO C 347 -51.27 22.44 -2.39
C PRO C 347 -50.05 21.67 -1.91
N ASN C 348 -49.02 22.39 -1.43
CA ASN C 348 -47.82 21.74 -0.96
C ASN C 348 -47.88 21.49 0.53
N ARG C 349 -49.02 21.81 1.17
CA ARG C 349 -49.16 21.60 2.60
C ARG C 349 -50.17 20.54 3.01
N GLY C 350 -49.79 19.75 4.01
CA GLY C 350 -50.70 18.80 4.62
C GLY C 350 -50.06 17.60 5.29
N ASP C 351 -50.79 17.07 6.27
CA ASP C 351 -50.48 15.88 7.03
C ASP C 351 -49.01 15.81 7.51
N GLY C 352 -48.25 14.78 7.10
CA GLY C 352 -46.86 14.68 7.56
C GLY C 352 -46.10 13.53 6.88
N HIS C 353 -45.05 13.93 6.14
CA HIS C 353 -44.23 13.10 5.24
C HIS C 353 -45.03 12.64 4.02
N ASP C 354 -46.17 13.29 3.85
CA ASP C 354 -47.10 13.14 2.73
C ASP C 354 -46.85 14.18 1.67
N ASN C 355 -46.31 15.32 2.09
CA ASN C 355 -46.10 16.46 1.24
C ASN C 355 -44.86 17.18 1.75
N ILE C 356 -44.48 18.26 1.11
CA ILE C 356 -43.28 18.99 1.52
C ILE C 356 -43.49 19.75 2.83
N LEU C 357 -44.61 20.44 2.95
CA LEU C 357 -44.92 21.24 4.12
C LEU C 357 -46.10 20.70 4.88
N THR C 358 -46.20 21.02 6.17
CA THR C 358 -47.41 20.66 6.91
C THR C 358 -48.25 21.91 7.10
N LYS C 359 -49.36 21.74 7.80
CA LYS C 359 -50.33 22.79 8.06
C LYS C 359 -49.93 23.73 9.20
N ILE C 360 -50.36 24.97 9.05
CA ILE C 360 -50.22 25.98 10.09
C ILE C 360 -51.41 25.86 11.02
N VAL C 361 -51.14 25.74 12.29
CA VAL C 361 -52.19 25.60 13.27
C VAL C 361 -52.20 26.74 14.25
N VAL C 362 -53.37 27.36 14.39
CA VAL C 362 -53.55 28.42 15.36
C VAL C 362 -53.98 27.77 16.66
N ASN C 363 -53.26 28.10 17.69
CA ASN C 363 -53.45 27.57 19.01
C ASN C 363 -53.05 28.65 19.99
N LYS C 364 -53.15 28.37 21.27
CA LYS C 364 -52.81 29.33 22.32
C LYS C 364 -51.34 29.75 22.24
N THR C 365 -50.51 28.91 21.63
CA THR C 365 -49.10 29.21 21.51
C THR C 365 -48.83 30.10 20.31
N ALA C 366 -49.73 30.11 19.33
CA ALA C 366 -49.55 31.00 18.20
C ALA C 366 -49.91 32.36 18.68
N ILE C 367 -50.90 32.39 19.56
CA ILE C 367 -51.35 33.63 20.10
C ILE C 367 -50.30 34.18 21.02
N ASP C 368 -49.75 33.36 21.89
CA ASP C 368 -48.72 33.86 22.78
C ASP C 368 -47.56 34.48 21.97
N VAL C 369 -47.15 33.82 20.87
CA VAL C 369 -46.08 34.35 20.04
C VAL C 369 -46.53 35.66 19.35
N MET C 370 -47.76 35.71 18.82
CA MET C 370 -48.24 36.93 18.17
C MET C 370 -48.38 38.10 19.14
N GLU C 371 -48.80 37.86 20.38
CA GLU C 371 -48.97 38.93 21.33
C GLU C 371 -47.66 39.66 21.59
N ARG C 372 -46.56 38.93 21.65
CA ARG C 372 -45.25 39.54 21.89
C ARG C 372 -44.78 40.44 20.75
N GLN C 373 -45.41 40.32 19.58
CA GLN C 373 -45.08 41.08 18.38
C GLN C 373 -46.05 42.25 18.22
N GLY C 374 -47.04 42.36 19.13
CA GLY C 374 -48.07 43.39 19.04
C GLY C 374 -49.27 43.02 18.16
N TYR C 375 -49.50 41.74 17.91
CA TYR C 375 -50.59 41.29 17.04
C TYR C 375 -51.41 40.17 17.64
N ASN C 376 -52.58 39.95 17.08
CA ASN C 376 -53.39 38.79 17.43
C ASN C 376 -54.11 38.35 16.16
N LEU C 377 -54.88 37.28 16.24
CA LEU C 377 -55.49 36.70 15.06
C LEU C 377 -56.51 37.57 14.32
N ASP C 378 -57.12 38.54 14.96
CA ASP C 378 -58.09 39.37 14.28
C ASP C 378 -57.55 40.72 13.81
N SER C 379 -56.24 40.92 13.89
CA SER C 379 -55.63 42.17 13.47
C SER C 379 -55.16 42.11 12.04
N VAL C 380 -55.24 43.25 11.34
CA VAL C 380 -54.81 43.40 9.95
C VAL C 380 -53.37 43.82 9.82
N LEU C 381 -52.63 43.13 8.96
CA LEU C 381 -51.23 43.51 8.83
C LEU C 381 -51.01 44.56 7.74
N PRO C 382 -50.07 45.50 7.94
CA PRO C 382 -49.60 46.45 6.96
C PRO C 382 -49.00 45.69 5.81
N LYS C 383 -49.08 46.25 4.61
CA LYS C 383 -48.54 45.53 3.47
C LYS C 383 -47.09 45.12 3.70
N ASP C 384 -46.85 43.84 3.43
CA ASP C 384 -45.57 43.12 3.52
C ASP C 384 -44.97 42.97 4.92
N GLU C 385 -45.75 43.24 5.96
CA GLU C 385 -45.35 43.02 7.35
C GLU C 385 -45.35 41.53 7.61
N VAL C 386 -44.37 41.02 8.36
CA VAL C 386 -44.37 39.58 8.67
C VAL C 386 -44.55 39.29 10.14
N VAL C 387 -45.45 38.38 10.41
CA VAL C 387 -45.74 37.93 11.75
C VAL C 387 -45.50 36.44 11.89
N TYR C 388 -44.76 36.09 12.93
CA TYR C 388 -44.42 34.70 13.16
C TYR C 388 -45.43 34.06 14.08
N LEU C 389 -45.79 32.83 13.79
CA LEU C 389 -46.76 32.09 14.58
C LEU C 389 -46.11 31.07 15.51
N ARG C 390 -44.79 30.98 15.44
CA ARG C 390 -43.99 30.05 16.22
C ARG C 390 -42.70 30.70 16.66
N ALA C 391 -42.21 30.28 17.82
CA ALA C 391 -40.94 30.77 18.34
C ALA C 391 -39.73 30.24 17.59
N THR C 392 -39.81 29.01 17.09
CA THR C 392 -38.70 28.36 16.41
C THR C 392 -39.11 27.78 15.08
N ALA C 393 -38.13 27.45 14.25
CA ALA C 393 -38.37 26.87 12.96
C ALA C 393 -38.30 25.36 12.94
N ASN C 394 -39.33 24.75 12.39
CA ASN C 394 -39.45 23.33 12.26
C ASN C 394 -40.41 23.01 11.12
N LEU C 395 -40.02 22.16 10.18
CA LEU C 395 -40.91 21.83 9.07
C LEU C 395 -42.18 21.18 9.56
N SER C 396 -42.10 20.40 10.63
CA SER C 396 -43.24 19.67 11.17
C SER C 396 -44.26 20.57 11.85
N THR C 397 -43.92 21.84 12.06
CA THR C 397 -44.84 22.77 12.69
C THR C 397 -45.34 23.80 11.69
N GLY C 398 -45.00 23.62 10.41
CA GLY C 398 -45.45 24.55 9.39
C GLY C 398 -44.42 25.56 8.89
N GLY C 399 -43.13 25.41 9.24
CA GLY C 399 -42.12 26.35 8.78
C GLY C 399 -41.59 25.93 7.42
N ILE C 400 -40.55 26.61 6.95
CA ILE C 400 -39.97 26.33 5.65
C ILE C 400 -38.46 26.12 5.73
N ALA C 401 -37.89 25.51 4.69
CA ALA C 401 -36.45 25.30 4.60
C ALA C 401 -35.95 25.66 3.23
N ILE C 402 -34.96 26.55 3.20
CA ILE C 402 -34.41 27.04 1.96
C ILE C 402 -32.99 26.56 1.73
N ASP C 403 -32.73 25.90 0.62
CA ASP C 403 -31.38 25.45 0.36
C ASP C 403 -30.45 26.62 0.12
N ARG C 404 -29.33 26.67 0.85
CA ARG C 404 -28.34 27.73 0.72
C ARG C 404 -26.97 27.10 0.56
N THR C 405 -26.90 25.91 -0.01
CA THR C 405 -25.65 25.16 -0.02
C THR C 405 -24.57 25.82 -0.82
N ASP C 406 -24.92 26.49 -1.89
CA ASP C 406 -23.93 27.09 -2.74
C ASP C 406 -23.61 28.52 -2.37
N ASP C 407 -24.21 29.04 -1.31
CA ASP C 407 -23.99 30.41 -0.91
C ASP C 407 -23.10 30.57 0.30
N ILE C 408 -22.49 29.49 0.74
CA ILE C 408 -21.68 29.54 1.94
C ILE C 408 -20.23 29.88 1.64
N HIS C 409 -19.72 30.85 2.37
CA HIS C 409 -18.36 31.35 2.23
C HIS C 409 -17.30 30.28 2.58
N PRO C 410 -16.18 30.13 1.83
CA PRO C 410 -15.09 29.21 2.07
C PRO C 410 -14.50 29.19 3.46
N GLU C 411 -14.51 30.31 4.17
CA GLU C 411 -13.99 30.31 5.50
C GLU C 411 -14.97 29.65 6.43
N ASN C 412 -16.26 29.81 6.15
CA ASN C 412 -17.27 29.23 6.98
C ASN C 412 -17.30 27.73 6.72
N ILE C 413 -16.96 27.32 5.51
CA ILE C 413 -16.93 25.89 5.24
C ILE C 413 -15.84 25.26 6.08
N TRP C 414 -14.67 25.89 6.11
CA TRP C 414 -13.56 25.43 6.91
C TRP C 414 -13.90 25.33 8.38
N LEU C 415 -14.55 26.35 8.91
CA LEU C 415 -14.92 26.34 10.30
C LEU C 415 -15.90 25.23 10.64
N MET C 416 -16.90 24.98 9.82
CA MET C 416 -17.87 23.93 10.13
C MET C 416 -17.24 22.55 10.16
N GLU C 417 -16.32 22.29 9.26
CA GLU C 417 -15.65 21.01 9.23
C GLU C 417 -14.77 20.84 10.45
N ARG C 418 -14.14 21.92 10.90
CA ARG C 418 -13.30 21.89 12.08
C ARG C 418 -14.14 21.59 13.32
N VAL C 419 -15.36 22.12 13.40
CA VAL C 419 -16.25 21.86 14.54
C VAL C 419 -16.59 20.37 14.64
N ALA C 420 -16.93 19.75 13.54
CA ALA C 420 -17.27 18.33 13.56
C ALA C 420 -16.10 17.47 14.03
N LYS C 421 -14.89 17.82 13.61
CA LYS C 421 -13.69 17.09 14.00
C LYS C 421 -13.30 17.28 15.47
N VAL C 422 -13.49 18.48 16.00
CA VAL C 422 -13.23 18.76 17.41
C VAL C 422 -14.16 17.95 18.31
N ILE C 423 -15.44 17.87 17.97
CA ILE C 423 -16.39 17.11 18.76
C ILE C 423 -16.15 15.62 18.55
N GLY C 424 -15.88 15.19 17.33
CA GLY C 424 -15.64 13.78 17.10
C GLY C 424 -16.78 13.06 16.47
N LEU C 425 -17.62 13.75 15.71
CA LEU C 425 -18.75 13.10 15.05
C LEU C 425 -18.48 12.84 13.59
N ASP C 426 -19.00 11.72 13.05
CA ASP C 426 -18.87 11.53 11.62
C ASP C 426 -20.00 12.26 10.92
N ILE C 427 -21.22 11.94 11.26
CA ILE C 427 -22.34 12.64 10.66
C ILE C 427 -22.84 13.63 11.69
N ALA C 428 -22.81 14.90 11.35
CA ALA C 428 -23.21 15.91 12.31
C ALA C 428 -23.98 17.05 11.74
N GLY C 429 -24.95 17.51 12.53
CA GLY C 429 -25.68 18.70 12.17
C GLY C 429 -25.16 19.84 13.01
N ILE C 430 -24.94 20.98 12.42
CA ILE C 430 -24.46 22.12 13.17
C ILE C 430 -25.47 23.25 13.07
N ASP C 431 -25.90 23.75 14.21
CA ASP C 431 -26.86 24.84 14.32
C ASP C 431 -26.13 26.17 14.41
N VAL C 432 -26.29 27.01 13.40
CA VAL C 432 -25.61 28.29 13.27
C VAL C 432 -26.54 29.50 13.20
N VAL C 433 -26.25 30.54 13.95
CA VAL C 433 -27.04 31.76 13.86
C VAL C 433 -26.24 32.87 13.23
N THR C 434 -26.74 33.36 12.11
CA THR C 434 -26.06 34.42 11.36
C THR C 434 -27.00 35.20 10.48
N SER C 435 -26.69 36.45 10.28
CA SER C 435 -27.46 37.28 9.38
C SER C 435 -27.11 37.06 7.92
N ASP C 436 -25.91 36.53 7.65
CA ASP C 436 -25.47 36.31 6.28
C ASP C 436 -24.47 35.17 6.17
N ILE C 437 -24.90 34.02 5.68
CA ILE C 437 -24.06 32.82 5.58
C ILE C 437 -22.98 32.96 4.51
N SER C 438 -23.08 34.02 3.69
CA SER C 438 -22.17 34.30 2.61
C SER C 438 -21.00 35.17 3.04
N LYS C 439 -20.97 35.57 4.30
CA LYS C 439 -19.88 36.35 4.85
C LYS C 439 -19.31 35.53 6.01
N PRO C 440 -18.05 35.68 6.41
CA PRO C 440 -17.47 35.02 7.53
C PRO C 440 -18.24 35.30 8.81
N LEU C 441 -18.32 34.30 9.69
CA LEU C 441 -19.08 34.53 10.92
C LEU C 441 -18.48 35.64 11.74
N ARG C 442 -17.17 35.91 11.63
CA ARG C 442 -16.61 36.98 12.44
C ARG C 442 -17.04 38.37 11.98
N GLU C 443 -17.53 38.52 10.74
CA GLU C 443 -17.92 39.83 10.25
C GLU C 443 -19.35 40.15 10.60
N THR C 444 -20.15 39.11 10.69
CA THR C 444 -21.57 39.24 10.97
C THR C 444 -21.90 39.00 12.43
N ASN C 445 -20.88 38.72 13.22
CA ASN C 445 -20.98 38.35 14.63
C ASN C 445 -21.90 37.17 14.85
N GLY C 446 -21.74 36.14 14.03
CA GLY C 446 -22.55 34.97 14.16
C GLY C 446 -21.96 34.01 15.15
N VAL C 447 -22.76 33.07 15.60
CA VAL C 447 -22.33 32.06 16.54
C VAL C 447 -22.76 30.66 16.21
N ILE C 448 -22.08 29.69 16.79
CA ILE C 448 -22.50 28.31 16.68
C ILE C 448 -23.21 27.97 17.94
N VAL C 449 -24.45 27.59 17.78
CA VAL C 449 -25.32 27.33 18.91
C VAL C 449 -25.26 25.90 19.37
N GLU C 450 -25.29 24.96 18.44
CA GLU C 450 -25.25 23.56 18.85
C GLU C 450 -24.76 22.54 17.84
N VAL C 451 -24.08 21.51 18.31
CA VAL C 451 -23.75 20.37 17.49
C VAL C 451 -24.73 19.21 17.85
N ASN C 452 -25.35 18.65 16.81
CA ASN C 452 -26.37 17.61 16.91
C ASN C 452 -25.91 16.26 16.34
N ALA C 453 -25.84 15.25 17.17
CA ALA C 453 -25.48 13.93 16.68
C ALA C 453 -26.71 13.33 16.03
N ALA C 454 -26.53 12.46 15.07
CA ALA C 454 -27.63 11.78 14.39
C ALA C 454 -28.72 12.71 13.85
N PRO C 455 -28.41 13.73 13.04
CA PRO C 455 -29.33 14.71 12.52
C PRO C 455 -30.26 14.08 11.50
N GLY C 456 -31.45 14.64 11.29
CA GLY C 456 -32.31 14.10 10.24
C GLY C 456 -31.95 14.67 8.88
N PHE C 457 -32.53 14.10 7.82
CA PHE C 457 -32.23 14.56 6.46
C PHE C 457 -33.33 15.25 5.68
N ARG C 458 -34.59 15.20 6.14
CA ARG C 458 -35.73 15.73 5.40
C ARG C 458 -35.57 17.10 4.81
N MET C 459 -35.02 17.99 5.56
CA MET C 459 -34.88 19.36 5.13
C MET C 459 -33.86 19.56 4.03
N HIS C 460 -33.02 18.56 3.80
CA HIS C 460 -31.99 18.66 2.81
C HIS C 460 -32.36 17.88 1.57
N VAL C 461 -33.17 16.84 1.75
CA VAL C 461 -33.56 16.00 0.62
C VAL C 461 -34.92 16.41 0.08
N ALA C 462 -35.67 17.18 0.85
CA ALA C 462 -36.96 17.68 0.45
C ALA C 462 -37.18 19.10 0.95
N PRO C 463 -36.40 20.10 0.49
CA PRO C 463 -36.46 21.47 0.88
C PRO C 463 -37.70 22.07 0.32
N SER C 464 -38.18 23.17 0.87
CA SER C 464 -39.34 23.79 0.26
C SER C 464 -38.95 24.79 -0.81
N GLN C 465 -37.74 25.31 -0.71
CA GLN C 465 -37.21 26.19 -1.74
C GLN C 465 -35.81 25.73 -2.08
N GLY C 466 -35.43 25.86 -3.33
CA GLY C 466 -34.10 25.47 -3.71
C GLY C 466 -34.09 24.05 -4.21
N LEU C 467 -32.92 23.55 -4.49
CA LEU C 467 -32.73 22.25 -5.09
C LEU C 467 -32.46 21.15 -4.04
N PRO C 468 -33.08 19.94 -4.10
CA PRO C 468 -32.83 18.78 -3.25
C PRO C 468 -31.41 18.24 -3.36
N ARG C 469 -30.86 17.69 -2.28
CA ARG C 469 -29.51 17.14 -2.30
C ARG C 469 -29.45 15.64 -2.03
N ASN C 470 -28.54 14.95 -2.70
CA ASN C 470 -28.40 13.52 -2.42
C ASN C 470 -27.46 13.33 -1.26
N VAL C 471 -28.06 13.32 -0.09
CA VAL C 471 -27.43 13.20 1.19
C VAL C 471 -26.88 11.82 1.46
N ALA C 472 -27.60 10.78 1.04
CA ALA C 472 -27.17 9.41 1.25
C ALA C 472 -25.88 9.07 0.54
N ALA C 473 -25.65 9.62 -0.63
CA ALA C 473 -24.48 9.23 -1.37
C ALA C 473 -23.16 9.42 -0.57
N PRO C 474 -22.87 10.56 0.09
CA PRO C 474 -21.73 10.74 0.97
C PRO C 474 -21.67 9.83 2.16
N VAL C 475 -22.79 9.22 2.57
CA VAL C 475 -22.79 8.35 3.71
C VAL C 475 -22.30 7.01 3.25
N LEU C 476 -22.84 6.52 2.15
CA LEU C 476 -22.43 5.24 1.64
C LEU C 476 -21.01 5.25 1.16
N ASP C 477 -20.51 6.39 0.72
CA ASP C 477 -19.13 6.48 0.34
C ASP C 477 -18.18 6.35 1.53
N MET C 478 -18.59 6.64 2.77
CA MET C 478 -17.62 6.46 3.84
C MET C 478 -17.70 5.03 4.32
N LEU C 479 -18.90 4.46 4.26
CA LEU C 479 -19.09 3.09 4.74
C LEU C 479 -18.49 2.08 3.80
N PHE C 480 -18.62 2.32 2.51
CA PHE C 480 -18.10 1.47 1.46
C PHE C 480 -17.31 2.30 0.46
N PRO C 481 -16.08 2.71 0.78
CA PRO C 481 -15.27 3.61 0.00
C PRO C 481 -15.10 3.08 -1.41
N PRO C 482 -14.94 3.95 -2.41
CA PRO C 482 -14.76 3.57 -3.78
C PRO C 482 -13.63 2.60 -3.90
N GLY C 483 -13.83 1.57 -4.69
CA GLY C 483 -12.82 0.55 -4.89
C GLY C 483 -12.92 -0.63 -3.93
N THR C 484 -13.77 -0.55 -2.91
CA THR C 484 -13.85 -1.67 -1.99
C THR C 484 -15.12 -2.48 -2.27
N PRO C 485 -15.15 -3.79 -1.98
CA PRO C 485 -16.29 -4.68 -2.06
C PRO C 485 -17.26 -4.52 -0.92
N SER C 486 -18.50 -4.89 -1.16
CA SER C 486 -19.54 -4.95 -0.16
C SER C 486 -20.03 -6.38 0.05
N ARG C 487 -19.54 -7.30 -0.79
CA ARG C 487 -19.92 -8.70 -0.82
C ARG C 487 -18.73 -9.62 -0.74
N ILE C 488 -18.99 -10.84 -0.29
CA ILE C 488 -18.00 -11.88 -0.26
C ILE C 488 -18.41 -12.86 -1.33
N PRO C 489 -17.53 -13.69 -1.91
CA PRO C 489 -17.88 -14.69 -2.87
C PRO C 489 -18.85 -15.71 -2.35
N ILE C 490 -19.82 -16.05 -3.18
CA ILE C 490 -20.79 -17.08 -2.86
C ILE C 490 -20.75 -18.13 -3.93
N LEU C 491 -20.57 -19.38 -3.50
CA LEU C 491 -20.55 -20.52 -4.38
C LEU C 491 -21.71 -21.41 -3.99
N ALA C 492 -22.71 -21.48 -4.86
CA ALA C 492 -23.93 -22.24 -4.56
C ALA C 492 -23.97 -23.55 -5.32
N VAL C 493 -24.18 -24.64 -4.61
CA VAL C 493 -24.17 -25.96 -5.24
C VAL C 493 -25.51 -26.66 -5.17
N THR C 494 -26.05 -27.05 -6.30
CA THR C 494 -27.30 -27.79 -6.28
C THR C 494 -27.28 -28.98 -7.22
N GLY C 495 -28.37 -29.73 -7.26
CA GLY C 495 -28.52 -30.92 -8.11
C GLY C 495 -29.18 -32.01 -7.33
N THR C 496 -29.73 -33.01 -7.99
CA THR C 496 -30.40 -34.08 -7.27
C THR C 496 -29.49 -34.91 -6.36
N ASN C 497 -28.30 -35.28 -6.82
CA ASN C 497 -27.36 -36.08 -6.02
C ASN C 497 -25.96 -35.49 -6.01
N GLY C 498 -25.25 -35.63 -4.88
CA GLY C 498 -23.84 -35.24 -4.76
C GLY C 498 -23.53 -33.86 -4.22
N LYS C 499 -24.53 -33.13 -3.80
CA LYS C 499 -24.36 -31.79 -3.25
C LYS C 499 -23.49 -31.72 -2.02
N THR C 500 -23.68 -32.61 -1.07
CA THR C 500 -22.93 -32.56 0.18
C THR C 500 -21.47 -32.87 -0.04
N THR C 501 -21.19 -33.84 -0.88
CA THR C 501 -19.82 -34.23 -1.17
C THR C 501 -19.08 -33.12 -1.90
N THR C 502 -19.73 -32.50 -2.89
CA THR C 502 -19.14 -31.44 -3.68
C THR C 502 -18.89 -30.22 -2.81
N THR C 503 -19.84 -29.91 -1.93
CA THR C 503 -19.77 -28.78 -1.00
C THR C 503 -18.61 -28.92 -0.04
N ARG C 504 -18.41 -30.10 0.55
CA ARG C 504 -17.29 -30.27 1.48
C ARG C 504 -15.94 -30.20 0.79
N LEU C 505 -15.84 -30.72 -0.42
CA LEU C 505 -14.59 -30.65 -1.14
C LEU C 505 -14.26 -29.24 -1.55
N LEU C 506 -15.24 -28.51 -2.03
CA LEU C 506 -15.00 -27.16 -2.47
C LEU C 506 -14.63 -26.28 -1.29
N ALA C 507 -15.27 -26.45 -0.15
CA ALA C 507 -14.91 -25.69 1.03
C ALA C 507 -13.49 -25.99 1.48
N HIS C 508 -13.08 -27.27 1.38
CA HIS C 508 -11.74 -27.72 1.71
C HIS C 508 -10.69 -27.07 0.81
N ILE C 509 -10.95 -27.00 -0.49
CA ILE C 509 -10.01 -26.38 -1.40
C ILE C 509 -9.84 -24.90 -1.08
N TYR C 510 -10.91 -24.16 -0.82
CA TYR C 510 -10.79 -22.74 -0.50
C TYR C 510 -10.03 -22.49 0.75
N ARG C 511 -10.20 -23.35 1.70
CA ARG C 511 -9.57 -23.29 2.99
C ARG C 511 -8.04 -23.39 2.88
N GLN C 512 -7.51 -23.91 1.78
CA GLN C 512 -6.06 -24.10 1.65
C GLN C 512 -5.41 -22.78 1.28
N THR C 513 -6.22 -21.74 1.05
CA THR C 513 -5.71 -20.42 0.75
C THR C 513 -5.57 -19.60 2.04
N GLY C 514 -6.00 -20.17 3.18
CA GLY C 514 -5.88 -19.49 4.46
C GLY C 514 -7.03 -18.57 4.86
N LYS C 515 -8.09 -18.56 4.09
CA LYS C 515 -9.26 -17.71 4.36
C LYS C 515 -10.25 -18.37 5.26
N THR C 516 -11.12 -17.56 5.87
CA THR C 516 -12.19 -18.11 6.66
C THR C 516 -13.34 -18.49 5.76
N VAL C 517 -13.65 -19.76 5.82
CA VAL C 517 -14.66 -20.31 4.95
C VAL C 517 -15.80 -20.84 5.74
N GLY C 518 -16.98 -20.37 5.40
CA GLY C 518 -18.16 -20.86 6.05
C GLY C 518 -18.95 -21.71 5.08
N TYR C 519 -19.61 -22.74 5.57
CA TYR C 519 -20.42 -23.52 4.68
C TYR C 519 -21.57 -24.20 5.35
N THR C 520 -22.57 -24.51 4.55
CA THR C 520 -23.73 -25.19 5.10
C THR C 520 -24.00 -26.44 4.35
N SER C 521 -24.45 -27.44 5.06
CA SER C 521 -24.80 -28.72 4.50
C SER C 521 -25.96 -29.37 5.22
N THR C 522 -26.33 -30.53 4.76
CA THR C 522 -27.34 -31.34 5.41
C THR C 522 -26.87 -31.99 6.71
N ASP C 523 -25.58 -31.91 7.03
CA ASP C 523 -25.11 -32.45 8.29
C ASP C 523 -25.02 -31.38 9.40
N ALA C 524 -24.54 -30.17 9.04
CA ALA C 524 -24.26 -29.06 9.98
C ALA C 524 -23.86 -27.73 9.29
N ILE C 525 -23.72 -26.67 10.09
CA ILE C 525 -23.15 -25.37 9.66
C ILE C 525 -21.77 -25.25 10.24
N TYR C 526 -20.76 -25.00 9.40
CA TYR C 526 -19.37 -24.88 9.83
C TYR C 526 -18.67 -23.62 9.45
N ILE C 527 -17.75 -23.18 10.31
CA ILE C 527 -16.81 -22.13 9.96
C ILE C 527 -15.40 -22.59 10.27
N ASN C 528 -14.54 -22.72 9.27
CA ASN C 528 -13.16 -23.15 9.49
C ASN C 528 -13.02 -24.36 10.36
N GLU C 529 -13.78 -25.39 10.09
CA GLU C 529 -13.76 -26.65 10.84
C GLU C 529 -14.34 -26.63 12.26
N TYR C 530 -15.02 -25.57 12.65
CA TYR C 530 -15.74 -25.56 13.90
C TYR C 530 -17.20 -25.68 13.59
N CYS C 531 -17.91 -26.46 14.36
CA CYS C 531 -19.31 -26.61 14.08
C CYS C 531 -20.10 -25.58 14.83
N VAL C 532 -20.93 -24.84 14.11
CA VAL C 532 -21.74 -23.78 14.66
C VAL C 532 -23.08 -24.32 15.08
N GLU C 533 -23.70 -25.09 14.19
CA GLU C 533 -25.01 -25.72 14.45
C GLU C 533 -25.00 -27.08 13.84
N LYS C 534 -25.78 -28.03 14.38
CA LYS C 534 -25.89 -29.36 13.76
C LYS C 534 -27.29 -29.64 13.26
N GLY C 535 -27.42 -30.58 12.32
CA GLY C 535 -28.71 -30.96 11.77
C GLY C 535 -28.83 -30.50 10.33
N ASP C 536 -30.00 -30.69 9.72
CA ASP C 536 -30.13 -30.33 8.34
C ASP C 536 -30.19 -28.85 8.27
N ASN C 537 -29.13 -28.27 7.78
CA ASN C 537 -28.98 -26.86 7.74
C ASN C 537 -29.00 -26.30 6.38
N THR C 538 -29.66 -26.96 5.47
CA THR C 538 -29.79 -26.34 4.18
C THR C 538 -30.94 -25.35 4.21
N GLY C 539 -31.03 -24.49 3.23
CA GLY C 539 -32.11 -23.52 3.15
C GLY C 539 -31.69 -22.13 3.65
N PRO C 540 -32.54 -21.10 3.43
CA PRO C 540 -32.31 -19.69 3.70
C PRO C 540 -32.03 -19.29 5.13
N GLN C 541 -32.47 -20.08 6.08
CA GLN C 541 -32.23 -19.72 7.44
C GLN C 541 -30.79 -19.97 7.81
N SER C 542 -30.16 -20.92 7.16
CA SER C 542 -28.79 -21.23 7.47
C SER C 542 -27.87 -20.39 6.68
N ALA C 543 -28.28 -20.09 5.45
CA ALA C 543 -27.45 -19.27 4.60
C ALA C 543 -27.26 -17.93 5.26
N GLY C 544 -28.29 -17.46 5.95
CA GLY C 544 -28.25 -16.19 6.65
C GLY C 544 -27.31 -16.18 7.86
N VAL C 545 -26.96 -17.33 8.41
CA VAL C 545 -26.07 -17.38 9.54
C VAL C 545 -24.71 -17.08 9.03
N ILE C 546 -24.37 -17.70 7.91
CA ILE C 546 -23.08 -17.49 7.29
C ILE C 546 -22.94 -16.08 6.72
N LEU C 547 -23.96 -15.59 6.04
CA LEU C 547 -23.85 -14.27 5.43
C LEU C 547 -23.79 -13.14 6.43
N ARG C 548 -24.41 -13.31 7.59
CA ARG C 548 -24.33 -12.28 8.60
C ARG C 548 -23.12 -12.39 9.51
N ASP C 549 -22.30 -13.43 9.35
CA ASP C 549 -21.16 -13.67 10.22
C ASP C 549 -19.99 -12.77 9.86
N PRO C 550 -19.52 -11.89 10.76
CA PRO C 550 -18.51 -10.88 10.56
C PRO C 550 -17.13 -11.39 10.26
N THR C 551 -16.90 -12.69 10.39
CA THR C 551 -15.59 -13.23 10.14
C THR C 551 -15.46 -13.94 8.80
N VAL C 552 -16.57 -14.24 8.12
CA VAL C 552 -16.52 -15.05 6.93
C VAL C 552 -16.08 -14.32 5.66
N GLU C 553 -15.13 -14.94 4.95
CA GLU C 553 -14.57 -14.40 3.74
C GLU C 553 -15.11 -15.08 2.48
N VAL C 554 -15.43 -16.38 2.58
CA VAL C 554 -16.00 -17.15 1.47
C VAL C 554 -17.18 -17.97 1.95
N ALA C 555 -18.28 -17.99 1.21
CA ALA C 555 -19.42 -18.83 1.57
C ALA C 555 -19.68 -19.92 0.54
N VAL C 556 -19.74 -21.17 0.99
CA VAL C 556 -20.05 -22.29 0.10
C VAL C 556 -21.35 -22.92 0.62
N LEU C 557 -22.41 -22.88 -0.18
CA LEU C 557 -23.72 -23.30 0.33
C LEU C 557 -24.42 -24.44 -0.41
N GLU C 558 -24.70 -25.61 0.22
CA GLU C 558 -25.43 -26.60 -0.60
C GLU C 558 -26.86 -26.12 -0.60
N THR C 559 -27.52 -26.16 -1.76
CA THR C 559 -28.89 -25.71 -1.89
C THR C 559 -29.84 -26.80 -2.35
N ALA C 560 -30.85 -27.01 -1.54
CA ALA C 560 -31.85 -28.02 -1.77
C ALA C 560 -33.15 -27.43 -2.29
N ARG C 561 -33.92 -28.28 -2.97
CA ARG C 561 -35.24 -27.93 -3.47
C ARG C 561 -36.22 -27.60 -2.38
N GLY C 562 -36.04 -28.16 -1.20
CA GLY C 562 -36.96 -27.88 -0.12
C GLY C 562 -36.93 -26.39 0.18
N GLY C 563 -35.74 -25.86 0.36
CA GLY C 563 -35.60 -24.46 0.67
C GLY C 563 -36.09 -23.58 -0.46
N ILE C 564 -35.81 -23.95 -1.70
CA ILE C 564 -36.23 -23.10 -2.80
C ILE C 564 -37.74 -23.04 -2.90
N LEU C 565 -38.39 -24.18 -2.83
CA LEU C 565 -39.83 -24.24 -2.95
C LEU C 565 -40.57 -23.66 -1.76
N ARG C 566 -39.99 -23.75 -0.57
CA ARG C 566 -40.63 -23.23 0.61
C ARG C 566 -40.40 -21.74 0.85
N ALA C 567 -39.20 -21.20 0.57
CA ALA C 567 -39.00 -19.79 0.86
C ALA C 567 -38.06 -19.00 -0.07
N GLY C 568 -37.65 -19.52 -1.24
CA GLY C 568 -36.73 -18.80 -2.13
C GLY C 568 -35.26 -18.91 -1.70
N LEU C 569 -34.35 -18.26 -2.43
CA LEU C 569 -32.93 -18.26 -2.07
C LEU C 569 -32.63 -17.11 -1.11
N ALA C 570 -31.66 -17.28 -0.21
CA ALA C 570 -31.29 -16.19 0.71
C ALA C 570 -30.39 -15.12 0.19
N PHE C 571 -29.76 -15.32 -0.94
CA PHE C 571 -28.75 -14.39 -1.40
C PHE C 571 -28.94 -13.52 -2.64
N ASP C 572 -30.02 -13.66 -3.39
CA ASP C 572 -30.25 -12.86 -4.63
C ASP C 572 -29.31 -13.11 -5.81
N SER C 573 -28.00 -13.02 -5.62
CA SER C 573 -27.05 -13.32 -6.69
C SER C 573 -25.78 -13.96 -6.15
N CYS C 574 -25.07 -14.67 -7.01
CA CYS C 574 -23.84 -15.34 -6.60
C CYS C 574 -22.78 -15.36 -7.69
N ASP C 575 -21.56 -15.79 -7.32
CA ASP C 575 -20.44 -15.80 -8.24
C ASP C 575 -20.31 -17.07 -9.03
N VAL C 576 -20.57 -18.19 -8.37
CA VAL C 576 -20.53 -19.45 -9.04
C VAL C 576 -21.78 -20.23 -8.72
N GLY C 577 -22.41 -20.77 -9.73
CA GLY C 577 -23.57 -21.62 -9.52
C GLY C 577 -23.29 -22.96 -10.15
N VAL C 578 -23.34 -24.01 -9.37
CA VAL C 578 -23.02 -25.34 -9.85
C VAL C 578 -24.26 -26.22 -9.88
N VAL C 579 -24.59 -26.80 -11.03
CA VAL C 579 -25.73 -27.72 -11.10
C VAL C 579 -25.16 -29.08 -11.48
N LEU C 580 -25.30 -30.04 -10.61
CA LEU C 580 -24.67 -31.32 -10.83
C LEU C 580 -25.46 -32.32 -11.64
N ASN C 581 -26.77 -32.36 -11.49
CA ASN C 581 -27.63 -33.32 -12.19
C ASN C 581 -29.10 -33.08 -11.93
N VAL C 582 -29.95 -33.65 -12.77
CA VAL C 582 -31.40 -33.66 -12.51
C VAL C 582 -31.90 -35.10 -12.57
N ALA C 583 -32.65 -35.55 -11.59
CA ALA C 583 -33.12 -36.94 -11.65
C ALA C 583 -34.49 -37.11 -11.04
N ALA C 584 -35.16 -38.18 -11.43
CA ALA C 584 -36.52 -38.47 -10.97
C ALA C 584 -36.52 -39.09 -9.59
N ASP C 585 -36.24 -38.24 -8.64
CA ASP C 585 -36.11 -38.52 -7.23
C ASP C 585 -36.80 -37.39 -6.51
N HIS C 586 -37.82 -37.71 -5.71
CA HIS C 586 -38.69 -36.76 -5.03
C HIS C 586 -39.69 -36.09 -5.94
N LEU C 587 -40.06 -36.79 -7.02
CA LEU C 587 -41.13 -36.26 -7.83
C LEU C 587 -42.40 -36.59 -7.11
N GLY C 588 -43.36 -35.70 -7.23
CA GLY C 588 -44.66 -35.82 -6.61
C GLY C 588 -44.73 -34.99 -5.34
N LEU C 589 -43.59 -34.54 -4.84
CA LEU C 589 -43.58 -33.74 -3.63
C LEU C 589 -43.47 -32.28 -3.96
N GLY C 590 -44.14 -31.42 -3.19
CA GLY C 590 -43.97 -29.99 -3.35
C GLY C 590 -44.61 -29.48 -4.63
N ASP C 591 -45.59 -30.21 -5.14
CA ASP C 591 -46.26 -29.91 -6.40
C ASP C 591 -45.37 -30.04 -7.64
N ILE C 592 -44.21 -30.70 -7.51
CA ILE C 592 -43.38 -30.96 -8.68
C ILE C 592 -43.57 -32.39 -9.08
N ASP C 593 -44.31 -32.62 -10.14
CA ASP C 593 -44.67 -33.95 -10.59
C ASP C 593 -43.80 -34.50 -11.70
N THR C 594 -43.22 -33.63 -12.52
CA THR C 594 -42.46 -34.13 -13.66
C THR C 594 -40.99 -33.74 -13.60
N ILE C 595 -40.19 -34.38 -14.44
CA ILE C 595 -38.78 -34.12 -14.48
C ILE C 595 -38.50 -32.75 -15.10
N GLU C 596 -39.33 -32.33 -16.05
CA GLU C 596 -39.19 -31.03 -16.67
C GLU C 596 -39.43 -29.92 -15.65
N GLN C 597 -40.34 -30.16 -14.70
CA GLN C 597 -40.58 -29.18 -13.63
C GLN C 597 -39.41 -29.18 -12.66
N MET C 598 -38.86 -30.35 -12.35
CA MET C 598 -37.75 -30.42 -11.41
C MET C 598 -36.56 -29.65 -11.95
N ALA C 599 -36.39 -29.67 -13.26
CA ALA C 599 -35.33 -28.94 -13.90
C ALA C 599 -35.51 -27.43 -13.71
N LYS C 600 -36.74 -26.93 -13.59
CA LYS C 600 -36.99 -25.50 -13.40
C LYS C 600 -36.70 -25.10 -11.97
N VAL C 601 -36.79 -26.05 -11.06
CA VAL C 601 -36.46 -25.78 -9.69
C VAL C 601 -34.93 -25.66 -9.63
N LYS C 602 -34.20 -26.57 -10.28
CA LYS C 602 -32.74 -26.54 -10.19
C LYS C 602 -32.13 -25.39 -10.97
N SER C 603 -32.78 -24.97 -12.05
CA SER C 603 -32.27 -23.90 -12.87
C SER C 603 -32.29 -22.56 -12.16
N VAL C 604 -32.93 -22.46 -10.99
CA VAL C 604 -32.98 -21.21 -10.26
C VAL C 604 -31.55 -20.80 -9.94
N ILE C 605 -30.68 -21.74 -9.58
CA ILE C 605 -29.30 -21.38 -9.28
C ILE C 605 -28.57 -20.85 -10.48
N ALA C 606 -28.70 -21.48 -11.61
CA ALA C 606 -28.02 -21.04 -12.81
C ALA C 606 -28.42 -19.62 -13.22
N GLU C 607 -29.68 -19.28 -13.00
CA GLU C 607 -30.23 -17.98 -13.39
C GLU C 607 -29.96 -16.84 -12.41
N VAL C 608 -29.32 -17.11 -11.28
CA VAL C 608 -29.03 -16.04 -10.34
C VAL C 608 -27.54 -15.79 -10.30
N VAL C 609 -26.80 -16.38 -11.21
CA VAL C 609 -25.39 -16.11 -11.19
C VAL C 609 -25.19 -14.75 -11.85
N ASP C 610 -24.42 -13.90 -11.19
CA ASP C 610 -24.10 -12.57 -11.66
C ASP C 610 -23.48 -12.65 -13.06
N PRO C 611 -23.76 -11.75 -14.02
CA PRO C 611 -23.19 -11.77 -15.35
C PRO C 611 -21.67 -11.86 -15.40
N SER C 612 -20.97 -11.40 -14.36
CA SER C 612 -19.51 -11.47 -14.35
C SER C 612 -19.00 -12.83 -13.85
N GLY C 613 -19.91 -13.66 -13.36
CA GLY C 613 -19.62 -14.97 -12.80
C GLY C 613 -19.86 -16.11 -13.77
N TYR C 614 -19.86 -17.32 -13.23
CA TYR C 614 -20.01 -18.56 -13.98
C TYR C 614 -21.03 -19.54 -13.51
N ALA C 615 -21.60 -20.24 -14.46
CA ALA C 615 -22.45 -21.36 -14.18
C ALA C 615 -21.67 -22.59 -14.58
N VAL C 616 -21.66 -23.60 -13.73
CA VAL C 616 -20.95 -24.82 -14.00
C VAL C 616 -21.97 -25.92 -14.25
N LEU C 617 -22.00 -26.40 -15.48
CA LEU C 617 -23.01 -27.36 -15.89
C LEU C 617 -22.45 -28.71 -16.26
N ASN C 618 -23.24 -29.74 -16.07
CA ASN C 618 -22.92 -31.11 -16.40
C ASN C 618 -23.27 -31.43 -17.85
N ALA C 619 -22.28 -31.58 -18.71
CA ALA C 619 -22.52 -31.76 -20.15
C ALA C 619 -22.99 -33.17 -20.47
N ASP C 620 -22.92 -34.07 -19.50
CA ASP C 620 -23.35 -35.44 -19.69
C ASP C 620 -24.81 -35.62 -19.28
N ASP C 621 -25.47 -34.54 -18.87
CA ASP C 621 -26.85 -34.56 -18.42
C ASP C 621 -27.70 -33.67 -19.34
N PRO C 622 -28.57 -34.24 -20.19
CA PRO C 622 -29.39 -33.53 -21.15
C PRO C 622 -30.24 -32.40 -20.62
N LEU C 623 -30.69 -32.46 -19.35
CA LEU C 623 -31.52 -31.39 -18.86
C LEU C 623 -30.68 -30.30 -18.28
N VAL C 624 -29.51 -30.66 -17.76
CA VAL C 624 -28.64 -29.66 -17.17
C VAL C 624 -27.93 -28.85 -18.24
N ALA C 625 -27.41 -29.52 -19.26
CA ALA C 625 -26.69 -28.81 -20.30
C ALA C 625 -27.58 -27.77 -20.99
N ALA C 626 -28.85 -28.08 -21.10
CA ALA C 626 -29.87 -27.25 -21.73
C ALA C 626 -30.15 -25.95 -20.97
N MET C 627 -29.71 -25.86 -19.71
CA MET C 627 -29.94 -24.69 -18.90
C MET C 627 -29.03 -23.58 -19.36
N ALA C 628 -28.04 -23.93 -20.16
CA ALA C 628 -27.03 -23.00 -20.63
C ALA C 628 -27.63 -21.91 -21.47
N ASP C 629 -28.82 -22.15 -22.00
CA ASP C 629 -29.47 -21.20 -22.87
C ASP C 629 -30.33 -20.21 -22.11
N LYS C 630 -30.40 -20.36 -20.78
CA LYS C 630 -31.16 -19.46 -19.93
C LYS C 630 -30.21 -18.56 -19.14
N VAL C 631 -29.01 -19.06 -18.95
CA VAL C 631 -27.97 -18.38 -18.20
C VAL C 631 -27.42 -17.13 -18.85
N LYS C 632 -27.38 -16.05 -18.06
CA LYS C 632 -26.86 -14.72 -18.44
C LYS C 632 -25.37 -14.58 -18.12
N ALA C 633 -24.89 -15.54 -17.36
CA ALA C 633 -23.54 -15.69 -16.85
C ALA C 633 -22.71 -16.48 -17.85
N LYS C 634 -21.43 -16.60 -17.59
CA LYS C 634 -20.55 -17.36 -18.44
C LYS C 634 -20.81 -18.82 -18.13
N VAL C 635 -20.57 -19.71 -19.07
CA VAL C 635 -20.80 -21.12 -18.81
C VAL C 635 -19.55 -21.94 -18.94
N ALA C 636 -19.32 -22.80 -17.95
CA ALA C 636 -18.23 -23.76 -17.95
C ALA C 636 -18.88 -25.12 -17.91
N TYR C 637 -18.25 -26.13 -18.51
CA TYR C 637 -18.82 -27.47 -18.50
C TYR C 637 -17.93 -28.54 -17.98
N PHE C 638 -18.51 -29.58 -17.43
CA PHE C 638 -17.68 -30.71 -17.07
C PHE C 638 -18.28 -32.01 -17.61
N SER C 639 -17.41 -32.99 -17.82
CA SER C 639 -17.86 -34.31 -18.31
C SER C 639 -16.91 -35.45 -18.01
N MET C 640 -17.42 -36.67 -18.13
CA MET C 640 -16.64 -37.89 -17.96
C MET C 640 -16.22 -38.47 -19.30
N ASN C 641 -16.47 -37.73 -20.34
CA ASN C 641 -16.20 -38.12 -21.69
C ASN C 641 -15.64 -36.92 -22.48
N PRO C 642 -14.33 -36.85 -22.72
CA PRO C 642 -13.65 -35.79 -23.41
C PRO C 642 -14.15 -35.55 -24.81
N ASP C 643 -14.84 -36.54 -25.38
CA ASP C 643 -15.32 -36.44 -26.73
C ASP C 643 -16.78 -36.00 -26.82
N ASN C 644 -17.36 -35.61 -25.70
CA ASN C 644 -18.72 -35.10 -25.68
C ASN C 644 -18.76 -33.88 -26.59
N PRO C 645 -19.58 -33.86 -27.66
CA PRO C 645 -19.69 -32.80 -28.64
C PRO C 645 -19.90 -31.42 -28.06
N ILE C 646 -20.52 -31.34 -26.88
CA ILE C 646 -20.77 -30.07 -26.23
C ILE C 646 -19.46 -29.46 -25.81
N ILE C 647 -18.60 -30.29 -25.25
CA ILE C 647 -17.33 -29.86 -24.73
C ILE C 647 -16.46 -29.43 -25.85
N GLN C 648 -16.47 -30.21 -26.93
CA GLN C 648 -15.61 -29.87 -28.05
C GLN C 648 -16.01 -28.56 -28.70
N ALA C 649 -17.31 -28.35 -28.88
CA ALA C 649 -17.75 -27.13 -29.50
C ALA C 649 -17.38 -25.93 -28.65
N HIS C 650 -17.46 -26.10 -27.32
CA HIS C 650 -17.18 -25.09 -26.33
C HIS C 650 -15.71 -24.71 -26.24
N VAL C 651 -14.81 -25.68 -26.16
CA VAL C 651 -13.40 -25.32 -26.03
C VAL C 651 -12.86 -24.72 -27.33
N ARG C 652 -13.46 -25.05 -28.47
CA ARG C 652 -13.09 -24.49 -29.76
C ARG C 652 -13.44 -23.01 -29.88
N ARG C 653 -14.24 -22.49 -28.94
CA ARG C 653 -14.62 -21.09 -28.88
C ARG C 653 -13.96 -20.45 -27.66
N ASN C 654 -12.92 -21.10 -27.16
CA ASN C 654 -12.13 -20.75 -25.99
C ASN C 654 -12.86 -20.72 -24.66
N GLY C 655 -13.79 -21.66 -24.47
CA GLY C 655 -14.44 -21.79 -23.21
C GLY C 655 -13.56 -22.66 -22.32
N ILE C 656 -14.07 -22.94 -21.13
CA ILE C 656 -13.40 -23.71 -20.11
C ILE C 656 -14.20 -24.95 -19.80
N ALA C 657 -13.53 -26.07 -19.67
CA ALA C 657 -14.20 -27.29 -19.35
C ALA C 657 -13.35 -28.21 -18.52
N ALA C 658 -13.95 -29.08 -17.77
CA ALA C 658 -13.17 -30.06 -17.04
C ALA C 658 -13.55 -31.45 -17.46
N VAL C 659 -12.56 -32.24 -17.84
CA VAL C 659 -12.86 -33.57 -18.29
C VAL C 659 -12.02 -34.62 -17.64
N TYR C 660 -12.53 -35.82 -17.66
CA TYR C 660 -11.73 -36.94 -17.23
C TYR C 660 -11.09 -37.63 -18.43
N GLU C 661 -9.77 -37.63 -18.47
CA GLU C 661 -9.06 -38.19 -19.60
C GLU C 661 -7.76 -38.84 -19.21
N SER C 662 -7.41 -39.94 -19.82
CA SER C 662 -6.13 -40.62 -19.62
C SER C 662 -5.82 -40.89 -18.14
N GLY C 663 -6.83 -41.12 -17.32
CA GLY C 663 -6.63 -41.38 -15.91
C GLY C 663 -6.51 -40.10 -15.07
N TYR C 664 -6.55 -38.95 -15.72
CA TYR C 664 -6.41 -37.66 -15.10
C TYR C 664 -7.62 -36.79 -15.08
N LEU C 665 -7.68 -35.97 -14.06
CA LEU C 665 -8.67 -34.95 -13.98
C LEU C 665 -7.96 -33.74 -14.51
N SER C 666 -8.50 -33.15 -15.57
CA SER C 666 -7.84 -32.02 -16.20
C SER C 666 -8.78 -30.92 -16.66
N ILE C 667 -8.22 -29.73 -16.76
CA ILE C 667 -8.94 -28.56 -17.19
C ILE C 667 -8.53 -28.11 -18.57
N LEU C 668 -9.51 -27.96 -19.42
CA LEU C 668 -9.33 -27.55 -20.77
C LEU C 668 -9.62 -26.09 -20.83
N GLU C 669 -8.65 -25.32 -21.19
CA GLU C 669 -8.81 -23.89 -21.26
C GLU C 669 -8.45 -23.49 -22.67
N GLY C 670 -9.45 -23.43 -23.52
CA GLY C 670 -9.19 -23.26 -24.94
C GLY C 670 -8.39 -24.44 -25.43
N SER C 671 -7.27 -24.17 -26.10
CA SER C 671 -6.41 -25.21 -26.65
C SER C 671 -5.45 -25.85 -25.65
N TRP C 672 -5.35 -25.29 -24.46
CA TRP C 672 -4.39 -25.77 -23.49
C TRP C 672 -4.97 -26.75 -22.50
N THR C 673 -4.20 -27.76 -22.12
CA THR C 673 -4.70 -28.71 -21.13
C THR C 673 -3.89 -28.67 -19.84
N LEU C 674 -4.57 -28.49 -18.74
CA LEU C 674 -3.97 -28.44 -17.43
C LEU C 674 -4.30 -29.67 -16.62
N ARG C 675 -3.35 -30.51 -16.33
CA ARG C 675 -3.68 -31.69 -15.56
C ARG C 675 -3.64 -31.37 -14.09
N VAL C 676 -4.65 -31.80 -13.34
CA VAL C 676 -4.64 -31.54 -11.92
C VAL C 676 -4.05 -32.71 -11.21
N GLU C 677 -4.65 -33.88 -11.34
CA GLU C 677 -4.12 -35.08 -10.68
C GLU C 677 -4.69 -36.34 -11.30
N GLN C 678 -4.23 -37.50 -10.86
CA GLN C 678 -4.76 -38.78 -11.33
C GLN C 678 -5.93 -39.20 -10.49
N ALA C 679 -6.95 -39.77 -11.09
CA ALA C 679 -8.10 -40.17 -10.30
C ALA C 679 -7.73 -41.17 -9.22
N LYS C 680 -6.81 -42.06 -9.51
CA LYS C 680 -6.44 -43.09 -8.55
C LYS C 680 -5.69 -42.56 -7.34
N LEU C 681 -5.17 -41.33 -7.42
CA LEU C 681 -4.41 -40.77 -6.33
C LEU C 681 -5.20 -39.77 -5.52
N ILE C 682 -6.50 -39.65 -5.80
CA ILE C 682 -7.33 -38.75 -5.05
C ILE C 682 -8.19 -39.62 -4.15
N PRO C 683 -8.00 -39.63 -2.81
CA PRO C 683 -8.64 -40.50 -1.84
C PRO C 683 -10.16 -40.58 -1.85
N MET C 684 -10.86 -39.54 -2.29
CA MET C 684 -12.32 -39.61 -2.29
C MET C 684 -12.81 -40.50 -3.40
N THR C 685 -11.98 -40.74 -4.39
CA THR C 685 -12.35 -41.55 -5.50
C THR C 685 -11.97 -42.94 -5.09
N MET C 686 -12.86 -43.89 -5.24
CA MET C 686 -12.62 -45.26 -4.77
C MET C 686 -11.61 -46.03 -5.62
N GLY C 687 -10.38 -45.54 -5.69
CA GLY C 687 -9.29 -46.16 -6.45
C GLY C 687 -9.44 -45.89 -7.94
N GLY C 688 -10.40 -45.05 -8.29
CA GLY C 688 -10.76 -44.75 -9.65
C GLY C 688 -11.96 -45.57 -10.14
N MET C 689 -12.63 -46.37 -9.28
CA MET C 689 -13.75 -47.21 -9.72
C MET C 689 -15.17 -46.72 -9.38
N ALA C 690 -15.30 -45.46 -9.02
CA ALA C 690 -16.59 -44.88 -8.66
C ALA C 690 -16.80 -43.59 -9.44
N PRO C 691 -17.33 -43.67 -10.67
CA PRO C 691 -17.50 -42.58 -11.61
C PRO C 691 -18.19 -41.37 -11.07
N PHE C 692 -19.10 -41.52 -10.11
CA PHE C 692 -19.74 -40.33 -9.61
C PHE C 692 -18.85 -39.57 -8.65
N MET C 693 -17.82 -40.20 -8.11
CA MET C 693 -16.92 -39.51 -7.21
C MET C 693 -15.99 -38.70 -8.05
N ILE C 694 -15.72 -39.21 -9.25
CA ILE C 694 -14.85 -38.51 -10.17
C ILE C 694 -15.60 -37.29 -10.66
N ALA C 695 -16.87 -37.46 -11.01
CA ALA C 695 -17.67 -36.35 -11.48
C ALA C 695 -17.81 -35.24 -10.44
N ASN C 696 -17.90 -35.60 -9.16
CA ASN C 696 -17.99 -34.59 -8.11
C ASN C 696 -16.68 -33.86 -7.94
N ALA C 697 -15.56 -34.57 -8.07
CA ALA C 697 -14.27 -33.95 -7.99
C ALA C 697 -14.08 -32.98 -9.15
N LEU C 698 -14.58 -33.31 -10.34
CA LEU C 698 -14.43 -32.42 -11.47
C LEU C 698 -15.21 -31.15 -11.28
N ALA C 699 -16.42 -31.27 -10.74
CA ALA C 699 -17.25 -30.09 -10.51
C ALA C 699 -16.63 -29.13 -9.49
N ALA C 700 -16.03 -29.66 -8.41
CA ALA C 700 -15.40 -28.83 -7.41
C ALA C 700 -14.12 -28.17 -7.92
N CYS C 701 -13.35 -28.90 -8.74
CA CYS C 701 -12.12 -28.34 -9.29
C CYS C 701 -12.42 -27.25 -10.28
N LEU C 702 -13.44 -27.44 -11.09
CA LEU C 702 -13.78 -26.45 -12.08
C LEU C 702 -14.33 -25.21 -11.41
N ALA C 703 -15.17 -25.34 -10.37
CA ALA C 703 -15.69 -24.17 -9.69
C ALA C 703 -14.57 -23.35 -9.05
N ALA C 704 -13.58 -24.01 -8.44
CA ALA C 704 -12.47 -23.30 -7.83
C ALA C 704 -11.63 -22.59 -8.86
N PHE C 705 -11.43 -23.21 -10.01
CA PHE C 705 -10.64 -22.67 -11.09
C PHE C 705 -11.27 -21.44 -11.70
N VAL C 706 -12.55 -21.50 -12.03
CA VAL C 706 -13.20 -20.37 -12.69
C VAL C 706 -13.34 -19.18 -11.76
N ASN C 707 -13.31 -19.42 -10.46
CA ASN C 707 -13.39 -18.34 -9.51
C ASN C 707 -12.01 -17.80 -9.13
N GLY C 708 -10.96 -18.19 -9.86
CA GLY C 708 -9.63 -17.65 -9.65
C GLY C 708 -8.60 -18.41 -8.83
N LEU C 709 -8.85 -19.64 -8.41
CA LEU C 709 -7.79 -20.30 -7.65
C LEU C 709 -6.78 -20.92 -8.58
N ASP C 710 -5.54 -20.97 -8.12
CA ASP C 710 -4.47 -21.58 -8.88
C ASP C 710 -4.57 -23.09 -8.82
N VAL C 711 -3.97 -23.75 -9.80
CA VAL C 711 -4.01 -25.20 -9.91
C VAL C 711 -3.28 -25.87 -8.79
N GLU C 712 -2.18 -25.30 -8.34
CA GLU C 712 -1.43 -25.94 -7.28
C GLU C 712 -2.26 -26.02 -6.00
N VAL C 713 -3.07 -25.00 -5.74
CA VAL C 713 -3.93 -24.96 -4.57
C VAL C 713 -4.99 -26.05 -4.70
N ILE C 714 -5.54 -26.18 -5.91
CA ILE C 714 -6.54 -27.18 -6.17
C ILE C 714 -5.95 -28.58 -5.94
N ARG C 715 -4.72 -28.83 -6.42
CA ARG C 715 -4.09 -30.13 -6.21
C ARG C 715 -3.92 -30.46 -4.75
N GLN C 716 -3.49 -29.49 -3.97
CA GLN C 716 -3.32 -29.73 -2.56
C GLN C 716 -4.64 -30.10 -1.92
N GLY C 717 -5.70 -29.39 -2.28
CA GLY C 717 -7.00 -29.66 -1.74
C GLY C 717 -7.59 -31.01 -2.13
N VAL C 718 -7.42 -31.46 -3.37
CA VAL C 718 -8.02 -32.75 -3.68
C VAL C 718 -7.25 -33.90 -3.03
N ARG C 719 -5.94 -33.78 -2.90
CA ARG C 719 -5.11 -34.79 -2.28
C ARG C 719 -5.29 -34.99 -0.79
N THR C 720 -5.58 -33.92 -0.04
CA THR C 720 -5.68 -34.03 1.41
C THR C 720 -7.10 -34.11 1.96
N PHE C 721 -8.09 -34.16 1.08
CA PHE C 721 -9.48 -34.21 1.50
C PHE C 721 -9.89 -35.57 1.97
N THR C 722 -10.59 -35.65 3.11
CA THR C 722 -11.04 -36.96 3.57
C THR C 722 -12.50 -37.05 4.05
N THR C 723 -12.96 -38.29 3.97
CA THR C 723 -14.23 -38.87 4.47
C THR C 723 -13.83 -40.26 4.92
N SER C 724 -12.93 -40.34 5.87
CA SER C 724 -12.31 -41.62 6.23
C SER C 724 -13.21 -42.58 7.01
N ALA C 725 -12.91 -43.88 6.93
CA ALA C 725 -13.66 -44.79 7.78
C ALA C 725 -13.34 -44.38 9.20
N GLU C 726 -14.35 -44.38 10.04
CA GLU C 726 -14.30 -43.99 11.46
C GLU C 726 -14.09 -42.47 11.65
N GLN C 727 -14.19 -41.70 10.56
CA GLN C 727 -14.22 -40.24 10.57
C GLN C 727 -15.62 -39.87 10.17
N THR C 728 -16.05 -40.47 9.06
CA THR C 728 -17.39 -40.31 8.56
C THR C 728 -17.90 -41.73 8.25
N PRO C 729 -17.99 -42.62 9.26
CA PRO C 729 -18.32 -44.02 9.06
C PRO C 729 -19.73 -44.07 8.60
N GLY C 730 -20.05 -45.04 7.79
CA GLY C 730 -21.43 -45.20 7.34
C GLY C 730 -21.60 -44.81 5.90
N ARG C 731 -20.64 -44.07 5.33
CA ARG C 731 -20.76 -43.72 3.91
C ARG C 731 -19.58 -44.21 3.05
N MET C 732 -19.78 -45.31 2.30
CA MET C 732 -18.74 -45.86 1.40
C MET C 732 -17.37 -46.12 2.00
N ASN C 733 -17.25 -47.02 2.95
CA ASN C 733 -15.96 -47.22 3.58
C ASN C 733 -15.21 -48.33 2.81
N LEU C 734 -14.21 -47.94 2.01
CA LEU C 734 -13.53 -48.93 1.13
C LEU C 734 -12.28 -49.55 1.73
N PHE C 735 -12.22 -50.87 1.66
CA PHE C 735 -11.11 -51.61 2.18
C PHE C 735 -10.25 -52.22 1.09
N ASN C 736 -9.01 -51.75 1.01
CA ASN C 736 -7.99 -52.23 0.08
C ASN C 736 -7.10 -53.11 0.90
N LEU C 737 -7.10 -54.40 0.61
CA LEU C 737 -6.39 -55.35 1.44
C LEU C 737 -5.32 -56.05 0.58
N GLY C 738 -4.71 -55.28 -0.31
CA GLY C 738 -3.75 -55.84 -1.24
C GLY C 738 -4.66 -56.25 -2.35
N GLN C 739 -4.37 -57.28 -3.12
CA GLN C 739 -5.30 -57.55 -4.20
C GLN C 739 -6.47 -58.44 -3.73
N HIS C 740 -7.21 -57.85 -2.79
CA HIS C 740 -8.41 -58.29 -2.10
C HIS C 740 -9.20 -57.02 -1.78
N HIS C 741 -10.53 -57.04 -1.96
CA HIS C 741 -11.29 -55.82 -1.72
C HIS C 741 -12.59 -56.04 -0.99
N ALA C 742 -13.01 -55.05 -0.21
CA ALA C 742 -14.33 -55.07 0.38
C ALA C 742 -14.86 -53.66 0.52
N LEU C 743 -16.13 -53.45 0.30
CA LEU C 743 -16.69 -52.10 0.48
C LEU C 743 -17.90 -52.14 1.36
N VAL C 744 -17.83 -51.41 2.47
CA VAL C 744 -18.87 -51.42 3.48
C VAL C 744 -19.71 -50.17 3.42
N ASP C 745 -20.99 -50.35 3.23
CA ASP C 745 -21.91 -49.25 3.13
C ASP C 745 -23.24 -49.72 3.68
N TYR C 746 -24.24 -48.90 3.72
CA TYR C 746 -25.51 -49.38 4.26
C TYR C 746 -26.57 -49.47 3.19
N ALA C 747 -27.36 -50.53 3.22
CA ALA C 747 -28.43 -50.60 2.25
C ALA C 747 -29.70 -51.12 2.86
N HIS C 748 -30.78 -50.65 2.28
CA HIS C 748 -32.14 -51.00 2.65
C HIS C 748 -32.89 -51.30 1.36
N ASN C 749 -33.14 -50.27 0.58
CA ASN C 749 -33.82 -50.41 -0.70
C ASN C 749 -32.73 -50.48 -1.81
N PRO C 750 -33.10 -50.69 -3.10
CA PRO C 750 -32.23 -50.80 -4.27
C PRO C 750 -31.19 -49.70 -4.42
N ALA C 751 -31.45 -48.48 -3.94
CA ALA C 751 -30.48 -47.42 -4.09
C ALA C 751 -29.23 -47.69 -3.26
N GLY C 752 -29.42 -48.32 -2.11
CA GLY C 752 -28.29 -48.57 -1.22
C GLY C 752 -27.49 -49.72 -1.76
N TYR C 753 -28.15 -50.62 -2.46
CA TYR C 753 -27.40 -51.76 -2.96
C TYR C 753 -26.58 -51.29 -4.15
N ARG C 754 -27.20 -50.41 -4.96
CA ARG C 754 -26.63 -49.80 -6.14
C ARG C 754 -25.37 -49.04 -5.78
N ALA C 755 -25.38 -48.45 -4.58
CA ALA C 755 -24.25 -47.67 -4.12
C ALA C 755 -22.94 -48.44 -4.21
N VAL C 756 -22.95 -49.76 -3.98
CA VAL C 756 -21.70 -50.45 -4.11
C VAL C 756 -21.71 -51.31 -5.37
N GLY C 757 -22.91 -51.53 -5.94
CA GLY C 757 -23.06 -52.25 -7.19
C GLY C 757 -22.23 -51.57 -8.28
N ASP C 758 -22.09 -50.24 -8.17
CA ASP C 758 -21.27 -49.45 -9.10
C ASP C 758 -19.77 -49.86 -9.11
N PHE C 759 -19.23 -50.24 -7.95
CA PHE C 759 -17.82 -50.62 -7.86
C PHE C 759 -17.70 -51.96 -8.53
N VAL C 760 -18.70 -52.82 -8.28
CA VAL C 760 -18.68 -54.21 -8.77
C VAL C 760 -18.63 -54.19 -10.29
N LYS C 761 -19.48 -53.36 -10.89
CA LYS C 761 -19.51 -53.25 -12.35
C LYS C 761 -18.15 -52.80 -12.89
N ASN C 762 -17.47 -51.93 -12.16
CA ASN C 762 -16.17 -51.41 -12.58
C ASN C 762 -14.95 -52.10 -11.96
N TRP C 763 -15.11 -53.24 -11.27
CA TRP C 763 -13.93 -53.84 -10.66
C TRP C 763 -13.08 -54.71 -11.58
N GLN C 764 -11.81 -54.34 -11.62
CA GLN C 764 -10.80 -54.91 -12.47
C GLN C 764 -10.22 -56.16 -11.84
N GLY C 765 -11.02 -57.21 -11.79
CA GLY C 765 -10.58 -58.41 -11.10
C GLY C 765 -11.27 -59.70 -11.48
N GLN C 766 -11.25 -60.63 -10.54
CA GLN C 766 -11.69 -62.00 -10.77
C GLN C 766 -12.99 -62.46 -10.11
N ARG C 767 -13.32 -61.95 -8.92
CA ARG C 767 -14.52 -62.49 -8.22
C ARG C 767 -15.37 -61.36 -7.65
N PHE C 768 -16.69 -61.52 -7.69
CA PHE C 768 -17.58 -60.48 -7.19
C PHE C 768 -18.57 -61.00 -6.16
N GLY C 769 -18.35 -60.71 -4.89
CA GLY C 769 -19.23 -61.22 -3.87
C GLY C 769 -19.97 -60.18 -3.10
N VAL C 770 -20.78 -60.67 -2.16
CA VAL C 770 -21.60 -59.83 -1.31
C VAL C 770 -21.94 -60.47 0.03
N VAL C 771 -22.03 -59.63 1.05
CA VAL C 771 -22.45 -59.96 2.39
C VAL C 771 -23.85 -59.42 2.65
N GLY C 772 -24.80 -60.35 2.56
CA GLY C 772 -26.24 -60.13 2.74
C GLY C 772 -26.84 -59.03 1.90
N GLY C 773 -27.56 -58.16 2.58
CA GLY C 773 -28.17 -57.01 1.97
C GLY C 773 -29.18 -56.30 2.86
N PRO C 774 -30.45 -56.72 2.86
CA PRO C 774 -31.53 -56.19 3.65
C PRO C 774 -31.52 -56.71 5.07
N GLY C 775 -32.10 -55.93 5.96
CA GLY C 775 -32.35 -56.36 7.32
C GLY C 775 -33.86 -56.62 7.43
N ASP C 776 -34.39 -56.52 8.64
CA ASP C 776 -35.82 -56.79 8.83
C ASP C 776 -36.68 -55.55 8.62
N ARG C 777 -36.03 -54.51 8.14
CA ARG C 777 -36.67 -53.25 7.82
C ARG C 777 -37.39 -53.30 6.46
N ARG C 778 -37.18 -54.38 5.68
CA ARG C 778 -37.87 -54.51 4.39
C ARG C 778 -39.14 -55.37 4.44
N ASP C 779 -40.03 -55.09 3.48
CA ASP C 779 -41.27 -55.80 3.22
C ASP C 779 -40.86 -57.06 2.44
N SER C 780 -41.80 -57.91 2.06
CA SER C 780 -41.40 -59.18 1.42
C SER C 780 -40.96 -59.04 -0.04
N ASP C 781 -39.85 -58.34 -0.25
CA ASP C 781 -39.20 -58.09 -1.53
C ASP C 781 -37.84 -58.74 -1.47
N LEU C 782 -37.70 -59.62 -0.49
CA LEU C 782 -36.48 -60.32 -0.21
C LEU C 782 -36.14 -61.26 -1.35
N ILE C 783 -37.15 -61.85 -1.97
CA ILE C 783 -36.87 -62.72 -3.09
C ILE C 783 -36.32 -61.87 -4.21
N GLU C 784 -36.95 -60.71 -4.45
CA GLU C 784 -36.49 -59.82 -5.52
C GLU C 784 -35.07 -59.32 -5.24
N LEU C 785 -34.75 -58.99 -3.99
CA LEU C 785 -33.40 -58.53 -3.68
C LEU C 785 -32.41 -59.66 -3.87
N GLY C 786 -32.85 -60.89 -3.55
CA GLY C 786 -32.03 -62.06 -3.78
C GLY C 786 -31.79 -62.24 -5.28
N GLN C 787 -32.83 -62.02 -6.10
CA GLN C 787 -32.69 -62.14 -7.55
C GLN C 787 -31.70 -61.09 -8.07
N ILE C 788 -31.75 -59.89 -7.50
CA ILE C 788 -30.83 -58.85 -7.93
C ILE C 788 -29.42 -59.27 -7.59
N ALA C 789 -29.17 -59.78 -6.36
CA ALA C 789 -27.82 -60.18 -6.02
C ALA C 789 -27.32 -61.26 -6.96
N ALA C 790 -28.19 -62.20 -7.33
CA ALA C 790 -27.82 -63.30 -8.23
C ALA C 790 -27.31 -62.80 -9.57
N GLN C 791 -27.89 -61.70 -10.04
CA GLN C 791 -27.56 -61.14 -11.33
C GLN C 791 -26.34 -60.21 -11.31
N VAL C 792 -25.80 -59.95 -10.12
CA VAL C 792 -24.69 -59.06 -9.92
C VAL C 792 -23.43 -59.78 -9.45
N PHE C 793 -23.59 -60.69 -8.50
CA PHE C 793 -22.48 -61.35 -7.82
C PHE C 793 -22.32 -62.85 -8.10
N ASP C 794 -21.09 -63.35 -7.99
CA ASP C 794 -20.84 -64.78 -8.08
C ASP C 794 -20.25 -65.36 -6.79
N ARG C 795 -20.24 -64.56 -5.71
CA ARG C 795 -19.80 -65.03 -4.39
C ARG C 795 -20.73 -64.43 -3.30
N ILE C 796 -21.95 -64.94 -3.22
CA ILE C 796 -23.02 -64.38 -2.39
C ILE C 796 -23.20 -65.14 -1.09
N ILE C 797 -22.95 -64.49 0.03
CA ILE C 797 -23.04 -65.21 1.30
C ILE C 797 -24.17 -64.59 2.13
N VAL C 798 -25.00 -65.47 2.67
CA VAL C 798 -26.19 -65.08 3.43
C VAL C 798 -25.99 -64.93 4.96
N LYS C 799 -26.44 -63.76 5.47
CA LYS C 799 -26.39 -63.37 6.88
C LYS C 799 -27.72 -62.89 7.43
N GLU C 800 -28.80 -63.12 6.73
CA GLU C 800 -30.06 -62.54 7.12
C GLU C 800 -30.82 -63.19 8.29
N ASP C 801 -30.22 -62.94 9.46
CA ASP C 801 -30.64 -63.26 10.82
C ASP C 801 -29.90 -62.21 11.68
N ASP C 802 -30.44 -61.00 11.73
CA ASP C 802 -29.71 -59.89 12.36
C ASP C 802 -30.02 -59.77 13.86
N ASP C 803 -29.46 -58.74 14.51
CA ASP C 803 -29.67 -58.54 15.94
C ASP C 803 -31.07 -58.00 16.25
N LYS C 804 -31.62 -57.20 15.32
CA LYS C 804 -32.91 -56.58 15.53
C LYS C 804 -34.05 -57.61 15.57
N ARG C 805 -33.99 -58.61 14.70
CA ARG C 805 -34.97 -59.68 14.64
C ARG C 805 -36.42 -59.22 14.57
N GLY C 806 -36.70 -58.33 13.61
CA GLY C 806 -38.03 -57.81 13.38
C GLY C 806 -38.89 -58.84 12.67
N ARG C 807 -38.22 -59.86 12.12
CA ARG C 807 -38.86 -60.96 11.42
C ARG C 807 -38.42 -62.31 11.96
N SER C 808 -38.81 -62.66 13.19
CA SER C 808 -38.41 -63.95 13.76
C SER C 808 -36.88 -64.17 13.80
N GLU C 809 -36.35 -65.15 13.05
CA GLU C 809 -34.92 -65.45 13.04
C GLU C 809 -34.37 -65.48 11.61
N GLY C 810 -34.26 -66.70 11.03
CA GLY C 810 -33.66 -66.90 9.72
C GLY C 810 -34.62 -66.83 8.52
N GLU C 811 -35.90 -66.53 8.76
CA GLU C 811 -36.88 -66.47 7.67
C GLU C 811 -36.52 -65.42 6.62
N THR C 812 -35.88 -64.33 7.03
CA THR C 812 -35.49 -63.28 6.11
C THR C 812 -34.51 -63.88 5.10
N ALA C 813 -33.51 -64.61 5.63
CA ALA C 813 -32.55 -65.33 4.82
C ALA C 813 -33.22 -66.35 3.95
N ASP C 814 -34.26 -67.01 4.44
CA ASP C 814 -34.88 -68.04 3.63
C ASP C 814 -35.45 -67.44 2.33
N LEU C 815 -35.98 -66.22 2.39
CA LEU C 815 -36.51 -65.64 1.15
C LEU C 815 -35.36 -65.18 0.26
N ILE C 816 -34.27 -64.71 0.86
CA ILE C 816 -33.11 -64.32 0.07
C ILE C 816 -32.56 -65.55 -0.64
N VAL C 817 -32.48 -66.68 0.06
CA VAL C 817 -31.97 -67.92 -0.50
C VAL C 817 -32.82 -68.36 -1.70
N LYS C 818 -34.14 -68.27 -1.59
CA LYS C 818 -34.92 -68.64 -2.75
C LYS C 818 -34.62 -67.74 -3.96
N GLY C 819 -34.53 -66.42 -3.75
CA GLY C 819 -34.25 -65.49 -4.86
C GLY C 819 -32.86 -65.64 -5.49
N ILE C 820 -31.86 -65.90 -4.66
CA ILE C 820 -30.49 -65.98 -5.17
C ILE C 820 -30.30 -67.29 -5.93
N LEU C 821 -30.92 -68.37 -5.46
CA LEU C 821 -30.81 -69.64 -6.15
C LEU C 821 -31.69 -69.66 -7.39
N GLN C 822 -32.81 -68.94 -7.36
CA GLN C 822 -33.69 -68.89 -8.50
C GLN C 822 -33.01 -68.33 -9.74
N GLU C 823 -32.26 -67.24 -9.59
CA GLU C 823 -31.60 -66.65 -10.75
C GLU C 823 -30.16 -67.14 -11.03
N ASN C 824 -29.37 -67.49 -10.01
CA ASN C 824 -27.99 -67.91 -10.28
C ASN C 824 -27.48 -68.91 -9.27
N PRO C 825 -27.90 -70.19 -9.30
CA PRO C 825 -27.62 -71.23 -8.32
C PRO C 825 -26.21 -71.79 -8.47
N GLY C 826 -25.21 -70.93 -8.29
CA GLY C 826 -23.81 -71.29 -8.42
C GLY C 826 -22.89 -70.11 -8.09
N ALA C 827 -23.13 -69.48 -6.95
CA ALA C 827 -22.37 -68.30 -6.49
C ALA C 827 -21.81 -68.49 -5.09
N SER C 828 -21.26 -69.67 -4.79
CA SER C 828 -20.70 -69.93 -3.45
C SER C 828 -21.67 -69.52 -2.37
N TYR C 829 -22.87 -70.08 -2.42
CA TYR C 829 -23.90 -69.69 -1.50
C TYR C 829 -23.78 -70.30 -0.15
N GLU C 830 -22.82 -69.80 0.59
CA GLU C 830 -22.63 -70.29 1.93
C GLU C 830 -23.64 -69.54 2.75
N VAL C 831 -24.11 -70.15 3.82
CA VAL C 831 -25.05 -69.48 4.71
C VAL C 831 -24.46 -69.49 6.10
N ILE C 832 -24.26 -68.30 6.66
CA ILE C 832 -23.68 -68.18 7.98
C ILE C 832 -24.68 -67.68 9.03
N LEU C 833 -25.45 -66.66 8.70
CA LEU C 833 -26.40 -66.03 9.63
C LEU C 833 -25.74 -65.47 10.89
N ASP C 834 -24.57 -64.85 10.72
CA ASP C 834 -23.83 -64.21 11.81
C ASP C 834 -22.93 -63.07 11.33
N GLU C 835 -23.42 -61.84 11.44
CA GLU C 835 -22.72 -60.66 10.95
C GLU C 835 -21.75 -60.03 11.97
N THR C 836 -21.70 -60.58 13.19
CA THR C 836 -20.90 -59.99 14.27
C THR C 836 -19.53 -60.66 14.42
N ILE C 837 -19.46 -61.97 14.27
CA ILE C 837 -18.16 -62.64 14.39
C ILE C 837 -17.80 -63.57 13.23
N ALA C 838 -18.57 -63.58 12.15
CA ALA C 838 -18.29 -64.57 11.12
C ALA C 838 -18.37 -64.04 9.69
N LEU C 839 -19.52 -63.60 9.20
CA LEU C 839 -19.50 -63.26 7.78
C LEU C 839 -18.70 -62.00 7.44
N ASN C 840 -18.54 -61.11 8.38
CA ASN C 840 -17.72 -59.95 8.09
C ASN C 840 -16.26 -60.25 8.49
N LYS C 841 -15.97 -61.51 8.81
CA LYS C 841 -14.62 -61.96 9.16
C LYS C 841 -14.11 -62.94 8.08
N ALA C 842 -15.01 -63.83 7.61
CA ALA C 842 -14.70 -64.91 6.67
C ALA C 842 -14.65 -64.44 5.23
N LEU C 843 -13.66 -63.61 4.95
CA LEU C 843 -13.47 -63.01 3.63
C LEU C 843 -12.39 -63.77 2.88
N ASP C 844 -11.82 -64.79 3.53
CA ASP C 844 -10.75 -65.61 3.00
C ASP C 844 -11.31 -66.77 2.20
N GLN C 845 -12.63 -66.75 2.03
CA GLN C 845 -13.36 -67.73 1.26
C GLN C 845 -13.45 -67.27 -0.18
N VAL C 846 -12.98 -66.04 -0.44
CA VAL C 846 -13.03 -65.45 -1.77
C VAL C 846 -11.61 -65.31 -2.32
N GLU C 847 -11.42 -65.75 -3.56
CA GLU C 847 -10.13 -65.81 -4.23
C GLU C 847 -9.51 -64.44 -4.53
N GLU C 848 -8.32 -64.46 -5.12
CA GLU C 848 -7.52 -63.26 -5.42
C GLU C 848 -8.22 -62.32 -6.39
N LYS C 849 -8.10 -61.02 -6.09
CA LYS C 849 -8.77 -59.93 -6.81
C LYS C 849 -10.26 -60.11 -6.74
N GLY C 850 -10.72 -60.54 -5.59
CA GLY C 850 -12.12 -60.67 -5.35
C GLY C 850 -12.59 -59.49 -4.54
N LEU C 851 -13.77 -59.02 -4.84
CA LEU C 851 -14.41 -57.91 -4.19
C LEU C 851 -15.61 -58.35 -3.43
N VAL C 852 -15.71 -58.00 -2.17
CA VAL C 852 -16.91 -58.36 -1.44
C VAL C 852 -17.68 -57.14 -0.99
N VAL C 853 -18.91 -57.07 -1.43
CA VAL C 853 -19.80 -55.97 -1.11
C VAL C 853 -20.47 -56.17 0.22
N VAL C 854 -20.37 -55.22 1.14
CA VAL C 854 -20.93 -55.47 2.45
C VAL C 854 -22.01 -54.48 2.85
N PHE C 855 -23.18 -55.02 3.19
CA PHE C 855 -24.30 -54.21 3.66
C PHE C 855 -24.82 -54.74 5.01
N PRO C 856 -24.11 -54.45 6.11
CA PRO C 856 -24.30 -54.94 7.45
C PRO C 856 -25.48 -54.21 8.02
N GLU C 857 -26.11 -54.71 9.06
CA GLU C 857 -27.12 -53.86 9.66
C GLU C 857 -26.37 -52.69 10.34
N SER C 858 -25.18 -52.97 10.86
CA SER C 858 -24.34 -51.96 11.51
C SER C 858 -22.99 -51.79 10.82
N VAL C 859 -22.80 -50.61 10.23
CA VAL C 859 -21.58 -50.31 9.50
C VAL C 859 -20.40 -50.17 10.40
N THR C 860 -20.56 -49.44 11.50
CA THR C 860 -19.47 -49.23 12.42
C THR C 860 -18.90 -50.57 12.86
N ARG C 861 -19.78 -51.54 13.14
CA ARG C 861 -19.29 -52.85 13.51
C ARG C 861 -18.59 -53.58 12.34
N ALA C 862 -19.19 -53.59 11.14
CA ALA C 862 -18.57 -54.30 10.02
C ALA C 862 -17.22 -53.73 9.65
N ILE C 863 -17.07 -52.41 9.72
CA ILE C 863 -15.80 -51.83 9.34
C ILE C 863 -14.67 -52.24 10.29
N ASP C 864 -15.03 -52.72 11.48
CA ASP C 864 -14.06 -53.18 12.43
C ASP C 864 -13.77 -54.67 12.20
N LEU C 865 -14.80 -55.50 11.96
CA LEU C 865 -14.53 -56.93 11.82
C LEU C 865 -13.69 -57.24 10.55
N ILE C 866 -13.87 -56.44 9.49
CA ILE C 866 -13.16 -56.63 8.21
C ILE C 866 -11.63 -56.53 8.42
N LYS C 867 -11.19 -55.90 9.53
CA LYS C 867 -9.78 -55.69 9.87
C LYS C 867 -8.99 -57.00 9.99
N VAL C 868 -9.69 -58.12 10.13
CA VAL C 868 -9.08 -59.44 10.26
C VAL C 868 -8.22 -59.78 9.03
N ARG C 869 -8.50 -59.15 7.89
CA ARG C 869 -7.76 -59.40 6.67
C ARG C 869 -6.68 -58.36 6.38
N ASN C 870 -6.39 -57.48 7.36
CA ASN C 870 -5.36 -56.45 7.28
C ASN C 870 -5.49 -55.38 6.16
N PRO C 871 -6.59 -54.61 6.10
CA PRO C 871 -6.88 -53.55 5.16
C PRO C 871 -6.06 -52.30 5.43
N ILE C 872 -5.91 -51.49 4.41
CA ILE C 872 -5.27 -50.19 4.50
C ILE C 872 -6.19 -49.17 5.17
N MET D 1 7.12 36.23 57.43
CA MET D 1 7.40 35.78 56.07
C MET D 1 6.19 35.94 55.19
N LYS D 2 6.33 36.70 54.11
CA LYS D 2 5.20 36.89 53.19
C LYS D 2 5.46 36.25 51.82
N ILE D 3 4.44 35.68 51.22
CA ILE D 3 4.61 35.16 49.88
C ILE D 3 4.08 36.19 48.92
N LEU D 4 4.94 36.65 48.03
CA LEU D 4 4.62 37.72 47.12
C LEU D 4 4.04 37.19 45.83
N LYS D 5 4.59 36.08 45.35
CA LYS D 5 4.15 35.52 44.09
C LYS D 5 4.39 34.02 44.00
N THR D 6 3.48 33.29 43.35
CA THR D 6 3.70 31.84 43.14
C THR D 6 3.53 31.44 41.68
N LEU D 7 4.49 30.69 41.15
CA LEU D 7 4.40 30.15 39.80
C LEU D 7 4.31 28.64 39.81
N THR D 8 3.52 28.08 38.93
CA THR D 8 3.47 26.63 38.80
C THR D 8 4.01 26.28 37.44
N LEU D 9 5.05 25.46 37.40
CA LEU D 9 5.67 25.13 36.15
C LEU D 9 5.26 23.73 35.75
N ARG D 10 4.93 23.56 34.49
CA ARG D 10 4.52 22.29 33.95
C ARG D 10 5.20 21.96 32.63
N GLY D 11 6.45 21.57 32.70
CA GLY D 11 7.21 21.29 31.49
C GLY D 11 8.62 21.74 31.71
N PRO D 12 9.56 21.44 30.79
CA PRO D 12 10.95 21.78 30.85
C PRO D 12 11.06 23.24 31.08
N ASN D 13 11.97 23.62 31.94
CA ASN D 13 12.09 24.99 32.33
C ASN D 13 13.50 25.37 32.71
N TYR D 14 13.62 26.60 33.15
CA TYR D 14 14.86 27.21 33.59
C TYR D 14 15.56 26.45 34.71
N TRP D 15 14.81 25.96 35.70
CA TRP D 15 15.41 25.32 36.85
C TRP D 15 15.84 23.90 36.56
N SER D 16 15.07 23.22 35.74
CA SER D 16 15.37 21.85 35.36
C SER D 16 14.67 21.41 34.08
N ILE D 17 15.33 20.59 33.28
CA ILE D 17 14.69 20.04 32.10
C ILE D 17 13.83 18.85 32.47
N ARG D 18 14.37 17.97 33.31
CA ARG D 18 13.68 16.77 33.76
C ARG D 18 12.64 17.03 34.85
N ARG D 19 12.87 17.99 35.72
CA ARG D 19 11.90 18.21 36.78
C ARG D 19 10.87 19.17 36.25
N LYS D 20 9.90 18.58 35.60
CA LYS D 20 8.84 19.27 34.91
C LYS D 20 7.83 19.92 35.85
N LYS D 21 7.59 19.27 36.99
CA LYS D 21 6.60 19.73 37.96
C LYS D 21 7.18 20.47 39.14
N LEU D 22 7.22 21.79 39.06
CA LEU D 22 7.84 22.60 40.10
C LEU D 22 6.99 23.77 40.53
N ILE D 23 7.11 24.15 41.78
CA ILE D 23 6.50 25.38 42.28
C ILE D 23 7.56 26.34 42.69
N VAL D 24 7.46 27.55 42.18
CA VAL D 24 8.42 28.57 42.50
C VAL D 24 7.72 29.62 43.31
N MET D 25 8.16 29.76 44.53
CA MET D 25 7.55 30.68 45.47
C MET D 25 8.48 31.84 45.73
N ARG D 26 7.98 33.05 45.55
CA ARG D 26 8.77 34.26 45.79
C ARG D 26 8.44 34.72 47.20
N LEU D 27 9.37 34.46 48.11
CA LEU D 27 9.19 34.64 49.53
C LEU D 27 9.99 35.81 50.10
N ASP D 28 9.29 36.69 50.80
CA ASP D 28 9.84 37.89 51.42
C ASP D 28 10.18 37.73 52.90
N LEU D 29 11.46 37.55 53.21
CA LEU D 29 11.85 37.32 54.59
C LEU D 29 12.07 38.66 55.29
N GLU D 30 10.96 39.29 55.70
CA GLU D 30 11.01 40.63 56.30
C GLU D 30 11.83 40.60 57.59
N ASP D 31 11.63 39.52 58.33
CA ASP D 31 12.34 39.12 59.54
C ASP D 31 13.17 37.97 59.07
N LEU D 32 13.94 37.36 59.92
CA LEU D 32 14.66 36.11 59.61
C LEU D 32 15.80 36.19 58.59
N ALA D 33 15.74 37.11 57.64
CA ALA D 33 16.79 37.37 56.66
C ALA D 33 18.06 37.81 57.35
N GLU D 34 17.90 38.34 58.55
CA GLU D 34 18.96 38.82 59.40
C GLU D 34 19.26 37.85 60.57
N ARG D 35 18.60 36.68 60.60
CA ARG D 35 18.73 35.74 61.71
C ARG D 35 19.00 34.27 61.29
N PRO D 36 20.25 33.90 61.01
CA PRO D 36 20.67 32.61 60.48
C PRO D 36 20.70 31.49 61.52
N SER D 37 19.53 31.03 61.95
CA SER D 37 19.29 29.93 62.92
C SER D 37 19.68 30.19 64.36
N ASN D 38 20.93 30.55 64.56
CA ASN D 38 21.48 30.69 65.90
C ASN D 38 21.07 31.98 66.57
N SER D 39 20.40 32.81 65.80
CA SER D 39 19.86 34.06 66.25
C SER D 39 18.38 33.89 66.60
N ILE D 40 17.89 32.64 66.49
CA ILE D 40 16.51 32.31 66.77
C ILE D 40 16.47 31.19 67.81
N PRO D 41 16.52 31.48 69.11
CA PRO D 41 16.56 30.47 70.14
C PRO D 41 15.34 29.58 69.99
N GLY D 42 15.54 28.28 70.10
CA GLY D 42 14.44 27.32 70.00
C GLY D 42 14.27 26.78 68.58
N PHE D 43 14.92 27.39 67.57
CA PHE D 43 14.73 26.90 66.22
C PHE D 43 15.71 25.80 65.83
N TYR D 44 15.56 24.71 66.51
CA TYR D 44 16.25 23.48 66.24
C TYR D 44 15.43 22.44 66.89
N GLU D 45 15.21 22.61 68.19
CA GLU D 45 14.41 21.66 68.92
C GLU D 45 12.98 21.70 68.45
N GLY D 46 12.42 22.90 68.23
CA GLY D 46 11.05 22.97 67.74
C GLY D 46 10.97 22.35 66.35
N LEU D 47 11.97 22.60 65.52
CA LEU D 47 11.91 22.08 64.17
C LEU D 47 11.99 20.57 64.13
N ILE D 48 12.91 19.99 64.89
CA ILE D 48 13.10 18.56 64.88
C ILE D 48 11.99 17.80 65.59
N LYS D 49 11.36 18.38 66.62
CA LYS D 49 10.29 17.62 67.27
C LYS D 49 8.99 17.70 66.48
N VAL D 50 8.75 18.80 65.77
CA VAL D 50 7.53 18.91 64.98
C VAL D 50 7.65 18.02 63.74
N LEU D 51 8.80 18.08 63.08
CA LEU D 51 9.01 17.31 61.87
C LEU D 51 10.27 16.43 61.97
N PRO D 52 10.30 15.36 62.77
CA PRO D 52 11.46 14.52 63.03
C PRO D 52 11.99 13.82 61.80
N SER D 53 11.17 13.73 60.78
CA SER D 53 11.52 13.08 59.53
C SER D 53 12.54 13.86 58.71
N LEU D 54 12.84 15.09 59.13
CA LEU D 54 13.80 15.95 58.43
C LEU D 54 15.20 15.37 58.50
N VAL D 55 15.40 14.36 59.33
CA VAL D 55 16.68 13.69 59.44
C VAL D 55 16.99 12.90 58.17
N GLU D 56 16.02 12.73 57.28
CA GLU D 56 16.23 12.01 56.03
C GLU D 56 16.66 12.93 54.87
N HIS D 57 16.82 14.22 55.13
CA HIS D 57 17.20 15.18 54.11
C HIS D 57 18.70 15.42 54.12
N PHE D 58 19.33 15.30 52.96
CA PHE D 58 20.77 15.47 52.86
C PHE D 58 21.19 16.92 52.73
N CYS D 59 20.71 17.66 51.76
CA CYS D 59 21.16 19.06 51.48
C CYS D 59 22.56 18.91 50.94
N SER D 60 23.36 19.98 50.87
CA SER D 60 24.67 19.85 50.21
C SER D 60 25.72 19.11 51.02
N PRO D 61 25.59 18.96 52.37
CA PRO D 61 26.48 18.12 53.14
C PRO D 61 25.93 16.81 52.61
N GLY D 62 26.48 16.28 51.53
CA GLY D 62 25.88 15.13 50.83
C GLY D 62 25.97 13.84 51.60
N TYR D 63 25.36 13.81 52.77
CA TYR D 63 25.37 12.62 53.61
C TYR D 63 24.07 12.63 54.41
N GLN D 64 23.73 11.52 55.02
CA GLN D 64 22.46 11.37 55.73
C GLN D 64 22.16 12.39 56.81
N GLY D 65 23.16 12.93 57.45
CA GLY D 65 22.92 13.91 58.51
C GLY D 65 23.05 15.36 58.03
N GLY D 66 23.16 15.59 56.73
CA GLY D 66 23.43 16.93 56.21
C GLY D 66 22.40 18.00 56.61
N PHE D 67 21.14 17.82 56.27
CA PHE D 67 20.23 18.83 56.84
C PHE D 67 20.29 18.41 58.31
N LEU D 68 20.16 19.35 59.26
CA LEU D 68 20.17 19.01 60.70
C LEU D 68 21.63 18.99 61.14
N GLU D 69 22.55 19.26 60.21
CA GLU D 69 23.99 19.42 60.56
C GLU D 69 24.32 20.80 60.01
N ARG D 70 23.56 21.25 59.04
CA ARG D 70 23.75 22.61 58.47
C ARG D 70 22.68 23.51 59.10
N VAL D 71 21.97 22.99 60.09
CA VAL D 71 20.86 23.77 60.69
C VAL D 71 21.40 24.36 61.98
N LYS D 72 22.46 23.74 62.52
CA LYS D 72 23.15 24.33 63.70
C LYS D 72 24.02 25.44 63.13
N GLU D 73 24.99 25.08 62.29
CA GLU D 73 25.71 26.16 61.57
C GLU D 73 24.58 26.98 60.98
N GLY D 74 24.66 28.30 61.04
CA GLY D 74 23.54 29.15 60.69
C GLY D 74 23.00 29.04 59.27
N THR D 75 21.67 28.95 59.17
CA THR D 75 20.90 28.88 57.93
C THR D 75 19.77 29.91 57.90
N TYR D 76 19.59 30.58 56.78
CA TYR D 76 18.50 31.55 56.63
C TYR D 76 17.22 30.82 56.29
N MET D 77 16.09 31.38 56.71
CA MET D 77 14.79 30.71 56.58
C MET D 77 14.31 30.34 55.20
N GLY D 78 14.54 31.22 54.22
CA GLY D 78 14.04 30.96 52.86
C GLY D 78 14.56 29.64 52.33
N HIS D 79 15.52 29.03 53.04
CA HIS D 79 16.12 27.75 52.61
C HIS D 79 15.45 26.61 53.37
N ILE D 80 14.97 26.89 54.59
CA ILE D 80 14.35 25.83 55.45
C ILE D 80 12.94 25.50 54.93
N VAL D 81 12.14 26.54 54.62
CA VAL D 81 10.76 26.31 54.17
C VAL D 81 10.76 25.36 52.97
N GLN D 82 11.89 25.29 52.25
CA GLN D 82 12.02 24.35 51.10
C GLN D 82 12.19 22.90 51.55
N HIS D 83 12.56 22.68 52.79
CA HIS D 83 12.77 21.30 53.21
C HIS D 83 11.51 20.91 53.97
N VAL D 84 10.75 21.89 54.47
CA VAL D 84 9.50 21.64 55.12
C VAL D 84 8.44 21.37 54.07
N ALA D 85 8.37 22.16 53.00
CA ALA D 85 7.37 21.87 51.98
C ALA D 85 7.60 20.49 51.37
N LEU D 86 8.85 20.11 51.15
CA LEU D 86 9.06 18.80 50.57
C LEU D 86 8.64 17.70 51.53
N GLU D 87 8.94 17.85 52.81
CA GLU D 87 8.60 16.83 53.79
C GLU D 87 7.10 16.77 54.06
N LEU D 88 6.40 17.89 54.07
CA LEU D 88 4.98 17.83 54.31
C LEU D 88 4.31 17.00 53.23
N GLN D 89 4.81 17.04 52.00
CA GLN D 89 4.23 16.21 50.95
C GLN D 89 4.60 14.74 51.15
N GLU D 90 5.84 14.47 51.58
CA GLU D 90 6.28 13.08 51.79
C GLU D 90 5.48 12.41 52.92
N LEU D 91 5.11 13.19 53.93
CA LEU D 91 4.35 12.70 55.08
C LEU D 91 2.96 12.20 54.72
N VAL D 92 2.44 12.57 53.55
CA VAL D 92 1.13 12.13 53.14
C VAL D 92 1.20 11.22 51.91
N GLY D 93 2.40 10.72 51.60
CA GLY D 93 2.59 9.78 50.50
C GLY D 93 2.91 10.35 49.12
N MET D 94 3.14 11.65 48.98
CA MET D 94 3.48 12.21 47.69
C MET D 94 4.96 12.40 47.66
N THR D 95 5.64 11.76 46.73
CA THR D 95 7.08 11.85 46.77
C THR D 95 7.62 12.98 45.94
N ALA D 96 8.41 13.83 46.59
CA ALA D 96 9.06 14.97 46.00
C ALA D 96 10.40 15.12 46.71
N GLY D 97 11.44 15.48 45.97
CA GLY D 97 12.76 15.64 46.60
C GLY D 97 13.60 16.78 46.07
N PHE D 98 13.36 17.21 44.86
CA PHE D 98 14.12 18.29 44.29
C PHE D 98 13.72 19.63 44.87
N GLY D 99 14.71 20.45 45.12
CA GLY D 99 14.45 21.81 45.50
C GLY D 99 15.71 22.63 45.48
N ARG D 100 15.53 23.93 45.36
CA ARG D 100 16.60 24.93 45.28
C ARG D 100 16.23 26.28 45.84
N THR D 101 17.22 27.07 46.27
CA THR D 101 16.94 28.45 46.65
C THR D 101 17.93 29.43 46.04
N ARG D 102 17.43 30.62 45.71
CA ARG D 102 18.24 31.74 45.20
C ARG D 102 17.77 33.08 45.73
N GLU D 103 18.70 33.98 46.04
CA GLU D 103 18.26 35.31 46.47
C GLU D 103 18.07 36.21 45.26
N THR D 104 17.00 36.97 45.25
CA THR D 104 16.65 37.92 44.21
C THR D 104 16.29 39.28 44.73
N SER D 105 15.95 40.18 43.81
CA SER D 105 15.50 41.54 44.14
C SER D 105 16.34 42.22 45.19
N THR D 106 15.65 42.85 46.12
CA THR D 106 16.30 43.47 47.23
C THR D 106 16.63 42.37 48.23
N PRO D 107 17.55 42.59 49.16
CA PRO D 107 17.92 41.59 50.13
C PRO D 107 16.69 41.11 50.86
N GLY D 108 16.65 39.82 51.10
CA GLY D 108 15.56 39.20 51.82
C GLY D 108 14.52 38.54 50.92
N VAL D 109 14.52 38.80 49.62
CA VAL D 109 13.52 38.11 48.79
C VAL D 109 14.13 36.92 48.10
N TYR D 110 13.57 35.76 48.33
CA TYR D 110 14.11 34.53 47.77
C TYR D 110 13.17 33.76 46.89
N ASN D 111 13.76 33.08 45.92
CA ASN D 111 13.01 32.14 45.12
C ASN D 111 13.20 30.76 45.67
N VAL D 112 12.11 30.21 46.17
CA VAL D 112 12.11 28.90 46.75
C VAL D 112 11.49 27.95 45.77
N VAL D 113 12.23 26.96 45.35
CA VAL D 113 11.74 26.07 44.31
C VAL D 113 11.61 24.67 44.85
N TYR D 114 10.45 24.07 44.71
CA TYR D 114 10.30 22.70 45.15
C TYR D 114 9.44 21.89 44.21
N GLU D 115 9.69 20.60 44.19
CA GLU D 115 8.97 19.61 43.42
C GLU D 115 7.58 19.26 43.96
N TYR D 116 6.63 19.03 43.05
CA TYR D 116 5.28 18.61 43.44
C TYR D 116 4.79 17.40 42.68
N VAL D 117 3.81 16.72 43.22
CA VAL D 117 3.16 15.59 42.53
C VAL D 117 1.80 16.06 42.01
N ASP D 118 0.98 16.58 42.93
CA ASP D 118 -0.30 17.20 42.63
C ASP D 118 -0.17 18.69 42.75
N GLU D 119 -0.70 19.40 41.79
CA GLU D 119 -0.60 20.83 41.73
C GLU D 119 -1.17 21.62 42.91
N GLN D 120 -2.33 21.23 43.43
CA GLN D 120 -2.90 22.02 44.51
C GLN D 120 -2.31 21.60 45.82
N ALA D 121 -1.98 20.32 45.91
CA ALA D 121 -1.38 19.84 47.12
C ALA D 121 0.00 20.48 47.30
N GLY D 122 0.72 20.67 46.20
CA GLY D 122 2.02 21.30 46.20
C GLY D 122 1.92 22.74 46.67
N ARG D 123 1.00 23.51 46.11
CA ARG D 123 0.89 24.88 46.53
C ARG D 123 0.47 24.99 48.00
N TYR D 124 -0.41 24.08 48.45
CA TYR D 124 -0.86 24.04 49.83
C TYR D 124 0.32 23.81 50.76
N ALA D 125 1.16 22.81 50.44
CA ALA D 125 2.31 22.44 51.26
C ALA D 125 3.27 23.59 51.41
N GLY D 126 3.42 24.38 50.37
CA GLY D 126 4.28 25.55 50.42
C GLY D 126 3.78 26.54 51.45
N ARG D 127 2.50 26.87 51.36
CA ARG D 127 1.94 27.83 52.30
C ARG D 127 2.02 27.31 53.73
N ALA D 128 1.78 26.00 53.89
CA ALA D 128 1.84 25.38 55.20
C ALA D 128 3.25 25.40 55.76
N ALA D 129 4.27 25.22 54.91
CA ALA D 129 5.66 25.25 55.37
C ALA D 129 6.01 26.60 55.93
N VAL D 130 5.46 27.64 55.33
CA VAL D 130 5.72 28.98 55.81
C VAL D 130 5.07 29.17 57.17
N ARG D 131 3.81 28.73 57.35
CA ARG D 131 3.16 28.89 58.66
C ARG D 131 3.86 28.11 59.76
N LEU D 132 4.29 26.89 59.46
CA LEU D 132 4.95 26.07 60.45
C LEU D 132 6.23 26.74 60.86
N CYS D 133 7.00 27.16 59.87
CA CYS D 133 8.26 27.80 60.11
C CYS D 133 8.13 29.14 60.79
N ARG D 134 7.08 29.89 60.50
CA ARG D 134 6.96 31.16 61.17
C ARG D 134 6.60 30.96 62.63
N SER D 135 5.75 30.00 62.96
CA SER D 135 5.40 29.82 64.36
C SER D 135 6.62 29.42 65.17
N LEU D 136 7.50 28.59 64.62
CA LEU D 136 8.66 28.13 65.35
C LEU D 136 9.78 29.16 65.54
N VAL D 137 9.64 30.35 64.95
CA VAL D 137 10.67 31.37 65.12
C VAL D 137 10.08 32.52 65.94
N ASP D 138 8.81 32.32 66.35
CA ASP D 138 8.02 33.23 67.17
C ASP D 138 8.00 32.63 68.59
N THR D 139 7.65 31.34 68.64
CA THR D 139 7.61 30.52 69.84
C THR D 139 8.50 29.31 69.59
N GLY D 140 8.57 28.38 70.53
CA GLY D 140 9.47 27.24 70.36
C GLY D 140 8.87 25.93 69.85
N ASP D 141 7.58 25.94 69.50
CA ASP D 141 6.90 24.70 69.11
C ASP D 141 5.74 24.98 68.12
N TYR D 142 5.05 23.93 67.70
CA TYR D 142 3.94 24.04 66.76
C TYR D 142 2.84 23.07 67.23
N PRO D 143 1.59 23.52 67.43
CA PRO D 143 0.51 22.70 67.97
C PRO D 143 0.34 21.46 67.16
N ARG D 144 0.14 20.33 67.80
CA ARG D 144 -0.01 19.09 67.06
C ARG D 144 -1.22 19.11 66.15
N LEU D 145 -2.29 19.73 66.59
CA LEU D 145 -3.51 19.72 65.81
C LEU D 145 -3.42 20.62 64.59
N GLU D 146 -2.43 21.50 64.55
CA GLU D 146 -2.28 22.41 63.44
C GLU D 146 -1.36 21.77 62.41
N LEU D 147 -0.85 20.58 62.73
CA LEU D 147 -0.04 19.83 61.82
C LEU D 147 -0.91 18.72 61.29
N GLU D 148 -1.69 18.09 62.18
CA GLU D 148 -2.54 17.00 61.75
C GLU D 148 -3.60 17.47 60.78
N LYS D 149 -4.20 18.65 60.98
CA LYS D 149 -5.22 19.05 60.04
C LYS D 149 -4.62 19.37 58.67
N ASP D 150 -3.36 19.81 58.62
CA ASP D 150 -2.76 20.15 57.35
C ASP D 150 -2.44 18.90 56.60
N LEU D 151 -1.99 17.88 57.32
CA LEU D 151 -1.69 16.64 56.67
C LEU D 151 -3.00 16.03 56.14
N GLU D 152 -4.11 16.19 56.86
CA GLU D 152 -5.38 15.69 56.33
C GLU D 152 -5.78 16.43 55.07
N ASP D 153 -5.57 17.76 55.00
CA ASP D 153 -5.93 18.48 53.77
C ASP D 153 -5.06 18.04 52.61
N LEU D 154 -3.78 17.78 52.85
CA LEU D 154 -2.95 17.33 51.74
C LEU D 154 -3.39 15.96 51.27
N ARG D 155 -3.78 15.05 52.19
CA ARG D 155 -4.24 13.74 51.76
C ARG D 155 -5.48 13.84 50.91
N ASP D 156 -6.40 14.74 51.25
CA ASP D 156 -7.59 14.86 50.43
C ASP D 156 -7.30 15.51 49.08
N LEU D 157 -6.43 16.51 49.04
CA LEU D 157 -6.14 17.18 47.77
C LEU D 157 -5.52 16.23 46.79
N GLY D 158 -4.68 15.32 47.28
CA GLY D 158 -4.03 14.38 46.39
C GLY D 158 -4.92 13.20 46.01
N ALA D 159 -6.11 13.10 46.62
CA ALA D 159 -7.01 12.00 46.33
C ALA D 159 -8.00 12.44 45.28
N ASN D 160 -8.41 13.68 45.38
CA ASN D 160 -9.43 14.26 44.52
C ASN D 160 -9.01 14.36 43.07
N SER D 161 -7.72 14.47 42.83
CA SER D 161 -7.19 14.58 41.48
C SER D 161 -6.62 13.28 40.93
N ALA D 162 -6.77 12.19 41.65
CA ALA D 162 -6.20 10.94 41.20
C ALA D 162 -6.95 10.37 40.00
N LEU D 163 -6.22 9.66 39.14
CA LEU D 163 -6.83 8.94 38.02
C LEU D 163 -7.30 7.60 38.54
N GLY D 164 -8.37 7.05 37.98
CA GLY D 164 -8.75 5.73 38.44
C GLY D 164 -7.73 4.74 37.92
N PRO D 165 -7.68 3.53 38.47
CA PRO D 165 -6.72 2.48 38.17
C PRO D 165 -6.71 1.96 36.74
N SER D 166 -7.82 2.08 36.02
CA SER D 166 -7.81 1.61 34.66
C SER D 166 -7.16 2.64 33.76
N THR D 167 -7.16 3.90 34.18
CA THR D 167 -6.57 4.94 33.38
C THR D 167 -5.12 5.01 33.74
N GLU D 168 -4.78 4.72 34.99
CA GLU D 168 -3.39 4.74 35.39
C GLU D 168 -2.64 3.67 34.63
N THR D 169 -3.28 2.54 34.45
CA THR D 169 -2.71 1.41 33.75
C THR D 169 -2.40 1.75 32.29
N ILE D 170 -3.33 2.40 31.59
CA ILE D 170 -3.09 2.75 30.20
C ILE D 170 -2.04 3.85 30.10
N VAL D 171 -2.14 4.85 30.94
CA VAL D 171 -1.21 5.95 30.92
C VAL D 171 0.20 5.52 31.22
N THR D 172 0.41 4.64 32.17
CA THR D 172 1.74 4.16 32.50
C THR D 172 2.39 3.45 31.31
N GLU D 173 1.66 2.60 30.61
CA GLU D 173 2.22 1.92 29.46
C GLU D 173 2.48 2.95 28.35
N ALA D 174 1.60 3.93 28.19
CA ALA D 174 1.80 4.94 27.16
C ALA D 174 3.09 5.69 27.38
N GLU D 175 3.44 5.99 28.64
CA GLU D 175 4.69 6.67 28.93
C GLU D 175 5.89 5.80 28.61
N ALA D 176 5.81 4.51 28.89
CA ALA D 176 6.89 3.59 28.59
C ALA D 176 7.22 3.56 27.09
N ARG D 177 6.19 3.74 26.26
CA ARG D 177 6.25 3.75 24.81
C ARG D 177 6.47 5.12 24.21
N LYS D 178 6.67 6.12 25.04
CA LYS D 178 6.87 7.52 24.67
C LYS D 178 5.70 8.15 23.93
N ILE D 179 4.47 7.86 24.34
CA ILE D 179 3.30 8.47 23.76
C ILE D 179 2.90 9.61 24.68
N PRO D 180 2.82 10.86 24.23
CA PRO D 180 2.50 12.00 25.06
C PRO D 180 1.05 11.92 25.52
N TRP D 181 0.72 12.46 26.68
CA TRP D 181 -0.67 12.46 27.08
C TRP D 181 -1.07 13.73 27.80
N MET D 182 -2.34 14.06 27.71
CA MET D 182 -2.95 15.25 28.29
C MET D 182 -4.31 15.00 28.89
N LEU D 183 -4.66 15.71 29.95
CA LEU D 183 -6.03 15.60 30.39
C LEU D 183 -6.81 16.62 29.63
N LEU D 184 -8.05 16.30 29.30
CA LEU D 184 -8.90 17.24 28.65
C LEU D 184 -9.84 17.80 29.67
N SER D 185 -10.34 18.99 29.39
CA SER D 185 -11.27 19.67 30.28
C SER D 185 -12.65 19.07 30.42
N ALA D 186 -13.06 18.22 29.50
CA ALA D 186 -14.39 17.65 29.59
C ALA D 186 -14.39 16.15 29.78
N ARG D 187 -15.36 15.73 30.59
CA ARG D 187 -15.78 14.36 30.88
C ARG D 187 -14.67 13.41 31.28
N ALA D 188 -13.69 13.89 32.00
CA ALA D 188 -12.58 13.05 32.43
C ALA D 188 -11.89 12.30 31.30
N MET D 189 -11.77 12.92 30.13
CA MET D 189 -11.09 12.27 29.03
C MET D 189 -9.60 12.57 28.99
N VAL D 190 -8.86 11.63 28.44
CA VAL D 190 -7.43 11.76 28.26
C VAL D 190 -7.06 11.66 26.80
N GLN D 191 -6.28 12.61 26.32
CA GLN D 191 -5.80 12.57 24.95
C GLN D 191 -4.43 11.94 24.88
N LEU D 192 -4.24 11.04 23.94
CA LEU D 192 -2.97 10.38 23.71
C LEU D 192 -2.46 10.74 22.33
N GLY D 193 -1.24 11.24 22.22
CA GLY D 193 -0.68 11.63 20.93
C GLY D 193 -0.99 13.08 20.55
N TYR D 194 -0.34 13.59 19.50
CA TYR D 194 -0.52 14.97 19.02
C TYR D 194 -1.11 15.11 17.62
N GLY D 195 -1.84 16.21 17.40
CA GLY D 195 -2.35 16.60 16.08
C GLY D 195 -3.22 15.55 15.46
N VAL D 196 -2.96 15.24 14.21
CA VAL D 196 -3.70 14.20 13.48
C VAL D 196 -3.53 12.79 14.00
N TYR D 197 -2.62 12.54 14.95
CA TYR D 197 -2.45 11.19 15.45
C TYR D 197 -3.04 10.97 16.80
N GLN D 198 -3.79 11.93 17.29
CA GLN D 198 -4.37 11.81 18.58
C GLN D 198 -5.45 10.76 18.69
N GLN D 199 -5.56 10.17 19.88
CA GLN D 199 -6.60 9.24 20.28
C GLN D 199 -7.14 9.68 21.62
N ARG D 200 -8.36 9.30 21.93
CA ARG D 200 -8.89 9.62 23.25
C ARG D 200 -9.34 8.38 23.98
N ILE D 201 -9.19 8.41 25.30
CA ILE D 201 -9.71 7.36 26.14
C ILE D 201 -10.51 7.93 27.30
N GLN D 202 -11.39 7.11 27.84
CA GLN D 202 -12.11 7.43 29.05
C GLN D 202 -12.20 6.13 29.81
N ALA D 203 -11.35 5.95 30.79
CA ALA D 203 -11.27 4.67 31.49
C ALA D 203 -11.03 3.55 30.48
N THR D 204 -11.98 2.64 30.33
CA THR D 204 -11.92 1.47 29.47
C THR D 204 -12.66 1.59 28.13
N LEU D 205 -13.13 2.80 27.81
CA LEU D 205 -13.74 3.12 26.53
C LEU D 205 -12.74 3.92 25.73
N SER D 206 -12.78 3.78 24.43
CA SER D 206 -11.84 4.54 23.61
C SER D 206 -12.49 5.10 22.39
N SER D 207 -11.71 5.83 21.63
CA SER D 207 -12.09 6.42 20.36
C SER D 207 -12.48 5.38 19.30
N HIS D 208 -12.19 4.10 19.55
CA HIS D 208 -12.57 3.03 18.63
C HIS D 208 -13.80 2.25 19.10
N SER D 209 -14.40 2.64 20.22
CA SER D 209 -15.55 1.91 20.72
C SER D 209 -16.79 2.47 20.09
N GLY D 210 -17.55 1.64 19.40
CA GLY D 210 -18.73 2.12 18.72
C GLY D 210 -19.91 2.19 19.64
N ILE D 211 -20.83 3.08 19.33
CA ILE D 211 -22.00 3.21 20.14
C ILE D 211 -22.96 2.06 20.00
N LEU D 212 -23.06 1.47 18.83
CA LEU D 212 -24.05 0.44 18.69
C LEU D 212 -23.66 -0.80 19.46
N GLY D 213 -22.37 -1.14 19.48
CA GLY D 213 -21.89 -2.30 20.22
C GLY D 213 -22.06 -2.11 21.70
N VAL D 214 -21.80 -0.90 22.17
CA VAL D 214 -21.92 -0.59 23.57
C VAL D 214 -23.34 -0.61 24.03
N GLU D 215 -24.26 -0.03 23.26
CA GLU D 215 -25.66 -0.09 23.66
C GLU D 215 -26.21 -1.50 23.59
N LEU D 216 -25.82 -2.29 22.61
CA LEU D 216 -26.31 -3.66 22.52
C LEU D 216 -25.87 -4.49 23.71
N ALA D 217 -24.65 -4.31 24.17
CA ALA D 217 -24.09 -5.04 25.30
C ALA D 217 -24.80 -4.75 26.63
N CYS D 218 -25.55 -3.66 26.67
CA CYS D 218 -26.25 -3.19 27.85
C CYS D 218 -27.70 -3.60 27.82
N ASP D 219 -28.11 -4.23 26.74
CA ASP D 219 -29.46 -4.68 26.51
C ASP D 219 -29.45 -6.19 26.61
N LYS D 220 -29.88 -6.72 27.75
CA LYS D 220 -29.77 -8.15 27.94
C LYS D 220 -30.54 -8.99 26.96
N GLU D 221 -31.73 -8.55 26.54
CA GLU D 221 -32.47 -9.33 25.57
C GLU D 221 -31.86 -9.24 24.20
N GLY D 222 -31.37 -8.05 23.85
CA GLY D 222 -30.77 -7.87 22.57
C GLY D 222 -29.54 -8.72 22.45
N THR D 223 -28.74 -8.78 23.51
CA THR D 223 -27.53 -9.56 23.51
C THR D 223 -27.86 -11.03 23.39
N LYS D 224 -28.84 -11.49 24.14
CA LYS D 224 -29.17 -12.89 24.08
C LYS D 224 -29.71 -13.29 22.73
N THR D 225 -30.56 -12.45 22.15
CA THR D 225 -31.16 -12.73 20.87
C THR D 225 -30.13 -12.78 19.76
N ILE D 226 -29.23 -11.81 19.72
CA ILE D 226 -28.26 -11.78 18.66
C ILE D 226 -27.27 -12.92 18.79
N LEU D 227 -26.93 -13.32 20.00
CA LEU D 227 -26.02 -14.42 20.14
C LEU D 227 -26.66 -15.76 19.86
N GLN D 228 -27.89 -16.00 20.25
CA GLN D 228 -28.41 -17.33 19.97
C GLN D 228 -28.67 -17.51 18.48
N ASP D 229 -28.88 -16.43 17.74
CA ASP D 229 -29.05 -16.47 16.30
C ASP D 229 -27.76 -16.82 15.58
N ALA D 230 -26.63 -16.67 16.27
CA ALA D 230 -25.31 -16.90 15.75
C ALA D 230 -24.82 -18.29 16.12
N GLY D 231 -25.64 -19.05 16.83
CA GLY D 231 -25.25 -20.37 17.29
C GLY D 231 -24.38 -20.38 18.54
N ILE D 232 -24.43 -19.34 19.36
CA ILE D 232 -23.63 -19.24 20.57
C ILE D 232 -24.45 -19.68 21.79
N PRO D 233 -23.95 -20.58 22.68
CA PRO D 233 -24.67 -21.07 23.86
C PRO D 233 -24.95 -20.02 24.92
N VAL D 234 -26.21 -19.85 25.25
CA VAL D 234 -26.68 -18.88 26.22
C VAL D 234 -27.64 -19.63 27.11
N PRO D 235 -27.97 -19.18 28.32
CA PRO D 235 -28.92 -19.81 29.18
C PRO D 235 -30.35 -19.73 28.67
N ARG D 236 -31.14 -20.77 28.96
CA ARG D 236 -32.57 -20.84 28.63
C ARG D 236 -33.42 -20.05 29.62
N GLY D 237 -34.37 -19.22 29.16
CA GLY D 237 -35.19 -18.43 30.08
C GLY D 237 -36.31 -17.64 29.41
N THR D 238 -37.10 -16.89 30.19
CA THR D 238 -38.26 -16.15 29.70
C THR D 238 -38.55 -14.83 30.41
N THR D 239 -39.76 -14.28 30.19
CA THR D 239 -40.14 -12.99 30.79
C THR D 239 -41.47 -13.00 31.51
N ILE D 240 -41.51 -12.35 32.67
CA ILE D 240 -42.74 -12.10 33.38
C ILE D 240 -42.78 -10.62 33.77
N GLN D 241 -43.78 -9.86 33.34
CA GLN D 241 -43.79 -8.44 33.71
C GLN D 241 -44.46 -8.15 35.04
N TYR D 242 -43.88 -8.69 36.09
CA TYR D 242 -44.36 -8.59 37.47
C TYR D 242 -45.80 -9.05 37.70
N PHE D 243 -46.11 -10.21 37.17
CA PHE D 243 -47.38 -10.90 37.33
C PHE D 243 -47.06 -12.25 37.95
N ASP D 244 -47.97 -12.86 38.68
CA ASP D 244 -47.59 -14.17 39.19
C ASP D 244 -47.81 -15.27 38.15
N ASP D 245 -46.87 -15.30 37.22
CA ASP D 245 -46.80 -16.25 36.11
C ASP D 245 -45.59 -17.15 36.35
N LEU D 246 -45.06 -17.12 37.58
CA LEU D 246 -43.85 -17.85 37.93
C LEU D 246 -44.02 -19.32 37.76
N GLU D 247 -45.19 -19.80 38.11
CA GLU D 247 -45.51 -21.21 38.04
C GLU D 247 -45.51 -21.73 36.63
N GLU D 248 -45.68 -20.84 35.65
CA GLU D 248 -45.70 -21.28 34.28
C GLU D 248 -44.32 -21.19 33.70
N ALA D 249 -43.59 -20.13 34.04
CA ALA D 249 -42.26 -19.95 33.45
C ALA D 249 -41.34 -21.09 33.79
N ILE D 250 -41.46 -21.59 35.01
CA ILE D 250 -40.62 -22.64 35.48
C ILE D 250 -40.75 -23.89 34.62
N ASN D 251 -41.95 -24.16 34.12
CA ASN D 251 -42.20 -25.34 33.32
C ASN D 251 -41.60 -25.25 31.90
N ASP D 252 -41.39 -24.04 31.36
CA ASP D 252 -40.83 -23.94 30.01
C ASP D 252 -39.32 -24.02 30.09
N VAL D 253 -38.82 -23.53 31.20
CA VAL D 253 -37.41 -23.50 31.50
C VAL D 253 -36.91 -24.91 31.80
N GLY D 254 -37.72 -25.72 32.48
CA GLY D 254 -37.34 -27.11 32.72
C GLY D 254 -37.26 -27.59 34.16
N GLY D 255 -37.79 -26.83 35.10
CA GLY D 255 -37.75 -27.29 36.48
C GLY D 255 -37.37 -26.21 37.44
N TYR D 256 -37.39 -26.52 38.73
CA TYR D 256 -37.11 -25.55 39.76
C TYR D 256 -35.74 -24.94 39.94
N PRO D 257 -34.61 -25.57 39.55
CA PRO D 257 -33.29 -24.97 39.69
C PRO D 257 -33.20 -23.81 38.74
N VAL D 258 -33.69 -22.66 39.19
CA VAL D 258 -33.76 -21.48 38.34
C VAL D 258 -33.15 -20.23 38.96
N VAL D 259 -32.91 -19.27 38.10
CA VAL D 259 -32.35 -17.97 38.47
C VAL D 259 -33.35 -16.87 38.20
N ILE D 260 -33.60 -16.00 39.17
CA ILE D 260 -34.53 -14.89 38.95
C ILE D 260 -33.82 -13.53 39.14
N LYS D 261 -33.79 -12.72 38.07
CA LYS D 261 -33.10 -11.44 38.11
C LYS D 261 -34.13 -10.31 38.08
N PRO D 262 -33.82 -9.09 38.51
CA PRO D 262 -34.70 -7.95 38.49
C PRO D 262 -34.94 -7.67 37.06
N LEU D 263 -36.09 -7.13 36.71
CA LEU D 263 -36.30 -6.86 35.29
C LEU D 263 -35.35 -5.77 34.73
N ASP D 264 -35.03 -4.74 35.52
CA ASP D 264 -34.08 -3.74 35.02
C ASP D 264 -32.76 -3.97 35.75
N GLY D 265 -31.75 -3.19 35.46
CA GLY D 265 -30.48 -3.38 36.15
C GLY D 265 -30.25 -2.45 37.32
N ASN D 266 -29.55 -2.97 38.32
CA ASN D 266 -29.12 -2.20 39.49
C ASN D 266 -27.91 -2.88 40.05
N HIS D 267 -26.90 -3.03 39.22
CA HIS D 267 -25.68 -3.74 39.58
C HIS D 267 -26.04 -5.16 40.05
N GLY D 268 -25.35 -5.66 41.07
CA GLY D 268 -25.56 -7.02 41.60
C GLY D 268 -26.65 -7.05 42.66
N ARG D 269 -27.85 -6.61 42.30
CA ARG D 269 -28.91 -6.47 43.29
C ARG D 269 -30.23 -7.06 42.85
N GLY D 270 -30.93 -7.66 43.81
CA GLY D 270 -32.26 -8.22 43.56
C GLY D 270 -32.20 -9.55 42.85
N ILE D 271 -31.07 -10.26 42.97
CA ILE D 271 -30.88 -11.51 42.26
C ILE D 271 -30.84 -12.76 43.11
N THR D 272 -31.67 -13.73 42.76
CA THR D 272 -31.64 -15.01 43.44
C THR D 272 -31.04 -16.03 42.50
N ILE D 273 -29.96 -16.66 42.96
CA ILE D 273 -29.20 -17.59 42.12
C ILE D 273 -29.73 -19.00 42.06
N ASN D 274 -30.14 -19.60 43.14
CA ASN D 274 -30.58 -20.97 42.96
C ASN D 274 -31.85 -21.24 43.70
N VAL D 275 -32.95 -21.05 43.00
CA VAL D 275 -34.26 -21.29 43.53
C VAL D 275 -34.45 -22.78 43.44
N ARG D 276 -34.85 -23.39 44.52
CA ARG D 276 -35.09 -24.81 44.57
C ARG D 276 -36.56 -25.14 44.86
N HIS D 277 -37.26 -24.20 45.50
CA HIS D 277 -38.64 -24.45 45.94
C HIS D 277 -39.61 -23.32 45.60
N TRP D 278 -40.89 -23.63 45.54
CA TRP D 278 -41.88 -22.60 45.23
C TRP D 278 -41.83 -21.38 46.14
N GLN D 279 -41.70 -21.56 47.44
CA GLN D 279 -41.69 -20.40 48.32
C GLN D 279 -40.47 -19.52 48.10
N GLU D 280 -39.42 -20.07 47.49
CA GLU D 280 -38.23 -19.34 47.21
C GLU D 280 -38.47 -18.55 45.96
N ALA D 281 -39.28 -19.10 45.04
CA ALA D 281 -39.62 -18.42 43.81
C ALA D 281 -40.35 -17.15 44.15
N ILE D 282 -41.17 -17.23 45.20
CA ILE D 282 -41.94 -16.08 45.65
C ILE D 282 -41.02 -15.06 46.29
N ALA D 283 -40.11 -15.49 47.17
CA ALA D 283 -39.22 -14.52 47.76
C ALA D 283 -38.35 -13.85 46.69
N ALA D 284 -37.90 -14.65 45.71
CA ALA D 284 -37.06 -14.12 44.66
C ALA D 284 -37.80 -13.09 43.85
N TYR D 285 -39.06 -13.36 43.58
CA TYR D 285 -39.92 -12.46 42.86
C TYR D 285 -40.06 -11.15 43.58
N ASP D 286 -40.31 -11.20 44.88
CA ASP D 286 -40.48 -9.99 45.65
C ASP D 286 -39.25 -9.10 45.57
N LEU D 287 -38.06 -9.69 45.50
CA LEU D 287 -36.86 -8.85 45.35
C LEU D 287 -36.75 -8.33 43.93
N ALA D 288 -37.06 -9.16 42.94
CA ALA D 288 -36.94 -8.74 41.54
C ALA D 288 -37.86 -7.53 41.30
N ALA D 289 -39.01 -7.56 41.97
CA ALA D 289 -40.10 -6.60 41.90
C ALA D 289 -39.71 -5.20 42.33
N GLU D 290 -38.57 -5.06 43.01
CA GLU D 290 -38.10 -3.76 43.44
C GLU D 290 -37.69 -2.86 42.27
N GLU D 291 -37.23 -3.44 41.14
CA GLU D 291 -36.75 -2.60 40.03
C GLU D 291 -37.83 -2.41 38.96
N SER D 292 -37.54 -1.60 37.93
CA SER D 292 -38.46 -1.30 36.81
C SER D 292 -38.73 -2.57 36.00
N LYS D 293 -39.83 -2.57 35.22
CA LYS D 293 -40.27 -3.77 34.49
C LYS D 293 -39.81 -3.94 33.01
N ALA D 296 -36.78 -10.40 29.28
CA ALA D 296 -36.74 -11.84 29.53
C ALA D 296 -35.46 -12.23 30.22
N ILE D 297 -35.44 -11.95 31.52
CA ILE D 297 -34.36 -12.28 32.42
C ILE D 297 -34.96 -12.90 33.69
N ILE D 298 -36.14 -13.47 33.52
CA ILE D 298 -36.90 -14.10 34.56
C ILE D 298 -36.98 -15.58 34.36
N VAL D 299 -36.63 -16.27 35.41
CA VAL D 299 -36.61 -17.69 35.44
C VAL D 299 -35.72 -18.41 34.45
N GLU D 300 -34.46 -18.10 34.46
CA GLU D 300 -33.52 -18.86 33.69
C GLU D 300 -33.15 -20.17 34.28
N ARG D 301 -32.77 -21.10 33.46
CA ARG D 301 -32.28 -22.32 33.99
C ARG D 301 -30.98 -22.01 34.74
N TYR D 302 -30.78 -22.66 35.88
CA TYR D 302 -29.54 -22.56 36.62
C TYR D 302 -28.51 -23.51 36.07
N TYR D 303 -27.32 -23.01 35.77
CA TYR D 303 -26.25 -23.83 35.25
C TYR D 303 -25.17 -23.97 36.30
N GLU D 304 -24.57 -25.13 36.39
CA GLU D 304 -23.51 -25.34 37.36
C GLU D 304 -22.15 -25.04 36.78
N GLY D 305 -21.26 -24.53 37.61
CA GLY D 305 -19.90 -24.25 37.19
C GLY D 305 -19.36 -23.03 37.89
N SER D 306 -18.15 -22.66 37.54
CA SER D 306 -17.50 -21.51 38.12
C SER D 306 -17.73 -20.32 37.25
N ASP D 307 -17.56 -19.15 37.82
CA ASP D 307 -17.70 -17.88 37.15
C ASP D 307 -16.37 -17.36 36.57
N HIS D 308 -16.23 -17.39 35.25
CA HIS D 308 -14.99 -16.98 34.59
C HIS D 308 -15.17 -15.71 33.82
N ARG D 309 -14.17 -14.84 33.89
CA ARG D 309 -14.16 -13.62 33.12
C ARG D 309 -13.10 -13.64 32.06
N VAL D 310 -13.53 -13.45 30.83
CA VAL D 310 -12.63 -13.46 29.69
C VAL D 310 -12.49 -12.08 29.09
N LEU D 311 -11.27 -11.61 28.94
CA LEU D 311 -11.01 -10.31 28.35
C LEU D 311 -10.49 -10.41 26.93
N VAL D 312 -11.21 -9.80 26.00
CA VAL D 312 -10.89 -9.78 24.56
C VAL D 312 -10.66 -8.32 24.16
N VAL D 313 -9.53 -7.99 23.49
CA VAL D 313 -9.25 -6.58 23.16
C VAL D 313 -9.43 -6.12 21.72
N ASN D 314 -8.95 -6.84 20.75
CA ASN D 314 -9.17 -6.35 19.39
C ASN D 314 -9.57 -7.52 18.55
N GLY D 315 -10.55 -8.25 19.04
CA GLY D 315 -10.97 -9.48 18.40
C GLY D 315 -10.00 -10.60 18.74
N LYS D 316 -9.21 -10.39 19.78
CA LYS D 316 -8.20 -11.33 20.25
C LYS D 316 -8.18 -11.45 21.76
N LEU D 317 -8.09 -12.67 22.24
CA LEU D 317 -8.04 -12.93 23.67
C LEU D 317 -6.79 -12.44 24.38
N VAL D 318 -6.98 -11.74 25.49
CA VAL D 318 -5.91 -11.23 26.32
C VAL D 318 -5.73 -11.94 27.65
N ALA D 319 -6.82 -12.13 28.39
CA ALA D 319 -6.70 -12.74 29.72
C ALA D 319 -7.95 -13.50 30.15
N VAL D 320 -7.77 -14.50 31.01
CA VAL D 320 -8.89 -15.24 31.59
C VAL D 320 -8.71 -15.38 33.11
N ALA D 321 -9.74 -15.11 33.91
CA ALA D 321 -9.62 -15.33 35.35
C ALA D 321 -10.87 -15.91 35.95
N GLU D 322 -10.66 -16.79 36.90
CA GLU D 322 -11.74 -17.44 37.64
C GLU D 322 -12.06 -16.71 38.90
N ARG D 323 -13.32 -16.38 39.08
CA ARG D 323 -13.74 -15.63 40.24
C ARG D 323 -14.49 -16.48 41.24
N ILE D 324 -14.08 -16.37 42.50
CA ILE D 324 -14.66 -17.12 43.61
C ILE D 324 -15.14 -16.18 44.72
N PRO D 325 -16.38 -16.31 45.24
CA PRO D 325 -16.98 -15.48 46.29
C PRO D 325 -16.24 -15.61 47.59
N ALA D 326 -16.32 -14.59 48.44
CA ALA D 326 -15.71 -14.64 49.77
C ALA D 326 -16.15 -15.90 50.48
N HIS D 327 -15.22 -16.61 51.08
CA HIS D 327 -15.52 -17.86 51.74
C HIS D 327 -14.51 -18.23 52.78
N VAL D 328 -14.91 -19.17 53.63
CA VAL D 328 -14.03 -19.79 54.61
C VAL D 328 -14.14 -21.29 54.51
N THR D 329 -13.13 -21.98 54.99
CA THR D 329 -13.19 -23.42 54.98
C THR D 329 -12.90 -24.03 56.33
N GLY D 330 -13.23 -25.31 56.46
CA GLY D 330 -13.03 -26.08 57.68
C GLY D 330 -11.56 -26.36 57.99
N ASP D 331 -10.86 -25.27 58.31
CA ASP D 331 -9.46 -25.24 58.67
C ASP D 331 -9.37 -25.55 60.15
N GLY D 332 -9.69 -26.79 60.48
CA GLY D 332 -9.75 -27.26 61.85
C GLY D 332 -11.17 -27.09 62.41
N SER D 333 -11.39 -27.57 63.62
CA SER D 333 -12.72 -27.53 64.23
C SER D 333 -13.05 -26.19 64.88
N SER D 334 -13.17 -25.18 64.04
CA SER D 334 -13.45 -23.80 64.42
C SER D 334 -14.78 -23.36 63.84
N THR D 335 -15.37 -22.33 64.45
CA THR D 335 -16.63 -21.82 63.94
C THR D 335 -16.40 -20.90 62.80
N ILE D 336 -17.45 -20.57 62.09
CA ILE D 336 -17.28 -19.64 61.00
C ILE D 336 -16.80 -18.27 61.48
N SER D 337 -17.37 -17.71 62.56
CA SER D 337 -16.86 -16.40 62.96
C SER D 337 -15.39 -16.47 63.37
N GLU D 338 -14.94 -17.61 63.90
CA GLU D 338 -13.53 -17.79 64.26
C GLU D 338 -12.65 -17.91 63.01
N LEU D 339 -13.14 -18.64 62.00
CA LEU D 339 -12.42 -18.81 60.75
C LEU D 339 -12.30 -17.49 60.02
N ILE D 340 -13.32 -16.67 60.10
CA ILE D 340 -13.26 -15.39 59.43
C ILE D 340 -12.20 -14.55 60.09
N GLU D 341 -12.16 -14.49 61.41
CA GLU D 341 -11.14 -13.64 62.00
C GLU D 341 -9.75 -14.18 61.67
N LYS D 342 -9.59 -15.49 61.61
CA LYS D 342 -8.30 -16.07 61.29
C LYS D 342 -7.81 -15.67 59.90
N THR D 343 -8.67 -15.72 58.88
CA THR D 343 -8.22 -15.41 57.52
C THR D 343 -8.33 -13.94 57.17
N ASN D 344 -9.10 -13.17 57.92
CA ASN D 344 -9.28 -11.77 57.60
C ASN D 344 -8.10 -10.94 58.11
N GLN D 345 -7.15 -11.63 58.74
CA GLN D 345 -5.89 -11.06 59.24
C GLN D 345 -4.76 -11.29 58.25
N ASP D 346 -5.06 -11.95 57.14
CA ASP D 346 -4.08 -12.23 56.10
C ASP D 346 -3.47 -10.90 55.65
N PRO D 347 -2.13 -10.78 55.54
CA PRO D 347 -1.41 -9.56 55.20
C PRO D 347 -1.74 -9.01 53.82
N ASN D 348 -2.40 -9.82 52.98
CA ASN D 348 -2.75 -9.38 51.65
C ASN D 348 -4.14 -8.77 51.61
N ARG D 349 -4.79 -8.65 52.78
CA ARG D 349 -6.13 -8.08 52.82
C ARG D 349 -6.24 -6.74 53.53
N GLY D 350 -7.02 -5.85 52.94
CA GLY D 350 -7.36 -4.59 53.59
C GLY D 350 -7.75 -3.46 52.66
N ASP D 351 -8.55 -2.55 53.22
CA ASP D 351 -9.01 -1.31 52.60
C ASP D 351 -9.51 -1.49 51.15
N GLY D 352 -8.89 -0.78 50.18
CA GLY D 352 -9.35 -0.92 48.79
C GLY D 352 -8.45 -0.19 47.80
N HIS D 353 -7.86 -0.99 46.91
CA HIS D 353 -6.81 -0.62 45.92
C HIS D 353 -5.50 -0.30 46.62
N ASP D 354 -5.44 -0.67 47.90
CA ASP D 354 -4.30 -0.57 48.78
C ASP D 354 -3.52 -1.87 48.82
N ASN D 355 -4.22 -2.97 48.55
CA ASN D 355 -3.68 -4.30 48.65
C ASN D 355 -4.38 -5.15 47.60
N ILE D 356 -4.03 -6.41 47.51
CA ILE D 356 -4.64 -7.28 46.51
C ILE D 356 -6.08 -7.63 46.87
N LEU D 357 -6.33 -7.99 48.11
CA LEU D 357 -7.64 -8.38 48.58
C LEU D 357 -8.22 -7.41 49.57
N THR D 358 -9.54 -7.38 49.71
CA THR D 358 -10.13 -6.57 50.78
C THR D 358 -10.58 -7.49 51.89
N LYS D 359 -11.20 -6.91 52.91
CA LYS D 359 -11.67 -7.62 54.09
C LYS D 359 -13.01 -8.32 53.90
N ILE D 360 -13.16 -9.42 54.61
CA ILE D 360 -14.41 -10.14 54.70
C ILE D 360 -15.24 -9.53 55.80
N VAL D 361 -16.46 -9.17 55.47
CA VAL D 361 -17.33 -8.55 56.43
C VAL D 361 -18.56 -9.40 56.69
N VAL D 362 -18.81 -9.66 57.97
CA VAL D 362 -20.00 -10.39 58.36
C VAL D 362 -21.08 -9.36 58.60
N ASN D 363 -22.19 -9.60 57.95
CA ASN D 363 -23.34 -8.74 57.97
C ASN D 363 -24.56 -9.62 57.81
N LYS D 364 -25.73 -9.01 57.80
CA LYS D 364 -26.98 -9.75 57.67
C LYS D 364 -27.06 -10.52 56.36
N THR D 365 -26.30 -10.08 55.36
CA THR D 365 -26.30 -10.72 54.07
C THR D 365 -25.36 -11.90 54.05
N ALA D 366 -24.38 -11.94 54.96
CA ALA D 366 -23.49 -13.08 55.03
C ALA D 366 -24.28 -14.16 55.69
N ILE D 367 -25.11 -13.75 56.64
CA ILE D 367 -25.90 -14.69 57.36
C ILE D 367 -26.97 -15.23 56.45
N ASP D 368 -27.64 -14.38 55.69
CA ASP D 368 -28.66 -14.88 54.78
C ASP D 368 -28.05 -15.94 53.83
N VAL D 369 -26.84 -15.67 53.31
CA VAL D 369 -26.19 -16.64 52.42
C VAL D 369 -25.82 -17.91 53.18
N MET D 370 -25.28 -17.80 54.39
CA MET D 370 -24.93 -18.99 55.18
C MET D 370 -26.14 -19.83 55.57
N GLU D 371 -27.27 -19.20 55.88
CA GLU D 371 -28.45 -19.94 56.28
C GLU D 371 -28.92 -20.88 55.18
N ARG D 372 -28.83 -20.44 53.94
CA ARG D 372 -29.25 -21.26 52.81
C ARG D 372 -28.39 -22.51 52.60
N GLN D 373 -27.19 -22.51 53.20
CA GLN D 373 -26.22 -23.60 53.10
C GLN D 373 -26.33 -24.51 54.33
N GLY D 374 -27.19 -24.15 55.29
CA GLY D 374 -27.31 -24.90 56.54
C GLY D 374 -26.34 -24.48 57.64
N TYR D 375 -25.77 -23.27 57.56
CA TYR D 375 -24.80 -22.80 58.53
C TYR D 375 -25.09 -21.41 59.04
N ASN D 376 -24.46 -21.05 60.14
CA ASN D 376 -24.49 -19.69 60.63
C ASN D 376 -23.12 -19.40 61.27
N LEU D 377 -22.93 -18.20 61.76
CA LEU D 377 -21.61 -17.79 62.25
C LEU D 377 -21.07 -18.53 63.46
N ASP D 378 -21.92 -19.15 64.27
CA ASP D 378 -21.42 -19.86 65.43
C ASP D 378 -21.31 -21.38 65.24
N SER D 379 -21.47 -21.85 64.00
CA SER D 379 -21.38 -23.28 63.74
C SER D 379 -19.98 -23.68 63.30
N VAL D 380 -19.58 -24.89 63.67
CA VAL D 380 -18.28 -25.48 63.33
C VAL D 380 -18.31 -26.25 62.03
N LEU D 381 -17.34 -25.98 61.17
CA LEU D 381 -17.34 -26.70 59.90
C LEU D 381 -16.54 -28.00 59.97
N PRO D 382 -16.99 -29.07 59.28
CA PRO D 382 -16.28 -30.31 59.08
C PRO D 382 -15.00 -30.02 58.35
N LYS D 383 -13.97 -30.80 58.59
CA LYS D 383 -12.71 -30.53 57.93
C LYS D 383 -12.88 -30.44 56.42
N ASP D 384 -12.32 -29.36 55.88
CA ASP D 384 -12.28 -28.97 54.47
C ASP D 384 -13.62 -28.62 53.81
N GLU D 385 -14.67 -28.45 54.60
CA GLU D 385 -15.97 -28.01 54.13
C GLU D 385 -15.87 -26.54 53.76
N VAL D 386 -16.51 -26.11 52.67
CA VAL D 386 -16.46 -24.69 52.31
C VAL D 386 -17.82 -24.02 52.38
N VAL D 387 -17.83 -22.87 53.02
CA VAL D 387 -19.02 -22.06 53.17
C VAL D 387 -18.80 -20.69 52.57
N TYR D 388 -19.75 -20.29 51.74
CA TYR D 388 -19.66 -19.00 51.06
C TYR D 388 -20.36 -17.94 51.88
N LEU D 389 -19.77 -16.77 51.94
CA LEU D 389 -20.33 -15.65 52.68
C LEU D 389 -21.01 -14.63 51.78
N ARG D 390 -20.97 -14.87 50.48
CA ARG D 390 -21.53 -13.99 49.46
C ARG D 390 -22.15 -14.80 48.35
N ALA D 391 -23.19 -14.25 47.75
CA ALA D 391 -23.86 -14.90 46.62
C ALA D 391 -23.03 -14.88 45.33
N THR D 392 -22.25 -13.81 45.12
CA THR D 392 -21.48 -13.63 43.91
C THR D 392 -20.04 -13.31 44.21
N ALA D 393 -19.18 -13.43 43.20
CA ALA D 393 -17.77 -13.13 43.33
C ALA D 393 -17.41 -11.73 42.91
N ASN D 394 -16.70 -11.05 43.77
CA ASN D 394 -16.22 -9.70 43.54
C ASN D 394 -15.01 -9.46 44.43
N LEU D 395 -13.90 -8.97 43.87
CA LEU D 395 -12.72 -8.72 44.69
C LEU D 395 -12.99 -7.68 45.75
N SER D 396 -13.86 -6.71 45.45
CA SER D 396 -14.17 -5.62 46.38
C SER D 396 -15.01 -6.06 47.57
N THR D 397 -15.53 -7.29 47.54
CA THR D 397 -16.34 -7.78 48.63
C THR D 397 -15.59 -8.87 49.39
N GLY D 398 -14.32 -9.10 49.05
CA GLY D 398 -13.53 -10.12 49.74
C GLY D 398 -13.32 -11.43 48.99
N GLY D 399 -13.68 -11.51 47.70
CA GLY D 399 -13.48 -12.75 46.96
C GLY D 399 -12.07 -12.80 46.38
N ILE D 400 -11.82 -13.81 45.54
CA ILE D 400 -10.51 -13.99 44.94
C ILE D 400 -10.59 -14.14 43.43
N ALA D 401 -9.45 -13.95 42.76
CA ALA D 401 -9.36 -14.11 41.31
C ALA D 401 -8.13 -14.90 40.95
N ILE D 402 -8.34 -15.98 40.21
CA ILE D 402 -7.28 -16.88 39.82
C ILE D 402 -6.99 -16.81 38.33
N ASP D 403 -5.75 -16.52 37.96
CA ASP D 403 -5.43 -16.49 36.55
C ASP D 403 -5.51 -17.87 35.93
N ARG D 404 -6.27 -18.01 34.84
CA ARG D 404 -6.43 -19.27 34.13
C ARG D 404 -6.17 -19.03 32.65
N THR D 405 -5.34 -18.07 32.32
CA THR D 405 -5.18 -17.68 30.93
C THR D 405 -4.61 -18.73 30.06
N ASP D 406 -3.72 -19.54 30.58
CA ASP D 406 -3.06 -20.55 29.80
C ASP D 406 -3.77 -21.89 29.81
N ASP D 407 -4.91 -21.98 30.49
CA ASP D 407 -5.63 -23.23 30.60
C ASP D 407 -6.86 -23.30 29.73
N ILE D 408 -7.06 -22.32 28.88
CA ILE D 408 -8.26 -22.27 28.07
C ILE D 408 -8.09 -23.00 26.75
N HIS D 409 -9.06 -23.87 26.47
CA HIS D 409 -9.08 -24.70 25.27
C HIS D 409 -9.20 -23.87 23.97
N PRO D 410 -8.47 -24.17 22.88
CA PRO D 410 -8.52 -23.49 21.58
C PRO D 410 -9.89 -23.29 20.98
N GLU D 411 -10.83 -24.18 21.23
CA GLU D 411 -12.15 -23.99 20.69
C GLU D 411 -12.85 -22.90 21.45
N ASN D 412 -12.59 -22.81 22.76
CA ASN D 412 -13.22 -21.82 23.58
C ASN D 412 -12.61 -20.48 23.25
N ILE D 413 -11.35 -20.45 22.86
CA ILE D 413 -10.74 -19.18 22.49
C ILE D 413 -11.44 -18.64 21.26
N TRP D 414 -11.66 -19.51 20.28
CA TRP D 414 -12.36 -19.15 19.07
C TRP D 414 -13.75 -18.63 19.33
N LEU D 415 -14.49 -19.31 20.20
CA LEU D 415 -15.83 -18.87 20.51
C LEU D 415 -15.86 -17.52 21.19
N MET D 416 -14.97 -17.24 22.12
CA MET D 416 -14.99 -15.95 22.81
C MET D 416 -14.71 -14.78 21.87
N GLU D 417 -13.81 -14.98 20.94
CA GLU D 417 -13.49 -13.94 19.98
C GLU D 417 -14.67 -13.69 19.05
N ARG D 418 -15.37 -14.76 18.68
CA ARG D 418 -16.54 -14.65 17.83
C ARG D 418 -17.64 -13.86 18.53
N VAL D 419 -17.81 -14.05 19.85
CA VAL D 419 -18.82 -13.32 20.61
C VAL D 419 -18.57 -11.82 20.59
N ALA D 420 -17.32 -11.42 20.80
CA ALA D 420 -17.00 -10.00 20.80
C ALA D 420 -17.29 -9.35 19.44
N LYS D 421 -17.00 -10.07 18.35
CA LYS D 421 -17.24 -9.58 17.00
C LYS D 421 -18.72 -9.50 16.64
N VAL D 422 -19.53 -10.45 17.10
CA VAL D 422 -20.97 -10.43 16.87
C VAL D 422 -21.63 -9.25 17.55
N ILE D 423 -21.23 -8.95 18.78
CA ILE D 423 -21.78 -7.81 19.50
C ILE D 423 -21.24 -6.52 18.91
N GLY D 424 -19.95 -6.47 18.59
CA GLY D 424 -19.41 -5.26 18.01
C GLY D 424 -18.57 -4.45 18.97
N LEU D 425 -17.98 -5.08 19.97
CA LEU D 425 -17.15 -4.37 20.94
C LEU D 425 -15.69 -4.53 20.65
N ASP D 426 -14.86 -3.49 20.90
CA ASP D 426 -13.43 -3.67 20.76
C ASP D 426 -12.90 -4.27 22.06
N ILE D 427 -13.11 -3.58 23.15
CA ILE D 427 -12.67 -4.12 24.42
C ILE D 427 -13.87 -4.69 25.12
N ALA D 428 -13.86 -5.98 25.40
CA ALA D 428 -15.03 -6.60 26.00
C ALA D 428 -14.71 -7.61 27.05
N GLY D 429 -15.56 -7.63 28.07
CA GLY D 429 -15.47 -8.67 29.08
C GLY D 429 -16.57 -9.66 28.83
N ILE D 430 -16.28 -10.93 28.90
CA ILE D 430 -17.30 -11.93 28.68
C ILE D 430 -17.43 -12.78 29.94
N ASP D 431 -18.64 -12.88 30.45
CA ASP D 431 -18.98 -13.64 31.64
C ASP D 431 -19.41 -15.05 31.25
N VAL D 432 -18.64 -16.04 31.63
CA VAL D 432 -18.83 -17.46 31.27
C VAL D 432 -19.02 -18.37 32.48
N VAL D 433 -20.00 -19.25 32.42
CA VAL D 433 -20.19 -20.22 33.49
C VAL D 433 -19.86 -21.61 32.99
N THR D 434 -18.88 -22.22 33.62
CA THR D 434 -18.42 -23.56 33.24
C THR D 434 -17.74 -24.28 34.35
N SER D 435 -17.85 -25.59 34.37
CA SER D 435 -17.15 -26.40 35.33
C SER D 435 -15.69 -26.61 34.97
N ASP D 436 -15.34 -26.47 33.70
CA ASP D 436 -13.97 -26.70 33.26
C ASP D 436 -13.63 -25.89 32.01
N ILE D 437 -12.85 -24.82 32.17
CA ILE D 437 -12.50 -23.92 31.07
C ILE D 437 -11.53 -24.57 30.08
N SER D 438 -10.98 -25.74 30.45
CA SER D 438 -10.03 -26.48 29.67
C SER D 438 -10.70 -27.47 28.73
N LYS D 439 -12.02 -27.55 28.77
CA LYS D 439 -12.77 -28.40 27.88
C LYS D 439 -13.72 -27.50 27.10
N PRO D 440 -14.18 -27.85 25.90
CA PRO D 440 -15.13 -27.10 25.15
C PRO D 440 -16.41 -26.86 25.92
N LEU D 441 -17.02 -25.70 25.74
CA LEU D 441 -18.24 -25.44 26.50
C LEU D 441 -19.33 -26.44 26.16
N ARG D 442 -19.34 -27.01 24.96
CA ARG D 442 -20.39 -27.97 24.65
C ARG D 442 -20.26 -29.29 25.42
N GLU D 443 -19.09 -29.60 25.96
CA GLU D 443 -18.90 -30.87 26.66
C GLU D 443 -19.27 -30.73 28.12
N THR D 444 -19.09 -29.54 28.65
CA THR D 444 -19.35 -29.26 30.05
C THR D 444 -20.70 -28.61 30.27
N ASN D 445 -21.43 -28.40 29.18
CA ASN D 445 -22.71 -27.69 29.17
C ASN D 445 -22.61 -26.30 29.76
N GLY D 446 -21.57 -25.57 29.39
CA GLY D 446 -21.38 -24.24 29.88
C GLY D 446 -22.14 -23.26 29.05
N VAL D 447 -22.32 -22.06 29.60
CA VAL D 447 -23.01 -20.99 28.90
C VAL D 447 -22.34 -19.65 29.00
N ILE D 448 -22.70 -18.76 28.08
CA ILE D 448 -22.25 -17.39 28.17
C ILE D 448 -23.36 -16.60 28.75
N VAL D 449 -23.08 -15.97 29.86
CA VAL D 449 -24.08 -15.26 30.61
C VAL D 449 -24.19 -13.81 30.19
N GLU D 450 -23.06 -13.14 30.03
CA GLU D 450 -23.13 -11.74 29.65
C GLU D 450 -21.91 -11.15 28.95
N VAL D 451 -22.16 -10.22 28.03
CA VAL D 451 -21.10 -9.42 27.46
C VAL D 451 -21.13 -8.01 28.12
N ASN D 452 -19.98 -7.59 28.62
CA ASN D 452 -19.79 -6.34 29.36
C ASN D 452 -18.93 -5.32 28.60
N ALA D 453 -19.49 -4.18 28.28
CA ALA D 453 -18.71 -3.14 27.61
C ALA D 453 -17.91 -2.45 28.69
N ALA D 454 -16.76 -1.89 28.33
CA ALA D 454 -15.91 -1.17 29.26
C ALA D 454 -15.57 -1.91 30.55
N PRO D 455 -15.03 -3.12 30.51
CA PRO D 455 -14.73 -3.96 31.65
C PRO D 455 -13.58 -3.38 32.43
N GLY D 456 -13.46 -3.68 33.72
CA GLY D 456 -12.28 -3.22 34.45
C GLY D 456 -11.11 -4.16 34.28
N PHE D 457 -9.93 -3.74 34.74
CA PHE D 457 -8.73 -4.56 34.59
C PHE D 457 -8.10 -5.14 35.86
N ARG D 458 -8.50 -4.69 37.04
CA ARG D 458 -7.87 -5.09 38.31
C ARG D 458 -7.63 -6.56 38.49
N MET D 459 -8.58 -7.36 38.14
CA MET D 459 -8.49 -8.77 38.36
C MET D 459 -7.51 -9.47 37.45
N HIS D 460 -7.09 -8.79 36.39
CA HIS D 460 -6.17 -9.37 35.44
C HIS D 460 -4.78 -8.83 35.65
N VAL D 461 -4.68 -7.61 36.18
CA VAL D 461 -3.36 -7.02 36.39
C VAL D 461 -2.90 -7.20 37.81
N ALA D 462 -3.80 -7.56 38.72
CA ALA D 462 -3.49 -7.82 40.10
C ALA D 462 -4.31 -8.99 40.64
N PRO D 463 -4.13 -10.21 40.13
CA PRO D 463 -4.84 -11.40 40.51
C PRO D 463 -4.38 -11.81 41.88
N SER D 464 -5.17 -12.59 42.58
CA SER D 464 -4.70 -13.05 43.87
C SER D 464 -3.91 -14.34 43.76
N GLN D 465 -4.15 -15.09 42.71
CA GLN D 465 -3.38 -16.28 42.44
C GLN D 465 -3.00 -16.27 40.98
N GLY D 466 -1.83 -16.78 40.67
CA GLY D 466 -1.40 -16.83 39.30
C GLY D 466 -0.58 -15.61 38.96
N LEU D 467 -0.23 -15.49 37.70
CA LEU D 467 0.66 -14.46 37.24
C LEU D 467 -0.11 -13.23 36.69
N PRO D 468 0.25 -11.97 36.99
CA PRO D 468 -0.30 -10.72 36.45
C PRO D 468 -0.11 -10.59 34.95
N ARG D 469 -1.04 -9.94 34.26
CA ARG D 469 -0.92 -9.75 32.81
C ARG D 469 -0.83 -8.29 32.38
N ASN D 470 -0.05 -8.00 31.36
CA ASN D 470 0.01 -6.64 30.88
C ASN D 470 -1.09 -6.39 29.88
N VAL D 471 -2.20 -5.98 30.43
CA VAL D 471 -3.44 -5.71 29.75
C VAL D 471 -3.39 -4.46 28.88
N ALA D 472 -2.71 -3.43 29.34
CA ALA D 472 -2.60 -2.18 28.59
C ALA D 472 -1.87 -2.34 27.27
N ALA D 473 -0.88 -3.19 27.21
CA ALA D 473 -0.10 -3.28 26.00
C ALA D 473 -0.97 -3.58 24.75
N PRO D 474 -1.90 -4.57 24.72
CA PRO D 474 -2.82 -4.81 23.64
C PRO D 474 -3.77 -3.68 23.33
N VAL D 475 -3.98 -2.74 24.26
CA VAL D 475 -4.88 -1.65 24.02
C VAL D 475 -4.13 -0.60 23.23
N LEU D 476 -2.93 -0.29 23.67
CA LEU D 476 -2.13 0.70 22.97
C LEU D 476 -1.72 0.24 21.61
N ASP D 477 -1.58 -1.06 21.42
CA ASP D 477 -1.27 -1.57 20.10
C ASP D 477 -2.43 -1.39 19.12
N MET D 478 -3.70 -1.26 19.56
CA MET D 478 -4.72 -1.07 18.55
C MET D 478 -4.85 0.41 18.27
N LEU D 479 -4.61 1.23 19.30
CA LEU D 479 -4.74 2.66 19.14
C LEU D 479 -3.60 3.25 18.34
N PHE D 480 -2.41 2.74 18.56
CA PHE D 480 -1.20 3.17 17.89
C PHE D 480 -0.46 1.96 17.34
N PRO D 481 -0.90 1.36 16.22
CA PRO D 481 -0.39 0.14 15.68
C PRO D 481 1.10 0.25 15.44
N PRO D 482 1.86 -0.85 15.50
CA PRO D 482 3.27 -0.87 15.29
C PRO D 482 3.60 -0.26 13.95
N GLY D 483 4.60 0.59 13.93
CA GLY D 483 5.00 1.25 12.71
C GLY D 483 4.37 2.61 12.50
N THR D 484 3.38 2.99 13.31
CA THR D 484 2.76 4.29 13.09
C THR D 484 3.26 5.29 14.15
N PRO D 485 3.31 6.59 13.85
CA PRO D 485 3.62 7.68 14.74
C PRO D 485 2.51 8.03 15.69
N SER D 486 2.88 8.61 16.82
CA SER D 486 1.96 9.17 17.78
C SER D 486 2.12 10.69 17.92
N ARG D 487 3.12 11.22 17.24
CA ARG D 487 3.50 12.63 17.26
C ARG D 487 3.60 13.24 15.90
N ILE D 488 3.46 14.54 15.84
CA ILE D 488 3.65 15.29 14.63
C ILE D 488 4.95 16.06 14.83
N PRO D 489 5.68 16.48 13.79
CA PRO D 489 6.86 17.29 13.91
C PRO D 489 6.62 18.61 14.59
N ILE D 490 7.54 18.96 15.48
CA ILE D 490 7.52 20.24 16.16
C ILE D 490 8.80 20.96 15.90
N LEU D 491 8.67 22.18 15.42
CA LEU D 491 9.80 23.04 15.15
C LEU D 491 9.68 24.26 16.05
N ALA D 492 10.57 24.36 17.03
CA ALA D 492 10.50 25.43 18.01
C ALA D 492 11.55 26.48 17.77
N VAL D 493 11.13 27.74 17.69
CA VAL D 493 12.05 28.83 17.37
C VAL D 493 12.19 29.82 18.50
N THR D 494 13.41 30.05 18.98
CA THR D 494 13.60 31.05 20.01
C THR D 494 14.80 31.94 19.73
N GLY D 495 15.05 32.89 20.60
CA GLY D 495 16.15 33.84 20.49
C GLY D 495 15.68 35.22 20.84
N THR D 496 16.58 36.13 21.16
CA THR D 496 16.17 37.48 21.54
C THR D 496 15.45 38.24 20.43
N ASN D 497 15.95 38.20 19.20
CA ASN D 497 15.32 38.92 18.07
C ASN D 497 15.13 38.04 16.85
N GLY D 498 14.05 38.26 16.11
CA GLY D 498 13.80 37.59 14.83
C GLY D 498 12.93 36.35 14.83
N LYS D 499 12.38 36.01 15.98
CA LYS D 499 11.51 34.84 16.11
C LYS D 499 10.28 34.85 15.25
N THR D 500 9.57 35.97 15.20
CA THR D 500 8.33 36.04 14.44
C THR D 500 8.57 35.92 12.97
N THR D 501 9.60 36.58 12.48
CA THR D 501 9.94 36.55 11.07
C THR D 501 10.35 35.14 10.63
N THR D 502 11.19 34.49 11.44
CA THR D 502 11.69 33.15 11.15
C THR D 502 10.54 32.16 11.17
N THR D 503 9.63 32.30 12.13
CA THR D 503 8.48 31.44 12.32
C THR D 503 7.53 31.53 11.13
N ARG D 504 7.24 32.74 10.63
CA ARG D 504 6.34 32.85 9.49
C ARG D 504 6.95 32.30 8.22
N LEU D 505 8.25 32.47 8.02
CA LEU D 505 8.88 31.93 6.84
C LEU D 505 8.93 30.44 6.88
N LEU D 506 9.26 29.86 8.02
CA LEU D 506 9.36 28.44 8.11
C LEU D 506 8.00 27.79 7.93
N ALA D 507 6.93 28.38 8.49
CA ALA D 507 5.60 27.86 8.29
C ALA D 507 5.20 27.92 6.82
N HIS D 508 5.59 28.99 6.12
CA HIS D 508 5.33 29.17 4.70
C HIS D 508 6.01 28.11 3.87
N ILE D 509 7.26 27.78 4.18
CA ILE D 509 7.98 26.75 3.44
C ILE D 509 7.30 25.40 3.61
N TYR D 510 6.91 25.02 4.83
CA TYR D 510 6.25 23.73 5.04
C TYR D 510 4.96 23.62 4.33
N ARG D 511 4.24 24.69 4.26
CA ARG D 511 2.97 24.79 3.63
C ARG D 511 3.04 24.49 2.12
N GLN D 512 4.21 24.60 1.50
CA GLN D 512 4.35 24.39 0.07
C GLN D 512 4.36 22.91 -0.24
N THR D 513 4.36 22.07 0.81
CA THR D 513 4.33 20.64 0.63
C THR D 513 2.87 20.14 0.66
N GLY D 514 1.91 21.05 0.90
CA GLY D 514 0.49 20.69 0.92
C GLY D 514 -0.07 20.19 2.25
N LYS D 515 0.71 20.26 3.30
CA LYS D 515 0.29 19.81 4.62
C LYS D 515 -0.39 20.88 5.41
N THR D 516 -1.16 20.46 6.43
CA THR D 516 -1.77 21.43 7.32
C THR D 516 -0.76 21.85 8.35
N VAL D 517 -0.50 23.13 8.36
CA VAL D 517 0.50 23.68 9.23
C VAL D 517 -0.09 24.65 10.19
N GLY D 518 0.17 24.40 11.46
CA GLY D 518 -0.31 25.30 12.47
C GLY D 518 0.85 26.05 13.05
N TYR D 519 0.64 27.30 13.43
CA TYR D 519 1.72 28.02 14.06
C TYR D 519 1.27 29.09 14.99
N THR D 520 2.15 29.42 15.91
CA THR D 520 1.82 30.47 16.85
C THR D 520 2.86 31.54 16.85
N SER D 521 2.41 32.75 17.02
CA SER D 521 3.28 33.91 17.07
C SER D 521 2.76 34.97 18.02
N THR D 522 3.52 36.04 18.10
CA THR D 522 3.11 37.20 18.89
C THR D 522 1.98 38.01 18.23
N ASP D 523 1.61 37.70 16.99
CA ASP D 523 0.50 38.41 16.38
C ASP D 523 -0.83 37.64 16.53
N ALA D 524 -0.79 36.29 16.34
CA ALA D 524 -1.97 35.41 16.32
C ALA D 524 -1.63 33.90 16.27
N ILE D 525 -2.67 33.05 16.35
CA ILE D 525 -2.57 31.60 16.12
C ILE D 525 -3.22 31.29 14.80
N TYR D 526 -2.49 30.62 13.91
CA TYR D 526 -2.99 30.28 12.57
C TYR D 526 -2.94 28.83 12.21
N ILE D 527 -3.90 28.40 11.40
CA ILE D 527 -3.86 27.10 10.75
C ILE D 527 -4.09 27.27 9.27
N ASN D 528 -3.11 26.95 8.42
CA ASN D 528 -3.27 27.08 6.97
C ASN D 528 -3.82 28.39 6.52
N GLU D 529 -3.30 29.47 7.02
CA GLU D 529 -3.73 30.84 6.67
C GLU D 529 -5.08 31.30 7.21
N TYR D 530 -5.70 30.55 8.11
CA TYR D 530 -6.89 31.03 8.78
C TYR D 530 -6.52 31.41 10.17
N CYS D 531 -7.05 32.49 10.65
CA CYS D 531 -6.70 32.90 11.98
C CYS D 531 -7.65 32.30 12.98
N VAL D 532 -7.10 31.63 13.98
CA VAL D 532 -7.86 30.96 15.01
C VAL D 532 -8.09 31.90 16.17
N GLU D 533 -7.02 32.54 16.61
CA GLU D 533 -7.09 33.51 17.72
C GLU D 533 -6.17 34.65 17.40
N LYS D 534 -6.44 35.86 17.91
CA LYS D 534 -5.52 36.99 17.72
C LYS D 534 -4.92 37.47 19.03
N GLY D 535 -3.78 38.16 18.95
CA GLY D 535 -3.11 38.69 20.13
C GLY D 535 -1.82 37.95 20.39
N ASP D 536 -1.16 38.26 21.49
CA ASP D 536 0.12 37.61 21.75
C ASP D 536 -0.18 36.23 22.17
N ASN D 537 0.13 35.31 21.29
CA ASN D 537 -0.18 33.94 21.48
C ASN D 537 1.01 33.08 21.67
N THR D 538 2.07 33.64 22.18
CA THR D 538 3.19 32.78 22.49
C THR D 538 2.95 32.13 23.84
N GLY D 539 3.70 31.11 24.16
CA GLY D 539 3.58 30.44 25.45
C GLY D 539 2.75 29.15 25.36
N PRO D 540 2.75 28.33 26.43
CA PRO D 540 2.14 27.02 26.53
C PRO D 540 0.65 26.91 26.33
N GLN D 541 -0.07 28.00 26.54
CA GLN D 541 -1.49 27.92 26.35
C GLN D 541 -1.84 27.90 24.89
N SER D 542 -1.00 28.49 24.06
CA SER D 542 -1.27 28.53 22.65
C SER D 542 -0.73 27.32 21.98
N ALA D 543 0.41 26.84 22.48
CA ALA D 543 1.01 25.67 21.90
C ALA D 543 0.04 24.53 22.02
N GLY D 544 -0.71 24.49 23.11
CA GLY D 544 -1.70 23.46 23.35
C GLY D 544 -2.89 23.51 22.42
N VAL D 545 -3.17 24.65 21.79
CA VAL D 545 -4.29 24.76 20.88
C VAL D 545 -3.90 24.03 19.64
N ILE D 546 -2.68 24.25 19.20
CA ILE D 546 -2.17 23.59 18.02
C ILE D 546 -1.96 22.10 18.24
N LEU D 547 -1.37 21.72 19.35
CA LEU D 547 -1.11 20.31 19.58
C LEU D 547 -2.35 19.47 19.77
N ARG D 548 -3.42 20.05 20.30
CA ARG D 548 -4.65 19.31 20.44
C ARG D 548 -5.54 19.35 19.21
N ASP D 549 -5.16 20.09 18.18
CA ASP D 549 -5.98 20.25 16.99
C ASP D 549 -5.88 19.04 16.08
N PRO D 550 -6.99 18.31 15.80
CA PRO D 550 -7.07 17.07 15.07
C PRO D 550 -6.70 17.15 13.61
N THR D 551 -6.53 18.35 13.09
CA THR D 551 -6.19 18.48 11.70
C THR D 551 -4.72 18.80 11.44
N VAL D 552 -3.97 19.18 12.46
CA VAL D 552 -2.60 19.65 12.24
C VAL D 552 -1.57 18.56 12.02
N GLU D 553 -0.77 18.73 10.97
CA GLU D 553 0.27 17.80 10.60
C GLU D 553 1.66 18.28 10.98
N VAL D 554 1.90 19.59 10.98
CA VAL D 554 3.16 20.19 11.37
C VAL D 554 2.93 21.37 12.32
N ALA D 555 3.70 21.46 13.41
CA ALA D 555 3.59 22.62 14.30
C ALA D 555 4.86 23.46 14.32
N VAL D 556 4.72 24.75 14.06
CA VAL D 556 5.86 25.67 14.10
C VAL D 556 5.55 26.70 15.22
N LEU D 557 6.35 26.72 16.27
CA LEU D 557 5.99 27.54 17.43
C LEU D 557 7.01 28.61 17.86
N GLU D 558 6.68 29.92 17.83
CA GLU D 558 7.74 30.84 18.32
C GLU D 558 7.68 30.74 19.83
N THR D 559 8.83 30.65 20.48
CA THR D 559 8.90 30.53 21.93
C THR D 559 9.62 31.66 22.61
N ALA D 560 8.92 32.30 23.51
CA ALA D 560 9.42 33.43 24.25
C ALA D 560 9.83 33.06 25.66
N ARG D 561 10.71 33.88 26.22
CA ARG D 561 11.17 33.74 27.60
C ARG D 561 10.05 33.93 28.61
N GLY D 562 9.04 34.70 28.26
CA GLY D 562 7.95 34.91 29.19
C GLY D 562 7.30 33.59 29.50
N GLY D 563 6.96 32.84 28.47
CA GLY D 563 6.33 31.56 28.67
C GLY D 563 7.22 30.58 29.39
N ILE D 564 8.52 30.56 29.06
CA ILE D 564 9.39 29.61 29.71
C ILE D 564 9.52 29.88 31.19
N LEU D 565 9.75 31.14 31.54
CA LEU D 565 9.92 31.49 32.93
C LEU D 565 8.65 31.42 33.75
N ARG D 566 7.50 31.64 33.14
CA ARG D 566 6.24 31.59 33.85
C ARG D 566 5.66 30.19 33.97
N ALA D 567 5.76 29.33 32.95
CA ALA D 567 5.14 28.02 33.08
C ALA D 567 5.81 26.84 32.39
N GLY D 568 7.06 26.95 31.90
CA GLY D 568 7.72 25.83 31.20
C GLY D 568 7.29 25.69 29.73
N LEU D 569 7.81 24.69 29.03
CA LEU D 569 7.41 24.44 27.65
C LEU D 569 6.20 23.51 27.59
N ALA D 570 5.34 23.65 26.59
CA ALA D 570 4.17 22.77 26.46
C ALA D 570 4.39 21.41 25.86
N PHE D 571 5.53 21.18 25.24
CA PHE D 571 5.70 19.95 24.49
C PHE D 571 6.70 18.88 24.93
N ASP D 572 7.49 19.09 25.95
CA ASP D 572 8.52 18.10 26.40
C ASP D 572 9.70 17.83 25.46
N SER D 573 9.45 17.48 24.20
CA SER D 573 10.53 17.28 23.24
C SER D 573 10.11 17.71 21.85
N CYS D 574 11.10 17.99 21.01
CA CYS D 574 10.83 18.42 19.64
C CYS D 574 11.85 17.93 18.63
N ASP D 575 11.56 18.14 17.34
CA ASP D 575 12.42 17.65 16.27
C ASP D 575 13.48 18.63 15.88
N VAL D 576 13.12 19.90 15.84
CA VAL D 576 14.07 20.93 15.50
C VAL D 576 13.98 22.03 16.53
N GLY D 577 15.11 22.44 17.04
CA GLY D 577 15.16 23.57 17.95
C GLY D 577 16.08 24.61 17.38
N VAL D 578 15.56 25.81 17.15
CA VAL D 578 16.34 26.87 16.55
C VAL D 578 16.61 27.98 17.53
N VAL D 579 17.88 28.33 17.74
CA VAL D 579 18.21 29.45 18.62
C VAL D 579 18.88 30.50 17.76
N LEU D 580 18.27 31.65 17.64
CA LEU D 580 18.77 32.65 16.73
C LEU D 580 19.83 33.59 17.28
N ASN D 581 19.74 33.97 18.54
CA ASN D 581 20.67 34.91 19.16
C ASN D 581 20.40 35.11 20.63
N VAL D 582 21.38 35.65 21.36
CA VAL D 582 21.17 36.06 22.74
C VAL D 582 21.60 37.52 22.89
N ALA D 583 20.78 38.36 23.48
CA ALA D 583 21.19 39.76 23.61
C ALA D 583 20.67 40.40 24.87
N ALA D 584 21.33 41.47 25.29
CA ALA D 584 20.99 42.18 26.52
C ALA D 584 19.80 43.08 26.34
N ASP D 585 18.68 42.44 26.24
CA ASP D 585 17.37 43.03 26.02
C ASP D 585 16.41 42.29 26.94
N HIS D 586 15.76 43.03 27.83
CA HIS D 586 14.88 42.51 28.88
C HIS D 586 15.66 41.90 30.03
N LEU D 587 16.87 42.38 30.26
CA LEU D 587 17.57 41.96 31.45
C LEU D 587 16.99 42.74 32.58
N GLY D 588 16.92 42.11 33.72
CA GLY D 588 16.40 42.67 34.94
C GLY D 588 14.96 42.22 35.16
N LEU D 589 14.34 41.64 34.15
CA LEU D 589 12.97 41.17 34.31
C LEU D 589 12.93 39.69 34.56
N GLY D 590 12.01 39.23 35.39
CA GLY D 590 11.82 37.80 35.58
C GLY D 590 12.96 37.16 36.35
N ASP D 591 13.66 37.97 37.14
CA ASP D 591 14.83 37.55 37.90
C ASP D 591 16.04 37.15 37.03
N ILE D 592 16.03 37.53 35.74
CA ILE D 592 17.20 37.30 34.92
C ILE D 592 17.93 38.59 34.77
N ASP D 593 19.04 38.73 35.47
CA ASP D 593 19.81 39.96 35.51
C ASP D 593 20.99 40.01 34.55
N THR D 594 21.57 38.85 34.22
CA THR D 594 22.77 38.87 33.39
C THR D 594 22.56 38.16 32.07
N ILE D 595 23.51 38.38 31.17
CA ILE D 595 23.45 37.78 29.85
C ILE D 595 23.70 36.27 29.92
N GLU D 596 24.55 35.85 30.86
CA GLU D 596 24.83 34.45 31.04
C GLU D 596 23.59 33.70 31.52
N GLN D 597 22.75 34.38 32.32
CA GLN D 597 21.50 33.77 32.75
C GLN D 597 20.51 33.72 31.60
N MET D 598 20.48 34.77 30.77
CA MET D 598 19.54 34.79 29.65
C MET D 598 19.85 33.65 28.71
N ALA D 599 21.11 33.32 28.58
CA ALA D 599 21.53 32.23 27.74
C ALA D 599 20.98 30.89 28.25
N LYS D 600 20.79 30.74 29.57
CA LYS D 600 20.27 29.50 30.15
C LYS D 600 18.78 29.40 29.92
N VAL D 601 18.13 30.53 29.77
CA VAL D 601 16.72 30.51 29.46
C VAL D 601 16.58 30.06 28.01
N LYS D 602 17.40 30.60 27.11
CA LYS D 602 17.27 30.24 25.70
C LYS D 602 17.73 28.83 25.41
N SER D 603 18.69 28.32 26.16
CA SER D 603 19.22 26.99 25.94
C SER D 603 18.22 25.91 26.26
N VAL D 604 17.08 26.25 26.88
CA VAL D 604 16.07 25.26 27.20
C VAL D 604 15.61 24.60 25.91
N ILE D 605 15.47 25.37 24.82
CA ILE D 605 15.04 24.79 23.57
C ILE D 605 16.05 23.82 23.02
N ALA D 606 17.31 24.16 23.02
CA ALA D 606 18.34 23.30 22.50
C ALA D 606 18.41 21.97 23.24
N GLU D 607 18.17 22.00 24.54
CA GLU D 607 18.25 20.82 25.39
C GLU D 607 17.02 19.92 25.38
N VAL D 608 15.96 20.29 24.65
CA VAL D 608 14.78 19.43 24.60
C VAL D 608 14.63 18.85 23.22
N VAL D 609 15.64 19.01 22.39
CA VAL D 609 15.52 18.42 21.09
C VAL D 609 15.82 16.94 21.23
N ASP D 610 14.96 16.11 20.68
CA ASP D 610 15.09 14.66 20.69
C ASP D 610 16.43 14.26 20.11
N PRO D 611 17.16 13.25 20.62
CA PRO D 611 18.44 12.82 20.10
C PRO D 611 18.45 12.53 18.60
N SER D 612 17.31 12.17 18.01
CA SER D 612 17.28 11.89 16.58
C SER D 612 17.10 13.17 15.74
N GLY D 613 16.86 14.29 16.41
CA GLY D 613 16.61 15.59 15.81
C GLY D 613 17.85 16.48 15.79
N TYR D 614 17.60 17.75 15.49
CA TYR D 614 18.63 18.77 15.35
C TYR D 614 18.45 20.05 16.09
N ALA D 615 19.55 20.62 16.51
CA ALA D 615 19.58 21.94 17.05
C ALA D 615 20.23 22.82 16.01
N VAL D 616 19.65 23.97 15.73
CA VAL D 616 20.18 24.88 14.76
C VAL D 616 20.72 26.11 15.49
N LEU D 617 22.02 26.27 15.45
CA LEU D 617 22.69 27.31 16.20
C LEU D 617 23.35 28.36 15.34
N ASN D 618 23.44 29.56 15.87
CA ASN D 618 24.08 30.69 15.23
C ASN D 618 25.56 30.73 15.55
N ALA D 619 26.42 30.43 14.57
CA ALA D 619 27.86 30.32 14.79
C ALA D 619 28.52 31.68 14.92
N ASP D 620 27.79 32.74 14.62
CA ASP D 620 28.32 34.09 14.70
C ASP D 620 28.00 34.72 16.06
N ASP D 621 27.37 33.95 16.95
CA ASP D 621 26.98 34.40 18.28
C ASP D 621 27.68 33.55 19.35
N PRO D 622 28.68 34.08 20.08
CA PRO D 622 29.48 33.39 21.06
C PRO D 622 28.71 32.65 22.15
N LEU D 623 27.51 33.12 22.52
CA LEU D 623 26.79 32.43 23.58
C LEU D 623 25.96 31.33 23.00
N VAL D 624 25.50 31.52 21.78
CA VAL D 624 24.66 30.52 21.16
C VAL D 624 25.48 29.34 20.69
N ALA D 625 26.61 29.59 20.04
CA ALA D 625 27.44 28.50 19.54
C ALA D 625 27.87 27.58 20.68
N ALA D 626 28.10 28.14 21.85
CA ALA D 626 28.55 27.46 23.05
C ALA D 626 27.50 26.47 23.60
N MET D 627 26.25 26.59 23.17
CA MET D 627 25.19 25.73 23.65
C MET D 627 25.34 24.37 23.05
N ALA D 628 26.16 24.26 22.02
CA ALA D 628 26.37 23.03 21.28
C ALA D 628 26.94 21.95 22.14
N ASP D 629 27.56 22.33 23.26
CA ASP D 629 28.20 21.39 24.14
C ASP D 629 27.25 20.84 25.19
N LYS D 630 26.00 21.32 25.19
CA LYS D 630 24.97 20.87 26.12
C LYS D 630 23.97 19.97 25.39
N VAL D 631 23.86 20.19 24.09
CA VAL D 631 22.94 19.51 23.23
C VAL D 631 23.25 18.03 23.01
N LYS D 632 22.23 17.19 23.22
CA LYS D 632 22.26 15.74 23.03
C LYS D 632 21.87 15.32 21.62
N ALA D 633 21.35 16.29 20.90
CA ALA D 633 20.84 16.23 19.54
C ALA D 633 21.98 16.53 18.57
N LYS D 634 21.71 16.40 17.29
CA LYS D 634 22.69 16.71 16.28
C LYS D 634 22.75 18.22 16.18
N VAL D 635 23.86 18.77 15.76
CA VAL D 635 23.95 20.21 15.63
C VAL D 635 24.23 20.66 14.23
N ALA D 636 23.49 21.64 13.78
CA ALA D 636 23.67 22.29 12.49
C ALA D 636 23.98 23.74 12.78
N TYR D 637 24.78 24.39 11.95
CA TYR D 637 25.11 25.79 12.18
C TYR D 637 24.83 26.71 11.05
N PHE D 638 24.56 27.96 11.35
CA PHE D 638 24.45 28.91 10.27
C PHE D 638 25.32 30.14 10.54
N SER D 639 25.73 30.82 9.47
CA SER D 639 26.52 32.04 9.60
C SER D 639 26.48 32.96 8.40
N MET D 640 26.91 34.20 8.61
CA MET D 640 27.02 35.21 7.57
C MET D 640 28.43 35.33 7.04
N ASN D 641 29.27 34.43 7.50
CA ASN D 641 30.67 34.41 7.17
C ASN D 641 31.12 32.98 6.93
N PRO D 642 31.31 32.54 5.69
CA PRO D 642 31.69 31.21 5.30
C PRO D 642 33.02 30.77 5.88
N ASP D 643 33.83 31.72 6.33
CA ASP D 643 35.13 31.42 6.87
C ASP D 643 35.16 31.34 8.38
N ASN D 644 34.00 31.37 9.01
CA ASN D 644 33.89 31.23 10.44
C ASN D 644 34.49 29.88 10.81
N PRO D 645 35.55 29.79 11.64
CA PRO D 645 36.25 28.58 12.02
C PRO D 645 35.36 27.48 12.54
N ILE D 646 34.22 27.83 13.12
CA ILE D 646 33.30 26.85 13.66
C ILE D 646 32.70 26.06 12.53
N ILE D 647 32.33 26.78 11.47
CA ILE D 647 31.68 26.20 10.33
C ILE D 647 32.64 25.32 9.63
N GLN D 648 33.87 25.78 9.47
CA GLN D 648 34.85 24.99 8.75
C GLN D 648 35.18 23.71 9.47
N ALA D 649 35.35 23.77 10.77
CA ALA D 649 35.66 22.58 11.52
C ALA D 649 34.54 21.56 11.43
N HIS D 650 33.30 22.07 11.43
CA HIS D 650 32.09 21.28 11.37
C HIS D 650 31.87 20.60 10.03
N VAL D 651 31.98 21.31 8.93
CA VAL D 651 31.74 20.67 7.64
C VAL D 651 32.83 19.66 7.30
N ARG D 652 34.04 19.86 7.84
CA ARG D 652 35.13 18.92 7.64
C ARG D 652 34.91 17.58 8.33
N ARG D 653 33.90 17.50 9.21
CA ARG D 653 33.52 16.29 9.92
C ARG D 653 32.17 15.82 9.39
N ASN D 654 31.81 16.32 8.21
CA ASN D 654 30.56 16.08 7.50
C ASN D 654 29.29 16.55 8.19
N GLY D 655 29.35 17.69 8.86
CA GLY D 655 28.17 18.27 9.42
C GLY D 655 27.50 19.10 8.34
N ILE D 656 26.43 19.76 8.73
CA ILE D 656 25.60 20.57 7.86
C ILE D 656 25.61 22.00 8.34
N ALA D 657 25.74 22.93 7.41
CA ALA D 657 25.75 24.32 7.76
C ALA D 657 25.13 25.17 6.69
N ALA D 658 24.63 26.32 7.05
CA ALA D 658 24.12 27.23 6.04
C ALA D 658 24.88 28.52 6.09
N VAL D 659 25.40 28.93 4.95
CA VAL D 659 26.18 30.15 4.94
C VAL D 659 25.77 31.10 3.84
N TYR D 660 26.09 32.35 4.05
CA TYR D 660 25.91 33.32 3.00
C TYR D 660 27.21 33.52 2.24
N GLU D 661 27.23 33.19 0.96
CA GLU D 661 28.43 33.29 0.17
C GLU D 661 28.15 33.67 -1.26
N SER D 662 29.02 34.48 -1.84
CA SER D 662 28.93 34.87 -3.24
C SER D 662 27.56 35.39 -3.66
N GLY D 663 26.85 36.05 -2.76
CA GLY D 663 25.52 36.58 -3.06
C GLY D 663 24.41 35.56 -2.89
N TYR D 664 24.76 34.33 -2.55
CA TYR D 664 23.85 33.22 -2.39
C TYR D 664 23.66 32.70 -1.02
N LEU D 665 22.48 32.19 -0.79
CA LEU D 665 22.18 31.48 0.41
C LEU D 665 22.39 30.06 0.04
N SER D 666 23.30 29.36 0.74
CA SER D 666 23.62 28.00 0.38
C SER D 666 23.82 27.08 1.56
N ILE D 667 23.62 25.80 1.31
CA ILE D 667 23.79 24.77 2.30
C ILE D 667 25.00 23.92 2.04
N LEU D 668 25.81 23.81 3.05
CA LEU D 668 27.02 23.05 3.01
C LEU D 668 26.75 21.73 3.65
N GLU D 669 26.88 20.69 2.89
CA GLU D 669 26.61 19.37 3.39
C GLU D 669 27.88 18.57 3.18
N GLY D 670 28.71 18.55 4.20
CA GLY D 670 30.03 17.99 4.01
C GLY D 670 30.78 18.79 2.97
N SER D 671 31.32 18.10 1.97
CA SER D 671 32.08 18.75 0.91
C SER D 671 31.23 19.36 -0.20
N TRP D 672 29.93 19.09 -0.21
CA TRP D 672 29.09 19.54 -1.28
C TRP D 672 28.38 20.85 -0.98
N THR D 673 28.22 21.71 -1.97
CA THR D 673 27.50 22.95 -1.75
C THR D 673 26.22 23.02 -2.55
N LEU D 674 25.13 23.28 -1.88
CA LEU D 674 23.82 23.42 -2.50
C LEU D 674 23.35 24.85 -2.49
N ARG D 675 23.24 25.47 -3.63
CA ARG D 675 22.78 26.85 -3.59
C ARG D 675 21.27 26.89 -3.61
N VAL D 676 20.67 27.71 -2.75
CA VAL D 676 19.23 27.80 -2.73
C VAL D 676 18.81 28.94 -3.62
N GLU D 677 19.24 30.15 -3.30
CA GLU D 677 18.86 31.30 -4.12
C GLU D 677 19.79 32.48 -3.85
N GLN D 678 19.63 33.58 -4.59
CA GLN D 678 20.39 34.79 -4.37
C GLN D 678 19.72 35.66 -3.36
N ALA D 679 20.48 36.31 -2.49
CA ALA D 679 19.84 37.14 -1.49
C ALA D 679 19.03 38.25 -2.10
N LYS D 680 19.48 38.80 -3.21
CA LYS D 680 18.79 39.91 -3.84
C LYS D 680 17.46 39.52 -4.48
N LEU D 681 17.24 38.23 -4.68
CA LEU D 681 16.02 37.78 -5.32
C LEU D 681 15.02 37.22 -4.33
N ILE D 682 15.30 37.35 -3.04
CA ILE D 682 14.38 36.87 -2.03
C ILE D 682 13.74 38.12 -1.44
N PRO D 683 12.44 38.40 -1.66
CA PRO D 683 11.73 39.61 -1.27
C PRO D 683 11.80 40.04 0.19
N MET D 684 12.01 39.13 1.13
CA MET D 684 12.07 39.54 2.53
C MET D 684 13.37 40.23 2.82
N THR D 685 14.36 40.04 1.98
CA THR D 685 15.65 40.61 2.19
C THR D 685 15.58 41.92 1.46
N MET D 686 15.97 42.99 2.09
CA MET D 686 15.84 44.33 1.53
C MET D 686 16.81 44.61 0.40
N GLY D 687 16.73 43.85 -0.69
CA GLY D 687 17.59 43.99 -1.86
C GLY D 687 18.97 43.41 -1.62
N GLY D 688 19.13 42.77 -0.48
CA GLY D 688 20.39 42.24 -0.02
C GLY D 688 21.11 43.19 0.96
N MET D 689 20.48 44.30 1.39
CA MET D 689 21.14 45.26 2.30
C MET D 689 20.74 45.22 3.78
N ALA D 690 20.09 44.15 4.21
CA ALA D 690 19.65 44.00 5.58
C ALA D 690 20.10 42.65 6.12
N PRO D 691 21.33 42.55 6.64
CA PRO D 691 21.99 41.35 7.09
C PRO D 691 21.19 40.50 8.04
N PHE D 692 20.33 41.08 8.86
CA PHE D 692 19.59 40.24 9.76
C PHE D 692 18.44 39.54 9.05
N MET D 693 18.04 40.02 7.87
CA MET D 693 16.96 39.37 7.16
C MET D 693 17.56 38.18 6.45
N ILE D 694 18.84 38.31 6.10
CA ILE D 694 19.54 37.22 5.45
C ILE D 694 19.74 36.14 6.49
N ALA D 695 20.17 36.52 7.69
CA ALA D 695 20.38 35.55 8.75
C ALA D 695 19.11 34.80 9.12
N ASN D 696 17.96 35.46 9.09
CA ASN D 696 16.71 34.79 9.39
C ASN D 696 16.32 33.83 8.29
N ALA D 697 16.59 34.19 7.04
CA ALA D 697 16.31 33.31 5.93
C ALA D 697 17.19 32.08 6.01
N LEU D 698 18.45 32.24 6.45
CA LEU D 698 19.34 31.08 6.55
C LEU D 698 18.87 30.13 7.60
N ALA D 699 18.41 30.65 8.74
CA ALA D 699 17.93 29.79 9.82
C ALA D 699 16.70 28.99 9.41
N ALA D 700 15.75 29.60 8.68
CA ALA D 700 14.56 28.91 8.24
C ALA D 700 14.87 27.87 7.16
N CYS D 701 15.81 28.17 6.26
CA CYS D 701 16.17 27.22 5.22
C CYS D 701 16.88 26.02 5.79
N LEU D 702 17.74 26.25 6.77
CA LEU D 702 18.47 25.16 7.37
C LEU D 702 17.54 24.29 8.18
N ALA D 703 16.60 24.87 8.92
CA ALA D 703 15.67 24.05 9.70
C ALA D 703 14.82 23.16 8.79
N ALA D 704 14.35 23.69 7.66
CA ALA D 704 13.55 22.91 6.73
C ALA D 704 14.36 21.79 6.12
N PHE D 705 15.62 22.05 5.80
CA PHE D 705 16.51 21.09 5.19
C PHE D 705 16.84 19.93 6.12
N VAL D 706 17.21 20.22 7.37
CA VAL D 706 17.60 19.15 8.27
C VAL D 706 16.42 18.30 8.67
N ASN D 707 15.21 18.82 8.55
CA ASN D 707 14.03 18.05 8.85
C ASN D 707 13.49 17.31 7.64
N GLY D 708 14.26 17.24 6.55
CA GLY D 708 13.88 16.47 5.38
C GLY D 708 13.24 17.14 4.18
N LEU D 709 13.12 18.46 4.11
CA LEU D 709 12.51 19.01 2.91
C LEU D 709 13.52 19.13 1.80
N ASP D 710 13.05 18.98 0.57
CA ASP D 710 13.91 19.12 -0.59
C ASP D 710 14.21 20.58 -0.86
N VAL D 711 15.30 20.83 -1.57
CA VAL D 711 15.75 22.17 -1.88
C VAL D 711 14.80 22.90 -2.78
N GLU D 712 14.19 22.21 -3.72
CA GLU D 712 13.29 22.89 -4.63
C GLU D 712 12.09 23.47 -3.88
N VAL D 713 11.62 22.76 -2.85
CA VAL D 713 10.51 23.21 -2.04
C VAL D 713 10.93 24.45 -1.26
N ILE D 714 12.15 24.42 -0.74
CA ILE D 714 12.68 25.54 0.01
C ILE D 714 12.78 26.76 -0.91
N ARG D 715 13.26 26.60 -2.15
CA ARG D 715 13.35 27.72 -3.09
C ARG D 715 12.01 28.33 -3.37
N GLN D 716 11.00 27.51 -3.57
CA GLN D 716 9.68 28.03 -3.83
C GLN D 716 9.19 28.85 -2.66
N GLY D 717 9.41 28.35 -1.45
CA GLY D 717 8.98 29.04 -0.26
C GLY D 717 9.71 30.36 -0.01
N VAL D 718 11.01 30.45 -0.24
CA VAL D 718 11.64 31.72 0.04
C VAL D 718 11.27 32.78 -1.00
N ARG D 719 11.06 32.38 -2.25
CA ARG D 719 10.68 33.29 -3.32
C ARG D 719 9.28 33.87 -3.22
N THR D 720 8.31 33.12 -2.71
CA THR D 720 6.93 33.59 -2.67
C THR D 720 6.47 34.15 -1.33
N PHE D 721 7.36 34.21 -0.36
CA PHE D 721 7.01 34.69 0.97
C PHE D 721 6.90 36.19 1.03
N THR D 722 5.83 36.70 1.66
CA THR D 722 5.71 38.15 1.77
C THR D 722 5.32 38.69 3.14
N THR D 723 5.70 39.96 3.30
CA THR D 723 5.40 40.93 4.38
C THR D 723 5.27 42.25 3.64
N SER D 724 4.34 42.33 2.72
CA SER D 724 4.28 43.47 1.81
C SER D 724 3.78 44.79 2.43
N ALA D 725 4.16 45.92 1.83
CA ALA D 725 3.58 47.15 2.31
C ALA D 725 2.09 47.03 2.06
N GLU D 726 1.31 47.48 3.03
CA GLU D 726 -0.16 47.43 3.02
C GLU D 726 -0.72 46.00 3.18
N GLN D 727 0.16 45.04 3.50
CA GLN D 727 -0.19 43.68 3.88
C GLN D 727 0.16 43.57 5.34
N THR D 728 1.38 43.97 5.64
CA THR D 728 1.88 44.02 7.00
C THR D 728 2.53 45.40 7.15
N PRO D 729 1.78 46.51 7.00
CA PRO D 729 2.30 47.84 6.98
C PRO D 729 2.81 48.12 8.37
N GLY D 730 3.84 48.92 8.45
CA GLY D 730 4.35 49.29 9.76
C GLY D 730 5.68 48.62 10.07
N ARG D 731 6.02 47.55 9.34
CA ARG D 731 7.31 46.92 9.56
C ARG D 731 8.22 46.90 8.33
N MET D 732 9.22 47.79 8.28
CA MET D 732 10.19 47.84 7.17
C MET D 732 9.63 47.92 5.75
N ASN D 733 8.91 48.95 5.40
CA ASN D 733 8.31 48.99 4.08
C ASN D 733 9.30 49.67 3.11
N LEU D 734 9.96 48.88 2.25
CA LEU D 734 11.01 49.42 1.37
C LEU D 734 10.54 49.85 0.01
N PHE D 735 10.93 51.06 -0.38
CA PHE D 735 10.56 51.62 -1.64
C PHE D 735 11.74 51.72 -2.59
N ASN D 736 11.66 50.97 -3.68
CA ASN D 736 12.64 50.95 -4.76
C ASN D 736 12.03 51.77 -5.85
N LEU D 737 12.62 52.91 -6.16
CA LEU D 737 12.02 53.83 -7.10
C LEU D 737 12.98 54.03 -8.27
N GLY D 738 13.66 52.95 -8.67
CA GLY D 738 14.66 53.02 -9.70
C GLY D 738 15.86 53.36 -8.89
N GLN D 739 16.85 54.07 -9.40
CA GLN D 739 18.00 54.30 -8.53
C GLN D 739 17.78 55.51 -7.62
N HIS D 740 16.75 55.37 -6.79
CA HIS D 740 16.22 56.24 -5.76
C HIS D 740 15.65 55.30 -4.68
N HIS D 741 15.86 55.60 -3.40
CA HIS D 741 15.36 54.70 -2.38
C HIS D 741 14.75 55.39 -1.18
N ALA D 742 13.77 54.74 -0.56
CA ALA D 742 13.23 55.21 0.70
C ALA D 742 12.78 54.04 1.54
N LEU D 743 12.98 54.11 2.84
CA LEU D 743 12.51 53.01 3.70
C LEU D 743 11.71 53.54 4.84
N VAL D 744 10.45 53.11 4.92
CA VAL D 744 9.50 53.61 5.91
C VAL D 744 9.28 52.61 7.02
N ASP D 745 9.57 53.05 8.22
CA ASP D 745 9.43 52.20 9.39
C ASP D 745 9.04 53.10 10.53
N TYR D 746 8.85 52.57 11.71
CA TYR D 746 8.48 53.47 12.82
C TYR D 746 9.57 53.54 13.85
N ALA D 747 9.82 54.73 14.36
CA ALA D 747 10.81 54.83 15.41
C ALA D 747 10.38 55.77 16.49
N HIS D 748 10.87 55.44 17.68
CA HIS D 748 10.63 56.18 18.90
C HIS D 748 11.97 56.34 19.59
N ASN D 749 12.51 55.24 20.11
CA ASN D 749 13.79 55.22 20.77
C ASN D 749 14.85 54.77 19.72
N PRO D 750 16.18 54.74 20.06
CA PRO D 750 17.30 54.36 19.21
C PRO D 750 17.15 53.03 18.47
N ALA D 751 16.40 52.07 19.03
CA ALA D 751 16.26 50.80 18.33
C ALA D 751 15.48 50.95 17.03
N GLY D 752 14.51 51.87 17.03
CA GLY D 752 13.69 52.05 15.85
C GLY D 752 14.46 52.81 14.81
N TYR D 753 15.38 53.66 15.26
CA TYR D 753 16.11 54.42 14.27
C TYR D 753 17.13 53.50 13.62
N ARG D 754 17.72 52.64 14.46
CA ARG D 754 18.70 51.63 14.08
C ARG D 754 18.12 50.71 13.03
N ALA D 755 16.83 50.43 13.15
CA ALA D 755 16.16 49.54 12.22
C ALA D 755 16.38 49.94 10.78
N VAL D 756 16.48 51.23 10.47
CA VAL D 756 16.72 51.54 9.08
C VAL D 756 18.16 52.07 8.92
N GLY D 757 18.80 52.41 10.05
CA GLY D 757 20.19 52.84 10.05
C GLY D 757 21.06 51.73 9.44
N ASP D 758 20.63 50.47 9.62
CA ASP D 758 21.32 49.31 9.04
C ASP D 758 21.38 49.34 7.49
N PHE D 759 20.32 49.84 6.83
CA PHE D 759 20.29 49.88 5.37
C PHE D 759 21.25 50.97 4.95
N VAL D 760 21.25 52.07 5.71
CA VAL D 760 22.06 53.25 5.38
C VAL D 760 23.53 52.86 5.38
N LYS D 761 23.94 52.14 6.42
CA LYS D 761 25.32 51.69 6.51
C LYS D 761 25.70 50.80 5.31
N ASN D 762 24.76 50.00 4.83
CA ASN D 762 25.00 49.10 3.71
C ASN D 762 24.54 49.62 2.35
N TRP D 763 24.14 50.89 2.22
CA TRP D 763 23.64 51.31 0.90
C TRP D 763 24.71 51.71 -0.11
N GLN D 764 24.62 51.04 -1.25
CA GLN D 764 25.56 51.15 -2.34
C GLN D 764 25.22 52.33 -3.22
N GLY D 765 25.46 53.52 -2.69
CA GLY D 765 25.05 54.71 -3.43
C GLY D 765 25.76 55.99 -3.05
N GLN D 766 25.07 57.09 -3.33
CA GLN D 766 25.62 58.43 -3.22
C GLN D 766 25.15 59.33 -2.09
N ARG D 767 23.88 59.22 -1.67
CA ARG D 767 23.36 60.18 -0.66
C ARG D 767 22.57 59.46 0.42
N PHE D 768 22.68 59.91 1.67
CA PHE D 768 21.98 59.26 2.76
C PHE D 768 21.14 60.24 3.57
N GLY D 769 19.84 60.22 3.39
CA GLY D 769 18.99 61.16 4.09
C GLY D 769 18.01 60.54 5.05
N VAL D 770 17.25 61.41 5.69
CA VAL D 770 16.25 61.02 6.67
C VAL D 770 15.11 62.03 6.81
N VAL D 771 13.93 61.51 7.07
CA VAL D 771 12.72 62.24 7.36
C VAL D 771 12.39 62.13 8.84
N GLY D 772 12.71 63.20 9.54
CA GLY D 772 12.53 63.38 10.98
C GLY D 772 13.11 62.29 11.86
N GLY D 773 12.26 61.80 12.75
CA GLY D 773 12.60 60.73 13.62
C GLY D 773 11.60 60.52 14.75
N PRO D 774 11.75 61.22 15.89
CA PRO D 774 10.88 61.16 17.04
C PRO D 774 9.63 61.99 16.87
N GLY D 775 8.59 61.61 17.59
CA GLY D 775 7.39 62.40 17.70
C GLY D 775 7.39 63.03 19.10
N ASP D 776 6.21 63.35 19.61
CA ASP D 776 6.14 64.00 20.92
C ASP D 776 6.08 62.99 22.05
N ARG D 777 6.27 61.73 21.69
CA ARG D 777 6.30 60.62 22.62
C ARG D 777 7.66 60.51 23.34
N ARG D 778 8.67 61.30 22.90
CA ARG D 778 9.97 61.27 23.58
C ARG D 778 10.17 62.39 24.60
N ASP D 779 11.06 62.11 25.55
CA ASP D 779 11.53 63.02 26.59
C ASP D 779 12.56 63.92 25.92
N SER D 780 13.17 64.85 26.63
CA SER D 780 14.07 65.80 25.96
C SER D 780 15.45 65.21 25.61
N ASP D 781 15.45 64.24 24.70
CA ASP D 781 16.61 63.55 24.17
C ASP D 781 16.66 63.84 22.69
N LEU D 782 15.92 64.87 22.31
CA LEU D 782 15.78 65.31 20.95
C LEU D 782 17.10 65.83 20.43
N ILE D 783 17.86 66.49 21.29
CA ILE D 783 19.15 66.97 20.84
C ILE D 783 20.02 65.77 20.54
N GLU D 784 20.01 64.76 21.43
CA GLU D 784 20.81 63.56 21.22
C GLU D 784 20.38 62.81 19.96
N LEU D 785 19.07 62.74 19.69
CA LEU D 785 18.61 62.06 18.48
C LEU D 785 19.05 62.83 17.27
N GLY D 786 19.03 64.16 17.38
CA GLY D 786 19.51 65.03 16.31
C GLY D 786 21.01 64.77 16.07
N GLN D 787 21.79 64.63 17.16
CA GLN D 787 23.22 64.36 17.04
C GLN D 787 23.44 63.01 16.34
N ILE D 788 22.60 62.03 16.67
CA ILE D 788 22.73 60.73 16.03
C ILE D 788 22.45 60.87 14.56
N ALA D 789 21.39 61.57 14.16
CA ALA D 789 21.11 61.71 12.74
C ALA D 789 22.26 62.39 12.02
N ALA D 790 22.87 63.38 12.66
CA ALA D 790 23.99 64.11 12.05
C ALA D 790 25.16 63.21 11.72
N GLN D 791 25.38 62.20 12.55
CA GLN D 791 26.48 61.28 12.40
C GLN D 791 26.20 60.12 11.45
N VAL D 792 24.96 60.03 10.95
CA VAL D 792 24.51 58.97 10.07
C VAL D 792 24.20 59.46 8.67
N PHE D 793 23.50 60.59 8.58
CA PHE D 793 22.96 61.10 7.33
C PHE D 793 23.58 62.42 6.82
N ASP D 794 23.57 62.61 5.50
CA ASP D 794 23.98 63.88 4.93
C ASP D 794 22.84 64.59 4.18
N ARG D 795 21.61 64.11 4.33
CA ARG D 795 20.41 64.74 3.75
C ARG D 795 19.25 64.66 4.78
N ILE D 796 19.34 65.47 5.83
CA ILE D 796 18.43 65.40 6.98
C ILE D 796 17.36 66.46 6.94
N ILE D 797 16.10 66.06 6.83
CA ILE D 797 15.05 67.05 6.70
C ILE D 797 14.13 66.95 7.91
N VAL D 798 13.84 68.09 8.52
CA VAL D 798 13.04 68.20 9.73
C VAL D 798 11.52 68.38 9.53
N LYS D 799 10.77 67.51 10.23
CA LYS D 799 9.30 67.46 10.23
C LYS D 799 8.69 67.46 11.63
N GLU D 800 9.46 67.77 12.64
CA GLU D 800 8.98 67.61 14.00
C GLU D 800 8.03 68.69 14.54
N ASP D 801 6.81 68.59 14.00
CA ASP D 801 5.58 69.32 14.29
C ASP D 801 4.49 68.36 13.80
N ASP D 802 4.15 67.36 14.61
CA ASP D 802 3.26 66.30 14.16
C ASP D 802 1.78 66.62 14.43
N ASP D 803 0.89 65.66 14.12
CA ASP D 803 -0.53 65.87 14.34
C ASP D 803 -0.92 65.77 15.82
N LYS D 804 -0.21 64.94 16.56
CA LYS D 804 -0.51 64.71 17.97
C LYS D 804 -0.27 65.95 18.83
N ARG D 805 0.82 66.67 18.55
CA ARG D 805 1.17 67.91 19.24
C ARG D 805 1.17 67.80 20.76
N GLY D 806 1.90 66.81 21.27
CA GLY D 806 2.03 66.57 22.70
C GLY D 806 3.01 67.58 23.30
N ARG D 807 3.75 68.24 22.43
CA ARG D 807 4.71 69.26 22.81
C ARG D 807 4.51 70.55 22.03
N SER D 808 3.41 71.27 22.29
CA SER D 808 3.15 72.52 21.58
C SER D 808 3.11 72.38 20.05
N GLU D 809 4.05 73.00 19.32
CA GLU D 809 4.09 72.94 17.86
C GLU D 809 5.47 72.50 17.35
N GLY D 810 6.31 73.47 16.97
CA GLY D 810 7.62 73.20 16.37
C GLY D 810 8.80 73.09 17.35
N GLU D 811 8.54 73.16 18.66
CA GLU D 811 9.61 73.09 19.65
C GLU D 811 10.37 71.75 19.59
N THR D 812 9.68 70.67 19.22
CA THR D 812 10.32 69.37 19.11
C THR D 812 11.40 69.46 18.05
N ALA D 813 11.04 70.03 16.88
CA ALA D 813 11.98 70.28 15.81
C ALA D 813 13.08 71.20 16.24
N ASP D 814 12.79 72.18 17.07
CA ASP D 814 13.85 73.11 17.44
C ASP D 814 14.98 72.37 18.18
N LEU D 815 14.64 71.35 18.99
CA LEU D 815 15.72 70.64 19.67
C LEU D 815 16.45 69.72 18.69
N ILE D 816 15.71 69.17 17.73
CA ILE D 816 16.35 68.33 16.72
C ILE D 816 17.32 69.19 15.92
N VAL D 817 16.90 70.40 15.54
CA VAL D 817 17.73 71.31 14.77
C VAL D 817 19.02 71.63 15.51
N LYS D 818 18.94 71.90 16.82
CA LYS D 818 20.18 72.16 17.52
C LYS D 818 21.13 70.95 17.48
N GLY D 819 20.61 69.73 17.70
CA GLY D 819 21.46 68.53 17.68
C GLY D 819 22.06 68.18 16.31
N ILE D 820 21.27 68.38 15.25
CA ILE D 820 21.75 68.01 13.93
C ILE D 820 22.80 69.02 13.43
N LEU D 821 22.62 70.30 13.77
CA LEU D 821 23.59 71.31 13.38
C LEU D 821 24.82 71.22 14.26
N GLN D 822 24.66 70.83 15.52
CA GLN D 822 25.79 70.72 16.43
C GLN D 822 26.82 69.73 15.92
N GLU D 823 26.40 68.56 15.46
CA GLU D 823 27.36 67.57 14.98
C GLU D 823 27.71 67.61 13.48
N ASN D 824 26.78 68.01 12.60
CA ASN D 824 27.10 68.00 11.17
C ASN D 824 26.32 69.07 10.40
N PRO D 825 26.68 70.36 10.51
CA PRO D 825 25.98 71.51 9.96
C PRO D 825 26.21 71.66 8.46
N GLY D 826 25.79 70.66 7.69
CA GLY D 826 25.96 70.63 6.25
C GLY D 826 25.33 69.38 5.64
N ALA D 827 24.07 69.12 5.99
CA ALA D 827 23.33 67.95 5.52
C ALA D 827 21.99 68.31 4.89
N SER D 828 21.96 69.37 4.07
CA SER D 828 20.71 69.80 3.42
C SER D 828 19.60 69.90 4.44
N TYR D 829 19.83 70.70 5.47
CA TYR D 829 18.87 70.80 6.54
C TYR D 829 17.69 71.68 6.23
N GLU D 830 16.83 71.15 5.40
CA GLU D 830 15.64 71.88 5.06
C GLU D 830 14.69 71.62 6.22
N VAL D 831 13.82 72.58 6.49
CA VAL D 831 12.83 72.37 7.54
C VAL D 831 11.45 72.58 6.93
N ILE D 832 10.62 71.55 7.00
CA ILE D 832 9.29 71.60 6.43
C ILE D 832 8.18 71.63 7.48
N LEU D 833 8.30 70.76 8.50
CA LEU D 833 7.27 70.63 9.54
C LEU D 833 5.89 70.24 9.00
N ASP D 834 5.87 69.34 8.02
CA ASP D 834 4.63 68.82 7.43
C ASP D 834 4.81 67.42 6.84
N GLU D 835 4.41 66.40 7.60
CA GLU D 835 4.58 65.00 7.22
C GLU D 835 3.41 64.43 6.40
N THR D 836 2.36 65.24 6.19
CA THR D 836 1.14 64.75 5.52
C THR D 836 1.12 65.07 4.04
N ILE D 837 1.58 66.27 3.65
CA ILE D 837 1.57 66.60 2.23
C ILE D 837 2.90 67.12 1.68
N ALA D 838 3.99 67.06 2.45
CA ALA D 838 5.22 67.66 1.98
C ALA D 838 6.47 66.84 2.23
N LEU D 839 6.89 66.59 3.46
CA LEU D 839 8.19 65.92 3.56
C LEU D 839 8.18 64.47 3.09
N ASN D 840 7.05 63.82 3.12
CA ASN D 840 7.04 62.45 2.62
C ASN D 840 6.66 62.49 1.12
N LYS D 841 6.64 63.69 0.52
CA LYS D 841 6.37 63.88 -0.90
C LYS D 841 7.64 64.42 -1.60
N ALA D 842 8.33 65.34 -0.94
CA ALA D 842 9.50 66.07 -1.46
C ALA D 842 10.78 65.27 -1.36
N LEU D 843 10.83 64.18 -2.11
CA LEU D 843 11.95 63.25 -2.12
C LEU D 843 12.83 63.54 -3.34
N ASP D 844 12.42 64.51 -4.14
CA ASP D 844 13.10 64.90 -5.36
C ASP D 844 14.17 65.95 -5.08
N GLN D 845 14.38 66.19 -3.79
CA GLN D 845 15.38 67.11 -3.30
C GLN D 845 16.67 66.35 -3.07
N VAL D 846 16.62 65.02 -3.21
CA VAL D 846 17.76 64.15 -2.99
C VAL D 846 18.22 63.55 -4.32
N GLU D 847 19.52 63.63 -4.58
CA GLU D 847 20.15 63.20 -5.82
C GLU D 847 20.08 61.70 -6.08
N GLU D 848 20.63 61.30 -7.24
CA GLU D 848 20.62 59.91 -7.71
C GLU D 848 21.35 58.96 -6.78
N LYS D 849 20.75 57.76 -6.59
CA LYS D 849 21.20 56.73 -5.67
C LYS D 849 21.23 57.28 -4.26
N GLY D 850 20.21 58.07 -3.95
CA GLY D 850 20.06 58.59 -2.62
C GLY D 850 19.01 57.78 -1.91
N LEU D 851 19.24 57.55 -0.65
CA LEU D 851 18.35 56.81 0.22
C LEU D 851 17.77 57.69 1.26
N VAL D 852 16.46 57.70 1.40
CA VAL D 852 15.87 58.49 2.47
C VAL D 852 15.17 57.63 3.50
N VAL D 853 15.62 57.75 4.72
CA VAL D 853 15.08 57.01 5.83
C VAL D 853 13.85 57.69 6.40
N VAL D 854 12.74 56.98 6.51
CA VAL D 854 11.54 57.65 6.96
C VAL D 854 10.94 57.08 8.23
N PHE D 855 10.77 57.96 9.23
CA PHE D 855 10.16 57.57 10.49
C PHE D 855 9.01 58.52 10.84
N PRO D 856 7.85 58.33 10.19
CA PRO D 856 6.67 59.17 10.22
C PRO D 856 5.98 58.90 11.52
N GLU D 857 5.12 59.77 11.99
CA GLU D 857 4.35 59.35 13.15
C GLU D 857 3.39 58.24 12.69
N SER D 858 2.90 58.34 11.45
CA SER D 858 2.01 57.35 10.86
C SER D 858 2.60 56.70 9.62
N VAL D 859 2.90 55.40 9.73
CA VAL D 859 3.50 54.65 8.64
C VAL D 859 2.54 54.45 7.49
N THR D 860 1.30 54.07 7.80
CA THR D 860 0.32 53.83 6.76
C THR D 860 0.21 55.07 5.88
N ARG D 861 0.19 56.25 6.49
CA ARG D 861 0.13 57.45 5.69
C ARG D 861 1.42 57.68 4.87
N ALA D 862 2.59 57.55 5.49
CA ALA D 862 3.83 57.81 4.74
C ALA D 862 4.02 56.85 3.58
N ILE D 863 3.62 55.61 3.75
CA ILE D 863 3.82 54.66 2.66
C ILE D 863 2.96 55.00 1.45
N ASP D 864 1.93 55.83 1.65
CA ASP D 864 1.08 56.26 0.57
C ASP D 864 1.66 57.54 -0.06
N LEU D 865 2.11 58.50 0.75
CA LEU D 865 2.60 59.75 0.14
C LEU D 865 3.87 59.54 -0.71
N ILE D 866 4.72 58.57 -0.31
CA ILE D 866 5.98 58.29 -1.02
C ILE D 866 5.70 57.86 -2.48
N LYS D 867 4.46 57.44 -2.80
CA LYS D 867 4.04 56.98 -4.11
C LYS D 867 4.21 58.06 -5.20
N VAL D 868 4.36 59.32 -4.80
CA VAL D 868 4.54 60.43 -5.71
C VAL D 868 5.77 60.26 -6.59
N ARG D 869 6.74 59.45 -6.13
CA ARG D 869 7.96 59.22 -6.88
C ARG D 869 7.96 57.92 -7.67
N ASN D 870 6.79 57.27 -7.77
CA ASN D 870 6.59 56.02 -8.52
C ASN D 870 7.42 54.78 -8.11
N PRO D 871 7.33 54.31 -6.85
CA PRO D 871 8.00 53.15 -6.29
C PRO D 871 7.41 51.85 -6.80
N ILE D 872 8.21 50.79 -6.72
CA ILE D 872 7.78 49.45 -7.03
C ILE D 872 6.93 48.87 -5.92
#